data_6AHU
#
_entry.id   6AHU
#
_cell.length_a   1
_cell.length_b   1
_cell.length_c   1
_cell.angle_alpha   90
_cell.angle_beta   90
_cell.angle_gamma   90
#
_symmetry.space_group_name_H-M   'P 1'
#
loop_
_entity.id
_entity.type
_entity.pdbx_description
1 polymer 'H1 RNA'
2 polymer 'Ribonucleases P/MRP protein subunit POP1'
3 polymer 'Ribonuclease P protein subunit p38'
4 polymer 'Ribonuclease P protein subunit p29'
5 polymer 'Ribonuclease P/MRP protein subunit POP5'
6 polymer 'Ribonuclease P protein subunit p25'
7 polymer 'Ribonuclease P protein subunit p20'
8 polymer 'Ribonuclease P protein subunit p14'
9 polymer 'Ribonuclease P protein subunit p30'
10 polymer 'Ribonuclease P protein subunit p21'
11 polymer 'Ribonuclease P protein subunit p40'
12 polymer tRNA
13 non-polymer 'ZINC ION'
#
loop_
_entity_poly.entity_id
_entity_poly.type
_entity_poly.pdbx_seq_one_letter_code
_entity_poly.pdbx_strand_id
1 'polyribonucleotide'
;AUAGGGCGGAGGGAAGCUCAUCAGUGGGGCCACGAGCUGAGUGCGUCCUGUCACUCCACUCCCAUGUCCCUUGGGAAGGU
CUGAGACUAGGGCCAGAGGCGGCCCUAACAGGGCUCUCCCUGAGCUUCGGGGAGGUGAGUUCCCAGAGAACGGGGCUCCG
CGCGAGGUCAGACUGGGCAGGAGAUGCCGUGGACCCCGCCCUUCGGGGAGGGGCCCGGCGGAUGCCUCCUUUGCCGGAGC
UUGGAACAGACUCACGGCCAGCGAAGUGAGUUCAAUGGCUGAGGUGAGGUACCCCGCAGGGGACCUCAUAACCCAAUUCA
GACUACUCUCCUCCGCCCAUU
;
A
2 'polypeptide(L)'
;MSNAKERKHAKKMRNQPTNVTLSSGFVADRGVKHHSGGEKPFQAQKQEPHPGTSRQRQTRVNPHSLPDPEVNEQSSSKGM
FRKKGGWKAGPEGTSQEIPKYITASTFAQARAAEISAMLKAVTQKSSNSLVFQTLPRHMRRRAMSHNVKRLPRRLQEIAQ
KEAEKAVHQKKEHSKNKCHKARRCHMNRTLEFNRRQKKNIWLETHIWHAKRFHMVKKWGYCLGERPTVKSHRACYRAMTN
RCLLQDLSYYCCLELKGKEEEILKALSGMCNIDTGLTFAAVHCLSGKRQGSLVLYRVNKYPREMLGPVTFIWKSQRTPGD
PSESRQLWIWLHPTLKQDILEEIKAACQCVEPIKSAVCIADPLPTPSQEKSQTELPDEKIGKKRKRKDDGENAKPIKKII
GDGTRDPCLPYSWISPTTGIIISDLTMEMNRFRLIGPLSHSILTEAIKAASVHTVGEDTEETPHRWWIETCKKPDSVSLH
CRQEAIFELLGGITSPAEIPAGTILGLTVGDPRINLPQKKSKALPNPEKCQDNEKVRQLLLEGVPVECTHSFIWNQDICK
SVTENKISDQDLNRMRSELLVPGSQLILGPHESKIPILLIQQPGKVTGEDRLGWGSGWDVLLPKGWGMAFWIPFIYRGVR
VGGLKESAVHSQYKRSPNVPGDFPDCPAGMLFAEEQAKNLLEKYKRRPPAKRPNYVKLGTLAPFCCPWEQLTQDWESRVQ
AYEEPSVASSPNGKESDLRRSEVPCAPMPKKTHQPSDEVGTSIEHPREAEEVMDAGCQESAGPERITDQEASENHVAATG
SHLCVLRSRKLLKQLSAWCGPSSEDSRGGRRAPGRGQQGLTREACLSILGHFPRALVWVSLSLLSKGSPEPHTMICVPAK
EDFLQLHEDWHYCGPQESKHSDPFRSKILKQKEKKKREKRQKPGRASSDGPAGEEPVAGQEALTLGLWSGPLPRVTLHCS
RTLLGFVTQGDFSMAVGCGEALGFVSLTGLLDMLSSQPAAQRGLVLLRPPASLQYRFARIAIEV
;
B
3 'polypeptide(L)'
;MAAAPQAPGRGSLRKTRPLVVKTSLNNPYIIRWSALESEDMHFILQTLEDRLKAIGLQKIEDKKKKNKTPFLKKESREKC
SIAVDISENLKEKKTDAKQQVSGWTPAHVRKQLAIGVNEVTRALERRELLLVLVCKSVKPAMITSHLIQLSLSRSVPACQ
VPRLSERIAPVIGLKCVLALAFKKNTTDFVDEVRAIIPRVPSLSVPWLQDRIEDSGENLETEPLESQDRELLDTSFEDLS
KPKRKLADGRQASVTLQPLKIKKLIPNPNKIRKPPKSKKATPK
;
C
4 'polypeptide(L)'
;MKSVIYHALSQKEANDSDVQPSGAQRAEAFVRAFLKRSTPRMSPQAREDQLQRKAVVLEYFTRHKRKEKKKKAKGLSARQ
RRELRLFDIKPEQQRYSLFLPLHELWKQYIRDLCSGLKPDTQPQMIQAKLLKADLHGAIISVTKSKCPSYVGITGILLQE
TKHIFKIITKEDRLKVIPKLNCVFTVETDGFISYIYGSKFQLRSSERSAKKFKAKGTIDL
;
D
5 'polypeptide(L)'
;MVRFKHRYLLCELVSDDPRCRLSLDDRVLSSLVRDTIARVHGTFGAAACSIGFAVRYLNAYTGIVLLRCRKEFYQLVWSA
LPFITYLENKGHRYPCFFNTLHVGGTIRTCQKFLIQYNRRQLLILLQNCTDEGEREAIQKSVTRSCLLEEEEESGEEAAE
AME
;
E
6 'polypeptide(L)'
;MENFRKVRSEEAPAGCGAEGGGPGSGPFADLAPGAVHMRVKEGSKIRNLMAFATASMAQPATRAIVFSGCGRATTKTVTC
AEILKRRLAGLHQVTRLRYRSVREVWQSLPPGPTQGQTPGEPAASLSVLKNVPGLAILLSKDALDPRQPGYQPPNPHPGP
SSPPAAPASKRSLGEPAAGEGSAKRSQPEPGVADEDQTA
;
F
7 'polypeptide(L)'
;MAENREPRGAVEAELDPVEYTLRKRLPSRLPRRPNDIYVNMKTDFKAQLARCQKLLDGGARGQNACSEIYIHGLGLAINR
AINIALQLQAGSFGSLQVAANTSTVELVDELEPETDTREPLTRIRNNSAIHIRVFRVTPK
;
G
8 'polypeptide(L)'
;MPAPAATYERVVYKNPSEYHYMKVCLEFQDCGVGLNAAQFKQLLISAVKDLFGEVDAALPLDILTYEEKTLSAILRICSS
GLVKLWSSLTLLGSYKGKKCAFRVIQVSPFLLALSGNSRELVLD
;
H
9 'polypeptide(L)'
;MAVFADLDLRAGSDLKALRGLVETAAHLGYSVVAINHIVDFKEKKQEIEKPVAVSELFTTLPIVQGKSRPIKILTRLTII
VSDPSHCNVLRATSSRARLYDVVAVFPKTEKLFHIACTHLDVDLVCITVTEKLPFYFKRPPINVAIDRGLAFELVYSPAI
KDSTMRRYTISSALNLMQICKGKNVIISSAAERPLEIRGPYDVANLGLLFGLSESDAKAAVSTNCRAALLHGETRKTAFG
IISTVKKPRPSEGDEDCLPASKKAKCEG
;
I,J
10 'polypeptide(L)'
;MAGPVKDREAFQRLNFLYQAAHCVLAQDPENQALARFYCYTERTIAKRLVLRRDPSVKRTLCRGCSSLLVPGLTCTQRQR
RCRGQRWTVQTCLTCQRSQRFLNDPGHLLWGDRPEAQLGSQADSKPLQPLPNTAHSISDRLPEEKMQTQGSSNQ
;
K
11 'polypeptide(L)'
;MATLRRLREAPRHLLVCEKSNFGNHKSRHRHLVQTHYYNYRVSFLIPECGILSEELKNLVMNTGPYYFVKNLPLHELITP
EFISTFIKKGSCYALTYNTHIDEDNTVALLPNGKLILSLDKDTYEETGLQGHPSQFSGRKIMKFIVSIDLMELSLNLDSK
KYERISWSFKEKKPLKFDFLLAWHKTGSEESTMMSYFSKYQIQEHQPKVALSTLRDLQCPVLQSSELEGTPEVSCRALEL
FDWLGAVFSNVDLNNEPNNFISTYCCPEPSTVVAKAYLCTITGFILPEKICLLLEHLCHYFDEPKLAPWVTLSVQGFADS
PVSWEKNEHGFRKGGEHLYNFVIFNNQDYWLQMAVGANDHCPP
;
L
12 'polyribonucleotide' GUUUCCGUAGUGUAGUGGUUAUCACGUUCGCCUAACACGCGAAAGGUCCCCGGUUCGAAACCGGGCGGAAAC T
#
# COMPACT_ATOMS: atom_id res chain seq x y z
N LYS B 100 -29.18 45.90 23.04
CA LYS B 100 -28.05 45.28 23.70
C LYS B 100 -27.62 44.00 22.98
N TYR B 101 -27.78 43.99 21.66
CA TYR B 101 -27.40 42.82 20.87
C TYR B 101 -25.90 42.73 20.72
N ILE B 102 -25.22 43.87 20.62
CA ILE B 102 -23.76 43.88 20.55
C ILE B 102 -23.15 43.49 21.89
N THR B 103 -23.86 43.73 22.99
CA THR B 103 -23.39 43.27 24.30
C THR B 103 -23.66 41.79 24.49
N ALA B 104 -24.85 41.33 24.09
CA ALA B 104 -25.22 39.92 24.28
C ALA B 104 -24.45 38.99 23.36
N SER B 105 -24.00 39.49 22.21
CA SER B 105 -23.16 38.67 21.33
C SER B 105 -21.75 38.49 21.87
N THR B 106 -21.32 39.36 22.79
CA THR B 106 -19.99 39.23 23.37
C THR B 106 -19.94 38.08 24.37
N PHE B 107 -21.03 37.86 25.11
CA PHE B 107 -21.08 36.76 26.08
C PHE B 107 -21.07 35.41 25.38
N ALA B 108 -21.67 35.33 24.19
CA ALA B 108 -21.68 34.07 23.45
C ALA B 108 -20.32 33.78 22.82
N GLN B 109 -19.67 34.80 22.26
CA GLN B 109 -18.38 34.59 21.63
C GLN B 109 -17.25 34.42 22.65
N ALA B 110 -17.43 34.92 23.88
CA ALA B 110 -16.46 34.65 24.94
C ALA B 110 -16.55 33.20 25.40
N ARG B 111 -17.79 32.70 25.57
CA ARG B 111 -17.98 31.31 25.96
C ARG B 111 -17.64 30.35 24.83
N ALA B 112 -17.68 30.83 23.57
CA ALA B 112 -17.23 30.01 22.46
C ALA B 112 -15.72 29.79 22.51
N ALA B 113 -14.98 30.76 23.07
CA ALA B 113 -13.56 30.57 23.29
C ALA B 113 -13.27 29.81 24.59
N GLU B 114 -14.24 29.73 25.50
CA GLU B 114 -14.03 29.02 26.76
C GLU B 114 -14.36 27.54 26.63
N ILE B 115 -15.51 27.22 26.03
CA ILE B 115 -15.97 25.83 25.95
C ILE B 115 -15.11 25.05 24.97
N SER B 116 -14.71 25.67 23.86
CA SER B 116 -13.87 24.98 22.88
C SER B 116 -12.45 24.78 23.40
N ALA B 117 -12.02 25.62 24.36
CA ALA B 117 -10.72 25.42 24.98
C ALA B 117 -10.78 24.37 26.10
N MET B 118 -11.93 24.26 26.77
CA MET B 118 -12.06 23.26 27.83
C MET B 118 -12.41 21.89 27.25
N LEU B 119 -12.95 21.85 26.02
CA LEU B 119 -13.24 20.57 25.40
C LEU B 119 -11.97 19.89 24.90
N LYS B 120 -10.92 20.68 24.63
CA LYS B 120 -9.66 20.13 24.15
C LYS B 120 -8.62 19.98 25.26
N ALA B 121 -8.80 20.64 26.40
CA ALA B 121 -7.81 20.54 27.47
C ALA B 121 -8.12 19.40 28.43
N VAL B 122 -9.40 19.18 28.73
CA VAL B 122 -9.78 18.09 29.63
C VAL B 122 -9.65 16.75 28.92
N THR B 123 -9.90 16.73 27.60
CA THR B 123 -9.89 15.48 26.84
C THR B 123 -8.46 14.95 26.67
N GLN B 124 -7.47 15.84 26.65
CA GLN B 124 -6.08 15.39 26.68
C GLN B 124 -5.72 14.75 28.01
N LYS B 125 -6.29 15.24 29.11
CA LYS B 125 -6.07 14.65 30.42
C LYS B 125 -7.01 13.49 30.71
N SER B 126 -8.10 13.34 29.94
CA SER B 126 -9.02 12.22 30.16
C SER B 126 -8.51 10.95 29.47
N SER B 127 -8.34 11.01 28.15
CA SER B 127 -7.90 9.91 27.29
C SER B 127 -8.81 8.68 27.45
N ASN B 128 -10.07 8.87 27.03
CA ASN B 128 -11.15 7.89 27.12
C ASN B 128 -11.41 7.45 28.56
N SER B 129 -11.25 8.40 29.50
CA SER B 129 -11.45 8.20 30.94
C SER B 129 -10.61 7.05 31.49
N LEU B 130 -9.37 6.96 31.03
CA LEU B 130 -8.45 5.89 31.42
C LEU B 130 -7.27 6.48 32.19
N VAL B 131 -6.84 5.76 33.23
CA VAL B 131 -5.72 6.22 34.03
C VAL B 131 -4.40 5.75 33.42
N PHE B 132 -4.39 4.54 32.85
CA PHE B 132 -3.20 3.95 32.25
C PHE B 132 -2.75 4.65 30.97
N GLN B 133 -3.64 5.40 30.30
CA GLN B 133 -3.27 6.15 29.11
C GLN B 133 -3.10 7.64 29.36
N THR B 134 -3.21 8.09 30.61
CA THR B 134 -2.97 9.47 30.99
C THR B 134 -1.48 9.77 31.10
N LEU B 135 -0.65 8.73 31.22
CA LEU B 135 0.80 8.87 31.37
C LEU B 135 1.41 9.40 30.07
N PRO B 136 2.56 10.10 30.16
CA PRO B 136 3.24 10.56 28.94
C PRO B 136 3.77 9.39 28.11
N ARG B 137 3.91 9.65 26.81
CA ARG B 137 4.20 8.58 25.85
C ARG B 137 5.62 8.05 25.98
N HIS B 138 6.53 8.85 26.54
CA HIS B 138 7.85 8.34 26.87
C HIS B 138 7.82 7.43 28.10
N MET B 139 6.77 7.52 28.90
CA MET B 139 6.68 6.81 30.17
C MET B 139 5.55 5.78 30.12
N ARG B 140 5.47 5.03 29.02
CA ARG B 140 4.46 3.99 28.84
C ARG B 140 5.16 2.64 28.77
N ARG B 141 4.73 1.71 29.63
CA ARG B 141 5.21 0.34 29.62
C ARG B 141 4.02 -0.59 29.48
N ARG B 142 4.13 -1.58 28.59
CA ARG B 142 3.04 -2.50 28.31
C ARG B 142 2.91 -3.62 29.35
N ALA B 143 3.81 -3.68 30.32
CA ALA B 143 3.75 -4.67 31.39
C ALA B 143 3.01 -4.16 32.62
N MET B 144 2.10 -3.21 32.45
CA MET B 144 1.37 -2.65 33.59
C MET B 144 0.27 -3.57 34.10
N SER B 145 -0.07 -4.62 33.36
CA SER B 145 -1.11 -5.55 33.78
C SER B 145 -0.58 -6.79 34.48
N HIS B 146 0.62 -7.26 34.10
CA HIS B 146 1.20 -8.44 34.73
C HIS B 146 1.69 -8.13 36.13
N ASN B 147 2.65 -7.21 36.26
CA ASN B 147 3.09 -6.71 37.55
C ASN B 147 2.74 -5.23 37.64
N VAL B 148 2.31 -4.80 38.82
CA VAL B 148 1.80 -3.46 39.04
C VAL B 148 2.99 -2.58 39.45
N LYS B 149 4.10 -3.23 39.78
CA LYS B 149 5.29 -2.53 40.29
C LYS B 149 6.03 -1.72 39.24
N ARG B 150 5.63 -1.79 37.96
CA ARG B 150 6.21 -0.96 36.92
C ARG B 150 5.50 0.39 36.79
N LEU B 151 4.65 0.73 37.74
CA LEU B 151 3.89 1.97 37.77
C LEU B 151 4.39 2.86 38.90
N PRO B 152 4.15 4.17 38.84
CA PRO B 152 4.47 5.04 39.97
C PRO B 152 3.57 4.78 41.17
N ARG B 153 3.96 5.36 42.31
CA ARG B 153 3.30 5.08 43.58
C ARG B 153 1.91 5.72 43.65
N ARG B 154 1.78 6.97 43.21
CA ARG B 154 0.49 7.64 43.26
C ARG B 154 -0.48 7.11 42.22
N LEU B 155 0.03 6.60 41.10
CA LEU B 155 -0.83 6.01 40.09
C LEU B 155 -1.18 4.56 40.42
N GLN B 156 -0.49 3.94 41.38
CA GLN B 156 -0.78 2.57 41.77
C GLN B 156 -2.04 2.46 42.61
N GLU B 157 -2.39 3.51 43.36
CA GLU B 157 -3.53 3.45 44.27
C GLU B 157 -4.85 3.38 43.50
N ILE B 158 -4.93 4.07 42.36
CA ILE B 158 -6.11 3.96 41.51
C ILE B 158 -6.12 2.60 40.80
N ALA B 159 -4.95 2.08 40.44
CA ALA B 159 -4.85 0.79 39.77
C ALA B 159 -5.19 -0.38 40.68
N GLN B 160 -5.09 -0.20 42.00
CA GLN B 160 -5.54 -1.25 42.92
C GLN B 160 -7.05 -1.37 42.92
N LYS B 161 -7.76 -0.24 42.74
CA LYS B 161 -9.20 -0.29 42.59
C LYS B 161 -9.61 -0.81 41.21
N GLU B 162 -8.77 -0.63 40.20
CA GLU B 162 -9.03 -1.16 38.87
C GLU B 162 -8.74 -2.65 38.75
N ALA B 163 -7.97 -3.22 39.69
CA ALA B 163 -7.69 -4.65 39.66
C ALA B 163 -8.91 -5.47 40.06
N GLU B 164 -9.83 -4.89 40.85
CA GLU B 164 -11.06 -5.59 41.19
C GLU B 164 -12.01 -5.65 39.99
N LYS B 165 -11.97 -4.62 39.14
CA LYS B 165 -12.83 -4.59 37.97
C LYS B 165 -12.20 -5.30 36.77
N ALA B 166 -10.87 -5.24 36.65
CA ALA B 166 -10.19 -5.88 35.54
C ALA B 166 -9.31 -7.04 36.03
N ALA B 181 8.29 -20.65 30.21
CA ALA B 181 9.07 -19.76 31.07
C ALA B 181 9.39 -20.44 32.40
N ARG B 182 10.64 -20.29 32.84
CA ARG B 182 11.09 -20.87 34.09
C ARG B 182 12.08 -19.92 34.75
N ARG B 183 12.58 -20.31 35.91
CA ARG B 183 13.55 -19.51 36.64
C ARG B 183 14.93 -19.66 36.01
N CYS B 184 15.87 -18.83 36.48
CA CYS B 184 17.23 -18.81 35.98
C CYS B 184 18.19 -18.73 37.16
N HIS B 185 18.98 -19.78 37.35
CA HIS B 185 19.97 -19.83 38.44
C HIS B 185 21.31 -20.22 37.82
N MET B 186 22.02 -19.21 37.30
CA MET B 186 23.34 -19.37 36.72
C MET B 186 24.16 -18.13 37.05
N ASN B 187 25.48 -18.30 37.11
CA ASN B 187 26.39 -17.19 37.35
C ASN B 187 26.48 -16.38 36.06
N ARG B 188 25.76 -15.25 36.02
CA ARG B 188 25.71 -14.42 34.82
C ARG B 188 27.02 -13.69 34.57
N THR B 189 27.84 -13.49 35.62
CA THR B 189 29.15 -12.87 35.45
C THR B 189 30.09 -13.75 34.64
N LEU B 190 30.06 -15.06 34.88
CA LEU B 190 30.86 -15.98 34.08
C LEU B 190 30.27 -16.20 32.69
N GLU B 191 28.97 -15.94 32.51
CA GLU B 191 28.38 -16.01 31.19
C GLU B 191 28.85 -14.87 30.30
N PHE B 192 28.88 -13.65 30.85
CA PHE B 192 29.34 -12.49 30.10
C PHE B 192 30.86 -12.49 29.95
N ASN B 193 31.57 -13.20 30.81
CA ASN B 193 33.02 -13.34 30.65
C ASN B 193 33.34 -14.22 29.44
N ARG B 194 32.51 -15.23 29.18
CA ARG B 194 32.70 -16.07 28.00
C ARG B 194 32.30 -15.32 26.74
N ARG B 195 31.30 -14.45 26.83
CA ARG B 195 30.84 -13.71 25.66
C ARG B 195 31.80 -12.59 25.28
N GLN B 196 32.63 -12.15 26.23
CA GLN B 196 33.60 -11.09 25.99
C GLN B 196 34.81 -11.58 25.18
N LYS B 197 34.94 -12.90 24.98
CA LYS B 197 36.05 -13.42 24.18
C LYS B 197 35.88 -13.09 22.70
N LYS B 198 34.64 -12.90 22.24
CA LYS B 198 34.39 -12.60 20.84
C LYS B 198 34.46 -11.10 20.58
N ASN B 199 33.60 -10.33 21.25
CA ASN B 199 33.53 -8.89 21.04
C ASN B 199 34.45 -8.18 22.04
N ILE B 200 34.30 -6.86 22.19
CA ILE B 200 35.08 -6.10 23.15
C ILE B 200 34.32 -5.90 24.46
N TRP B 201 33.00 -5.69 24.37
CA TRP B 201 32.06 -5.71 25.49
C TRP B 201 32.38 -4.67 26.56
N LEU B 202 32.14 -3.39 26.25
CA LEU B 202 32.38 -2.26 27.15
C LEU B 202 31.60 -2.39 28.46
N GLU B 203 31.98 -1.53 29.41
CA GLU B 203 31.36 -1.55 30.74
C GLU B 203 29.90 -1.10 30.68
N THR B 204 29.59 -0.19 29.75
CA THR B 204 28.24 0.35 29.63
C THR B 204 27.42 -0.43 28.59
N HIS B 205 27.80 -1.68 28.30
CA HIS B 205 27.06 -2.49 27.35
C HIS B 205 25.73 -2.95 27.91
N ILE B 206 25.66 -3.14 29.23
CA ILE B 206 24.41 -3.56 29.85
C ILE B 206 23.40 -2.41 29.89
N TRP B 207 23.87 -1.16 29.76
CA TRP B 207 22.95 -0.05 29.60
C TRP B 207 22.46 0.05 28.15
N HIS B 208 23.38 -0.07 27.19
CA HIS B 208 23.04 0.22 25.80
C HIS B 208 22.25 -0.90 25.15
N ALA B 209 22.68 -2.15 25.33
CA ALA B 209 22.03 -3.28 24.67
C ALA B 209 20.62 -3.51 25.18
N LYS B 210 20.31 -3.04 26.38
CA LYS B 210 18.98 -3.18 26.95
C LYS B 210 17.93 -2.33 26.23
N ARG B 211 18.33 -1.21 25.61
CA ARG B 211 17.36 -0.32 24.98
C ARG B 211 17.85 0.28 23.66
N PHE B 212 18.76 -0.40 22.95
CA PHE B 212 19.21 0.05 21.64
C PHE B 212 19.35 -1.14 20.70
N HIS B 213 19.32 -0.86 19.40
CA HIS B 213 19.49 -1.89 18.38
C HIS B 213 20.96 -2.20 18.19
N MET B 214 21.40 -3.39 18.60
CA MET B 214 22.82 -3.73 18.56
C MET B 214 23.17 -4.37 17.22
N VAL B 215 24.10 -3.75 16.49
CA VAL B 215 24.53 -4.23 15.19
C VAL B 215 26.04 -4.41 15.24
N LYS B 216 26.52 -5.61 14.95
CA LYS B 216 27.95 -5.86 14.89
C LYS B 216 28.56 -5.19 13.68
N LYS B 217 29.78 -4.69 13.84
CA LYS B 217 30.41 -3.82 12.85
C LYS B 217 31.86 -4.28 12.69
N TRP B 218 32.69 -3.41 12.11
CA TRP B 218 34.11 -3.70 11.91
C TRP B 218 34.85 -3.99 13.20
N GLY B 219 34.44 -3.37 14.30
CA GLY B 219 35.02 -3.64 15.60
C GLY B 219 34.13 -4.53 16.44
N TYR B 220 33.38 -3.92 17.35
CA TYR B 220 32.48 -4.64 18.24
C TYR B 220 31.06 -4.12 18.00
N CYS B 221 30.09 -4.69 18.72
CA CYS B 221 28.71 -4.24 18.61
C CYS B 221 28.49 -3.04 19.50
N LEU B 222 27.97 -1.96 18.91
CA LEU B 222 27.75 -0.72 19.63
C LEU B 222 26.38 -0.17 19.26
N GLY B 223 25.87 0.73 20.09
CA GLY B 223 24.53 1.25 19.90
C GLY B 223 24.44 2.17 18.70
N GLU B 224 23.45 1.88 17.84
CA GLU B 224 23.23 2.63 16.62
C GLU B 224 21.91 3.39 16.63
N ARG B 225 20.78 2.72 16.88
CA ARG B 225 19.48 3.35 16.84
C ARG B 225 18.71 3.03 18.11
N PRO B 226 17.94 3.99 18.63
CA PRO B 226 17.12 3.71 19.82
C PRO B 226 15.88 2.92 19.46
N THR B 227 15.40 2.13 20.44
CA THR B 227 14.16 1.39 20.25
C THR B 227 12.96 2.33 20.23
N VAL B 228 12.99 3.39 21.04
CA VAL B 228 11.96 4.41 20.94
C VAL B 228 12.33 5.37 19.81
N LYS B 229 11.31 5.86 19.10
CA LYS B 229 11.55 6.75 17.97
C LYS B 229 11.97 8.13 18.48
N SER B 230 13.25 8.47 18.27
CA SER B 230 13.80 9.72 18.78
C SER B 230 14.69 10.40 17.74
N HIS B 231 14.33 10.31 16.45
CA HIS B 231 15.12 10.93 15.41
C HIS B 231 15.01 12.45 15.45
N ARG B 232 13.80 12.98 15.64
CA ARG B 232 13.63 14.42 15.83
C ARG B 232 14.00 14.84 17.25
N ALA B 233 14.02 13.90 18.19
CA ALA B 233 14.30 14.24 19.58
C ALA B 233 15.79 14.42 19.84
N CYS B 234 16.65 13.75 19.07
CA CYS B 234 18.09 13.88 19.28
C CYS B 234 18.60 15.24 18.81
N TYR B 235 18.06 15.75 17.71
CA TYR B 235 18.44 17.10 17.26
C TYR B 235 17.84 18.15 18.17
N ARG B 236 16.65 17.89 18.69
CA ARG B 236 16.00 18.84 19.59
C ARG B 236 16.70 18.89 20.94
N ALA B 237 17.32 17.78 21.35
CA ALA B 237 18.15 17.74 22.55
C ALA B 237 19.61 18.08 22.27
N MET B 238 19.90 18.76 21.16
CA MET B 238 21.27 19.09 20.82
C MET B 238 21.48 20.58 20.57
N THR B 239 20.50 21.30 20.05
CA THR B 239 20.59 22.75 19.89
C THR B 239 19.95 23.52 21.04
N ASN B 240 18.99 22.92 21.74
CA ASN B 240 18.34 23.55 22.88
C ASN B 240 18.63 22.81 24.18
N ARG B 241 18.39 21.51 24.24
CA ARG B 241 18.58 20.72 25.44
C ARG B 241 19.94 20.02 25.41
N CYS B 242 20.15 19.11 26.34
CA CYS B 242 21.43 18.44 26.54
C CYS B 242 21.40 17.02 25.99
N LEU B 243 22.60 16.48 25.77
CA LEU B 243 22.80 15.16 25.18
C LEU B 243 24.21 14.69 25.51
N LEU B 244 24.40 13.38 25.57
CA LEU B 244 25.73 12.79 25.70
C LEU B 244 25.75 11.39 25.12
N GLN B 245 26.94 10.95 24.73
CA GLN B 245 27.14 9.70 24.02
C GLN B 245 28.10 8.81 24.79
N ASP B 246 28.35 7.63 24.23
CA ASP B 246 29.39 6.71 24.70
C ASP B 246 30.32 6.42 23.52
N LEU B 247 31.45 7.12 23.48
CA LEU B 247 32.45 6.93 22.43
C LEU B 247 33.73 6.41 23.10
N SER B 248 33.79 5.10 23.31
CA SER B 248 34.93 4.48 23.98
C SER B 248 35.80 3.67 23.04
N TYR B 249 35.43 3.54 21.77
CA TYR B 249 36.23 2.80 20.81
C TYR B 249 37.42 3.61 20.31
N TYR B 250 37.47 4.91 20.59
CA TYR B 250 38.60 5.74 20.19
C TYR B 250 39.82 5.39 21.04
N CYS B 251 40.79 4.70 20.42
CA CYS B 251 41.99 4.26 21.13
C CYS B 251 42.94 5.44 21.36
N CYS B 252 43.97 5.18 22.16
CA CYS B 252 45.00 6.18 22.46
C CYS B 252 46.37 5.52 22.45
N LEU B 253 47.37 6.26 21.96
CA LEU B 253 48.73 5.76 21.87
C LEU B 253 49.65 6.73 22.64
N GLU B 254 50.12 6.29 23.80
CA GLU B 254 51.03 7.08 24.61
C GLU B 254 52.46 6.87 24.12
N LEU B 255 53.19 7.96 23.91
CA LEU B 255 54.56 7.92 23.43
C LEU B 255 55.45 8.64 24.44
N LYS B 256 56.21 7.86 25.20
CA LYS B 256 57.17 8.38 26.17
C LYS B 256 58.55 8.43 25.53
N GLY B 257 59.20 9.58 25.62
CA GLY B 257 60.53 9.72 25.05
C GLY B 257 61.06 11.12 25.23
N LYS B 258 62.30 11.31 24.78
CA LYS B 258 62.95 12.62 24.83
C LYS B 258 62.30 13.55 23.81
N GLU B 259 62.34 14.86 24.10
CA GLU B 259 61.65 15.86 23.29
C GLU B 259 62.27 15.99 21.90
N GLU B 260 63.57 15.72 21.76
CA GLU B 260 64.22 15.87 20.47
C GLU B 260 63.92 14.70 19.54
N GLU B 261 63.37 13.60 20.07
CA GLU B 261 63.17 12.39 19.30
C GLU B 261 61.70 12.12 18.96
N ILE B 262 60.77 12.71 19.71
CA ILE B 262 59.34 12.47 19.48
C ILE B 262 58.79 13.44 18.46
N LEU B 263 59.63 14.33 17.95
CA LEU B 263 59.24 15.27 16.90
C LEU B 263 59.94 15.00 15.57
N LYS B 264 61.20 14.56 15.61
CA LYS B 264 61.92 14.27 14.37
C LYS B 264 61.39 13.02 13.67
N ALA B 265 60.85 12.07 14.44
CA ALA B 265 60.24 10.89 13.84
C ALA B 265 58.81 11.15 13.39
N LEU B 266 58.22 12.30 13.71
CA LEU B 266 56.86 12.61 13.35
C LEU B 266 56.73 13.90 12.53
N SER B 267 57.84 14.55 12.19
CA SER B 267 57.77 15.81 11.45
C SER B 267 57.40 15.58 9.99
N GLY B 268 57.77 14.43 9.43
CA GLY B 268 57.41 14.10 8.07
C GLY B 268 56.12 13.30 7.96
N MET B 269 55.21 13.55 8.90
CA MET B 269 53.95 12.84 8.95
C MET B 269 52.74 13.76 9.01
N CYS B 270 52.87 14.99 9.50
CA CYS B 270 51.74 15.89 9.61
C CYS B 270 51.69 16.96 8.52
N ASN B 271 52.77 17.14 7.76
CA ASN B 271 52.86 18.08 6.64
C ASN B 271 52.60 19.53 7.08
N ILE B 272 53.55 20.10 7.83
CA ILE B 272 53.56 21.42 8.47
C ILE B 272 52.96 22.53 7.61
N ASP B 273 53.39 22.64 6.36
CA ASP B 273 53.01 23.76 5.50
C ASP B 273 51.64 23.61 4.86
N THR B 274 50.86 22.58 5.23
CA THR B 274 49.54 22.36 4.63
C THR B 274 48.42 22.55 5.64
N GLY B 275 48.46 21.84 6.76
CA GLY B 275 47.39 21.86 7.74
C GLY B 275 47.83 22.42 9.08
N LEU B 276 47.08 22.06 10.12
CA LEU B 276 47.38 22.51 11.48
C LEU B 276 48.55 21.72 12.05
N THR B 277 49.45 22.43 12.71
CA THR B 277 50.69 21.81 13.22
C THR B 277 50.60 21.52 14.71
N PHE B 278 51.53 20.72 15.21
CA PHE B 278 51.55 20.40 16.64
C PHE B 278 52.97 20.47 17.21
N ALA B 279 53.95 20.60 16.33
CA ALA B 279 55.35 20.43 16.73
C ALA B 279 55.87 21.62 17.54
N ALA B 280 55.93 22.81 16.92
CA ALA B 280 56.48 23.99 17.55
C ALA B 280 55.49 25.16 17.58
N VAL B 281 54.19 24.87 17.67
CA VAL B 281 53.19 25.93 17.59
C VAL B 281 53.13 26.71 18.91
N HIS B 282 53.50 26.06 20.03
CA HIS B 282 53.75 26.63 21.35
C HIS B 282 52.50 27.18 22.05
N CYS B 283 51.35 27.16 21.37
CA CYS B 283 50.08 27.50 22.01
C CYS B 283 49.20 26.29 22.25
N LEU B 284 49.34 25.23 21.46
CA LEU B 284 48.64 23.98 21.69
C LEU B 284 49.36 23.09 22.70
N SER B 285 50.32 23.64 23.45
CA SER B 285 51.21 22.84 24.31
C SER B 285 50.66 22.70 25.72
N GLY B 286 50.47 23.81 26.41
CA GLY B 286 49.96 23.77 27.77
C GLY B 286 48.49 24.08 27.89
N LYS B 287 47.98 24.89 26.94
CA LYS B 287 46.63 25.41 27.07
C LYS B 287 45.59 24.41 26.61
N ARG B 288 45.66 23.99 25.34
CA ARG B 288 44.57 23.27 24.70
C ARG B 288 45.08 22.16 23.80
N GLN B 289 44.14 21.47 23.15
CA GLN B 289 44.47 20.36 22.27
C GLN B 289 44.45 20.81 20.81
N GLY B 290 44.83 19.88 19.92
CA GLY B 290 44.80 20.14 18.50
C GLY B 290 44.05 19.05 17.75
N SER B 291 43.78 19.31 16.48
CA SER B 291 43.12 18.36 15.61
C SER B 291 43.72 18.47 14.21
N LEU B 292 44.17 17.34 13.68
CA LEU B 292 44.86 17.31 12.39
C LEU B 292 44.76 15.90 11.81
N VAL B 293 45.40 15.71 10.65
CA VAL B 293 45.33 14.47 9.89
C VAL B 293 46.75 13.96 9.67
N LEU B 294 47.00 12.72 10.09
CA LEU B 294 48.32 12.13 9.91
C LEU B 294 48.49 11.65 8.47
N TYR B 295 49.72 11.25 8.15
CA TYR B 295 50.04 10.74 6.81
C TYR B 295 51.06 9.62 6.96
N ARG B 296 51.73 9.29 5.86
CA ARG B 296 52.78 8.29 5.83
C ARG B 296 54.11 9.02 6.07
N VAL B 297 55.24 8.36 5.79
CA VAL B 297 56.58 8.88 6.00
C VAL B 297 56.84 9.99 4.97
N ASN B 298 57.89 10.79 5.17
CA ASN B 298 58.15 12.05 4.47
C ASN B 298 58.42 11.97 2.97
N LYS B 299 58.24 10.79 2.35
CA LYS B 299 58.36 10.66 0.90
C LYS B 299 57.21 11.33 0.15
N TYR B 300 56.18 11.83 0.85
CA TYR B 300 55.03 12.60 0.38
C TYR B 300 54.22 11.83 -0.66
N PRO B 301 53.46 10.80 -0.27
CA PRO B 301 52.71 10.03 -1.27
C PRO B 301 51.30 10.53 -1.57
N ARG B 302 50.68 11.28 -0.66
CA ARG B 302 49.27 11.67 -0.71
C ARG B 302 48.36 10.44 -0.90
N GLU B 303 48.67 9.37 -0.18
CA GLU B 303 47.94 8.11 -0.29
C GLU B 303 47.24 7.75 1.02
N MET B 304 47.99 7.69 2.12
CA MET B 304 47.44 7.27 3.40
C MET B 304 47.23 8.48 4.30
N LEU B 305 46.05 8.55 4.93
CA LEU B 305 45.68 9.70 5.75
C LEU B 305 44.65 9.29 6.78
N GLY B 306 44.73 9.91 7.96
CA GLY B 306 43.81 9.63 9.04
C GLY B 306 43.75 10.75 10.06
N PRO B 307 42.52 11.20 10.37
CA PRO B 307 42.38 12.34 11.31
C PRO B 307 42.61 11.92 12.75
N VAL B 308 43.39 12.73 13.47
CA VAL B 308 43.72 12.49 14.87
C VAL B 308 43.57 13.79 15.64
N THR B 309 42.75 13.76 16.70
CA THR B 309 42.66 14.85 17.66
C THR B 309 43.82 14.72 18.65
N PHE B 310 44.78 15.64 18.57
CA PHE B 310 46.06 15.51 19.25
C PHE B 310 46.09 16.38 20.50
N ILE B 311 46.80 15.91 21.53
CA ILE B 311 46.87 16.58 22.82
C ILE B 311 48.32 16.69 23.24
N TRP B 312 48.77 17.91 23.53
CA TRP B 312 50.03 18.14 24.24
C TRP B 312 49.77 18.51 25.69
N LYS B 313 50.73 18.12 26.56
CA LYS B 313 50.85 18.67 27.90
C LYS B 313 52.24 18.43 28.47
N SER B 314 52.92 19.49 28.90
CA SER B 314 54.17 19.40 29.62
C SER B 314 54.04 20.08 30.97
N GLN B 315 54.92 19.71 31.89
CA GLN B 315 54.90 20.29 33.22
C GLN B 315 55.46 21.71 33.20
N ARG B 316 54.80 22.60 33.95
CA ARG B 316 55.11 24.02 33.86
C ARG B 316 56.35 24.39 34.68
N THR B 317 56.40 23.95 35.93
CA THR B 317 57.48 24.33 36.85
C THR B 317 58.89 23.83 36.50
N PRO B 318 59.10 22.64 35.83
CA PRO B 318 60.43 22.43 35.23
C PRO B 318 60.74 23.41 34.11
N GLY B 319 59.87 23.44 33.09
CA GLY B 319 60.02 24.37 31.98
C GLY B 319 61.22 24.12 31.10
N ASP B 320 61.60 22.85 30.92
CA ASP B 320 62.76 22.49 30.10
C ASP B 320 62.53 21.13 29.47
N PRO B 321 63.14 20.85 28.32
CA PRO B 321 63.01 19.52 27.71
C PRO B 321 63.91 18.47 28.36
N SER B 322 63.66 18.17 29.63
CA SER B 322 64.42 17.16 30.36
C SER B 322 63.56 16.18 31.14
N GLU B 323 62.28 16.47 31.40
CA GLU B 323 61.40 15.60 32.15
C GLU B 323 60.69 14.65 31.19
N SER B 324 59.68 13.95 31.70
CA SER B 324 58.91 13.00 30.91
C SER B 324 57.80 13.74 30.17
N ARG B 325 57.77 13.58 28.85
CA ARG B 325 56.81 14.25 27.98
C ARG B 325 55.90 13.21 27.36
N GLN B 326 54.59 13.42 27.48
CA GLN B 326 53.59 12.47 27.01
C GLN B 326 52.69 13.10 25.96
N LEU B 327 52.14 12.25 25.09
CA LEU B 327 51.26 12.66 24.00
C LEU B 327 50.46 11.45 23.53
N TRP B 328 49.19 11.67 23.20
CA TRP B 328 48.25 10.60 22.88
C TRP B 328 47.75 10.73 21.45
N ILE B 329 47.61 9.60 20.76
CA ILE B 329 47.07 9.55 19.41
C ILE B 329 45.65 9.00 19.50
N TRP B 330 44.66 9.90 19.45
CA TRP B 330 43.27 9.48 19.40
C TRP B 330 42.87 9.15 17.98
N LEU B 331 42.41 7.92 17.76
CA LEU B 331 42.24 7.38 16.42
C LEU B 331 41.02 6.49 16.36
N HIS B 332 40.71 6.05 15.15
CA HIS B 332 39.56 5.19 14.85
C HIS B 332 40.03 3.73 14.74
N PRO B 333 39.18 2.76 15.14
CA PRO B 333 39.61 1.35 15.10
C PRO B 333 39.88 0.79 13.71
N THR B 334 39.38 1.41 12.64
CA THR B 334 39.83 0.99 11.32
C THR B 334 41.27 1.44 11.06
N LEU B 335 41.71 2.52 11.71
CA LEU B 335 43.10 2.97 11.60
C LEU B 335 43.98 2.36 12.67
N LYS B 336 43.42 1.52 13.57
CA LYS B 336 44.21 0.93 14.64
C LYS B 336 45.22 -0.08 14.10
N GLN B 337 44.86 -0.81 13.04
CA GLN B 337 45.84 -1.64 12.35
C GLN B 337 46.79 -0.79 11.51
N ASP B 338 46.37 0.42 11.14
CA ASP B 338 47.16 1.28 10.25
C ASP B 338 48.13 2.19 11.00
N ILE B 339 47.67 2.82 12.09
CA ILE B 339 48.51 3.79 12.79
C ILE B 339 49.55 3.07 13.64
N LEU B 340 49.13 2.02 14.34
CA LEU B 340 50.02 1.31 15.27
C LEU B 340 51.15 0.60 14.53
N GLU B 341 50.86 0.09 13.34
CA GLU B 341 51.91 -0.52 12.53
C GLU B 341 52.75 0.52 11.80
N GLU B 342 52.32 1.79 11.77
CA GLU B 342 53.10 2.84 11.13
C GLU B 342 54.05 3.51 12.12
N ILE B 343 53.57 3.76 13.34
CA ILE B 343 54.43 4.34 14.38
C ILE B 343 55.51 3.36 14.79
N LYS B 344 55.20 2.06 14.74
CA LYS B 344 56.21 1.03 14.94
C LYS B 344 57.23 1.03 13.81
N ALA B 345 56.80 1.40 12.59
CA ALA B 345 57.69 1.40 11.46
C ALA B 345 58.43 2.73 11.28
N ALA B 346 57.87 3.84 11.79
CA ALA B 346 58.47 5.15 11.52
C ALA B 346 59.56 5.47 12.53
N CYS B 347 59.34 5.21 13.81
CA CYS B 347 60.27 5.65 14.84
C CYS B 347 61.50 4.74 14.91
N GLN B 348 61.30 3.48 15.30
CA GLN B 348 62.38 2.51 15.40
C GLN B 348 61.82 1.12 15.08
N CYS B 349 62.52 0.41 14.20
CA CYS B 349 62.14 -0.96 13.84
C CYS B 349 62.60 -1.88 14.96
N VAL B 350 61.77 -1.98 16.00
CA VAL B 350 62.08 -2.81 17.15
C VAL B 350 61.41 -4.17 17.03
N GLY B 390 36.75 -18.39 45.58
CA GLY B 390 37.10 -16.98 45.59
C GLY B 390 35.89 -16.06 45.50
N GLU B 391 36.06 -14.95 44.80
CA GLU B 391 35.02 -13.96 44.61
C GLU B 391 34.77 -13.75 43.12
N ASN B 392 33.63 -13.12 42.82
CA ASN B 392 33.29 -12.78 41.44
C ASN B 392 33.87 -11.42 41.10
N ALA B 393 34.79 -11.41 40.13
CA ALA B 393 35.46 -10.19 39.70
C ALA B 393 34.93 -9.77 38.34
N LYS B 394 34.93 -8.46 38.10
CA LYS B 394 34.43 -7.98 36.83
C LYS B 394 35.58 -7.80 35.84
N PRO B 395 35.51 -8.46 34.67
CA PRO B 395 36.55 -8.25 33.66
C PRO B 395 36.44 -6.90 32.99
N ILE B 396 37.01 -5.88 33.63
CA ILE B 396 36.90 -4.50 33.15
C ILE B 396 37.70 -4.32 31.87
N LYS B 397 38.86 -4.98 31.78
CA LYS B 397 39.65 -4.97 30.57
C LYS B 397 39.06 -5.96 29.56
N LYS B 398 39.76 -6.13 28.43
CA LYS B 398 39.31 -7.05 27.41
C LYS B 398 39.68 -8.49 27.76
N ILE B 399 39.12 -9.43 26.99
CA ILE B 399 39.53 -10.83 27.07
C ILE B 399 40.41 -11.10 25.87
N ILE B 400 40.14 -10.40 24.76
CA ILE B 400 41.05 -10.41 23.62
C ILE B 400 42.38 -9.77 24.00
N GLY B 401 42.32 -8.70 24.80
CA GLY B 401 43.55 -8.07 25.26
C GLY B 401 44.27 -8.88 26.32
N ASP B 402 43.50 -9.51 27.23
CA ASP B 402 44.13 -10.32 28.27
C ASP B 402 44.50 -11.71 27.77
N GLY B 403 43.86 -12.19 26.70
CA GLY B 403 44.28 -13.44 26.09
C GLY B 403 45.53 -13.30 25.25
N THR B 404 45.80 -12.09 24.76
CA THR B 404 47.03 -11.76 24.04
C THR B 404 48.00 -10.99 24.94
N ARG B 405 47.73 -10.97 26.25
CA ARG B 405 48.52 -10.16 27.18
C ARG B 405 49.94 -10.66 27.30
N ASP B 406 50.14 -11.98 27.26
CA ASP B 406 51.50 -12.50 27.26
C ASP B 406 52.18 -12.37 25.89
N PRO B 407 51.62 -12.88 24.73
CA PRO B 407 52.39 -12.75 23.48
C PRO B 407 52.58 -11.35 22.91
N CYS B 408 51.50 -10.64 22.56
CA CYS B 408 51.63 -9.44 21.74
C CYS B 408 51.06 -8.18 22.37
N LEU B 409 49.78 -8.17 22.77
CA LEU B 409 49.09 -6.91 23.02
C LEU B 409 48.63 -6.82 24.48
N PRO B 410 48.78 -5.66 25.15
CA PRO B 410 49.21 -4.32 24.74
C PRO B 410 50.68 -4.18 24.35
N TYR B 411 50.90 -3.54 23.20
CA TYR B 411 52.23 -3.34 22.64
C TYR B 411 52.94 -2.27 23.46
N SER B 412 53.77 -2.70 24.41
CA SER B 412 54.54 -1.79 25.27
C SER B 412 56.00 -2.19 25.21
N TRP B 413 56.72 -1.69 24.21
CA TRP B 413 58.15 -1.90 24.06
C TRP B 413 58.89 -0.57 24.13
N ILE B 414 60.21 -0.67 24.21
CA ILE B 414 61.08 0.50 24.26
C ILE B 414 61.97 0.50 23.02
N SER B 415 62.55 1.67 22.73
CA SER B 415 63.49 1.79 21.62
C SER B 415 64.89 2.06 22.14
N PRO B 416 65.90 1.40 21.58
CA PRO B 416 67.27 1.56 22.13
C PRO B 416 67.90 2.91 21.86
N THR B 417 67.78 3.43 20.63
CA THR B 417 68.51 4.65 20.27
C THR B 417 67.70 5.91 20.59
N THR B 418 66.46 5.98 20.12
CA THR B 418 65.64 7.18 20.28
C THR B 418 65.00 7.29 21.64
N GLY B 419 64.88 6.20 22.39
CA GLY B 419 64.22 6.25 23.67
C GLY B 419 62.72 6.42 23.61
N ILE B 420 62.10 6.12 22.47
CA ILE B 420 60.66 6.29 22.29
C ILE B 420 59.97 5.02 22.80
N ILE B 421 59.09 5.20 23.78
CA ILE B 421 58.34 4.10 24.39
C ILE B 421 56.93 4.13 23.83
N ILE B 422 56.60 3.17 22.97
CA ILE B 422 55.28 3.07 22.40
C ILE B 422 54.38 2.32 23.37
N SER B 423 53.35 2.98 23.87
CA SER B 423 52.43 2.41 24.84
C SER B 423 51.06 2.28 24.19
N ASP B 424 50.76 1.08 23.68
CA ASP B 424 49.46 0.80 23.07
C ASP B 424 48.41 0.61 24.15
N LEU B 425 47.45 1.52 24.20
CA LEU B 425 46.34 1.46 25.16
C LEU B 425 45.03 1.53 24.37
N THR B 426 44.55 0.36 23.94
CA THR B 426 43.31 0.32 23.17
C THR B 426 42.10 0.50 24.08
N MET B 427 41.99 -0.33 25.12
CA MET B 427 40.92 -0.20 26.11
C MET B 427 41.60 -0.10 27.48
N GLU B 428 41.97 1.12 27.86
CA GLU B 428 42.55 1.41 29.16
C GLU B 428 41.71 2.42 29.93
N MET B 429 40.97 3.29 29.24
CA MET B 429 40.13 4.28 29.89
C MET B 429 38.99 4.64 28.96
N ASN B 430 37.89 5.13 29.54
CA ASN B 430 36.68 5.38 28.79
C ASN B 430 36.49 6.87 28.51
N ARG B 431 35.69 7.16 27.50
CA ARG B 431 35.50 8.52 27.00
C ARG B 431 34.02 8.72 26.69
N PHE B 432 33.48 9.88 27.08
CA PHE B 432 32.06 10.19 26.88
C PHE B 432 31.97 11.58 26.27
N ARG B 433 31.34 11.69 25.10
CA ARG B 433 31.19 12.98 24.44
C ARG B 433 29.87 13.62 24.83
N LEU B 434 29.94 14.72 25.57
CA LEU B 434 28.77 15.41 26.11
C LEU B 434 28.49 16.66 25.28
N ILE B 435 27.38 16.65 24.53
CA ILE B 435 27.10 17.67 23.52
C ILE B 435 25.82 18.41 23.90
N GLY B 436 25.90 19.72 24.01
CA GLY B 436 24.72 20.54 24.18
C GLY B 436 24.94 21.83 24.93
N PRO B 437 24.02 22.79 24.75
CA PRO B 437 24.08 24.01 25.58
C PRO B 437 23.76 23.75 27.04
N LEU B 438 22.73 22.93 27.31
CA LEU B 438 22.45 22.51 28.68
C LEU B 438 23.36 21.40 29.16
N SER B 439 24.20 20.85 28.29
CA SER B 439 25.23 19.89 28.70
C SER B 439 26.35 20.55 29.50
N HIS B 440 26.47 21.87 29.43
CA HIS B 440 27.43 22.61 30.23
C HIS B 440 26.92 22.87 31.64
N SER B 441 25.62 22.69 31.88
CA SER B 441 25.02 22.89 33.20
C SER B 441 24.96 21.59 34.00
N ILE B 442 24.58 20.49 33.35
CA ILE B 442 24.58 19.20 34.04
C ILE B 442 25.98 18.68 34.28
N LEU B 443 26.97 19.16 33.51
CA LEU B 443 28.36 18.86 33.81
C LEU B 443 28.83 19.65 35.03
N THR B 444 28.19 20.78 35.31
CA THR B 444 28.62 21.62 36.42
C THR B 444 27.85 21.29 37.70
N GLU B 445 26.53 21.08 37.59
CA GLU B 445 25.70 20.91 38.77
C GLU B 445 25.81 19.51 39.36
N ALA B 446 25.82 18.48 38.51
CA ALA B 446 25.88 17.11 39.01
C ALA B 446 27.28 16.75 39.49
N ILE B 447 28.29 17.05 38.69
CA ILE B 447 29.67 16.78 39.06
C ILE B 447 30.12 17.81 40.09
N LYS B 448 30.58 17.32 41.24
CA LYS B 448 31.12 18.17 42.29
C LYS B 448 32.58 17.81 42.54
N ALA B 449 33.40 18.83 42.81
CA ALA B 449 34.82 18.64 43.04
C ALA B 449 35.05 17.98 44.40
N ALA B 450 36.19 17.30 44.52
CA ALA B 450 36.51 16.58 45.75
C ALA B 450 36.99 17.57 46.81
N SER B 451 36.44 17.46 48.01
CA SER B 451 36.83 18.31 49.13
C SER B 451 38.17 17.87 49.67
N VAL B 452 39.21 18.65 49.40
CA VAL B 452 40.55 18.28 49.84
C VAL B 452 40.78 18.70 51.29
N HIS B 453 39.93 19.58 51.82
CA HIS B 453 40.13 20.07 53.18
C HIS B 453 39.51 19.15 54.22
N THR B 454 38.53 18.34 53.82
CA THR B 454 37.82 17.51 54.79
C THR B 454 38.61 16.27 55.16
N VAL B 455 39.21 15.60 54.17
CA VAL B 455 39.83 14.31 54.42
C VAL B 455 41.22 14.46 55.02
N GLY B 456 42.03 15.38 54.50
CA GLY B 456 43.43 15.49 54.84
C GLY B 456 43.78 16.06 56.19
N GLU B 457 42.82 16.28 57.09
CA GLU B 457 43.14 16.84 58.40
C GLU B 457 43.64 15.77 59.36
N ASP B 458 42.79 14.79 59.68
CA ASP B 458 43.14 13.78 60.67
C ASP B 458 42.82 12.34 60.27
N THR B 459 42.00 12.11 59.25
CA THR B 459 41.56 10.76 58.92
C THR B 459 42.63 10.04 58.09
N GLU B 460 43.21 9.00 58.66
CA GLU B 460 44.20 8.18 57.95
C GLU B 460 44.07 6.75 58.46
N GLU B 461 43.27 5.94 57.76
CA GLU B 461 43.06 4.54 58.13
C GLU B 461 43.19 3.61 56.93
N THR B 462 42.98 4.11 55.73
CA THR B 462 42.78 3.32 54.52
C THR B 462 43.60 3.96 53.41
N PRO B 463 44.08 3.15 52.43
CA PRO B 463 44.65 3.74 51.20
C PRO B 463 43.64 4.50 50.35
N HIS B 464 44.11 4.95 49.17
CA HIS B 464 43.91 6.27 48.53
C HIS B 464 44.92 7.24 49.13
N ARG B 465 46.01 6.70 49.69
CA ARG B 465 47.13 7.51 50.18
C ARG B 465 47.85 8.29 49.09
N TRP B 466 47.64 7.95 47.82
CA TRP B 466 48.18 8.73 46.71
C TRP B 466 47.61 10.15 46.67
N TRP B 467 46.36 10.32 47.10
CA TRP B 467 45.81 11.67 47.22
C TRP B 467 46.21 12.32 48.54
N ILE B 468 46.55 11.50 49.54
CA ILE B 468 47.01 12.03 50.82
C ILE B 468 48.38 12.65 50.68
N GLU B 469 49.26 12.02 49.88
CA GLU B 469 50.56 12.61 49.59
C GLU B 469 50.41 13.85 48.70
N THR B 470 49.36 13.90 47.89
CA THR B 470 49.05 15.10 47.13
C THR B 470 48.49 16.20 48.04
N CYS B 471 47.67 15.83 49.02
CA CYS B 471 47.15 16.81 49.98
C CYS B 471 48.23 17.28 50.94
N LYS B 472 49.29 16.49 51.12
CA LYS B 472 50.40 16.89 51.97
C LYS B 472 51.16 18.08 51.37
N LYS B 473 51.26 18.14 50.06
CA LYS B 473 51.89 19.28 49.39
C LYS B 473 50.98 20.49 49.48
N PRO B 474 51.43 21.62 50.02
CA PRO B 474 50.55 22.80 50.14
C PRO B 474 50.30 23.51 48.82
N ASP B 475 51.09 23.23 47.77
CA ASP B 475 50.86 23.86 46.49
C ASP B 475 49.64 23.25 45.79
N SER B 476 49.44 21.94 45.96
CA SER B 476 48.30 21.29 45.32
C SER B 476 47.00 21.58 46.05
N VAL B 477 47.07 21.99 47.31
CA VAL B 477 45.86 22.32 48.07
C VAL B 477 45.26 23.64 47.56
N SER B 478 46.10 24.66 47.38
CA SER B 478 45.63 25.93 46.85
C SER B 478 45.32 25.84 45.36
N LEU B 479 45.92 24.86 44.66
CA LEU B 479 45.65 24.71 43.24
C LEU B 479 44.30 24.05 42.99
N HIS B 480 43.88 23.16 43.90
CA HIS B 480 42.58 22.51 43.76
C HIS B 480 41.44 23.49 43.99
N CYS B 481 41.67 24.54 44.79
CA CYS B 481 40.66 25.57 44.96
C CYS B 481 40.51 26.42 43.71
N ARG B 482 41.61 26.63 42.97
CA ARG B 482 41.54 27.37 41.71
C ARG B 482 40.89 26.53 40.61
N GLN B 483 41.06 25.20 40.68
CA GLN B 483 40.40 24.33 39.71
C GLN B 483 38.90 24.27 39.96
N GLU B 484 38.46 24.41 41.21
CA GLU B 484 37.04 24.39 41.52
C GLU B 484 36.39 25.75 41.25
N ALA B 485 37.16 26.83 41.41
CA ALA B 485 36.61 28.18 41.25
C ALA B 485 36.27 28.47 39.78
N ILE B 486 37.10 28.01 38.86
CA ILE B 486 36.77 28.13 37.44
C ILE B 486 35.66 27.14 37.08
N PHE B 487 35.65 25.97 37.73
CA PHE B 487 34.59 25.00 37.50
C PHE B 487 33.24 25.48 38.03
N GLU B 488 33.24 26.23 39.14
CA GLU B 488 32.00 26.87 39.58
C GLU B 488 31.69 28.11 38.75
N LEU B 489 32.71 28.69 38.10
CA LEU B 489 32.48 29.78 37.16
C LEU B 489 31.86 29.28 35.86
N LEU B 490 31.95 27.98 35.57
CA LEU B 490 31.29 27.41 34.40
C LEU B 490 29.77 27.46 34.51
N GLY B 491 29.23 27.52 35.73
CA GLY B 491 27.80 27.75 35.88
C GLY B 491 27.38 29.14 35.45
N GLY B 492 28.29 30.12 35.57
CA GLY B 492 28.01 31.44 35.03
C GLY B 492 28.09 31.48 33.52
N ILE B 493 28.94 30.64 32.94
CA ILE B 493 29.01 30.51 31.48
C ILE B 493 27.76 29.81 30.98
N THR B 494 27.08 30.43 30.03
CA THR B 494 25.74 30.00 29.61
C THR B 494 25.76 28.91 28.56
N SER B 495 26.85 28.76 27.81
CA SER B 495 26.92 27.79 26.72
C SER B 495 28.37 27.50 26.39
N PRO B 496 28.70 26.28 25.97
CA PRO B 496 30.06 25.96 25.55
C PRO B 496 30.40 26.35 24.12
N ALA B 497 29.62 27.24 23.50
CA ALA B 497 29.94 27.68 22.15
C ALA B 497 31.01 28.77 22.14
N GLU B 498 31.11 29.55 23.21
CA GLU B 498 32.13 30.59 23.31
C GLU B 498 33.17 30.15 24.34
N ILE B 499 34.13 29.37 23.87
CA ILE B 499 35.32 28.93 24.58
C ILE B 499 36.26 28.52 23.44
N PRO B 500 37.50 29.09 23.36
CA PRO B 500 38.14 29.34 22.04
C PRO B 500 38.41 28.16 21.13
N ALA B 501 39.25 27.20 21.52
CA ALA B 501 39.54 26.06 20.63
C ALA B 501 40.03 24.89 21.49
N GLY B 502 39.12 23.95 21.78
CA GLY B 502 39.43 22.68 22.42
C GLY B 502 40.18 22.72 23.73
N THR B 503 39.69 23.48 24.71
CA THR B 503 40.43 23.70 25.94
C THR B 503 40.47 22.43 26.80
N ILE B 504 41.45 22.37 27.70
CA ILE B 504 41.68 21.23 28.56
C ILE B 504 41.74 21.72 30.00
N LEU B 505 40.92 21.11 30.87
CA LEU B 505 40.85 21.55 32.27
C LEU B 505 40.48 20.33 33.12
N GLY B 506 41.50 19.73 33.74
CA GLY B 506 41.27 18.58 34.60
C GLY B 506 41.33 18.94 36.07
N LEU B 507 40.52 18.25 36.87
CA LEU B 507 40.46 18.47 38.30
C LEU B 507 40.01 17.18 38.98
N THR B 508 40.01 17.19 40.31
CA THR B 508 39.71 16.01 41.12
C THR B 508 38.26 16.06 41.58
N VAL B 509 37.54 14.95 41.35
CA VAL B 509 36.09 14.91 41.49
C VAL B 509 35.69 13.83 42.48
N GLY B 510 34.97 14.23 43.53
CA GLY B 510 34.23 13.27 44.35
C GLY B 510 33.00 12.81 43.58
N ASP B 511 32.78 11.49 43.60
CA ASP B 511 31.90 10.83 42.61
C ASP B 511 30.46 11.31 42.71
N PRO B 512 29.81 11.62 41.57
CA PRO B 512 28.52 12.32 41.62
C PRO B 512 27.32 11.44 41.91
N ARG B 513 27.51 10.17 42.31
CA ARG B 513 26.36 9.39 42.74
C ARG B 513 26.08 9.55 44.24
N ILE B 514 26.84 10.43 44.91
CA ILE B 514 26.52 10.80 46.29
C ILE B 514 25.17 11.51 46.36
N ASN B 515 24.92 12.41 45.40
CA ASN B 515 23.65 13.12 45.37
C ASN B 515 22.51 12.20 44.96
N LEU B 516 22.54 11.70 43.71
CA LEU B 516 21.61 10.76 43.08
C LEU B 516 20.15 11.16 43.29
N PRO B 517 19.64 12.15 42.55
CA PRO B 517 18.26 12.62 42.77
C PRO B 517 17.22 11.55 42.47
N GLN B 518 16.15 11.59 43.26
CA GLN B 518 15.12 10.57 43.20
C GLN B 518 14.26 10.70 41.94
N LYS B 519 13.99 11.92 41.51
CA LYS B 519 13.20 12.15 40.32
C LYS B 519 14.00 11.80 39.08
N LYS B 520 13.29 11.52 37.98
CA LYS B 520 13.90 11.19 36.70
C LYS B 520 13.65 12.33 35.73
N SER B 521 14.69 12.66 34.94
CA SER B 521 14.72 13.81 34.03
C SER B 521 14.43 15.12 34.77
N LYS B 522 15.17 15.35 35.87
CA LYS B 522 15.01 16.55 36.69
C LYS B 522 15.86 17.66 36.08
N ALA B 523 15.27 18.36 35.11
CA ALA B 523 15.97 19.43 34.41
C ALA B 523 15.71 20.76 35.11
N LEU B 524 16.79 21.53 35.33
CA LEU B 524 16.69 22.81 35.98
C LEU B 524 17.32 23.90 35.11
N PRO B 525 16.73 25.10 35.07
CA PRO B 525 17.37 26.21 34.37
C PRO B 525 18.44 26.86 35.24
N ASN B 526 18.98 27.97 34.73
CA ASN B 526 19.99 28.71 35.45
C ASN B 526 19.39 29.46 36.65
N PRO B 527 20.19 29.73 37.68
CA PRO B 527 19.75 30.69 38.70
C PRO B 527 19.70 32.10 38.14
N GLU B 528 18.89 32.95 38.78
CA GLU B 528 18.70 34.31 38.31
C GLU B 528 19.85 35.24 38.68
N LYS B 529 20.83 34.78 39.46
CA LYS B 529 22.00 35.59 39.78
C LYS B 529 23.01 35.49 38.65
N CYS B 530 23.49 36.63 38.17
CA CYS B 530 24.41 36.71 37.05
C CYS B 530 25.56 37.67 37.36
N GLN B 531 26.16 37.50 38.54
CA GLN B 531 27.26 38.34 38.97
C GLN B 531 28.58 37.82 38.39
N ASP B 532 29.70 38.37 38.89
CA ASP B 532 31.07 38.01 38.50
C ASP B 532 31.29 38.22 37.00
N ASN B 533 31.16 39.47 36.58
CA ASN B 533 31.33 39.80 35.15
C ASN B 533 32.81 39.79 34.77
N GLU B 534 33.69 40.21 35.70
CA GLU B 534 35.11 40.29 35.38
C GLU B 534 35.77 38.91 35.34
N LYS B 535 35.22 37.94 36.07
CA LYS B 535 35.81 36.61 36.08
C LYS B 535 35.51 35.84 34.79
N VAL B 536 34.35 36.11 34.18
CA VAL B 536 33.98 35.43 32.94
C VAL B 536 34.83 35.93 31.78
N ARG B 537 35.09 37.26 31.75
CA ARG B 537 35.86 37.86 30.67
C ARG B 537 37.33 37.44 30.73
N GLN B 538 37.82 37.07 31.92
CA GLN B 538 39.19 36.58 32.05
C GLN B 538 39.39 35.25 31.33
N LEU B 539 38.37 34.40 31.30
CA LEU B 539 38.45 33.11 30.64
C LEU B 539 38.06 33.16 29.17
N LEU B 540 37.21 34.11 28.77
CA LEU B 540 36.80 34.21 27.37
C LEU B 540 37.92 34.77 26.50
N LEU B 541 38.61 35.81 26.96
CA LEU B 541 39.64 36.44 26.15
C LEU B 541 40.92 35.60 26.13
N GLU B 542 41.54 35.43 27.30
CA GLU B 542 42.81 34.71 27.36
C GLU B 542 42.59 33.20 27.28
N GLY B 543 41.90 32.64 28.27
CA GLY B 543 41.66 31.21 28.32
C GLY B 543 42.93 30.40 28.52
N VAL B 544 43.71 30.76 29.53
CA VAL B 544 44.99 30.09 29.80
C VAL B 544 44.91 29.46 31.20
N PRO B 545 44.31 28.25 31.36
CA PRO B 545 44.33 27.62 32.69
C PRO B 545 45.46 26.62 32.86
N VAL B 546 46.71 27.03 32.62
CA VAL B 546 47.83 26.09 32.63
C VAL B 546 48.11 25.54 34.04
N GLU B 547 47.98 26.38 35.06
CA GLU B 547 48.08 25.90 36.43
C GLU B 547 46.90 24.99 36.77
N CYS B 548 45.70 25.36 36.30
CA CYS B 548 44.51 24.57 36.61
C CYS B 548 44.40 23.30 35.77
N THR B 549 45.01 23.27 34.58
CA THR B 549 45.08 22.05 33.77
C THR B 549 46.13 21.13 34.40
N HIS B 550 45.65 20.10 35.08
CA HIS B 550 46.52 19.12 35.73
C HIS B 550 45.94 17.74 35.46
N SER B 551 46.35 17.13 34.35
CA SER B 551 45.85 15.81 33.95
C SER B 551 46.54 14.77 34.84
N PHE B 552 45.91 14.53 35.99
CA PHE B 552 46.47 13.64 37.00
C PHE B 552 46.21 12.17 36.68
N ILE B 553 45.42 11.88 35.66
CA ILE B 553 45.08 10.50 35.30
C ILE B 553 46.05 9.97 34.24
N TRP B 554 47.18 10.65 34.05
CA TRP B 554 48.20 10.20 33.11
C TRP B 554 49.30 9.39 33.79
N ASN B 555 49.17 9.13 35.08
CA ASN B 555 50.14 8.32 35.81
C ASN B 555 49.74 6.85 35.75
N GLN B 556 50.75 5.98 35.71
CA GLN B 556 50.49 4.56 35.49
C GLN B 556 50.09 3.85 36.78
N ASP B 557 50.86 4.06 37.86
CA ASP B 557 50.60 3.34 39.11
C ASP B 557 49.40 3.90 39.84
N ILE B 558 49.12 5.20 39.69
CA ILE B 558 47.99 5.82 40.37
C ILE B 558 46.67 5.38 39.73
N CYS B 559 46.64 5.28 38.40
CA CYS B 559 45.43 4.86 37.69
C CYS B 559 45.10 3.40 37.95
N LYS B 560 46.10 2.57 38.26
CA LYS B 560 45.86 1.20 38.65
C LYS B 560 45.15 1.13 40.00
N SER B 561 45.58 1.98 40.94
CA SER B 561 44.97 2.01 42.28
C SER B 561 43.55 2.55 42.27
N VAL B 562 43.15 3.28 41.21
CA VAL B 562 41.76 3.69 41.06
C VAL B 562 40.88 2.47 40.83
N THR B 563 41.36 1.52 40.02
CA THR B 563 40.61 0.33 39.64
C THR B 563 40.86 -0.82 40.62
N GLU B 564 41.90 -0.70 41.45
CA GLU B 564 42.33 -1.81 42.30
C GLU B 564 41.35 -2.07 43.45
N ASN B 565 40.58 -1.05 43.84
CA ASN B 565 39.70 -1.19 45.01
C ASN B 565 38.51 -2.08 44.71
N LYS B 566 38.04 -2.10 43.46
CA LYS B 566 36.92 -2.93 42.98
C LYS B 566 35.64 -2.67 43.77
N ILE B 567 35.17 -1.42 43.72
CA ILE B 567 33.98 -1.05 44.46
C ILE B 567 32.73 -1.66 43.83
N SER B 568 31.73 -1.93 44.67
CA SER B 568 30.46 -2.45 44.19
C SER B 568 29.45 -1.32 44.01
N ASP B 569 28.74 -1.36 42.90
CA ASP B 569 27.76 -0.34 42.57
C ASP B 569 26.38 -0.64 43.16
N GLN B 570 26.10 -1.90 43.50
CA GLN B 570 24.84 -2.30 44.12
C GLN B 570 24.87 -2.18 45.63
N ASP B 571 26.04 -2.39 46.25
CA ASP B 571 26.13 -2.27 47.71
C ASP B 571 26.03 -0.83 48.17
N LEU B 572 26.43 0.13 47.33
CA LEU B 572 26.23 1.53 47.67
C LEU B 572 24.77 1.95 47.47
N ASN B 573 24.04 1.25 46.59
CA ASN B 573 22.62 1.51 46.40
C ASN B 573 21.81 1.08 47.62
N ARG B 574 22.30 0.06 48.36
CA ARG B 574 21.65 -0.37 49.58
C ARG B 574 21.85 0.63 50.72
N MET B 575 22.89 1.47 50.64
CA MET B 575 23.18 2.42 51.71
C MET B 575 22.10 3.49 51.85
N ARG B 576 21.38 3.79 50.76
CA ARG B 576 20.22 4.67 50.87
C ARG B 576 18.99 3.95 51.41
N SER B 577 18.98 2.62 51.38
CA SER B 577 17.91 1.86 52.02
C SER B 577 18.26 1.49 53.45
N GLU B 578 19.53 1.56 53.83
CA GLU B 578 19.92 1.30 55.22
C GLU B 578 19.82 2.57 56.06
N LEU B 579 20.29 3.70 55.52
CA LEU B 579 20.21 4.96 56.25
C LEU B 579 18.81 5.56 56.24
N LEU B 580 18.04 5.30 55.17
CA LEU B 580 16.65 5.75 55.01
C LEU B 580 16.51 7.26 55.09
N VAL B 581 17.27 7.96 54.25
CA VAL B 581 17.17 9.42 54.16
C VAL B 581 15.95 9.78 53.31
N PRO B 582 15.01 10.57 53.86
CA PRO B 582 13.80 10.92 53.08
C PRO B 582 14.06 11.91 51.95
N GLY B 583 14.79 12.99 52.23
CA GLY B 583 15.07 13.99 51.23
C GLY B 583 16.44 14.62 51.36
N SER B 584 17.37 13.93 52.01
CA SER B 584 18.69 14.48 52.25
C SER B 584 19.74 13.58 51.59
N GLN B 585 20.88 14.18 51.29
CA GLN B 585 22.01 13.48 50.68
C GLN B 585 23.12 13.39 51.73
N LEU B 586 23.04 12.35 52.56
CA LEU B 586 23.95 12.17 53.68
C LEU B 586 24.71 10.87 53.49
N ILE B 587 25.94 10.98 52.99
CA ILE B 587 26.85 9.85 52.84
C ILE B 587 28.06 10.08 53.74
N LEU B 588 28.39 9.08 54.55
CA LEU B 588 29.53 9.17 55.45
C LEU B 588 30.83 9.18 54.65
N GLY B 589 31.67 10.18 54.91
CA GLY B 589 32.87 10.37 54.13
C GLY B 589 34.26 10.30 54.78
N PRO B 590 34.59 9.28 55.59
CA PRO B 590 35.99 9.19 56.04
C PRO B 590 36.93 8.79 54.91
N HIS B 591 36.44 7.98 53.96
CA HIS B 591 37.20 7.59 52.77
C HIS B 591 36.21 7.49 51.62
N GLU B 592 36.40 8.31 50.60
CA GLU B 592 35.49 8.34 49.46
C GLU B 592 36.22 8.08 48.15
N SER B 593 35.50 8.23 47.04
CA SER B 593 36.06 8.01 45.71
C SER B 593 36.55 9.35 45.16
N LYS B 594 37.73 9.74 45.62
CA LYS B 594 38.31 11.04 45.28
C LYS B 594 39.28 10.88 44.11
N ILE B 595 38.72 10.53 42.96
CA ILE B 595 39.52 10.27 41.77
C ILE B 595 39.28 11.35 40.73
N PRO B 596 40.31 11.81 40.01
CA PRO B 596 40.13 12.91 39.06
C PRO B 596 39.64 12.44 37.69
N ILE B 597 39.15 13.41 36.93
CA ILE B 597 38.74 13.19 35.55
C ILE B 597 39.30 14.33 34.70
N LEU B 598 38.96 14.34 33.41
CA LEU B 598 39.46 15.35 32.49
C LEU B 598 38.29 15.91 31.69
N LEU B 599 38.34 17.21 31.42
CA LEU B 599 37.27 17.92 30.72
C LEU B 599 37.85 18.60 29.49
N ILE B 600 37.39 18.18 28.31
CA ILE B 600 37.83 18.72 27.03
C ILE B 600 36.60 19.00 26.18
N GLN B 601 36.44 20.25 25.74
CA GLN B 601 35.32 20.58 24.86
C GLN B 601 35.77 20.56 23.40
N GLN B 602 34.80 20.52 22.50
CA GLN B 602 35.06 20.50 21.07
C GLN B 602 34.13 21.49 20.35
N PRO B 603 34.66 22.40 19.54
CA PRO B 603 33.80 23.26 18.74
C PRO B 603 33.32 22.58 17.47
N GLY B 604 32.22 23.09 16.94
CA GLY B 604 31.60 22.55 15.74
C GLY B 604 31.42 23.64 14.69
N LYS B 605 31.68 23.27 13.43
CA LYS B 605 31.58 24.14 12.26
C LYS B 605 32.47 25.37 12.41
N VAL B 606 33.77 25.10 12.54
CA VAL B 606 34.76 26.17 12.63
C VAL B 606 35.07 26.71 11.25
N THR B 607 35.22 25.81 10.27
CA THR B 607 35.50 26.23 8.90
C THR B 607 34.26 26.84 8.24
N GLY B 608 33.09 26.25 8.49
CA GLY B 608 31.87 26.78 7.91
C GLY B 608 31.38 28.00 8.67
N GLU B 609 31.00 29.04 7.92
CA GLU B 609 30.55 30.29 8.49
C GLU B 609 29.02 30.39 8.54
N ASP B 610 28.31 29.27 8.52
CA ASP B 610 26.86 29.29 8.56
C ASP B 610 26.31 29.38 9.98
N ARG B 611 26.77 28.51 10.87
CA ARG B 611 26.29 28.51 12.25
C ARG B 611 27.32 29.02 13.25
N LEU B 612 28.59 28.61 13.10
CA LEU B 612 29.71 28.98 13.99
C LEU B 612 29.43 28.58 15.43
N GLY B 613 29.42 27.26 15.65
CA GLY B 613 29.19 26.74 16.98
C GLY B 613 27.98 25.83 17.12
N TRP B 614 27.69 25.05 16.08
CA TRP B 614 26.59 24.09 16.16
C TRP B 614 26.90 22.96 17.12
N GLY B 615 27.95 22.19 16.85
CA GLY B 615 28.32 21.09 17.71
C GLY B 615 29.25 21.49 18.83
N SER B 616 28.69 21.74 20.01
CA SER B 616 29.46 22.14 21.19
C SER B 616 29.52 20.93 22.12
N GLY B 617 30.60 20.18 22.02
CA GLY B 617 30.67 18.91 22.72
C GLY B 617 31.82 18.76 23.70
N TRP B 618 31.49 18.58 24.98
CA TRP B 618 32.46 18.26 26.01
C TRP B 618 32.85 16.79 25.94
N ASP B 619 34.06 16.49 26.42
CA ASP B 619 34.53 15.12 26.55
C ASP B 619 34.98 14.90 27.98
N VAL B 620 34.36 13.94 28.67
CA VAL B 620 34.71 13.61 30.04
C VAL B 620 35.56 12.35 30.00
N LEU B 621 36.87 12.52 30.15
CA LEU B 621 37.82 11.41 30.15
C LEU B 621 38.01 10.91 31.57
N LEU B 622 38.05 9.60 31.73
CA LEU B 622 37.97 8.94 33.03
C LEU B 622 38.51 7.53 32.89
N PRO B 623 39.02 6.93 34.00
CA PRO B 623 39.57 5.56 33.91
C PRO B 623 38.54 4.46 33.61
N LYS B 624 39.02 3.22 33.58
CA LYS B 624 38.19 2.12 33.09
C LYS B 624 37.20 1.61 34.14
N GLY B 625 37.54 1.70 35.42
CA GLY B 625 36.67 1.16 36.46
C GLY B 625 35.42 1.95 36.73
N TRP B 626 35.41 3.24 36.38
CA TRP B 626 34.27 4.12 36.61
C TRP B 626 33.41 4.31 35.37
N GLY B 627 32.67 3.26 35.00
CA GLY B 627 31.96 3.27 33.74
C GLY B 627 30.53 3.72 33.91
N MET B 628 29.61 2.76 34.02
CA MET B 628 28.19 3.05 34.20
C MET B 628 27.90 3.77 35.52
N ALA B 629 28.81 3.69 36.51
CA ALA B 629 28.63 4.38 37.78
C ALA B 629 28.67 5.90 37.60
N PHE B 630 29.43 6.38 36.61
CA PHE B 630 29.38 7.80 36.27
C PHE B 630 28.36 8.11 35.19
N TRP B 631 27.85 7.10 34.48
CA TRP B 631 26.84 7.31 33.45
C TRP B 631 25.50 7.67 34.08
N ILE B 632 25.11 6.93 35.12
CA ILE B 632 23.78 6.99 35.70
C ILE B 632 23.39 8.31 36.41
N PRO B 633 24.28 9.18 36.95
CA PRO B 633 23.74 10.45 37.47
C PRO B 633 23.32 11.42 36.37
N PHE B 634 23.81 11.24 35.15
CA PHE B 634 23.42 12.13 34.06
C PHE B 634 22.03 11.78 33.51
N ILE B 635 21.61 10.52 33.68
CA ILE B 635 20.35 10.08 33.11
C ILE B 635 19.16 10.70 33.84
N TYR B 636 19.29 10.89 35.15
CA TYR B 636 18.20 11.47 35.94
C TYR B 636 18.17 12.99 35.92
N ARG B 637 18.92 13.63 35.01
CA ARG B 637 18.89 15.08 34.88
C ARG B 637 18.17 15.56 33.64
N GLY B 638 17.89 14.69 32.68
CA GLY B 638 17.16 15.09 31.49
C GLY B 638 17.89 14.86 30.19
N VAL B 639 18.76 13.86 30.15
CA VAL B 639 19.56 13.60 28.96
C VAL B 639 18.91 12.49 28.14
N ARG B 640 18.71 12.76 26.85
CA ARG B 640 18.33 11.75 25.88
C ARG B 640 19.56 11.35 25.07
N VAL B 641 19.84 10.05 25.05
CA VAL B 641 21.11 9.51 24.55
C VAL B 641 20.89 8.88 23.18
N GLY B 642 21.69 9.29 22.20
CA GLY B 642 21.66 8.69 20.88
C GLY B 642 22.72 7.61 20.72
N GLY B 643 22.91 7.19 19.48
CA GLY B 643 23.85 6.14 19.14
C GLY B 643 24.73 6.52 17.96
N LEU B 644 25.04 5.50 17.16
CA LEU B 644 25.91 5.69 15.99
C LEU B 644 25.21 6.49 14.90
N LYS B 645 23.89 6.31 14.75
CA LYS B 645 23.14 7.13 13.80
C LYS B 645 23.08 8.58 14.28
N GLU B 646 23.01 8.79 15.59
CA GLU B 646 23.13 10.13 16.14
C GLU B 646 24.57 10.63 16.09
N SER B 647 25.54 9.72 16.05
CA SER B 647 26.91 10.08 15.75
C SER B 647 27.15 10.36 14.28
N ALA B 648 26.22 9.95 13.41
CA ALA B 648 26.28 10.24 11.98
C ALA B 648 25.68 11.58 11.61
N VAL B 649 24.63 12.01 12.33
CA VAL B 649 24.10 13.36 12.14
C VAL B 649 24.92 14.41 12.85
N HIS B 650 25.89 14.00 13.68
CA HIS B 650 26.80 14.93 14.32
C HIS B 650 27.74 15.59 13.32
N SER B 651 28.08 14.89 12.24
CA SER B 651 29.05 15.40 11.28
C SER B 651 28.41 15.89 9.99
N GLN B 652 27.31 15.30 9.54
CA GLN B 652 26.71 15.69 8.27
C GLN B 652 25.97 17.01 8.35
N TYR B 653 25.53 17.44 9.53
CA TYR B 653 24.98 18.77 9.72
C TYR B 653 26.04 19.76 10.16
N LYS B 654 27.27 19.29 10.37
CA LYS B 654 28.40 20.12 10.74
C LYS B 654 29.33 20.28 9.55
N ARG B 655 29.02 19.62 8.42
CA ARG B 655 29.63 19.73 7.10
C ARG B 655 31.06 19.18 7.07
N SER B 656 31.45 18.33 8.06
CA SER B 656 32.66 17.53 8.13
C SER B 656 32.35 16.09 7.75
N PRO B 657 33.24 15.43 7.02
CA PRO B 657 33.00 14.02 6.65
C PRO B 657 33.19 13.09 7.84
N ASN B 658 32.50 11.95 7.80
CA ASN B 658 32.56 10.99 8.90
C ASN B 658 33.91 10.26 8.92
N VAL B 659 34.41 10.04 10.13
CA VAL B 659 35.70 9.40 10.36
C VAL B 659 35.85 7.90 10.02
N PRO B 660 34.79 6.98 10.06
CA PRO B 660 35.12 5.57 9.76
C PRO B 660 35.55 5.27 8.33
N GLY B 661 34.70 5.54 7.35
CA GLY B 661 35.04 5.20 5.98
C GLY B 661 34.49 6.08 4.88
N ASP B 662 33.83 7.19 5.23
CA ASP B 662 33.18 8.00 4.20
C ASP B 662 34.16 8.86 3.41
N PHE B 663 35.32 9.17 3.97
CA PHE B 663 36.33 9.84 3.15
C PHE B 663 37.21 8.80 2.48
N PRO B 664 37.49 8.92 1.17
CA PRO B 664 38.27 7.88 0.49
C PRO B 664 39.78 7.99 0.71
N ASP B 665 40.32 7.09 1.52
CA ASP B 665 41.76 6.92 1.62
C ASP B 665 42.11 5.49 1.16
N CYS B 666 43.41 5.17 1.15
CA CYS B 666 43.82 3.85 0.67
C CYS B 666 43.60 2.73 1.69
N PRO B 667 44.07 2.78 2.98
CA PRO B 667 43.90 1.59 3.82
C PRO B 667 42.53 1.46 4.46
N ALA B 668 41.83 2.56 4.67
CA ALA B 668 40.61 2.57 5.49
C ALA B 668 39.32 2.70 4.70
N GLY B 669 39.24 3.64 3.76
CA GLY B 669 38.00 3.89 3.06
C GLY B 669 37.64 2.81 2.04
N MET B 670 38.64 2.08 1.55
CA MET B 670 38.36 1.01 0.61
C MET B 670 37.76 -0.21 1.29
N LEU B 671 38.01 -0.38 2.59
CA LEU B 671 37.45 -1.51 3.32
C LEU B 671 36.02 -1.24 3.79
N PHE B 672 35.69 0.02 4.12
CA PHE B 672 34.34 0.33 4.56
C PHE B 672 33.38 0.50 3.39
N ALA B 673 33.86 1.02 2.25
CA ALA B 673 33.00 1.16 1.07
C ALA B 673 32.66 -0.20 0.48
N GLU B 674 33.59 -1.16 0.58
CA GLU B 674 33.28 -2.53 0.20
C GLU B 674 32.30 -3.16 1.19
N GLU B 675 32.46 -2.85 2.48
CA GLU B 675 31.49 -3.30 3.48
C GLU B 675 30.15 -2.60 3.29
N GLN B 676 30.17 -1.34 2.84
CA GLN B 676 28.93 -0.65 2.47
C GLN B 676 28.32 -1.25 1.22
N ALA B 677 29.14 -1.74 0.29
CA ALA B 677 28.65 -2.40 -0.91
C ALA B 677 28.11 -3.80 -0.65
N LYS B 678 28.49 -4.42 0.46
CA LYS B 678 27.97 -5.75 0.78
C LYS B 678 26.61 -5.69 1.47
N ASN B 679 26.24 -4.54 2.05
CA ASN B 679 24.96 -4.43 2.73
C ASN B 679 23.82 -4.15 1.75
N LEU B 680 24.04 -3.20 0.83
CA LEU B 680 22.98 -2.80 -0.07
C LEU B 680 22.82 -3.75 -1.26
N LEU B 681 23.88 -4.50 -1.61
CA LEU B 681 23.73 -5.54 -2.62
C LEU B 681 22.94 -6.71 -2.09
N GLU B 682 23.05 -7.00 -0.79
CA GLU B 682 22.19 -7.98 -0.15
C GLU B 682 20.75 -7.49 -0.11
N LYS B 683 20.55 -6.19 0.11
CA LYS B 683 19.21 -5.61 0.05
C LYS B 683 18.68 -5.51 -1.38
N TYR B 684 19.56 -5.41 -2.37
CA TYR B 684 19.12 -5.34 -3.75
C TYR B 684 18.66 -6.70 -4.25
N LYS B 685 19.37 -7.76 -3.87
CA LYS B 685 18.95 -9.11 -4.26
C LYS B 685 17.78 -9.60 -3.42
N ARG B 686 17.53 -8.96 -2.28
CA ARG B 686 16.41 -9.36 -1.42
C ARG B 686 15.08 -8.97 -2.04
N ARG B 687 15.01 -7.80 -2.68
CA ARG B 687 13.76 -7.34 -3.26
C ARG B 687 13.54 -7.97 -4.62
N PRO B 688 12.38 -8.56 -4.88
CA PRO B 688 12.10 -9.12 -6.21
C PRO B 688 11.89 -8.02 -7.23
N PRO B 689 12.00 -8.32 -8.53
CA PRO B 689 11.76 -7.29 -9.55
C PRO B 689 10.30 -6.87 -9.63
N ALA B 690 10.06 -5.84 -10.44
CA ALA B 690 8.83 -5.03 -10.54
C ALA B 690 8.47 -4.34 -9.23
N LYS B 691 9.44 -4.14 -8.33
CA LYS B 691 9.22 -3.42 -7.08
C LYS B 691 10.27 -2.33 -6.94
N ARG B 692 11.47 -2.59 -7.46
CA ARG B 692 12.58 -1.64 -7.46
C ARG B 692 12.77 -1.04 -8.84
N PRO B 693 13.24 0.21 -8.92
CA PRO B 693 13.55 0.78 -10.24
C PRO B 693 14.88 0.27 -10.76
N ASN B 694 14.94 0.01 -12.06
CA ASN B 694 16.17 -0.44 -12.67
C ASN B 694 17.18 0.70 -12.78
N TYR B 695 18.46 0.31 -12.84
CA TYR B 695 19.55 1.28 -12.80
C TYR B 695 20.29 1.40 -14.13
N VAL B 696 20.09 0.48 -15.07
CA VAL B 696 20.66 0.64 -16.40
C VAL B 696 19.85 1.65 -17.20
N LYS B 697 18.54 1.70 -16.96
CA LYS B 697 17.67 2.58 -17.73
C LYS B 697 17.82 4.03 -17.30
N LEU B 698 18.04 4.27 -16.01
CA LEU B 698 18.04 5.63 -15.46
C LEU B 698 19.42 6.26 -15.45
N GLY B 699 20.38 5.65 -14.73
CA GLY B 699 21.66 6.28 -14.54
C GLY B 699 22.88 5.43 -14.84
N THR B 700 23.74 5.27 -13.85
CA THR B 700 25.04 4.62 -13.99
C THR B 700 25.21 3.69 -12.79
N LEU B 701 26.46 3.27 -12.53
CA LEU B 701 26.77 2.39 -11.42
C LEU B 701 26.47 3.05 -10.08
N ALA B 702 25.40 2.61 -9.43
CA ALA B 702 24.87 3.23 -8.22
C ALA B 702 23.97 2.21 -7.53
N PRO B 703 23.82 2.29 -6.19
CA PRO B 703 24.42 3.15 -5.16
C PRO B 703 25.74 2.58 -4.64
N PHE B 704 26.56 2.03 -5.53
CA PHE B 704 27.83 1.41 -5.16
C PHE B 704 28.94 2.40 -5.51
N CYS B 705 29.48 3.05 -4.48
CA CYS B 705 30.36 4.20 -4.63
C CYS B 705 31.81 3.83 -4.86
N CYS B 706 32.09 2.99 -5.85
CA CYS B 706 33.47 2.76 -6.31
C CYS B 706 33.65 2.78 -7.84
N PRO B 707 33.35 3.89 -8.52
CA PRO B 707 34.05 4.13 -9.80
C PRO B 707 35.23 5.09 -9.72
N TRP B 708 35.60 5.59 -8.54
CA TRP B 708 36.66 6.61 -8.52
C TRP B 708 38.07 6.03 -8.64
N GLU B 709 38.20 4.71 -8.79
CA GLU B 709 39.46 4.16 -9.25
C GLU B 709 39.69 4.48 -10.73
N GLN B 710 38.60 4.67 -11.48
CA GLN B 710 38.67 5.05 -12.88
C GLN B 710 38.02 6.40 -13.19
N LEU B 711 37.28 7.00 -12.24
CA LEU B 711 36.67 8.30 -12.51
C LEU B 711 37.70 9.41 -12.45
N THR B 712 38.61 9.36 -11.48
CA THR B 712 39.68 10.35 -11.40
C THR B 712 40.73 10.13 -12.49
N GLN B 713 40.83 8.91 -13.01
CA GLN B 713 41.68 8.66 -14.16
C GLN B 713 41.03 9.12 -15.47
N ASP B 714 39.72 9.35 -15.44
CA ASP B 714 39.01 9.76 -16.65
C ASP B 714 39.03 11.28 -16.81
N TRP B 715 38.87 12.01 -15.70
CA TRP B 715 38.89 13.47 -15.76
C TRP B 715 40.28 14.03 -16.02
N GLU B 716 41.34 13.25 -15.80
CA GLU B 716 42.66 13.66 -16.24
C GLU B 716 42.91 13.26 -17.68
N SER B 717 42.18 12.25 -18.17
CA SER B 717 42.28 11.86 -19.57
C SER B 717 41.50 12.78 -20.50
N ARG B 718 40.61 13.60 -19.96
CA ARG B 718 39.85 14.54 -20.79
C ARG B 718 40.67 15.79 -21.09
N VAL B 719 41.49 16.21 -20.13
CA VAL B 719 42.22 17.47 -20.24
C VAL B 719 43.63 17.26 -20.80
N GLN B 720 44.39 16.33 -20.22
CA GLN B 720 45.79 16.14 -20.57
C GLN B 720 46.00 15.49 -21.92
N ALA B 721 44.97 14.88 -22.51
CA ALA B 721 45.09 14.27 -23.83
C ALA B 721 44.80 15.25 -24.96
N TYR B 722 44.47 16.49 -24.65
CA TYR B 722 44.20 17.49 -25.67
C TYR B 722 45.24 18.62 -25.63
N SER B 801 51.04 7.86 -7.41
CA SER B 801 50.18 8.97 -6.97
C SER B 801 48.74 8.74 -7.39
N HIS B 802 47.89 8.39 -6.42
CA HIS B 802 46.49 8.14 -6.68
C HIS B 802 45.69 8.43 -5.42
N LEU B 803 44.43 8.81 -5.60
CA LEU B 803 43.45 9.06 -4.54
C LEU B 803 43.93 10.17 -3.59
N CYS B 804 44.10 11.34 -4.17
CA CYS B 804 44.60 12.51 -3.45
C CYS B 804 43.44 13.35 -2.95
N VAL B 805 43.56 13.82 -1.72
CA VAL B 805 42.57 14.70 -1.10
C VAL B 805 43.25 16.02 -0.75
N LEU B 806 42.77 17.12 -1.34
CA LEU B 806 43.35 18.44 -1.09
C LEU B 806 42.70 19.00 0.17
N ARG B 807 43.17 18.53 1.31
CA ARG B 807 42.87 19.15 2.61
C ARG B 807 43.96 20.11 3.04
N SER B 808 44.33 21.01 2.13
CA SER B 808 45.33 22.04 2.37
C SER B 808 44.59 23.37 2.41
N ARG B 809 44.46 23.94 3.61
CA ARG B 809 43.59 25.09 3.82
C ARG B 809 44.15 26.39 3.27
N LYS B 810 45.40 26.41 2.79
CA LYS B 810 45.88 27.59 2.09
C LYS B 810 45.37 27.65 0.65
N LEU B 811 45.21 26.50 0.01
CA LEU B 811 44.62 26.46 -1.33
C LEU B 811 43.11 26.45 -1.28
N LEU B 812 42.52 26.06 -0.14
CA LEU B 812 41.07 26.05 -0.02
C LEU B 812 40.51 27.45 0.20
N LYS B 813 41.37 28.40 0.61
CA LYS B 813 40.95 29.80 0.65
C LYS B 813 40.74 30.35 -0.76
N GLN B 814 41.57 29.91 -1.71
CA GLN B 814 41.41 30.34 -3.09
C GLN B 814 40.19 29.69 -3.74
N LEU B 815 39.98 28.40 -3.47
CA LEU B 815 38.83 27.69 -4.06
C LEU B 815 37.51 28.15 -3.45
N SER B 816 37.54 28.70 -2.24
CA SER B 816 36.33 29.27 -1.66
C SER B 816 35.94 30.57 -2.34
N ALA B 817 36.90 31.27 -2.94
CA ALA B 817 36.59 32.55 -3.58
C ALA B 817 35.92 32.37 -4.93
N TRP B 818 36.21 31.27 -5.63
CA TRP B 818 35.62 31.05 -6.95
C TRP B 818 34.17 30.59 -6.83
N CYS B 819 33.92 29.61 -5.95
CA CYS B 819 32.60 28.99 -5.88
C CYS B 819 31.67 29.71 -4.91
N GLY B 820 32.24 30.31 -3.87
CA GLY B 820 31.45 30.90 -2.82
C GLY B 820 30.71 32.17 -3.23
N PRO B 821 31.44 33.26 -3.45
CA PRO B 821 30.80 34.49 -3.93
C PRO B 821 30.42 34.35 -5.40
N SER B 822 29.11 34.37 -5.67
CA SER B 822 28.58 34.32 -7.03
C SER B 822 27.61 35.49 -7.20
N SER B 823 28.15 36.66 -7.50
CA SER B 823 27.40 37.90 -7.69
C SER B 823 28.34 38.90 -8.34
N GLU B 824 27.77 40.02 -8.79
CA GLU B 824 28.54 41.09 -9.39
C GLU B 824 27.77 42.39 -9.26
N ASP B 825 28.29 43.32 -8.46
CA ASP B 825 27.71 44.64 -8.32
C ASP B 825 28.63 45.72 -8.89
N SER B 826 29.85 45.85 -8.37
CA SER B 826 30.85 46.74 -8.96
C SER B 826 32.06 45.98 -9.45
N ARG B 827 32.77 45.28 -8.56
CA ARG B 827 33.95 44.49 -8.95
C ARG B 827 33.93 43.07 -8.40
N GLY B 828 33.43 42.87 -7.19
CA GLY B 828 33.57 41.57 -6.53
C GLY B 828 32.27 40.93 -6.11
N GLY B 829 32.37 39.77 -5.47
CA GLY B 829 31.20 39.02 -5.02
C GLY B 829 30.67 39.46 -3.68
N ARG B 830 29.43 39.99 -3.68
CA ARG B 830 28.59 40.29 -2.53
C ARG B 830 29.05 41.48 -1.69
N ARG B 831 30.24 42.03 -1.99
CA ARG B 831 30.73 43.23 -1.34
C ARG B 831 31.83 43.83 -2.21
N ALA B 832 31.87 45.16 -2.27
CA ALA B 832 32.82 45.89 -3.10
C ALA B 832 34.21 46.02 -2.49
N PRO B 833 34.42 46.32 -1.15
CA PRO B 833 35.80 46.26 -0.63
C PRO B 833 36.37 44.85 -0.62
N GLY B 834 35.66 43.91 0.00
CA GLY B 834 36.06 42.52 -0.01
C GLY B 834 37.10 42.10 1.01
N ARG B 835 38.07 43.00 1.28
CA ARG B 835 39.23 42.74 2.14
C ARG B 835 40.01 41.51 1.69
N GLY B 836 40.14 41.35 0.37
CA GLY B 836 40.83 40.21 -0.21
C GLY B 836 41.44 40.53 -1.55
N GLN B 837 41.56 39.50 -2.41
CA GLN B 837 42.13 39.67 -3.74
C GLN B 837 41.16 39.07 -4.76
N GLN B 838 40.54 39.93 -5.56
CA GLN B 838 39.65 39.50 -6.63
C GLN B 838 40.37 39.59 -7.97
N GLY B 839 40.26 38.55 -8.78
CA GLY B 839 40.93 38.53 -10.07
C GLY B 839 40.70 37.25 -10.86
N LEU B 840 40.77 37.36 -12.18
CA LEU B 840 40.57 36.23 -13.09
C LEU B 840 41.90 35.84 -13.70
N THR B 841 42.37 34.63 -13.40
CA THR B 841 43.62 34.12 -13.98
C THR B 841 43.42 32.62 -14.21
N ARG B 842 43.19 32.26 -15.47
CA ARG B 842 42.98 30.85 -15.81
C ARG B 842 44.29 30.09 -15.96
N GLU B 843 45.40 30.79 -16.16
CA GLU B 843 46.68 30.11 -16.29
C GLU B 843 47.20 29.60 -14.95
N ALA B 844 46.86 30.30 -13.86
CA ALA B 844 47.27 29.84 -12.54
C ALA B 844 46.42 28.66 -12.08
N CYS B 845 45.19 28.54 -12.60
CA CYS B 845 44.35 27.40 -12.25
C CYS B 845 44.84 26.11 -12.91
N LEU B 846 45.43 26.24 -14.10
CA LEU B 846 46.02 25.07 -14.76
C LEU B 846 47.32 24.64 -14.10
N SER B 847 48.03 25.55 -13.44
CA SER B 847 49.24 25.19 -12.72
C SER B 847 48.96 24.43 -11.43
N ILE B 848 47.78 24.63 -10.84
CA ILE B 848 47.39 23.86 -9.66
C ILE B 848 47.08 22.42 -10.06
N LEU B 849 46.49 22.23 -11.24
CA LEU B 849 46.13 20.89 -11.70
C LEU B 849 47.35 20.07 -12.08
N GLY B 850 48.40 20.72 -12.59
CA GLY B 850 49.63 20.00 -12.89
C GLY B 850 50.46 19.77 -11.64
N HIS B 851 50.25 20.58 -10.59
CA HIS B 851 50.98 20.39 -9.35
C HIS B 851 50.39 19.26 -8.52
N PHE B 852 49.05 19.18 -8.46
CA PHE B 852 48.34 18.10 -7.77
C PHE B 852 47.50 17.34 -8.78
N PRO B 853 48.06 16.32 -9.43
CA PRO B 853 47.27 15.49 -10.34
C PRO B 853 46.46 14.44 -9.59
N ARG B 854 45.30 14.14 -10.16
CA ARG B 854 44.36 13.11 -9.67
C ARG B 854 43.94 13.40 -8.23
N ALA B 855 43.23 14.50 -8.03
CA ALA B 855 42.82 14.96 -6.71
C ALA B 855 41.30 14.82 -6.54
N LEU B 856 40.85 15.11 -5.31
CA LEU B 856 39.46 14.89 -4.94
C LEU B 856 39.14 15.76 -3.72
N VAL B 857 38.22 16.71 -3.89
CA VAL B 857 37.93 17.72 -2.87
C VAL B 857 36.45 17.61 -2.50
N TRP B 858 36.17 17.64 -1.20
CA TRP B 858 34.80 17.63 -0.69
C TRP B 858 34.13 18.98 -0.92
N VAL B 859 32.81 18.93 -1.10
CA VAL B 859 31.99 20.12 -1.36
C VAL B 859 30.71 20.03 -0.55
N SER B 860 30.43 21.08 0.22
CA SER B 860 29.12 21.28 0.82
C SER B 860 28.23 22.04 -0.16
N LEU B 861 26.99 21.59 -0.31
CA LEU B 861 26.10 22.14 -1.32
C LEU B 861 24.69 22.26 -0.75
N SER B 862 23.96 23.28 -1.22
CA SER B 862 22.69 23.66 -0.63
C SER B 862 21.61 23.75 -1.69
N LEU B 863 20.57 22.93 -1.56
CA LEU B 863 19.43 22.99 -2.45
C LEU B 863 18.60 24.25 -2.19
N LEU B 864 18.02 24.80 -3.26
CA LEU B 864 17.17 25.98 -3.13
C LEU B 864 15.75 25.60 -2.72
N SER B 865 15.06 24.85 -3.58
CA SER B 865 13.67 24.49 -3.31
C SER B 865 13.33 23.22 -4.08
N LYS B 866 12.41 22.44 -3.49
CA LYS B 866 11.84 21.21 -4.04
C LYS B 866 12.95 20.19 -4.35
N GLY B 867 13.57 19.73 -3.27
CA GLY B 867 14.62 18.73 -3.39
C GLY B 867 14.79 17.97 -2.09
N SER B 868 15.23 16.72 -2.24
CA SER B 868 15.48 15.85 -1.10
C SER B 868 16.62 14.90 -1.42
N PRO B 869 17.82 15.14 -0.92
CA PRO B 869 18.98 14.32 -1.31
C PRO B 869 19.00 12.99 -0.60
N GLU B 870 19.29 11.94 -1.37
CA GLU B 870 19.51 10.60 -0.86
C GLU B 870 21.01 10.37 -0.72
N PRO B 871 21.47 9.29 -0.10
CA PRO B 871 22.87 8.89 -0.27
C PRO B 871 23.15 8.40 -1.68
N HIS B 872 24.43 8.48 -2.05
CA HIS B 872 24.99 7.99 -3.31
C HIS B 872 24.38 8.67 -4.54
N THR B 873 23.94 9.92 -4.43
CA THR B 873 23.41 10.64 -5.58
C THR B 873 24.53 11.31 -6.36
N MET B 874 24.30 11.50 -7.65
CA MET B 874 25.32 11.99 -8.56
C MET B 874 25.14 13.48 -8.85
N ILE B 875 26.25 14.20 -8.87
CA ILE B 875 26.28 15.62 -9.22
C ILE B 875 26.61 15.72 -10.70
N CYS B 876 25.83 16.51 -11.44
CA CYS B 876 25.93 16.58 -12.89
C CYS B 876 26.19 18.01 -13.35
N VAL B 877 27.06 18.17 -14.35
CA VAL B 877 27.38 19.51 -14.87
C VAL B 877 26.18 20.04 -15.65
N PRO B 878 25.71 21.26 -15.38
CA PRO B 878 24.61 21.82 -16.17
C PRO B 878 25.07 22.24 -17.56
N ALA B 879 24.08 22.42 -18.44
CA ALA B 879 24.34 22.86 -19.80
C ALA B 879 24.06 24.35 -19.93
N LYS B 880 24.18 24.86 -21.17
CA LYS B 880 23.92 26.28 -21.40
C LYS B 880 22.43 26.59 -21.41
N GLU B 881 21.59 25.60 -21.73
CA GLU B 881 20.15 25.80 -21.74
C GLU B 881 19.55 25.76 -20.34
N ASP B 882 20.28 25.26 -19.35
CA ASP B 882 19.76 25.21 -18.00
C ASP B 882 19.79 26.58 -17.34
N PHE B 883 20.76 27.41 -17.70
CA PHE B 883 20.87 28.75 -17.10
C PHE B 883 19.88 29.73 -17.73
N LEU B 884 19.46 29.48 -18.97
CA LEU B 884 18.53 30.39 -19.63
C LEU B 884 17.10 30.19 -19.14
N GLN B 885 16.76 28.98 -18.70
CA GLN B 885 15.40 28.72 -18.25
C GLN B 885 15.16 29.22 -16.82
N LEU B 886 16.19 29.12 -15.97
CA LEU B 886 16.02 29.57 -14.59
C LEU B 886 16.03 31.10 -14.50
N HIS B 887 16.70 31.76 -15.45
CA HIS B 887 16.66 33.22 -15.50
C HIS B 887 15.31 33.72 -16.00
N GLU B 888 14.61 32.90 -16.80
CA GLU B 888 13.32 33.31 -17.35
C GLU B 888 12.19 33.08 -16.36
N ASP B 889 12.29 32.05 -15.52
CA ASP B 889 11.20 31.70 -14.62
C ASP B 889 11.79 31.28 -13.29
N TRP B 890 11.24 31.82 -12.20
CA TRP B 890 11.62 31.46 -10.85
C TRP B 890 10.72 30.32 -10.34
N HIS B 891 11.26 29.55 -9.37
CA HIS B 891 10.72 28.25 -8.96
C HIS B 891 10.54 27.30 -10.15
N TYR B 892 11.57 27.23 -10.99
CA TYR B 892 11.55 26.37 -12.17
C TYR B 892 12.22 25.04 -11.83
N CYS B 893 11.48 23.95 -11.94
CA CYS B 893 12.06 22.63 -11.75
C CYS B 893 12.92 22.24 -12.95
N GLY B 894 13.99 21.49 -12.68
CA GLY B 894 14.97 21.15 -13.69
C GLY B 894 14.46 20.19 -14.74
N PRO B 895 15.22 20.04 -15.83
CA PRO B 895 14.81 19.11 -16.89
C PRO B 895 14.92 17.66 -16.46
N GLN B 896 14.24 16.80 -17.21
CA GLN B 896 14.24 15.37 -16.94
C GLN B 896 15.41 14.71 -17.67
N GLU B 897 15.51 13.39 -17.55
CA GLU B 897 16.57 12.62 -18.18
C GLU B 897 15.99 11.69 -19.24
N SER B 898 16.57 11.74 -20.43
CA SER B 898 16.23 10.80 -21.48
C SER B 898 16.76 9.43 -21.11
N LYS B 899 15.95 8.39 -21.29
CA LYS B 899 16.34 7.05 -20.90
C LYS B 899 17.40 6.49 -21.83
N HIS B 900 18.16 5.52 -21.33
CA HIS B 900 19.27 4.93 -22.05
C HIS B 900 18.94 3.50 -22.43
N SER B 901 19.47 3.05 -23.56
CA SER B 901 19.23 1.71 -24.05
C SER B 901 19.99 0.69 -23.20
N ASP B 902 19.36 -0.48 -22.99
CA ASP B 902 19.94 -1.56 -22.20
C ASP B 902 20.15 -2.81 -23.06
N PRO B 903 21.32 -2.96 -23.69
CA PRO B 903 21.59 -4.16 -24.48
C PRO B 903 21.96 -5.39 -23.67
N PHE B 904 22.01 -5.29 -22.34
CA PHE B 904 22.36 -6.42 -21.48
C PHE B 904 21.17 -7.30 -21.16
N ARG B 905 19.97 -6.96 -21.65
CA ARG B 905 18.77 -7.76 -21.40
C ARG B 905 18.77 -9.06 -22.18
N SER B 906 19.41 -9.09 -23.36
CA SER B 906 19.43 -10.30 -24.18
C SER B 906 20.31 -11.40 -23.58
N LYS B 907 21.25 -11.04 -22.71
CA LYS B 907 22.09 -12.03 -22.03
C LYS B 907 21.45 -12.57 -20.76
N ILE B 908 20.27 -12.08 -20.39
CA ILE B 908 19.61 -12.56 -19.18
C ILE B 908 18.80 -13.81 -19.46
N LEU B 909 18.02 -13.80 -20.56
CA LEU B 909 17.34 -15.01 -20.98
C LEU B 909 18.30 -16.04 -21.53
N LYS B 910 19.47 -15.60 -22.00
CA LYS B 910 20.54 -16.54 -22.34
C LYS B 910 21.09 -17.23 -21.09
N GLN B 911 21.11 -16.51 -19.96
CA GLN B 911 21.62 -17.06 -18.70
C GLN B 911 20.59 -17.92 -17.98
N LYS B 912 19.31 -17.52 -18.00
CA LYS B 912 18.28 -18.28 -17.29
C LYS B 912 17.98 -19.60 -17.98
N GLU B 913 17.94 -19.61 -19.31
CA GLU B 913 17.69 -20.84 -20.04
C GLU B 913 18.89 -21.77 -20.07
N LYS B 914 20.09 -21.26 -19.81
CA LYS B 914 21.26 -22.13 -19.71
C LYS B 914 21.38 -22.73 -18.31
N LYS B 915 20.91 -21.99 -17.30
CA LYS B 915 20.96 -22.48 -15.92
C LYS B 915 19.99 -23.64 -15.72
N LYS B 916 18.79 -23.54 -16.29
CA LYS B 916 17.82 -24.63 -16.21
C LYS B 916 18.15 -25.79 -17.15
N ARG B 917 19.04 -25.58 -18.12
CA ARG B 917 19.46 -26.66 -19.00
C ARG B 917 20.51 -27.55 -18.37
N GLU B 918 21.47 -26.96 -17.66
CA GLU B 918 22.57 -27.69 -17.04
C GLU B 918 22.16 -28.42 -15.76
N LYS B 919 20.97 -28.16 -15.24
CA LYS B 919 20.48 -28.85 -14.05
C LYS B 919 19.70 -30.11 -14.43
N ARG B 920 18.70 -29.96 -15.30
CA ARG B 920 17.89 -31.10 -15.75
C ARG B 920 18.51 -31.76 -16.97
N GLU B 941 29.75 -15.60 -11.73
CA GLU B 941 29.32 -14.50 -12.60
C GLU B 941 27.81 -14.29 -12.47
N ALA B 942 27.40 -13.46 -11.52
CA ALA B 942 26.00 -13.14 -11.30
C ALA B 942 25.75 -11.69 -11.72
N LEU B 943 25.24 -11.51 -12.93
CA LEU B 943 25.05 -10.18 -13.52
C LEU B 943 23.60 -10.08 -13.99
N THR B 944 22.72 -9.65 -13.09
CA THR B 944 21.28 -9.75 -13.37
C THR B 944 20.63 -8.44 -13.82
N LEU B 945 20.65 -7.42 -12.98
CA LEU B 945 19.89 -6.18 -13.25
C LEU B 945 20.69 -4.94 -12.87
N GLY B 946 21.93 -4.86 -13.32
CA GLY B 946 22.69 -3.64 -13.08
C GLY B 946 24.15 -3.83 -12.70
N LEU B 947 24.63 -5.07 -12.73
CA LEU B 947 26.02 -5.38 -12.47
C LEU B 947 26.69 -5.86 -13.75
N TRP B 948 27.87 -5.30 -14.04
CA TRP B 948 28.70 -5.74 -15.15
C TRP B 948 30.12 -5.22 -14.92
N SER B 949 31.11 -6.00 -15.34
CA SER B 949 32.51 -5.61 -15.21
C SER B 949 33.01 -4.91 -16.47
N GLY B 950 32.29 -3.89 -16.92
CA GLY B 950 32.69 -3.13 -18.09
C GLY B 950 32.73 -1.61 -17.94
N PRO B 951 33.27 -1.07 -16.83
CA PRO B 951 32.99 0.33 -16.49
C PRO B 951 33.78 1.36 -17.28
N LEU B 952 34.52 0.98 -18.32
CA LEU B 952 35.40 1.92 -19.01
C LEU B 952 34.67 2.95 -19.89
N PRO B 953 33.79 2.61 -20.83
CA PRO B 953 33.27 3.68 -21.72
C PRO B 953 32.19 4.54 -21.10
N ARG B 954 31.65 4.17 -19.93
CA ARG B 954 30.52 4.91 -19.37
C ARG B 954 30.99 6.16 -18.63
N VAL B 955 32.18 6.10 -18.02
CA VAL B 955 32.68 7.23 -17.26
C VAL B 955 33.06 8.38 -18.19
N THR B 956 33.43 8.08 -19.44
CA THR B 956 33.70 9.11 -20.44
C THR B 956 32.46 9.94 -20.76
N LEU B 957 31.45 9.33 -21.38
CA LEU B 957 30.19 9.98 -21.74
C LEU B 957 29.10 8.92 -21.78
N HIS B 958 28.26 8.89 -20.75
CA HIS B 958 27.09 8.02 -20.72
C HIS B 958 25.79 8.81 -20.60
N CYS B 959 25.68 9.68 -19.60
CA CYS B 959 24.44 10.37 -19.31
C CYS B 959 24.27 11.57 -20.24
N SER B 960 23.10 12.22 -20.17
CA SER B 960 22.88 13.44 -20.95
C SER B 960 23.69 14.59 -20.37
N ARG B 961 23.49 14.88 -19.09
CA ARG B 961 24.35 15.83 -18.39
C ARG B 961 25.59 15.11 -17.88
N THR B 962 26.74 15.79 -17.96
CA THR B 962 28.01 15.19 -17.57
C THR B 962 28.13 15.14 -16.06
N LEU B 963 28.25 13.94 -15.51
CA LEU B 963 28.35 13.75 -14.08
C LEU B 963 29.79 13.90 -13.61
N LEU B 964 29.97 14.56 -12.47
CA LEU B 964 31.30 14.88 -11.96
C LEU B 964 31.50 14.57 -10.48
N GLY B 965 30.45 14.48 -9.67
CA GLY B 965 30.61 14.33 -8.25
C GLY B 965 29.52 13.46 -7.64
N PHE B 966 29.80 13.00 -6.43
CA PHE B 966 28.91 12.13 -5.67
C PHE B 966 28.48 12.81 -4.39
N VAL B 967 27.59 12.14 -3.65
CA VAL B 967 27.13 12.59 -2.34
C VAL B 967 27.22 11.40 -1.39
N THR B 968 27.99 11.55 -0.31
CA THR B 968 28.10 10.51 0.71
C THR B 968 27.06 10.68 1.81
N GLN B 969 26.95 11.88 2.37
CA GLN B 969 25.95 12.17 3.40
C GLN B 969 24.79 12.90 2.73
N GLY B 970 23.77 12.13 2.34
CA GLY B 970 22.58 12.68 1.71
C GLY B 970 21.37 12.55 2.62
N ASP B 971 20.92 13.69 3.13
CA ASP B 971 19.77 13.77 4.02
C ASP B 971 19.29 15.23 3.99
N PHE B 972 18.06 15.46 4.44
CA PHE B 972 17.53 16.81 4.57
C PHE B 972 17.86 17.35 5.95
N SER B 973 18.20 18.63 6.01
CA SER B 973 18.75 19.23 7.21
C SER B 973 17.64 19.82 8.08
N MET B 974 17.76 19.63 9.39
CA MET B 974 16.92 20.33 10.34
C MET B 974 17.51 21.67 10.78
N ALA B 975 18.72 22.00 10.31
CA ALA B 975 19.34 23.26 10.70
C ALA B 975 18.98 24.38 9.74
N VAL B 976 19.20 24.18 8.44
CA VAL B 976 18.89 25.21 7.46
C VAL B 976 17.40 25.24 7.16
N GLY B 977 16.79 24.08 6.98
CA GLY B 977 15.39 23.99 6.63
C GLY B 977 15.10 23.46 5.25
N CYS B 978 16.06 22.82 4.60
CA CYS B 978 15.89 22.28 3.26
C CYS B 978 16.88 21.15 3.06
N GLY B 979 17.01 20.70 1.82
CA GLY B 979 17.92 19.62 1.50
C GLY B 979 19.36 20.10 1.49
N GLU B 980 20.21 19.48 2.30
CA GLU B 980 21.63 19.81 2.36
C GLU B 980 22.42 18.53 2.17
N ALA B 981 23.03 18.37 1.00
CA ALA B 981 23.83 17.19 0.69
C ALA B 981 25.29 17.47 1.00
N LEU B 982 26.09 16.40 1.01
CA LEU B 982 27.51 16.51 1.32
C LEU B 982 28.24 15.38 0.61
N GLY B 983 29.20 15.72 -0.24
CA GLY B 983 29.89 14.71 -1.02
C GLY B 983 31.22 15.21 -1.53
N PHE B 984 31.74 14.48 -2.53
CA PHE B 984 33.07 14.68 -3.06
C PHE B 984 33.04 14.90 -4.56
N VAL B 985 33.88 15.83 -5.04
CA VAL B 985 34.08 16.09 -6.46
C VAL B 985 35.58 16.08 -6.74
N SER B 986 35.95 16.36 -7.99
CA SER B 986 37.33 16.51 -8.39
C SER B 986 37.64 17.96 -8.71
N LEU B 987 38.93 18.29 -8.81
CA LEU B 987 39.34 19.65 -9.14
C LEU B 987 39.09 19.97 -10.60
N THR B 988 39.39 19.03 -11.50
CA THR B 988 39.22 19.28 -12.93
C THR B 988 37.75 19.33 -13.32
N GLY B 989 36.87 18.72 -12.52
CA GLY B 989 35.45 18.90 -12.73
C GLY B 989 34.96 20.27 -12.33
N LEU B 990 35.59 20.85 -11.30
CA LEU B 990 35.21 22.20 -10.86
C LEU B 990 35.77 23.26 -11.79
N LEU B 991 37.07 23.20 -12.09
CA LEU B 991 37.72 24.26 -12.85
C LEU B 991 37.34 24.25 -14.33
N ASP B 992 36.73 23.17 -14.82
CA ASP B 992 36.11 23.21 -16.14
C ASP B 992 34.78 23.93 -16.10
N MET B 993 34.03 23.79 -15.01
CA MET B 993 32.78 24.54 -14.86
C MET B 993 33.06 25.99 -14.49
N LEU B 994 34.05 26.23 -13.62
CA LEU B 994 34.37 27.59 -13.19
C LEU B 994 34.98 28.44 -14.30
N SER B 995 35.66 27.82 -15.27
CA SER B 995 36.19 28.59 -16.39
C SER B 995 35.09 28.98 -17.37
N SER B 996 33.98 28.23 -17.39
CA SER B 996 32.89 28.53 -18.31
C SER B 996 32.03 29.69 -17.83
N GLN B 997 32.05 30.00 -16.54
CA GLN B 997 31.18 31.04 -15.97
C GLN B 997 32.01 32.05 -15.17
N PRO B 998 32.54 33.09 -15.82
CA PRO B 998 33.01 34.26 -15.06
C PRO B 998 31.89 35.23 -14.73
N ALA B 999 30.71 35.03 -15.33
CA ALA B 999 29.52 35.84 -15.11
C ALA B 999 28.77 35.43 -13.85
N ALA B 1000 27.49 35.80 -13.77
CA ALA B 1000 26.62 35.52 -12.63
C ALA B 1000 26.42 34.03 -12.37
N GLN B 1001 25.60 33.71 -11.36
CA GLN B 1001 25.76 32.61 -10.39
C GLN B 1001 26.40 31.33 -10.91
N ARG B 1002 27.41 30.86 -10.17
CA ARG B 1002 28.37 29.87 -10.64
C ARG B 1002 28.20 28.51 -9.99
N GLY B 1003 27.76 28.47 -8.74
CA GLY B 1003 27.58 27.22 -8.03
C GLY B 1003 26.24 26.56 -8.28
N LEU B 1004 25.45 27.11 -9.20
CA LEU B 1004 24.14 26.55 -9.54
C LEU B 1004 24.38 25.31 -10.40
N VAL B 1005 24.54 24.16 -9.76
CA VAL B 1005 24.92 22.92 -10.42
C VAL B 1005 23.87 21.87 -10.11
N LEU B 1006 23.34 21.23 -11.15
CA LEU B 1006 22.25 20.27 -11.02
C LEU B 1006 22.75 18.98 -10.39
N LEU B 1007 21.84 18.27 -9.71
CA LEU B 1007 22.14 16.94 -9.18
C LEU B 1007 21.02 16.00 -9.56
N ARG B 1008 21.36 14.70 -9.62
CA ARG B 1008 20.39 13.71 -10.08
C ARG B 1008 20.48 12.48 -9.17
N PRO B 1009 19.42 12.17 -8.44
CA PRO B 1009 19.41 10.94 -7.62
C PRO B 1009 19.21 9.72 -8.50
N PRO B 1010 19.82 8.58 -8.13
CA PRO B 1010 19.76 7.40 -9.00
C PRO B 1010 18.40 6.73 -9.03
N ALA B 1011 17.57 6.91 -8.00
CA ALA B 1011 16.23 6.34 -8.02
C ALA B 1011 15.27 7.16 -8.88
N SER B 1012 15.64 8.38 -9.24
CA SER B 1012 14.79 9.27 -10.02
C SER B 1012 15.45 9.57 -11.36
N LEU B 1013 14.80 10.46 -12.12
CA LEU B 1013 15.32 10.96 -13.39
C LEU B 1013 15.22 12.49 -13.48
N GLN B 1014 15.08 13.15 -12.33
CA GLN B 1014 14.80 14.58 -12.26
C GLN B 1014 16.06 15.31 -11.80
N TYR B 1015 16.58 16.19 -12.65
CA TYR B 1015 17.71 17.04 -12.26
C TYR B 1015 17.25 18.15 -11.33
N ARG B 1016 17.95 18.31 -10.22
CA ARG B 1016 17.63 19.32 -9.22
C ARG B 1016 18.89 20.11 -8.89
N PHE B 1017 18.75 21.43 -8.86
CA PHE B 1017 19.91 22.32 -8.75
C PHE B 1017 20.17 22.71 -7.31
N ALA B 1018 21.45 22.80 -6.96
CA ALA B 1018 21.90 23.21 -5.64
C ALA B 1018 22.91 24.35 -5.78
N ARG B 1019 23.46 24.78 -4.65
CA ARG B 1019 24.42 25.89 -4.61
C ARG B 1019 25.74 25.37 -4.03
N ILE B 1020 26.74 25.19 -4.89
CA ILE B 1020 28.06 24.77 -4.44
C ILE B 1020 28.76 25.93 -3.75
N ALA B 1021 29.20 25.70 -2.51
CA ALA B 1021 29.98 26.68 -1.77
C ALA B 1021 30.92 25.93 -0.83
N ILE B 1022 32.22 26.07 -1.05
CA ILE B 1022 33.22 25.40 -0.23
C ILE B 1022 33.54 26.32 0.95
N GLU B 1023 33.12 25.93 2.15
CA GLU B 1023 33.28 26.73 3.36
C GLU B 1023 34.45 26.18 4.16
N VAL B 1024 35.63 26.74 3.92
CA VAL B 1024 36.82 26.37 4.68
C VAL B 1024 37.38 27.60 5.39
N LEU C 19 -25.06 -54.31 32.99
CA LEU C 19 -24.90 -55.20 31.85
C LEU C 19 -23.71 -54.78 31.00
N VAL C 20 -22.63 -55.56 31.06
CA VAL C 20 -21.41 -55.28 30.31
C VAL C 20 -21.34 -56.29 29.17
N VAL C 21 -21.69 -55.84 27.97
CA VAL C 21 -21.63 -56.67 26.77
C VAL C 21 -20.73 -55.97 25.77
N LYS C 22 -19.62 -56.61 25.41
CA LYS C 22 -18.67 -56.08 24.46
C LYS C 22 -18.80 -56.85 23.14
N THR C 23 -19.19 -56.15 22.08
CA THR C 23 -19.31 -56.76 20.76
C THR C 23 -17.92 -57.03 20.20
N SER C 24 -17.60 -58.31 19.98
CA SER C 24 -16.29 -58.73 19.51
C SER C 24 -16.43 -59.36 18.14
N LEU C 25 -15.74 -58.79 17.15
CA LEU C 25 -15.71 -59.35 15.81
C LEU C 25 -14.85 -60.62 15.84
N ASN C 26 -15.51 -61.77 15.92
CA ASN C 26 -14.83 -63.05 16.03
C ASN C 26 -15.07 -63.82 14.75
N ASN C 27 -14.04 -63.95 13.91
CA ASN C 27 -14.14 -64.65 12.64
C ASN C 27 -13.20 -65.86 12.55
N PRO C 28 -13.48 -66.96 13.28
CA PRO C 28 -12.82 -68.22 12.87
C PRO C 28 -13.60 -68.89 11.74
N TYR C 29 -13.33 -68.45 10.51
CA TYR C 29 -13.95 -69.07 9.34
C TYR C 29 -13.42 -70.49 9.18
N ILE C 30 -14.30 -71.47 9.34
CA ILE C 30 -13.91 -72.86 9.53
C ILE C 30 -13.44 -73.45 8.20
N ILE C 31 -12.13 -73.53 8.03
CA ILE C 31 -11.53 -74.21 6.88
C ILE C 31 -11.55 -75.70 7.19
N ARG C 32 -12.54 -76.40 6.68
CA ARG C 32 -12.73 -77.80 7.03
C ARG C 32 -11.72 -78.68 6.32
N TRP C 33 -11.47 -79.85 6.92
CA TRP C 33 -10.55 -80.85 6.37
C TRP C 33 -11.22 -81.67 5.29
N SER C 34 -10.61 -82.80 4.93
CA SER C 34 -11.19 -83.73 3.97
C SER C 34 -12.40 -84.43 4.60
N ALA C 35 -13.12 -85.20 3.78
CA ALA C 35 -14.33 -85.86 4.24
C ALA C 35 -14.00 -87.00 5.19
N LEU C 36 -14.85 -87.16 6.20
CA LEU C 36 -14.64 -88.17 7.25
C LEU C 36 -15.22 -89.51 6.81
N GLU C 37 -14.62 -90.06 5.76
CA GLU C 37 -15.03 -91.36 5.23
C GLU C 37 -14.25 -92.46 5.95
N SER C 38 -14.84 -92.93 7.05
CA SER C 38 -14.22 -93.98 7.85
C SER C 38 -14.20 -95.33 7.15
N GLU C 39 -15.11 -95.56 6.20
CA GLU C 39 -15.08 -96.79 5.43
C GLU C 39 -14.00 -96.73 4.34
N ASP C 40 -13.68 -95.54 3.85
CA ASP C 40 -12.71 -95.40 2.78
C ASP C 40 -11.30 -95.22 3.32
N MET C 41 -11.15 -94.42 4.38
CA MET C 41 -9.83 -94.09 4.91
C MET C 41 -9.30 -95.09 5.92
N HIS C 42 -9.88 -96.29 6.00
CA HIS C 42 -9.40 -97.30 6.93
C HIS C 42 -8.49 -98.31 6.25
N PHE C 43 -8.90 -98.82 5.09
CA PHE C 43 -8.14 -99.87 4.42
C PHE C 43 -6.96 -99.33 3.61
N ILE C 44 -6.95 -98.02 3.31
CA ILE C 44 -5.82 -97.45 2.59
C ILE C 44 -4.61 -97.29 3.52
N LEU C 45 -4.85 -97.14 4.83
CA LEU C 45 -3.75 -97.14 5.79
C LEU C 45 -3.18 -98.54 5.97
N GLN C 46 -4.00 -99.57 5.83
CA GLN C 46 -3.49 -100.94 5.82
C GLN C 46 -2.73 -101.24 4.55
N THR C 47 -3.06 -100.56 3.45
CA THR C 47 -2.29 -100.68 2.22
C THR C 47 -0.91 -100.06 2.39
N LEU C 48 -0.81 -98.96 3.15
CA LEU C 48 0.48 -98.34 3.41
C LEU C 48 1.35 -99.21 4.30
N GLU C 49 0.74 -99.98 5.20
CA GLU C 49 1.50 -100.94 6.00
C GLU C 49 1.98 -102.12 5.18
N ASP C 50 1.30 -102.44 4.08
CA ASP C 50 1.73 -103.55 3.24
C ASP C 50 2.91 -103.15 2.37
N ARG C 51 3.05 -101.86 2.07
CA ARG C 51 4.12 -101.41 1.20
C ARG C 51 5.37 -101.01 1.96
N LEU C 52 5.22 -100.43 3.14
CA LEU C 52 6.37 -100.01 3.94
C LEU C 52 7.07 -101.16 4.64
N LYS C 53 6.46 -102.35 4.68
CA LYS C 53 7.07 -103.49 5.34
C LYS C 53 7.65 -104.50 4.35
N ALA C 54 7.00 -104.66 3.20
CA ALA C 54 7.45 -105.64 2.21
C ALA C 54 8.69 -105.18 1.45
N ILE C 55 8.90 -103.88 1.30
CA ILE C 55 10.07 -103.40 0.57
C ILE C 55 11.32 -103.49 1.44
N GLY C 56 11.23 -103.01 2.68
CA GLY C 56 12.35 -103.09 3.57
C GLY C 56 12.13 -102.27 4.82
N LEU C 57 12.83 -102.65 5.88
CA LEU C 57 12.78 -101.96 7.16
C LEU C 57 14.19 -101.63 7.63
N GLN C 58 15.02 -101.13 6.72
CA GLN C 58 16.39 -100.77 7.03
C GLN C 58 16.54 -99.34 7.55
N LYS C 59 15.43 -98.70 7.94
CA LYS C 59 15.51 -97.32 8.44
C LYS C 59 16.12 -97.29 9.83
N ILE C 60 15.65 -98.15 10.73
CA ILE C 60 16.20 -98.21 12.08
C ILE C 60 17.53 -98.95 12.13
N GLU C 61 17.83 -99.78 11.13
CA GLU C 61 19.07 -100.53 11.11
C GLU C 61 20.29 -99.67 10.79
N ASP C 62 20.09 -98.53 10.13
CA ASP C 62 21.19 -97.61 9.86
C ASP C 62 21.33 -96.55 10.94
N LYS C 63 20.23 -96.22 11.61
CA LYS C 63 20.29 -95.22 12.68
C LYS C 63 20.87 -95.82 13.96
N LYS C 64 20.37 -97.00 14.36
CA LYS C 64 20.86 -97.65 15.58
C LYS C 64 22.18 -98.37 15.35
N LYS C 65 22.38 -98.90 14.13
CA LYS C 65 23.54 -99.70 13.73
C LYS C 65 23.72 -100.92 14.63
N LYS C 66 22.71 -101.81 14.56
CA LYS C 66 22.69 -103.04 15.33
C LYS C 66 23.70 -104.01 14.75
N ASN C 67 24.91 -104.03 15.31
CA ASN C 67 25.97 -104.90 14.82
C ASN C 67 26.50 -105.79 15.96
N PRO C 106 21.15 -99.10 3.17
CA PRO C 106 21.41 -97.76 2.67
C PRO C 106 20.45 -97.36 1.55
N ALA C 107 19.86 -98.34 0.87
CA ALA C 107 18.90 -98.04 -0.17
C ALA C 107 17.57 -97.56 0.39
N HIS C 108 17.19 -98.05 1.57
CA HIS C 108 15.97 -97.59 2.22
C HIS C 108 16.16 -96.23 2.89
N VAL C 109 17.41 -95.81 3.11
CA VAL C 109 17.70 -94.53 3.74
C VAL C 109 17.60 -93.37 2.75
N ARG C 110 17.67 -93.65 1.44
CA ARG C 110 17.72 -92.60 0.42
C ARG C 110 16.41 -91.83 0.28
N LYS C 111 15.32 -92.35 0.84
CA LYS C 111 14.04 -91.63 0.80
C LYS C 111 14.11 -90.36 1.64
N GLN C 112 13.37 -89.35 1.20
CA GLN C 112 13.21 -88.12 1.98
C GLN C 112 11.87 -88.17 2.71
N LEU C 113 11.80 -89.08 3.68
CA LEU C 113 10.62 -89.23 4.52
C LEU C 113 10.60 -88.08 5.51
N ALA C 114 9.72 -87.11 5.29
CA ALA C 114 9.61 -85.96 6.20
C ALA C 114 8.96 -86.41 7.50
N ILE C 115 9.80 -86.63 8.51
CA ILE C 115 9.35 -87.11 9.82
C ILE C 115 9.35 -85.93 10.77
N GLY C 116 8.23 -85.71 11.45
CA GLY C 116 8.09 -84.58 12.32
C GLY C 116 7.31 -83.44 11.69
N VAL C 117 7.04 -82.42 12.50
CA VAL C 117 6.24 -81.29 12.03
C VAL C 117 7.10 -80.36 11.18
N ASN C 118 8.30 -80.01 11.65
CA ASN C 118 9.08 -78.97 11.00
C ASN C 118 9.77 -79.43 9.72
N GLU C 119 9.77 -80.73 9.43
CA GLU C 119 10.25 -81.19 8.13
C GLU C 119 9.16 -81.14 7.07
N VAL C 120 7.90 -81.15 7.48
CA VAL C 120 6.80 -81.01 6.52
C VAL C 120 6.59 -79.55 6.15
N THR C 121 6.77 -78.65 7.12
CA THR C 121 6.58 -77.22 6.86
C THR C 121 7.64 -76.64 5.95
N ARG C 122 8.85 -77.20 5.96
CA ARG C 122 9.89 -76.77 5.03
C ARG C 122 9.77 -77.46 3.68
N ALA C 123 9.01 -78.55 3.60
CA ALA C 123 8.91 -79.33 2.38
C ALA C 123 8.02 -78.65 1.35
N LEU C 124 6.86 -78.13 1.78
CA LEU C 124 5.89 -77.54 0.88
C LEU C 124 6.24 -76.12 0.45
N GLU C 125 7.41 -75.60 0.81
CA GLU C 125 7.73 -74.21 0.51
C GLU C 125 8.20 -74.04 -0.92
N ARG C 126 9.35 -74.61 -1.27
CA ARG C 126 10.02 -74.26 -2.52
C ARG C 126 9.31 -74.71 -3.81
N ARG C 127 9.47 -75.99 -4.21
CA ARG C 127 8.75 -76.60 -5.33
C ARG C 127 8.82 -78.11 -5.10
N GLU C 128 7.79 -78.69 -4.50
CA GLU C 128 7.79 -80.13 -4.19
C GLU C 128 6.39 -80.70 -4.37
N LEU C 129 6.31 -81.81 -5.10
CA LEU C 129 5.08 -82.59 -5.24
C LEU C 129 5.16 -83.76 -4.27
N LEU C 130 4.28 -83.79 -3.27
CA LEU C 130 4.34 -84.82 -2.24
C LEU C 130 2.94 -85.05 -1.67
N LEU C 131 2.86 -85.92 -0.68
CA LEU C 131 1.61 -86.27 -0.01
C LEU C 131 1.76 -85.98 1.49
N VAL C 132 0.71 -85.40 2.08
CA VAL C 132 0.74 -84.95 3.46
C VAL C 132 -0.21 -85.83 4.26
N LEU C 133 0.26 -86.36 5.40
CA LEU C 133 -0.54 -87.19 6.29
C LEU C 133 -0.49 -86.59 7.69
N VAL C 134 -1.65 -86.14 8.18
CA VAL C 134 -1.75 -85.43 9.46
C VAL C 134 -2.76 -86.15 10.35
N CYS C 135 -2.35 -86.46 11.57
CA CYS C 135 -3.23 -87.02 12.59
C CYS C 135 -3.67 -85.94 13.56
N LYS C 136 -4.68 -86.26 14.37
CA LYS C 136 -5.19 -85.37 15.40
C LYS C 136 -5.10 -86.08 16.75
N SER C 137 -4.02 -85.80 17.49
CA SER C 137 -3.88 -86.27 18.86
C SER C 137 -3.81 -85.13 19.88
N VAL C 138 -3.62 -83.89 19.41
CA VAL C 138 -3.54 -82.73 20.28
C VAL C 138 -4.81 -81.90 20.05
N LYS C 139 -5.39 -81.40 21.14
CA LYS C 139 -6.63 -80.63 21.00
C LYS C 139 -6.38 -79.19 20.51
N PRO C 140 -5.30 -78.43 20.95
CA PRO C 140 -4.91 -77.22 20.23
C PRO C 140 -3.92 -77.48 19.09
N ALA C 141 -4.27 -78.39 18.18
CA ALA C 141 -3.44 -78.67 17.01
C ALA C 141 -3.79 -77.81 15.81
N MET C 142 -4.85 -76.99 15.91
CA MET C 142 -5.21 -76.09 14.81
C MET C 142 -4.20 -74.97 14.62
N ILE C 143 -3.43 -74.64 15.66
CA ILE C 143 -2.31 -73.71 15.50
C ILE C 143 -1.22 -74.32 14.64
N THR C 144 -0.93 -75.60 14.87
CA THR C 144 0.10 -76.30 14.10
C THR C 144 -0.38 -76.66 12.70
N SER C 145 -1.56 -77.30 12.61
CA SER C 145 -2.05 -77.86 11.36
C SER C 145 -2.72 -76.82 10.45
N HIS C 146 -2.64 -75.53 10.78
CA HIS C 146 -3.12 -74.50 9.86
C HIS C 146 -2.22 -74.36 8.65
N LEU C 147 -0.93 -74.69 8.78
CA LEU C 147 -0.01 -74.63 7.65
C LEU C 147 -0.31 -75.73 6.64
N ILE C 148 -0.92 -76.82 7.10
CA ILE C 148 -1.30 -77.90 6.19
C ILE C 148 -2.44 -77.47 5.28
N GLN C 149 -3.41 -76.73 5.82
CA GLN C 149 -4.54 -76.27 5.02
C GLN C 149 -4.16 -75.08 4.14
N LEU C 150 -3.35 -74.16 4.67
CA LEU C 150 -3.14 -72.88 4.00
C LEU C 150 -2.11 -72.97 2.87
N SER C 151 -1.23 -73.98 2.91
CA SER C 151 -0.22 -74.15 1.87
C SER C 151 -0.68 -75.06 0.74
N LEU C 152 -1.98 -75.11 0.46
CA LEU C 152 -2.51 -75.91 -0.63
C LEU C 152 -2.14 -75.25 -1.95
N SER C 153 -1.01 -75.67 -2.53
CA SER C 153 -0.60 -75.21 -3.85
C SER C 153 -0.43 -76.35 -4.83
N ARG C 154 0.33 -77.40 -4.47
CA ARG C 154 0.62 -78.49 -5.39
C ARG C 154 0.58 -79.85 -4.70
N SER C 155 -0.10 -79.99 -3.57
CA SER C 155 -0.12 -81.23 -2.82
C SER C 155 -1.55 -81.60 -2.47
N VAL C 156 -1.71 -82.76 -1.83
CA VAL C 156 -3.00 -83.24 -1.37
C VAL C 156 -2.91 -83.49 0.13
N PRO C 157 -3.52 -82.62 0.96
CA PRO C 157 -3.44 -82.76 2.43
C PRO C 157 -4.42 -83.77 3.03
N ALA C 158 -4.02 -85.03 3.01
CA ALA C 158 -4.82 -86.08 3.64
C ALA C 158 -4.71 -85.99 5.16
N CYS C 159 -5.83 -86.21 5.84
CA CYS C 159 -5.91 -86.06 7.29
C CYS C 159 -6.63 -87.28 7.88
N GLN C 160 -5.84 -88.28 8.28
CA GLN C 160 -6.37 -89.48 8.94
C GLN C 160 -6.46 -89.20 10.43
N VAL C 161 -7.67 -88.85 10.89
CA VAL C 161 -7.87 -88.46 12.28
C VAL C 161 -7.84 -89.65 13.25
N PRO C 162 -8.68 -90.70 13.15
CA PRO C 162 -8.75 -91.65 14.27
C PRO C 162 -7.71 -92.76 14.28
N ARG C 163 -7.05 -93.04 13.15
CA ARG C 163 -6.25 -94.25 13.04
C ARG C 163 -4.76 -94.01 12.83
N LEU C 164 -4.34 -92.81 12.45
CA LEU C 164 -2.95 -92.58 12.08
C LEU C 164 -2.02 -92.59 13.30
N SER C 165 -2.56 -92.38 14.51
CA SER C 165 -1.76 -92.52 15.72
C SER C 165 -1.41 -93.98 15.98
N GLU C 166 -2.24 -94.90 15.50
CA GLU C 166 -1.99 -96.34 15.63
C GLU C 166 -1.27 -96.93 14.43
N ARG C 167 -0.63 -96.11 13.59
CA ARG C 167 0.09 -96.60 12.42
C ARG C 167 1.61 -96.46 12.54
N ILE C 168 2.10 -95.79 13.57
CA ILE C 168 3.54 -95.64 13.76
C ILE C 168 4.10 -96.76 14.62
N ALA C 169 3.34 -97.18 15.63
CA ALA C 169 3.73 -98.24 16.55
C ALA C 169 3.89 -99.64 15.96
N PRO C 170 3.01 -100.15 15.06
CA PRO C 170 3.31 -101.48 14.49
C PRO C 170 4.45 -101.47 13.48
N VAL C 171 4.70 -100.36 12.80
CA VAL C 171 5.88 -100.23 11.96
C VAL C 171 7.11 -100.11 12.85
N ILE C 172 8.19 -100.83 12.49
CA ILE C 172 9.39 -100.80 13.30
C ILE C 172 10.08 -99.46 13.10
N GLY C 173 9.84 -98.53 14.01
CA GLY C 173 10.28 -97.16 13.87
C GLY C 173 10.61 -96.49 15.18
N LEU C 174 10.02 -95.31 15.39
CA LEU C 174 10.23 -94.45 16.54
C LEU C 174 8.89 -94.17 17.20
N LYS C 175 8.87 -93.18 18.08
CA LYS C 175 7.68 -92.83 18.85
C LYS C 175 6.63 -92.15 17.94
N CYS C 176 5.54 -91.69 18.56
CA CYS C 176 4.36 -91.22 17.84
C CYS C 176 4.61 -89.95 17.03
N VAL C 177 4.65 -90.09 15.71
CA VAL C 177 4.93 -88.99 14.80
C VAL C 177 3.62 -88.31 14.43
N LEU C 178 3.58 -86.99 14.56
CA LEU C 178 2.36 -86.23 14.25
C LEU C 178 2.19 -86.05 12.75
N ALA C 179 3.13 -85.39 12.10
CA ALA C 179 3.04 -85.07 10.68
C ALA C 179 3.93 -86.03 9.89
N LEU C 180 3.34 -86.70 8.90
CA LEU C 180 4.05 -87.67 8.08
C LEU C 180 3.96 -87.25 6.62
N ALA C 181 5.11 -87.17 5.95
CA ALA C 181 5.18 -86.82 4.54
C ALA C 181 6.43 -87.46 3.95
N PHE C 182 6.48 -87.50 2.61
CA PHE C 182 7.65 -88.07 1.93
C PHE C 182 7.81 -87.38 0.58
N LYS C 183 9.06 -87.01 0.26
CA LYS C 183 9.39 -86.45 -1.04
C LYS C 183 9.80 -87.58 -1.97
N LYS C 184 9.06 -87.76 -3.07
CA LYS C 184 9.35 -88.88 -3.96
C LYS C 184 9.34 -88.37 -5.41
N ASN C 185 10.05 -87.28 -5.66
CA ASN C 185 10.22 -86.78 -7.02
C ASN C 185 11.27 -87.60 -7.76
N THR C 186 11.00 -87.87 -9.03
CA THR C 186 11.85 -88.62 -9.98
C THR C 186 12.25 -90.01 -9.48
N THR C 187 11.41 -90.64 -8.67
CA THR C 187 11.69 -91.98 -8.13
C THR C 187 10.37 -92.72 -8.01
N ASP C 188 10.29 -93.89 -8.64
CA ASP C 188 9.09 -94.73 -8.56
C ASP C 188 9.22 -95.62 -7.33
N PHE C 189 8.48 -95.31 -6.27
CA PHE C 189 8.54 -96.10 -5.04
C PHE C 189 7.46 -97.17 -5.04
N VAL C 190 6.19 -96.75 -5.04
CA VAL C 190 5.03 -97.64 -5.19
C VAL C 190 4.04 -96.93 -6.10
N ASP C 191 3.66 -97.58 -7.20
CA ASP C 191 2.70 -96.98 -8.12
C ASP C 191 1.26 -97.08 -7.61
N GLU C 192 0.99 -97.94 -6.63
CA GLU C 192 -0.36 -98.08 -6.11
C GLU C 192 -0.71 -96.96 -5.13
N VAL C 193 0.29 -96.46 -4.40
CA VAL C 193 0.06 -95.34 -3.47
C VAL C 193 -0.26 -94.07 -4.26
N ARG C 194 0.37 -93.90 -5.42
CA ARG C 194 0.07 -92.78 -6.30
C ARG C 194 -1.32 -92.85 -6.92
N ALA C 195 -1.96 -94.02 -6.89
CA ALA C 195 -3.37 -94.14 -7.30
C ALA C 195 -4.33 -93.82 -6.16
N ILE C 196 -3.87 -93.91 -4.90
CA ILE C 196 -4.71 -93.54 -3.76
C ILE C 196 -4.83 -92.01 -3.67
N ILE C 197 -3.87 -91.29 -4.25
CA ILE C 197 -3.90 -89.82 -4.20
C ILE C 197 -5.09 -89.21 -4.93
N PRO C 198 -5.50 -89.66 -6.13
CA PRO C 198 -6.82 -89.21 -6.62
C PRO C 198 -8.01 -89.87 -5.94
N ARG C 199 -7.81 -90.90 -5.12
CA ARG C 199 -8.90 -91.57 -4.43
C ARG C 199 -9.22 -90.96 -3.07
N VAL C 200 -8.25 -90.34 -2.40
CA VAL C 200 -8.51 -89.69 -1.12
C VAL C 200 -9.21 -88.37 -1.39
N PRO C 201 -10.13 -87.92 -0.52
CA PRO C 201 -10.84 -86.67 -0.79
C PRO C 201 -9.97 -85.45 -0.53
N SER C 202 -10.14 -84.46 -1.39
CA SER C 202 -9.45 -83.18 -1.23
C SER C 202 -10.34 -82.21 -0.46
N LEU C 203 -9.74 -81.13 0.02
CA LEU C 203 -10.44 -80.12 0.78
C LEU C 203 -10.42 -78.80 0.01
N SER C 204 -11.58 -78.16 -0.06
CA SER C 204 -11.73 -76.87 -0.70
C SER C 204 -11.44 -75.77 0.31
N VAL C 205 -10.78 -74.71 -0.17
CA VAL C 205 -10.40 -73.61 0.71
C VAL C 205 -11.15 -72.35 0.27
N PRO C 206 -12.26 -72.00 0.91
CA PRO C 206 -12.93 -70.72 0.62
C PRO C 206 -12.28 -69.52 1.30
N TRP C 207 -11.14 -69.71 1.96
CA TRP C 207 -10.46 -68.63 2.65
C TRP C 207 -9.83 -67.65 1.66
N LEU C 208 -9.19 -68.16 0.61
CA LEU C 208 -8.59 -67.25 -0.37
C LEU C 208 -9.49 -67.01 -1.57
N GLN C 209 -9.71 -68.04 -2.39
CA GLN C 209 -10.54 -67.88 -3.59
C GLN C 209 -11.47 -69.06 -3.87
N ASP C 210 -11.13 -70.28 -3.45
CA ASP C 210 -11.83 -71.54 -3.79
C ASP C 210 -12.00 -71.70 -5.31
N ARG C 211 -10.97 -71.30 -6.06
CA ARG C 211 -10.73 -71.61 -7.48
C ARG C 211 -11.73 -70.96 -8.45
N ILE C 212 -12.78 -70.33 -7.93
CA ILE C 212 -13.86 -69.76 -8.72
C ILE C 212 -13.96 -68.28 -8.38
N GLU C 213 -14.23 -67.44 -9.38
CA GLU C 213 -14.38 -66.00 -9.18
C GLU C 213 -15.72 -65.71 -8.49
N ASP C 214 -15.79 -66.07 -7.21
CA ASP C 214 -16.97 -65.88 -6.39
C ASP C 214 -16.52 -65.97 -4.93
N SER C 215 -16.61 -64.87 -4.21
CA SER C 215 -16.09 -64.78 -2.86
C SER C 215 -17.12 -65.25 -1.85
N GLY C 216 -16.62 -65.81 -0.74
CA GLY C 216 -17.47 -66.22 0.35
C GLY C 216 -17.21 -65.39 1.60
N GLU C 217 -18.18 -64.56 1.97
CA GLU C 217 -18.04 -63.67 3.10
C GLU C 217 -19.21 -63.85 4.06
N ASN C 218 -18.95 -63.60 5.33
CA ASN C 218 -19.94 -63.73 6.39
C ASN C 218 -19.77 -62.57 7.36
N LEU C 219 -20.73 -62.46 8.29
CA LEU C 219 -20.70 -61.47 9.35
C LEU C 219 -20.88 -62.20 10.68
N GLU C 220 -19.78 -62.67 11.24
CA GLU C 220 -19.77 -63.43 12.49
C GLU C 220 -19.38 -62.48 13.62
N THR C 221 -20.37 -61.91 14.28
CA THR C 221 -20.17 -61.01 15.42
C THR C 221 -20.71 -61.69 16.67
N GLU C 222 -19.81 -62.15 17.54
CA GLU C 222 -20.18 -62.82 18.77
C GLU C 222 -20.02 -61.86 19.94
N PRO C 223 -21.12 -61.38 20.55
CA PRO C 223 -20.99 -60.44 21.67
C PRO C 223 -20.52 -61.10 22.96
N LEU C 224 -19.34 -60.70 23.43
CA LEU C 224 -18.81 -61.22 24.68
C LEU C 224 -19.54 -60.60 25.87
N GLU C 225 -19.93 -61.45 26.81
CA GLU C 225 -20.64 -61.04 28.01
C GLU C 225 -19.73 -61.19 29.21
N SER C 226 -19.66 -60.15 30.04
CA SER C 226 -18.82 -60.19 31.23
C SER C 226 -19.44 -61.06 32.32
N GLN C 227 -20.77 -61.20 32.31
CA GLN C 227 -21.44 -61.99 33.34
C GLN C 227 -21.24 -63.48 33.16
N ASP C 228 -20.87 -63.94 31.96
CA ASP C 228 -20.58 -65.35 31.75
C ASP C 228 -19.26 -65.74 32.40
N ARG C 229 -18.22 -64.93 32.20
CA ARG C 229 -16.93 -65.19 32.82
C ARG C 229 -16.92 -64.82 34.30
N GLU C 230 -17.91 -64.03 34.76
CA GLU C 230 -18.01 -63.72 36.17
C GLU C 230 -18.42 -64.93 36.99
N LEU C 231 -19.19 -65.84 36.41
CA LEU C 231 -19.59 -67.06 37.09
C LEU C 231 -18.58 -68.19 36.92
N LEU C 232 -17.78 -68.15 35.86
CA LEU C 232 -16.80 -69.21 35.63
C LEU C 232 -15.48 -68.92 36.35
N ASP C 233 -14.88 -67.77 36.07
CA ASP C 233 -13.58 -67.43 36.66
C ASP C 233 -13.71 -66.96 38.10
N THR C 234 -14.75 -66.16 38.39
CA THR C 234 -15.01 -65.56 39.71
C THR C 234 -13.82 -64.77 40.23
N SER C 235 -13.25 -63.93 39.37
CA SER C 235 -12.10 -63.10 39.72
C SER C 235 -12.55 -61.67 39.95
N PHE C 236 -12.12 -61.08 41.07
CA PHE C 236 -12.47 -59.72 41.43
C PHE C 236 -11.22 -58.98 41.89
N GLU C 237 -11.05 -57.75 41.39
CA GLU C 237 -9.94 -56.91 41.76
C GLU C 237 -10.47 -55.53 42.15
N ASP C 238 -10.31 -55.18 43.42
CA ASP C 238 -10.79 -53.89 43.92
C ASP C 238 -9.66 -53.13 44.62
N LEU D 76 9.88 -47.37 14.82
CA LEU D 76 8.49 -47.68 14.49
C LEU D 76 8.01 -46.82 13.32
N SER D 77 8.64 -45.67 13.13
CA SER D 77 8.31 -44.80 12.01
C SER D 77 9.18 -45.12 10.79
N ALA D 78 10.51 -45.07 10.96
CA ALA D 78 11.41 -45.42 9.87
C ALA D 78 11.52 -46.93 9.68
N ARG D 79 11.22 -47.71 10.71
CA ARG D 79 11.31 -49.17 10.60
C ARG D 79 10.16 -49.76 9.79
N GLN D 80 9.00 -49.11 9.78
CA GLN D 80 7.94 -49.46 8.84
C GLN D 80 8.17 -48.88 7.45
N ARG D 81 9.11 -47.95 7.33
CA ARG D 81 9.41 -47.27 6.07
C ARG D 81 10.81 -47.58 5.57
N ARG D 82 11.24 -48.85 5.63
CA ARG D 82 12.59 -49.21 5.23
C ARG D 82 12.79 -49.08 3.73
N GLU D 83 12.09 -49.89 2.93
CA GLU D 83 12.12 -49.63 1.49
C GLU D 83 11.07 -48.60 1.13
N LEU D 84 9.79 -49.03 1.18
CA LEU D 84 8.56 -48.24 1.23
C LEU D 84 7.47 -49.30 1.24
N ARG D 85 6.20 -48.93 1.37
CA ARG D 85 5.11 -49.86 1.06
C ARG D 85 4.65 -49.74 -0.40
N LEU D 86 5.44 -49.07 -1.24
CA LEU D 86 5.10 -48.75 -2.62
C LEU D 86 5.26 -49.98 -3.52
N PHE D 87 4.66 -49.88 -4.71
CA PHE D 87 4.66 -50.94 -5.70
C PHE D 87 6.05 -51.15 -6.30
N ASP D 88 6.17 -52.15 -7.17
CA ASP D 88 7.39 -52.35 -7.93
C ASP D 88 7.08 -52.38 -9.42
N ILE D 89 8.08 -52.72 -10.23
CA ILE D 89 7.93 -52.76 -11.68
C ILE D 89 7.19 -54.01 -12.14
N LYS D 90 7.50 -55.15 -11.54
CA LYS D 90 6.83 -56.40 -11.91
C LYS D 90 5.33 -56.49 -11.56
N PRO D 91 4.81 -55.98 -10.43
CA PRO D 91 3.34 -55.99 -10.27
C PRO D 91 2.58 -54.99 -11.12
N GLU D 92 3.26 -54.15 -11.92
CA GLU D 92 2.56 -53.27 -12.84
C GLU D 92 1.93 -54.02 -14.01
N GLN D 93 2.47 -55.18 -14.37
CA GLN D 93 2.01 -55.95 -15.52
C GLN D 93 1.22 -57.20 -15.13
N GLN D 94 0.35 -57.11 -14.11
CA GLN D 94 -0.34 -58.28 -13.59
C GLN D 94 -1.69 -58.54 -14.27
N ARG D 95 -1.85 -58.12 -15.54
CA ARG D 95 -2.97 -58.50 -16.41
C ARG D 95 -4.32 -58.07 -15.81
N TYR D 96 -4.56 -56.74 -15.89
CA TYR D 96 -5.61 -55.97 -15.22
C TYR D 96 -7.00 -56.62 -15.14
N SER D 97 -7.35 -57.49 -16.09
CA SER D 97 -8.56 -58.29 -15.98
C SER D 97 -8.51 -59.29 -14.83
N LEU D 98 -7.33 -59.58 -14.27
CA LEU D 98 -7.25 -60.41 -13.08
C LEU D 98 -7.54 -59.62 -11.81
N PHE D 99 -7.59 -58.29 -11.91
CA PHE D 99 -8.00 -57.45 -10.79
C PHE D 99 -9.51 -57.31 -10.68
N LEU D 100 -10.26 -57.92 -11.59
CA LEU D 100 -11.72 -57.94 -11.58
C LEU D 100 -12.34 -58.70 -10.38
N PRO D 101 -11.77 -59.80 -9.86
CA PRO D 101 -12.31 -60.31 -8.58
C PRO D 101 -12.12 -59.38 -7.39
N LEU D 102 -11.19 -58.43 -7.44
CA LEU D 102 -11.16 -57.39 -6.43
C LEU D 102 -12.35 -56.45 -6.59
N HIS D 103 -12.76 -56.19 -7.83
CA HIS D 103 -13.96 -55.41 -8.07
C HIS D 103 -15.22 -56.25 -7.85
N GLU D 104 -15.13 -57.56 -8.05
CA GLU D 104 -16.27 -58.44 -7.78
C GLU D 104 -16.51 -58.58 -6.28
N LEU D 105 -15.43 -58.55 -5.49
CA LEU D 105 -15.57 -58.56 -4.03
C LEU D 105 -16.20 -57.26 -3.53
N TRP D 106 -15.88 -56.13 -4.17
CA TRP D 106 -16.49 -54.87 -3.77
C TRP D 106 -17.94 -54.79 -4.23
N LYS D 107 -18.27 -55.46 -5.35
CA LYS D 107 -19.62 -55.39 -5.89
C LYS D 107 -20.61 -56.15 -5.01
N GLN D 108 -20.19 -57.29 -4.45
CA GLN D 108 -21.04 -58.00 -3.51
C GLN D 108 -21.00 -57.37 -2.12
N TYR D 109 -20.02 -56.50 -1.87
CA TYR D 109 -19.93 -55.84 -0.57
C TYR D 109 -20.99 -54.75 -0.43
N ILE D 110 -21.32 -54.06 -1.51
CA ILE D 110 -22.30 -52.98 -1.44
C ILE D 110 -23.71 -53.56 -1.31
N ARG D 111 -23.95 -54.71 -1.92
CA ARG D 111 -25.25 -55.38 -1.77
C ARG D 111 -25.43 -55.96 -0.37
N ASP D 112 -24.32 -56.30 0.30
CA ASP D 112 -24.40 -56.79 1.67
C ASP D 112 -24.42 -55.67 2.70
N LEU D 113 -24.30 -54.42 2.27
CA LEU D 113 -24.25 -53.27 3.18
C LEU D 113 -25.63 -52.69 3.45
N CYS D 114 -26.39 -52.36 2.41
CA CYS D 114 -27.72 -51.78 2.57
C CYS D 114 -28.82 -52.83 2.41
N SER D 115 -28.62 -53.78 1.49
CA SER D 115 -29.49 -54.94 1.25
C SER D 115 -30.89 -54.56 0.78
N GLY D 116 -31.07 -53.33 0.28
CA GLY D 116 -32.28 -52.95 -0.41
C GLY D 116 -31.99 -51.93 -1.48
N LEU D 117 -32.32 -52.25 -2.74
CA LEU D 117 -31.92 -51.37 -3.83
C LEU D 117 -33.08 -50.95 -4.73
N LYS D 118 -33.95 -51.89 -5.08
CA LYS D 118 -34.79 -51.73 -6.27
C LYS D 118 -35.95 -50.73 -6.13
N PRO D 119 -37.01 -50.95 -5.25
CA PRO D 119 -38.26 -50.20 -5.47
C PRO D 119 -38.20 -48.69 -5.19
N ASP D 120 -37.98 -48.30 -3.92
CA ASP D 120 -37.67 -46.91 -3.56
C ASP D 120 -37.04 -46.97 -2.17
N THR D 121 -35.71 -46.90 -2.11
CA THR D 121 -35.02 -47.07 -0.83
C THR D 121 -33.96 -45.97 -0.69
N GLN D 122 -34.40 -44.80 -0.19
CA GLN D 122 -33.64 -43.72 0.47
C GLN D 122 -32.32 -43.35 -0.21
N PRO D 123 -32.33 -42.61 -1.31
CA PRO D 123 -31.07 -42.19 -1.94
C PRO D 123 -30.19 -41.30 -1.07
N GLN D 124 -30.75 -40.65 -0.03
CA GLN D 124 -29.92 -39.93 0.92
C GLN D 124 -29.16 -40.89 1.83
N MET D 125 -29.68 -42.11 2.04
CA MET D 125 -28.97 -43.09 2.86
C MET D 125 -27.79 -43.69 2.11
N ILE D 126 -27.92 -43.87 0.80
CA ILE D 126 -26.87 -44.49 -0.01
C ILE D 126 -25.65 -43.58 -0.08
N GLN D 127 -25.87 -42.28 -0.24
CA GLN D 127 -24.78 -41.32 -0.28
C GLN D 127 -24.23 -40.98 1.10
N ALA D 128 -24.91 -41.43 2.17
CA ALA D 128 -24.39 -41.19 3.51
C ALA D 128 -23.60 -42.37 4.03
N LYS D 129 -23.95 -43.59 3.60
CA LYS D 129 -23.19 -44.76 4.02
C LYS D 129 -21.87 -44.88 3.26
N LEU D 130 -21.76 -44.26 2.08
CA LEU D 130 -20.51 -44.23 1.34
C LEU D 130 -19.55 -43.17 1.83
N LEU D 131 -19.94 -42.38 2.84
CA LEU D 131 -19.02 -41.42 3.45
C LEU D 131 -17.91 -42.14 4.21
N LYS D 132 -18.30 -43.13 5.02
CA LYS D 132 -17.36 -43.90 5.83
C LYS D 132 -17.02 -45.26 5.21
N ALA D 133 -17.52 -45.56 4.01
CA ALA D 133 -17.30 -46.86 3.41
C ALA D 133 -15.91 -46.92 2.78
N ASP D 134 -15.22 -48.04 3.03
CA ASP D 134 -13.92 -48.29 2.41
C ASP D 134 -14.15 -48.64 0.94
N LEU D 135 -13.84 -47.69 0.06
CA LEU D 135 -14.09 -47.81 -1.38
C LEU D 135 -12.89 -48.37 -2.13
N HIS D 136 -12.09 -49.20 -1.47
CA HIS D 136 -10.94 -49.84 -2.11
C HIS D 136 -11.40 -50.87 -3.14
N GLY D 137 -10.79 -50.80 -4.32
CA GLY D 137 -11.18 -51.69 -5.40
C GLY D 137 -12.45 -51.30 -6.13
N ALA D 138 -12.73 -50.01 -6.24
CA ALA D 138 -13.93 -49.52 -6.89
C ALA D 138 -13.59 -48.78 -8.17
N ILE D 139 -14.49 -48.87 -9.14
CA ILE D 139 -14.32 -48.21 -10.43
C ILE D 139 -14.58 -46.71 -10.28
N ILE D 140 -13.72 -45.90 -10.91
CA ILE D 140 -13.86 -44.45 -10.90
C ILE D 140 -13.63 -43.92 -12.32
N SER D 141 -14.25 -42.78 -12.60
CA SER D 141 -14.08 -42.09 -13.88
C SER D 141 -14.18 -40.60 -13.63
N VAL D 142 -13.15 -39.85 -14.05
CA VAL D 142 -13.05 -38.43 -13.76
C VAL D 142 -13.96 -37.69 -14.75
N THR D 143 -15.00 -37.04 -14.24
CA THR D 143 -15.87 -36.26 -15.11
C THR D 143 -15.61 -34.77 -15.00
N LYS D 144 -15.01 -34.30 -13.90
CA LYS D 144 -14.58 -32.92 -13.78
C LYS D 144 -13.25 -32.86 -13.04
N SER D 145 -12.38 -31.98 -13.51
CA SER D 145 -11.11 -31.68 -12.84
C SER D 145 -10.63 -30.33 -13.32
N LYS D 146 -9.77 -29.70 -12.52
CA LYS D 146 -9.17 -28.44 -12.92
C LYS D 146 -8.18 -28.63 -14.06
N CYS D 147 -7.47 -29.75 -14.05
CA CYS D 147 -6.60 -30.08 -15.19
C CYS D 147 -7.43 -30.74 -16.28
N PRO D 148 -7.30 -30.31 -17.54
CA PRO D 148 -7.98 -31.01 -18.63
C PRO D 148 -7.40 -32.39 -18.92
N SER D 149 -6.16 -32.66 -18.51
CA SER D 149 -5.55 -33.95 -18.78
C SER D 149 -6.03 -35.04 -17.84
N TYR D 150 -6.53 -34.68 -16.66
CA TYR D 150 -7.02 -35.64 -15.69
C TYR D 150 -8.40 -36.19 -16.04
N VAL D 151 -9.15 -35.50 -16.89
CA VAL D 151 -10.55 -35.83 -17.09
C VAL D 151 -10.67 -36.96 -18.11
N GLY D 152 -11.37 -38.04 -17.75
CA GLY D 152 -11.59 -39.15 -18.64
C GLY D 152 -10.77 -40.39 -18.39
N ILE D 153 -10.16 -40.51 -17.22
CA ILE D 153 -9.32 -41.66 -16.90
C ILE D 153 -10.16 -42.66 -16.10
N THR D 154 -10.29 -43.88 -16.61
CA THR D 154 -11.07 -44.92 -15.97
C THR D 154 -10.16 -46.02 -15.44
N GLY D 155 -10.65 -46.70 -14.41
CA GLY D 155 -9.90 -47.77 -13.76
C GLY D 155 -10.27 -47.88 -12.30
N ILE D 156 -9.81 -48.96 -11.69
CA ILE D 156 -10.04 -49.21 -10.28
C ILE D 156 -8.82 -48.79 -9.48
N LEU D 157 -9.02 -48.49 -8.20
CA LEU D 157 -7.94 -47.98 -7.36
C LEU D 157 -7.36 -49.07 -6.48
N LEU D 158 -6.08 -48.93 -6.15
CA LEU D 158 -5.37 -49.89 -5.31
C LEU D 158 -4.94 -49.27 -3.98
N GLN D 159 -4.19 -48.18 -4.01
CA GLN D 159 -3.78 -47.48 -2.81
C GLN D 159 -4.71 -46.30 -2.55
N GLU D 160 -4.67 -45.77 -1.32
CA GLU D 160 -5.43 -44.57 -1.00
C GLU D 160 -4.70 -43.84 0.14
N THR D 161 -4.00 -42.77 -0.22
CA THR D 161 -3.11 -42.01 0.65
C THR D 161 -3.88 -40.76 1.11
N LYS D 162 -3.15 -39.79 1.68
CA LYS D 162 -3.74 -38.57 2.24
C LYS D 162 -4.54 -37.78 1.21
N HIS D 163 -3.89 -37.28 0.16
CA HIS D 163 -4.60 -36.53 -0.86
C HIS D 163 -4.32 -37.06 -2.27
N ILE D 164 -3.79 -38.27 -2.38
CA ILE D 164 -3.68 -38.97 -3.65
C ILE D 164 -4.19 -40.40 -3.45
N PHE D 165 -4.57 -41.04 -4.54
CA PHE D 165 -4.83 -42.47 -4.54
C PHE D 165 -4.50 -43.03 -5.91
N LYS D 166 -3.77 -44.15 -5.90
CA LYS D 166 -3.21 -44.74 -7.11
C LYS D 166 -4.23 -45.66 -7.74
N ILE D 167 -4.46 -45.49 -9.04
CA ILE D 167 -5.37 -46.36 -9.80
C ILE D 167 -4.57 -47.11 -10.84
N ILE D 168 -5.15 -48.21 -11.32
CA ILE D 168 -4.64 -48.93 -12.48
C ILE D 168 -5.74 -48.94 -13.53
N THR D 169 -5.35 -48.65 -14.77
CA THR D 169 -6.26 -48.43 -15.89
C THR D 169 -6.29 -49.69 -16.76
N LYS D 170 -6.86 -49.53 -17.96
CA LYS D 170 -6.77 -50.57 -18.99
C LYS D 170 -5.32 -50.71 -19.47
N GLU D 171 -5.14 -51.62 -20.46
CA GLU D 171 -4.00 -52.53 -20.62
C GLU D 171 -2.66 -52.04 -20.10
N ASP D 172 -2.00 -52.89 -19.30
CA ASP D 172 -1.35 -52.58 -18.03
C ASP D 172 -0.53 -51.30 -18.03
N ARG D 173 -0.98 -50.34 -17.20
CA ARG D 173 -0.30 -49.10 -16.85
C ARG D 173 -1.02 -48.48 -15.67
N LEU D 174 -0.28 -48.02 -14.66
CA LEU D 174 -0.89 -47.37 -13.49
C LEU D 174 -0.75 -45.86 -13.61
N LYS D 175 -1.71 -45.15 -13.03
CA LYS D 175 -1.76 -43.69 -13.09
C LYS D 175 -2.06 -43.15 -11.70
N VAL D 176 -1.50 -41.98 -11.39
CA VAL D 176 -1.75 -41.32 -10.10
C VAL D 176 -2.54 -40.05 -10.36
N ILE D 177 -3.71 -39.95 -9.74
CA ILE D 177 -4.57 -38.78 -9.85
C ILE D 177 -4.74 -38.18 -8.46
N PRO D 178 -4.37 -36.92 -8.25
CA PRO D 178 -4.46 -36.34 -6.90
C PRO D 178 -5.88 -35.89 -6.57
N LYS D 179 -6.16 -35.86 -5.27
CA LYS D 179 -7.44 -35.40 -4.75
C LYS D 179 -7.35 -33.93 -4.35
N LEU D 180 -7.07 -33.07 -5.33
CA LEU D 180 -6.86 -31.65 -5.08
C LEU D 180 -8.11 -30.84 -5.40
N ASN D 181 -8.57 -30.87 -6.64
CA ASN D 181 -9.85 -30.23 -7.01
C ASN D 181 -10.41 -30.99 -8.22
N CYS D 182 -11.25 -31.99 -7.92
CA CYS D 182 -11.82 -32.89 -8.93
C CYS D 182 -12.92 -33.72 -8.28
N VAL D 183 -13.71 -34.37 -9.12
CA VAL D 183 -14.78 -35.25 -8.68
C VAL D 183 -14.63 -36.58 -9.40
N PHE D 184 -14.97 -37.68 -8.72
CA PHE D 184 -14.88 -39.01 -9.28
C PHE D 184 -16.28 -39.63 -9.34
N THR D 185 -16.53 -40.38 -10.40
CA THR D 185 -17.82 -41.02 -10.63
C THR D 185 -17.73 -42.50 -10.31
N VAL D 186 -18.50 -42.94 -9.33
CA VAL D 186 -18.50 -44.33 -8.87
C VAL D 186 -19.81 -44.96 -9.30
N GLU D 187 -19.74 -46.02 -10.09
CA GLU D 187 -20.91 -46.69 -10.62
C GLU D 187 -21.27 -47.87 -9.74
N THR D 188 -22.46 -47.80 -9.12
CA THR D 188 -22.99 -48.91 -8.34
C THR D 188 -23.86 -49.74 -9.31
N ASP D 189 -24.62 -50.71 -8.80
CA ASP D 189 -25.49 -51.53 -9.62
C ASP D 189 -26.65 -50.69 -10.16
N GLY D 190 -27.39 -50.04 -9.27
CA GLY D 190 -28.50 -49.21 -9.68
C GLY D 190 -28.38 -47.76 -9.23
N PHE D 191 -27.15 -47.33 -8.93
CA PHE D 191 -26.89 -45.99 -8.45
C PHE D 191 -25.62 -45.45 -9.08
N ILE D 192 -25.54 -44.13 -9.19
CA ILE D 192 -24.33 -43.42 -9.63
C ILE D 192 -24.07 -42.30 -8.63
N SER D 193 -22.93 -42.35 -7.96
CA SER D 193 -22.60 -41.39 -6.90
C SER D 193 -21.32 -40.66 -7.26
N TYR D 194 -21.39 -39.33 -7.22
CA TYR D 194 -20.21 -38.49 -7.43
C TYR D 194 -19.52 -38.26 -6.09
N ILE D 195 -18.19 -38.32 -6.10
CA ILE D 195 -17.39 -38.10 -4.90
C ILE D 195 -16.45 -36.93 -5.20
N TYR D 196 -16.74 -35.76 -4.63
CA TYR D 196 -15.93 -34.57 -4.83
C TYR D 196 -14.63 -34.72 -4.04
N GLY D 197 -13.52 -34.87 -4.75
CA GLY D 197 -12.26 -35.23 -4.13
C GLY D 197 -11.53 -34.13 -3.40
N SER D 198 -12.12 -32.93 -3.32
CA SER D 198 -11.49 -31.83 -2.60
C SER D 198 -11.79 -31.84 -1.11
N LYS D 199 -12.93 -32.39 -0.71
CA LYS D 199 -13.23 -32.53 0.72
C LYS D 199 -12.82 -33.89 1.26
N PHE D 200 -12.77 -34.92 0.41
CA PHE D 200 -12.45 -36.28 0.84
C PHE D 200 -10.95 -36.48 0.71
N GLN D 201 -10.26 -36.35 1.84
CA GLN D 201 -8.82 -36.48 1.92
C GLN D 201 -8.46 -36.96 3.32
N LEU D 202 -7.20 -36.76 3.71
CA LEU D 202 -6.70 -36.89 5.08
C LEU D 202 -6.84 -38.32 5.61
N ARG D 203 -6.04 -39.22 5.01
CA ARG D 203 -5.79 -40.60 5.45
C ARG D 203 -7.06 -41.42 5.68
N SER D 204 -7.69 -41.84 4.57
CA SER D 204 -9.03 -42.43 4.44
C SER D 204 -9.44 -43.49 5.48
N SER D 205 -8.48 -44.13 6.13
CA SER D 205 -8.79 -44.89 7.33
C SER D 205 -9.39 -44.00 8.41
N GLU D 206 -8.93 -42.76 8.51
CA GLU D 206 -9.52 -41.79 9.43
C GLU D 206 -10.78 -41.13 8.86
N ARG D 207 -11.06 -41.32 7.57
CA ARG D 207 -12.32 -40.83 7.01
C ARG D 207 -13.50 -41.61 7.59
N SER D 208 -13.35 -42.92 7.77
CA SER D 208 -14.39 -43.75 8.38
C SER D 208 -14.54 -43.49 9.87
N ALA D 209 -13.60 -42.80 10.50
CA ALA D 209 -13.63 -42.61 11.95
C ALA D 209 -14.54 -41.47 12.37
N LYS D 210 -14.21 -40.25 11.95
CA LYS D 210 -14.78 -39.06 12.58
C LYS D 210 -14.52 -37.86 11.67
N LYS D 211 -15.22 -36.76 11.96
CA LYS D 211 -14.94 -35.41 11.45
C LYS D 211 -15.09 -35.30 9.93
N PHE D 212 -16.34 -35.53 9.50
CA PHE D 212 -16.80 -35.09 8.18
C PHE D 212 -17.96 -34.13 8.41
N LYS D 213 -17.66 -32.84 8.48
CA LYS D 213 -18.65 -31.82 8.80
C LYS D 213 -18.99 -30.99 7.58
N ALA D 214 -20.00 -30.13 7.72
CA ALA D 214 -20.54 -29.35 6.62
C ALA D 214 -19.76 -28.04 6.50
N LYS D 215 -18.97 -27.92 5.43
CA LYS D 215 -18.22 -26.70 5.16
C LYS D 215 -18.20 -26.43 3.65
N GLY D 216 -18.54 -25.20 3.29
CA GLY D 216 -18.29 -24.66 1.96
C GLY D 216 -19.04 -25.29 0.80
N THR D 217 -18.75 -24.80 -0.40
CA THR D 217 -19.28 -25.32 -1.65
C THR D 217 -18.13 -25.87 -2.49
N ILE D 218 -18.49 -26.60 -3.54
CA ILE D 218 -17.52 -27.17 -4.47
C ILE D 218 -17.81 -26.55 -5.82
N ASP D 219 -17.07 -25.48 -6.15
CA ASP D 219 -17.33 -24.70 -7.37
C ASP D 219 -16.63 -25.37 -8.55
N LEU D 220 -17.32 -26.35 -9.13
CA LEU D 220 -16.84 -27.04 -10.31
C LEU D 220 -17.90 -27.08 -11.41
N VAL E 2 -12.33 -1.72 11.53
CA VAL E 2 -13.54 -1.91 12.31
C VAL E 2 -14.12 -0.57 12.72
N ARG E 3 -13.62 0.49 12.10
CA ARG E 3 -14.03 1.85 12.42
C ARG E 3 -14.19 2.64 11.12
N PHE E 4 -15.01 3.69 11.19
CA PHE E 4 -15.35 4.50 10.03
C PHE E 4 -14.59 5.83 10.07
N LYS E 5 -14.14 6.28 8.91
CA LYS E 5 -13.46 7.56 8.77
C LYS E 5 -14.49 8.64 8.49
N HIS E 6 -14.59 9.64 9.37
CA HIS E 6 -15.59 10.69 9.23
C HIS E 6 -14.97 11.97 8.67
N ARG E 7 -15.85 12.88 8.27
CA ARG E 7 -15.48 14.22 7.82
C ARG E 7 -16.38 15.22 8.52
N TYR E 8 -15.82 16.32 9.00
CA TYR E 8 -16.55 17.32 9.77
C TYR E 8 -16.41 18.69 9.13
N LEU E 9 -17.53 19.24 8.67
CA LEU E 9 -17.55 20.52 7.96
C LEU E 9 -18.22 21.57 8.82
N LEU E 10 -17.63 22.77 8.86
CA LEU E 10 -18.17 23.88 9.63
C LEU E 10 -19.01 24.80 8.74
N CYS E 11 -19.98 25.46 9.37
CA CYS E 11 -20.84 26.40 8.66
C CYS E 11 -21.08 27.61 9.55
N GLU E 12 -21.52 28.71 8.92
CA GLU E 12 -21.75 29.96 9.63
C GLU E 12 -22.91 30.68 8.97
N LEU E 13 -23.92 31.04 9.77
CA LEU E 13 -25.04 31.84 9.29
C LEU E 13 -24.70 33.31 9.39
N VAL E 14 -24.52 33.97 8.24
CA VAL E 14 -24.22 35.40 8.18
C VAL E 14 -25.40 36.10 7.55
N SER E 15 -26.20 36.78 8.37
CA SER E 15 -27.40 37.45 7.90
C SER E 15 -27.80 38.52 8.89
N ASP E 16 -28.63 39.45 8.43
CA ASP E 16 -29.25 40.44 9.29
C ASP E 16 -30.53 39.86 9.88
N ASP E 17 -31.27 40.72 10.62
CA ASP E 17 -32.53 40.40 11.31
C ASP E 17 -32.31 39.25 12.29
N PRO E 18 -31.64 39.49 13.44
CA PRO E 18 -31.11 38.38 14.25
C PRO E 18 -32.13 37.54 15.01
N ARG E 19 -33.44 37.73 14.74
CA ARG E 19 -34.44 36.80 15.25
C ARG E 19 -34.36 35.44 14.56
N CYS E 20 -33.76 35.38 13.37
CA CYS E 20 -33.55 34.10 12.69
C CYS E 20 -32.51 33.26 13.42
N ARG E 21 -31.52 33.90 14.03
CA ARG E 21 -30.51 33.19 14.80
C ARG E 21 -31.05 32.64 16.11
N LEU E 22 -32.13 33.21 16.64
CA LEU E 22 -32.75 32.66 17.84
C LEU E 22 -33.59 31.43 17.53
N SER E 23 -34.06 31.30 16.30
CA SER E 23 -34.89 30.16 15.90
C SER E 23 -34.03 29.07 15.25
N LEU E 24 -33.19 28.46 16.07
CA LEU E 24 -32.33 27.36 15.64
C LEU E 24 -32.51 26.18 16.58
N ASP E 25 -32.61 24.98 16.02
CA ASP E 25 -32.84 23.77 16.80
C ASP E 25 -32.29 22.58 16.03
N ASP E 26 -31.94 21.53 16.77
CA ASP E 26 -31.41 20.32 16.14
C ASP E 26 -32.49 19.57 15.37
N ARG E 27 -33.75 19.69 15.80
CA ARG E 27 -34.84 19.07 15.05
C ARG E 27 -35.14 19.82 13.76
N VAL E 28 -34.94 21.14 13.75
CA VAL E 28 -35.17 21.92 12.56
C VAL E 28 -34.00 21.79 11.59
N LEU E 29 -32.78 21.76 12.12
CA LEU E 29 -31.59 21.67 11.27
C LEU E 29 -31.47 20.31 10.60
N SER E 30 -31.86 19.25 11.30
CA SER E 30 -31.87 17.92 10.69
C SER E 30 -32.99 17.78 9.67
N SER E 31 -34.07 18.55 9.84
CA SER E 31 -35.14 18.55 8.85
C SER E 31 -34.88 19.55 7.73
N LEU E 32 -33.86 20.39 7.87
CA LEU E 32 -33.52 21.34 6.82
C LEU E 32 -32.50 20.78 5.84
N VAL E 33 -31.42 20.20 6.37
CA VAL E 33 -30.32 19.73 5.52
C VAL E 33 -30.74 18.47 4.77
N ARG E 34 -31.46 17.57 5.45
CA ARG E 34 -31.91 16.34 4.79
C ARG E 34 -33.01 16.59 3.77
N ASP E 35 -33.69 17.74 3.86
CA ASP E 35 -34.71 18.07 2.87
C ASP E 35 -34.10 18.74 1.65
N THR E 36 -33.14 19.64 1.86
CA THR E 36 -32.54 20.37 0.74
C THR E 36 -31.59 19.53 -0.09
N ILE E 37 -31.11 18.39 0.43
CA ILE E 37 -30.41 17.43 -0.41
C ILE E 37 -31.40 16.71 -1.32
N ALA E 38 -32.61 16.44 -0.81
CA ALA E 38 -33.65 15.86 -1.64
C ALA E 38 -34.24 16.85 -2.63
N ARG E 39 -33.99 18.15 -2.45
CA ARG E 39 -34.45 19.15 -3.42
C ARG E 39 -33.42 19.38 -4.52
N VAL E 40 -32.12 19.33 -4.20
CA VAL E 40 -31.07 19.54 -5.18
C VAL E 40 -30.76 18.21 -5.87
N HIS E 41 -30.32 17.23 -5.08
CA HIS E 41 -30.15 15.87 -5.57
C HIS E 41 -31.47 15.11 -5.41
N GLY E 42 -31.45 13.84 -5.78
CA GLY E 42 -32.62 12.99 -5.70
C GLY E 42 -32.63 12.13 -4.45
N THR E 43 -33.23 10.95 -4.58
CA THR E 43 -33.29 10.01 -3.46
C THR E 43 -31.99 9.23 -3.27
N PHE E 44 -31.03 9.36 -4.19
CA PHE E 44 -29.73 8.73 -3.99
C PHE E 44 -28.95 9.42 -2.87
N GLY E 45 -28.69 10.72 -3.04
CA GLY E 45 -27.92 11.44 -2.04
C GLY E 45 -28.69 11.77 -0.79
N ALA E 46 -30.02 11.65 -0.84
CA ALA E 46 -30.84 11.95 0.33
C ALA E 46 -30.72 10.86 1.39
N ALA E 47 -30.32 9.65 1.00
CA ALA E 47 -30.13 8.55 1.92
C ALA E 47 -28.68 8.08 2.01
N ALA E 48 -27.87 8.37 0.99
CA ALA E 48 -26.43 8.12 1.10
C ALA E 48 -25.74 9.11 2.02
N CYS E 49 -26.35 10.27 2.25
CA CYS E 49 -25.89 11.25 3.21
C CYS E 49 -26.89 11.37 4.36
N SER E 50 -27.42 10.22 4.80
CA SER E 50 -28.31 10.14 5.93
C SER E 50 -27.98 8.98 6.86
N ILE E 51 -27.08 8.09 6.46
CA ILE E 51 -26.68 6.97 7.31
C ILE E 51 -25.52 7.31 8.24
N GLY E 52 -24.86 8.44 8.02
CA GLY E 52 -23.81 8.88 8.91
C GLY E 52 -24.01 10.33 9.34
N PHE E 53 -25.02 10.96 8.75
CA PHE E 53 -25.30 12.36 9.03
C PHE E 53 -25.99 12.52 10.38
N ALA E 54 -25.40 13.37 11.22
CA ALA E 54 -25.96 13.68 12.54
C ALA E 54 -25.39 15.02 12.98
N VAL E 55 -26.10 15.67 13.90
CA VAL E 55 -25.63 16.94 14.43
C VAL E 55 -24.91 16.71 15.77
N ARG E 56 -23.84 17.47 15.98
CA ARG E 56 -23.02 17.34 17.18
C ARG E 56 -22.82 18.66 17.92
N TYR E 57 -22.70 19.77 17.19
CA TYR E 57 -22.35 21.05 17.79
C TYR E 57 -23.16 22.15 17.16
N LEU E 58 -23.89 22.89 17.99
CA LEU E 58 -24.73 23.99 17.50
C LEU E 58 -24.98 25.02 18.59
N ASN E 59 -24.60 26.27 18.33
CA ASN E 59 -24.88 27.39 19.23
C ASN E 59 -25.77 28.38 18.47
N ALA E 60 -26.99 28.58 18.97
CA ALA E 60 -27.91 29.51 18.34
C ALA E 60 -27.49 30.96 18.55
N TYR E 61 -26.82 31.25 19.67
CA TYR E 61 -26.38 32.61 19.94
C TYR E 61 -25.13 32.97 19.14
N THR E 62 -24.30 31.98 18.81
CA THR E 62 -23.09 32.20 18.04
C THR E 62 -23.28 31.96 16.54
N GLY E 63 -23.82 30.81 16.15
CA GLY E 63 -24.06 30.54 14.75
C GLY E 63 -23.01 29.70 14.08
N ILE E 64 -22.57 28.62 14.71
CA ILE E 64 -21.61 27.68 14.15
C ILE E 64 -22.29 26.33 14.04
N VAL E 65 -22.26 25.74 12.84
CA VAL E 65 -22.94 24.50 12.54
C VAL E 65 -21.90 23.44 12.20
N LEU E 66 -21.91 22.34 12.95
CA LEU E 66 -21.04 21.20 12.70
C LEU E 66 -21.89 20.00 12.28
N LEU E 67 -21.50 19.37 11.17
CA LEU E 67 -22.26 18.27 10.58
C LEU E 67 -21.36 17.07 10.36
N ARG E 68 -21.98 15.90 10.27
CA ARG E 68 -21.27 14.65 10.05
C ARG E 68 -21.53 14.13 8.63
N CYS E 69 -20.48 13.55 8.04
CA CYS E 69 -20.54 12.93 6.72
C CYS E 69 -19.35 11.99 6.58
N ARG E 70 -19.42 11.15 5.54
CA ARG E 70 -18.46 10.06 5.37
C ARG E 70 -17.28 10.50 4.52
N LYS E 71 -16.32 9.57 4.34
CA LYS E 71 -15.25 9.79 3.38
C LYS E 71 -15.75 9.66 1.95
N GLU E 72 -16.71 8.76 1.72
CA GLU E 72 -17.20 8.52 0.37
C GLU E 72 -18.30 9.49 -0.06
N PHE E 73 -18.88 10.25 0.87
CA PHE E 73 -20.02 11.10 0.52
C PHE E 73 -19.93 12.48 1.16
N TYR E 74 -18.73 13.07 1.22
CA TYR E 74 -18.63 14.43 1.73
C TYR E 74 -18.90 15.46 0.63
N GLN E 75 -18.75 15.06 -0.63
CA GLN E 75 -18.92 15.96 -1.77
C GLN E 75 -20.37 16.26 -2.09
N LEU E 76 -21.32 15.57 -1.48
CA LEU E 76 -22.73 15.84 -1.74
C LEU E 76 -23.30 16.82 -0.71
N VAL E 77 -22.85 16.72 0.54
CA VAL E 77 -23.29 17.66 1.57
C VAL E 77 -22.62 19.02 1.37
N TRP E 78 -21.32 19.02 1.07
CA TRP E 78 -20.56 20.25 0.90
C TRP E 78 -20.89 20.97 -0.41
N SER E 79 -21.58 20.32 -1.34
CA SER E 79 -22.09 20.98 -2.54
C SER E 79 -23.55 21.41 -2.40
N ALA E 80 -24.27 20.90 -1.40
CA ALA E 80 -25.64 21.32 -1.14
C ALA E 80 -25.73 22.54 -0.24
N LEU E 81 -24.61 22.95 0.36
CA LEU E 81 -24.58 24.14 1.20
C LEU E 81 -24.92 25.48 0.50
N PRO E 82 -24.49 25.78 -0.74
CA PRO E 82 -24.93 27.07 -1.33
C PRO E 82 -26.41 27.15 -1.66
N PHE E 83 -27.09 26.01 -1.83
CA PHE E 83 -28.49 26.01 -2.23
C PHE E 83 -29.44 25.90 -1.05
N ILE E 84 -29.06 26.43 0.12
CA ILE E 84 -29.92 26.40 1.30
C ILE E 84 -30.45 27.82 1.50
N THR E 85 -31.68 28.06 1.08
CA THR E 85 -32.40 29.30 1.29
C THR E 85 -33.79 29.00 1.82
N TYR E 86 -34.45 30.07 2.30
CA TYR E 86 -35.85 30.09 2.74
C TYR E 86 -36.08 29.09 3.88
N LEU E 87 -35.47 29.41 5.02
CA LEU E 87 -35.78 28.69 6.26
C LEU E 87 -37.18 29.12 6.71
N GLU E 88 -38.18 28.31 6.36
CA GLU E 88 -39.56 28.66 6.62
C GLU E 88 -39.92 28.43 8.08
N ASN E 89 -40.50 29.45 8.70
CA ASN E 89 -40.88 29.40 10.11
C ASN E 89 -42.11 30.28 10.26
N LYS E 90 -42.43 30.68 11.50
CA LYS E 90 -43.59 31.53 11.75
C LYS E 90 -43.42 32.93 11.17
N GLY E 91 -42.18 33.41 11.04
CA GLY E 91 -41.93 34.71 10.47
C GLY E 91 -41.34 34.64 9.08
N HIS E 92 -40.68 35.71 8.65
CA HIS E 92 -40.02 35.78 7.35
C HIS E 92 -38.52 35.81 7.58
N ARG E 93 -37.84 34.75 7.15
CA ARG E 93 -36.42 34.57 7.43
C ARG E 93 -35.69 34.13 6.17
N TYR E 94 -34.51 34.67 5.95
CA TYR E 94 -33.66 34.29 4.81
C TYR E 94 -32.21 34.16 5.26
N PRO E 95 -31.84 33.00 5.83
CA PRO E 95 -30.42 32.77 6.14
C PRO E 95 -29.70 32.07 5.01
N CYS E 96 -28.37 31.96 5.12
CA CYS E 96 -27.56 31.28 4.13
C CYS E 96 -26.24 30.87 4.76
N PHE E 97 -25.91 29.58 4.65
CA PHE E 97 -24.72 29.05 5.29
C PHE E 97 -23.44 29.48 4.56
N PHE E 98 -22.35 29.51 5.32
CA PHE E 98 -21.03 29.81 4.76
C PHE E 98 -20.00 28.92 5.42
N ASN E 99 -19.26 28.17 4.61
CA ASN E 99 -18.21 27.31 5.14
C ASN E 99 -17.00 28.13 5.59
N THR E 100 -16.21 27.55 6.48
CA THR E 100 -14.94 28.12 6.91
C THR E 100 -13.76 27.27 6.52
N LEU E 101 -13.72 26.01 6.94
CA LEU E 101 -12.66 25.09 6.57
C LEU E 101 -13.19 23.67 6.72
N HIS E 102 -13.07 22.87 5.67
CA HIS E 102 -13.50 21.49 5.68
C HIS E 102 -12.45 20.66 6.42
N VAL E 103 -12.80 20.18 7.61
CA VAL E 103 -11.86 19.43 8.46
C VAL E 103 -12.07 17.94 8.20
N GLY E 104 -10.98 17.23 7.96
CA GLY E 104 -11.04 15.80 7.70
C GLY E 104 -11.09 14.94 8.94
N GLY E 105 -12.26 14.86 9.57
CA GLY E 105 -12.33 14.17 10.84
C GLY E 105 -11.89 15.08 11.97
N THR E 106 -11.05 14.52 12.87
CA THR E 106 -10.16 15.18 13.85
C THR E 106 -10.74 16.40 14.57
N ILE E 107 -11.76 16.15 15.39
CA ILE E 107 -12.54 17.11 16.18
C ILE E 107 -11.68 18.12 16.95
N ARG E 108 -10.51 17.68 17.43
CA ARG E 108 -9.63 18.53 18.24
C ARG E 108 -9.15 19.74 17.47
N THR E 109 -8.55 19.53 16.30
CA THR E 109 -8.11 20.66 15.48
C THR E 109 -9.27 21.33 14.73
N CYS E 110 -10.45 20.72 14.71
CA CYS E 110 -11.65 21.42 14.25
C CYS E 110 -12.11 22.43 15.29
N GLN E 111 -11.86 22.15 16.57
CA GLN E 111 -12.14 23.14 17.62
C GLN E 111 -11.01 24.15 17.73
N LYS E 112 -9.80 23.77 17.29
CA LYS E 112 -8.69 24.71 17.30
C LYS E 112 -8.87 25.80 16.26
N PHE E 113 -9.42 25.46 15.09
CA PHE E 113 -9.69 26.46 14.06
C PHE E 113 -10.84 27.38 14.48
N LEU E 114 -11.75 26.89 15.31
CA LEU E 114 -12.81 27.73 15.85
C LEU E 114 -12.28 28.72 16.88
N ILE E 115 -11.18 28.41 17.55
CA ILE E 115 -10.59 29.35 18.51
C ILE E 115 -9.90 30.48 17.77
N GLN E 116 -9.09 30.15 16.76
CA GLN E 116 -8.40 31.19 15.99
C GLN E 116 -9.35 32.01 15.14
N TYR E 117 -10.51 31.46 14.77
CA TYR E 117 -11.52 32.26 14.11
C TYR E 117 -12.24 33.18 15.08
N ASN E 118 -12.39 32.75 16.34
CA ASN E 118 -13.04 33.57 17.35
C ASN E 118 -12.12 34.70 17.83
N ARG E 119 -10.81 34.44 17.89
CA ARG E 119 -9.89 35.48 18.35
C ARG E 119 -9.72 36.59 17.33
N ARG E 120 -9.76 36.25 16.04
CA ARG E 120 -9.66 37.27 15.00
C ARG E 120 -10.92 38.08 14.85
N GLN E 121 -12.06 37.60 15.38
CA GLN E 121 -13.32 38.33 15.22
C GLN E 121 -13.44 39.43 16.27
N LEU E 122 -12.92 39.21 17.47
CA LEU E 122 -13.04 40.20 18.54
C LEU E 122 -12.00 41.30 18.43
N LEU E 123 -10.87 41.03 17.75
CA LEU E 123 -9.85 42.06 17.58
C LEU E 123 -10.27 43.10 16.55
N ILE E 124 -10.92 42.67 15.47
CA ILE E 124 -11.42 43.60 14.45
C ILE E 124 -12.60 44.39 15.01
N LEU E 125 -13.37 43.79 15.91
CA LEU E 125 -14.55 44.39 16.52
C LEU E 125 -14.20 45.55 17.47
N LEU E 126 -12.92 45.74 17.81
CA LEU E 126 -12.53 46.75 18.78
C LEU E 126 -12.73 48.16 18.23
N GLN E 127 -12.03 48.50 17.14
CA GLN E 127 -12.06 49.85 16.61
C GLN E 127 -13.34 50.17 15.84
N ASN E 128 -13.94 49.17 15.20
CA ASN E 128 -15.13 49.38 14.38
C ASN E 128 -16.37 49.72 15.21
N CYS E 129 -16.52 49.07 16.38
CA CYS E 129 -17.68 49.36 17.22
C CYS E 129 -17.49 50.65 18.01
N THR E 130 -16.39 50.72 18.78
CA THR E 130 -15.99 51.87 19.60
C THR E 130 -17.09 52.22 20.62
N ASP E 131 -17.29 51.28 21.54
CA ASP E 131 -18.26 51.42 22.61
C ASP E 131 -17.56 51.20 23.94
N GLU E 132 -17.88 52.05 24.92
CA GLU E 132 -17.21 51.94 26.22
C GLU E 132 -17.77 50.77 27.03
N GLY E 133 -19.08 50.52 26.94
CA GLY E 133 -19.65 49.40 27.66
C GLY E 133 -19.31 48.06 27.05
N GLU E 134 -19.04 48.03 25.74
CA GLU E 134 -18.70 46.78 25.08
C GLU E 134 -17.22 46.46 25.20
N ARG E 135 -16.37 47.49 25.32
CA ARG E 135 -14.94 47.27 25.45
C ARG E 135 -14.60 46.65 26.82
N GLU E 136 -15.41 46.97 27.84
CA GLU E 136 -15.24 46.31 29.14
C GLU E 136 -15.64 44.84 29.06
N ALA E 137 -16.60 44.52 28.19
CA ALA E 137 -16.99 43.13 27.99
C ALA E 137 -15.94 42.35 27.21
N ILE E 138 -15.15 43.04 26.37
CA ILE E 138 -14.03 42.40 25.71
C ILE E 138 -12.93 42.10 26.72
N GLN E 139 -12.70 43.02 27.67
CA GLN E 139 -11.73 42.79 28.74
C GLN E 139 -12.14 41.68 29.68
N LYS E 140 -13.44 41.40 29.79
CA LYS E 140 -13.89 40.21 30.51
C LYS E 140 -13.64 38.94 29.71
N SER E 141 -13.55 39.04 28.38
CA SER E 141 -13.30 37.87 27.56
C SER E 141 -11.80 37.54 27.51
N VAL E 142 -10.95 38.56 27.57
CA VAL E 142 -9.51 38.33 27.52
C VAL E 142 -9.01 37.80 28.87
N THR E 143 -9.55 38.33 29.97
CA THR E 143 -9.11 37.93 31.31
C THR E 143 -9.53 36.50 31.63
N ARG E 144 -10.76 36.12 31.28
CA ARG E 144 -11.21 34.76 31.53
C ARG E 144 -10.54 33.76 30.61
N SER E 145 -10.08 34.19 29.44
CA SER E 145 -9.33 33.30 28.56
C SER E 145 -7.93 33.04 29.06
N CYS E 146 -7.33 33.97 29.80
CA CYS E 146 -6.02 33.74 30.39
C CYS E 146 -6.12 32.81 31.60
N LEU E 147 -7.29 32.72 32.20
CA LEU E 147 -7.52 31.81 33.33
C LEU E 147 -7.76 30.37 32.90
N LEU E 148 -7.92 30.12 31.60
CA LEU E 148 -8.16 28.78 31.11
C LEU E 148 -6.89 27.93 31.14
N MET F 1 16.43 61.02 -6.24
CA MET F 1 16.68 60.64 -4.85
C MET F 1 16.25 61.75 -3.90
N GLU F 2 15.06 62.29 -4.10
CA GLU F 2 14.51 63.36 -3.26
C GLU F 2 13.44 62.77 -2.35
N ASN F 3 13.68 62.82 -1.05
CA ASN F 3 12.80 62.21 -0.07
C ASN F 3 11.84 63.24 0.54
N PHE F 4 10.69 62.74 1.00
CA PHE F 4 9.69 63.54 1.68
C PHE F 4 9.28 62.79 2.94
N ARG F 5 9.70 63.29 4.10
CA ARG F 5 9.54 62.58 5.37
C ARG F 5 8.67 63.40 6.31
N LYS F 6 7.64 62.78 6.85
CA LYS F 6 6.75 63.41 7.82
C LYS F 6 7.04 62.89 9.22
N VAL F 7 6.64 63.66 10.22
CA VAL F 7 6.84 63.30 11.62
C VAL F 7 5.49 62.87 12.17
N ARG F 8 5.38 61.58 12.51
CA ARG F 8 4.15 61.03 13.07
C ARG F 8 4.23 60.97 14.59
N GLY F 21 8.11 60.38 20.11
CA GLY F 21 8.21 61.62 20.88
C GLY F 21 7.11 62.60 20.57
N GLY F 22 5.93 62.10 20.25
CA GLY F 22 4.80 62.93 19.93
C GLY F 22 4.11 63.52 21.14
N PRO F 23 3.47 62.67 21.97
CA PRO F 23 2.82 63.18 23.18
C PRO F 23 3.77 63.29 24.36
N GLY F 24 4.89 62.58 24.30
CA GLY F 24 5.80 62.55 25.43
C GLY F 24 6.70 63.76 25.54
N SER F 25 6.92 64.46 24.42
CA SER F 25 7.84 65.61 24.41
C SER F 25 7.21 66.89 24.92
N GLY F 26 6.01 66.83 25.49
CA GLY F 26 5.38 67.96 26.15
C GLY F 26 6.18 68.48 27.33
N PRO F 27 6.38 67.65 28.36
CA PRO F 27 7.27 68.05 29.46
C PRO F 27 8.73 68.20 29.06
N PHE F 28 9.18 67.55 27.99
CA PHE F 28 10.53 67.77 27.50
C PHE F 28 10.69 69.14 26.84
N ALA F 29 9.61 69.71 26.31
CA ALA F 29 9.68 71.02 25.67
C ALA F 29 9.93 72.15 26.67
N ASP F 30 9.57 71.95 27.95
CA ASP F 30 9.84 72.96 28.96
C ASP F 30 11.29 72.96 29.44
N LEU F 31 12.05 71.92 29.09
CA LEU F 31 13.44 71.80 29.55
C LEU F 31 14.46 72.17 28.49
N ALA F 32 14.05 72.29 27.21
CA ALA F 32 14.86 72.58 26.04
C ALA F 32 16.06 71.65 25.91
N PRO F 33 15.85 70.38 25.52
CA PRO F 33 16.96 69.42 25.51
C PRO F 33 17.85 69.60 24.29
N GLY F 34 18.93 68.82 24.27
CA GLY F 34 19.84 68.79 23.15
C GLY F 34 19.55 67.64 22.21
N ALA F 35 18.97 67.95 21.04
CA ALA F 35 18.55 66.92 20.11
C ALA F 35 19.74 66.39 19.31
N VAL F 36 19.77 65.07 19.14
CA VAL F 36 20.82 64.37 18.41
C VAL F 36 20.14 63.59 17.29
N HIS F 37 20.58 63.83 16.05
CA HIS F 37 19.90 63.30 14.87
C HIS F 37 20.88 62.51 14.01
N MET F 38 20.42 61.37 13.49
CA MET F 38 21.18 60.51 12.59
C MET F 38 20.29 60.15 11.41
N ARG F 39 20.53 60.78 10.26
CA ARG F 39 19.61 60.65 9.13
C ARG F 39 19.54 59.25 8.52
N VAL F 40 20.55 58.85 7.76
CA VAL F 40 20.59 57.51 7.18
C VAL F 40 21.92 56.83 7.46
N LYS F 41 23.00 57.40 6.90
CA LYS F 41 24.32 56.75 6.88
C LYS F 41 25.38 57.83 6.83
N GLU F 42 26.13 57.98 7.93
CA GLU F 42 27.25 58.92 7.98
C GLU F 42 28.20 58.45 9.07
N GLY F 43 29.45 58.17 8.68
CA GLY F 43 30.38 57.53 9.59
C GLY F 43 31.11 58.51 10.48
N SER F 44 31.58 59.63 9.92
CA SER F 44 32.32 60.62 10.67
C SER F 44 31.46 61.43 11.62
N LYS F 45 30.13 61.34 11.50
CA LYS F 45 29.23 62.04 12.42
C LYS F 45 29.20 61.36 13.78
N ILE F 46 29.56 60.07 13.84
CA ILE F 46 29.70 59.36 15.11
C ILE F 46 30.81 59.98 15.94
N ARG F 47 31.90 60.38 15.29
CA ARG F 47 32.95 61.14 15.97
C ARG F 47 32.52 62.58 16.25
N ASN F 48 31.47 63.06 15.58
CA ASN F 48 31.02 64.44 15.77
C ASN F 48 29.94 64.54 16.83
N LEU F 49 28.98 63.60 16.80
CA LEU F 49 27.89 63.64 17.77
C LEU F 49 28.34 63.23 19.16
N MET F 50 29.31 62.32 19.26
CA MET F 50 29.83 61.95 20.58
C MET F 50 30.77 63.02 21.13
N ALA F 51 31.27 63.91 20.27
CA ALA F 51 32.02 65.06 20.75
C ALA F 51 31.13 66.05 21.48
N PHE F 52 29.89 66.20 21.02
CA PHE F 52 28.94 67.06 21.72
C PHE F 52 28.21 66.32 22.84
N ALA F 53 28.07 64.99 22.72
CA ALA F 53 27.46 64.21 23.79
C ALA F 53 28.36 64.16 25.01
N THR F 54 29.68 64.12 24.82
CA THR F 54 30.60 64.26 25.93
C THR F 54 30.62 65.69 26.45
N ALA F 55 30.45 66.66 25.55
CA ALA F 55 30.44 68.07 25.95
C ALA F 55 29.17 68.42 26.71
N SER F 56 28.06 67.76 26.37
CA SER F 56 26.78 67.99 27.06
C SER F 56 26.82 67.54 28.52
N MET F 57 27.70 66.60 28.87
CA MET F 57 27.93 66.29 30.28
C MET F 57 28.63 67.46 30.98
N ALA F 58 29.50 68.17 30.26
CA ALA F 58 30.25 69.28 30.84
C ALA F 58 29.53 70.61 30.71
N GLN F 59 28.81 70.83 29.61
CA GLN F 59 28.06 72.08 29.44
C GLN F 59 26.83 72.08 30.34
N PRO F 60 26.47 73.26 30.89
CA PRO F 60 25.31 73.31 31.79
C PRO F 60 23.97 73.15 31.08
N ALA F 61 23.34 71.99 31.27
CA ALA F 61 22.05 71.68 30.68
C ALA F 61 21.34 70.65 31.54
N THR F 62 20.06 70.46 31.26
CA THR F 62 19.28 69.48 31.99
C THR F 62 19.61 68.06 31.51
N ARG F 63 19.18 67.07 32.30
CA ARG F 63 19.44 65.66 32.00
C ARG F 63 18.39 65.18 31.01
N ALA F 64 18.55 65.57 29.75
CA ALA F 64 17.62 65.18 28.70
C ALA F 64 18.37 65.22 27.36
N ILE F 65 18.63 64.04 26.80
CA ILE F 65 19.28 63.90 25.51
C ILE F 65 18.31 63.15 24.59
N VAL F 66 18.03 63.73 23.42
CA VAL F 66 17.04 63.21 22.49
C VAL F 66 17.77 62.62 21.30
N PHE F 67 17.57 61.31 21.06
CA PHE F 67 18.12 60.64 19.91
C PHE F 67 17.02 60.34 18.88
N SER F 68 17.46 60.01 17.66
CA SER F 68 16.53 59.67 16.58
C SER F 68 17.26 58.80 15.57
N GLY F 69 16.49 58.11 14.74
CA GLY F 69 17.05 57.26 13.70
C GLY F 69 16.01 56.39 13.01
N CYS F 70 16.18 56.18 11.71
CA CYS F 70 15.26 55.37 10.93
C CYS F 70 16.00 54.78 9.73
N GLY F 71 15.37 53.77 9.12
CA GLY F 71 15.98 53.08 7.99
C GLY F 71 17.13 52.19 8.40
N ARG F 72 18.35 52.56 8.02
CA ARG F 72 19.56 51.90 8.49
C ARG F 72 20.16 52.62 9.70
N ALA F 73 19.73 53.85 9.96
CA ALA F 73 20.23 54.58 11.12
C ALA F 73 19.64 54.09 12.44
N THR F 74 18.67 53.18 12.40
CA THR F 74 18.09 52.62 13.62
C THR F 74 19.02 51.64 14.33
N THR F 75 20.06 51.15 13.66
CA THR F 75 21.08 50.33 14.32
C THR F 75 22.33 51.12 14.65
N LYS F 76 22.40 52.39 14.26
CA LYS F 76 23.52 53.26 14.58
C LYS F 76 23.23 54.22 15.73
N THR F 77 21.96 54.61 15.89
CA THR F 77 21.58 55.42 17.04
C THR F 77 21.52 54.63 18.34
N VAL F 78 21.47 53.30 18.26
CA VAL F 78 21.60 52.47 19.45
C VAL F 78 23.05 52.43 19.91
N THR F 79 23.97 52.32 18.97
CA THR F 79 25.40 52.33 19.29
C THR F 79 25.86 53.73 19.73
N CYS F 80 25.17 54.77 19.26
CA CYS F 80 25.53 56.13 19.65
C CYS F 80 25.14 56.42 21.09
N ALA F 81 23.99 55.93 21.53
CA ALA F 81 23.56 56.13 22.91
C ALA F 81 24.22 55.14 23.86
N GLU F 82 24.83 54.08 23.34
CA GLU F 82 25.46 53.08 24.22
C GLU F 82 26.83 53.54 24.70
N ILE F 83 27.56 54.27 23.84
CA ILE F 83 28.88 54.76 24.22
C ILE F 83 28.74 55.91 25.23
N LEU F 84 27.68 56.70 25.13
CA LEU F 84 27.43 57.75 26.10
C LEU F 84 27.02 57.18 27.46
N LYS F 85 26.43 55.98 27.46
CA LYS F 85 26.12 55.31 28.72
C LYS F 85 27.40 54.82 29.42
N ARG F 86 28.48 54.61 28.67
CA ARG F 86 29.76 54.25 29.26
C ARG F 86 30.49 55.44 29.87
N ARG F 87 30.01 56.66 29.65
CA ARG F 87 30.62 57.86 30.21
C ARG F 87 29.68 58.58 31.19
N LEU F 88 28.45 58.85 30.78
CA LEU F 88 27.51 59.56 31.64
C LEU F 88 26.83 58.64 32.65
N ALA F 89 26.63 57.37 32.28
CA ALA F 89 25.94 56.35 33.07
C ALA F 89 24.52 56.79 33.44
N GLY F 90 23.70 57.01 32.42
CA GLY F 90 22.30 57.32 32.65
C GLY F 90 21.53 56.11 33.14
N LEU F 91 20.50 56.38 33.94
CA LEU F 91 19.75 55.32 34.59
C LEU F 91 18.36 55.09 34.01
N HIS F 92 17.91 55.92 33.07
CA HIS F 92 16.58 55.78 32.47
C HIS F 92 16.69 56.16 31.00
N GLN F 93 16.23 55.28 30.10
CA GLN F 93 16.12 55.58 28.69
C GLN F 93 14.81 55.04 28.14
N VAL F 94 14.09 55.87 27.42
CA VAL F 94 12.81 55.49 26.83
C VAL F 94 13.02 55.28 25.33
N THR F 95 12.86 54.05 24.88
CA THR F 95 13.02 53.70 23.47
C THR F 95 11.64 53.50 22.86
N ARG F 96 11.24 54.42 21.98
CA ARG F 96 9.92 54.41 21.36
C ARG F 96 10.04 53.97 19.90
N LEU F 97 9.06 53.18 19.45
CA LEU F 97 9.10 52.53 18.13
C LEU F 97 7.84 52.94 17.39
N ARG F 98 8.00 53.76 16.36
CA ARG F 98 6.87 54.37 15.67
C ARG F 98 7.11 54.33 14.16
N TYR F 99 6.01 54.28 13.40
CA TYR F 99 6.06 54.38 11.94
C TYR F 99 6.63 55.74 11.51
N ARG F 100 7.42 55.71 10.44
CA ARG F 100 7.97 56.92 9.83
C ARG F 100 7.84 56.78 8.31
N SER F 101 7.05 57.66 7.70
CA SER F 101 6.77 57.59 6.27
C SER F 101 7.86 58.30 5.49
N VAL F 102 8.44 57.60 4.52
CA VAL F 102 9.45 58.15 3.63
C VAL F 102 8.94 58.05 2.20
N ARG F 103 8.80 59.18 1.53
CA ARG F 103 8.35 59.24 0.14
C ARG F 103 9.51 59.73 -0.71
N GLU F 104 10.24 58.80 -1.32
CA GLU F 104 11.38 59.12 -2.17
C GLU F 104 10.97 59.07 -3.64
N VAL F 105 11.64 59.89 -4.44
CA VAL F 105 11.42 59.95 -5.89
C VAL F 105 12.75 59.70 -6.58
N TRP F 106 12.83 58.59 -7.31
CA TRP F 106 14.04 58.24 -8.05
C TRP F 106 13.70 58.12 -9.54
N GLN F 107 14.73 58.29 -10.37
CA GLN F 107 14.59 58.34 -11.82
C GLN F 107 14.97 56.99 -12.40
N SER F 108 14.12 56.44 -13.26
CA SER F 108 14.38 55.17 -13.90
C SER F 108 15.04 55.36 -15.27
N ALA F 124 12.09 59.04 -16.67
CA ALA F 124 10.94 59.62 -15.99
C ALA F 124 11.10 59.54 -14.48
N SER F 125 10.25 60.27 -13.76
CA SER F 125 10.28 60.31 -12.30
C SER F 125 9.22 59.37 -11.74
N LEU F 126 9.63 58.49 -10.83
CA LEU F 126 8.74 57.53 -10.20
C LEU F 126 8.67 57.80 -8.70
N SER F 127 7.46 57.90 -8.17
CA SER F 127 7.23 58.16 -6.76
C SER F 127 6.70 56.91 -6.09
N VAL F 128 7.17 56.67 -4.85
CA VAL F 128 6.75 55.51 -4.08
C VAL F 128 6.82 55.89 -2.60
N LEU F 129 5.91 55.31 -1.82
CA LEU F 129 5.83 55.56 -0.39
C LEU F 129 6.42 54.38 0.38
N LYS F 130 7.29 54.68 1.33
CA LYS F 130 7.95 53.67 2.15
C LYS F 130 7.63 53.90 3.62
N ASN F 131 7.36 52.83 4.35
CA ASN F 131 7.09 52.88 5.78
C ASN F 131 8.23 52.17 6.50
N VAL F 132 9.27 52.93 6.81
CA VAL F 132 10.45 52.40 7.48
C VAL F 132 10.21 52.45 8.99
N PRO F 133 10.82 51.55 9.77
CA PRO F 133 10.69 51.64 11.23
C PRO F 133 11.58 52.73 11.80
N GLY F 134 11.13 53.33 12.91
CA GLY F 134 11.87 54.38 13.55
C GLY F 134 12.20 54.03 14.99
N LEU F 135 13.15 54.77 15.55
CA LEU F 135 13.61 54.54 16.91
C LEU F 135 14.13 55.84 17.49
N ALA F 136 13.90 56.03 18.79
CA ALA F 136 14.31 57.25 19.48
C ALA F 136 14.59 56.92 20.94
N ILE F 137 15.77 57.34 21.42
CA ILE F 137 16.22 57.05 22.77
C ILE F 137 16.27 58.36 23.55
N LEU F 138 15.63 58.37 24.72
CA LEU F 138 15.52 59.56 25.57
C LEU F 138 16.25 59.30 26.88
N LEU F 139 17.54 59.64 26.90
CA LEU F 139 18.35 59.50 28.11
C LEU F 139 17.98 60.58 29.11
N SER F 140 17.50 60.18 30.29
CA SER F 140 17.14 61.12 31.35
C SER F 140 17.42 60.46 32.69
N LYS F 141 17.49 61.27 33.72
CA LYS F 141 17.76 60.76 35.06
C LYS F 141 16.77 61.24 36.11
N ASP F 142 16.31 62.49 36.02
CA ASP F 142 15.54 63.09 37.09
C ASP F 142 14.05 63.15 36.80
N ALA F 143 13.68 63.35 35.54
CA ALA F 143 12.29 63.62 35.18
C ALA F 143 11.39 62.39 35.19
N LEU F 144 11.96 61.18 35.27
CA LEU F 144 11.17 59.95 35.24
C LEU F 144 10.88 59.38 36.62
N ASP F 145 10.81 60.22 37.65
CA ASP F 145 10.48 59.71 38.98
C ASP F 145 8.97 59.49 39.17
N PRO F 146 8.06 60.39 38.72
CA PRO F 146 6.64 59.99 38.74
C PRO F 146 6.26 59.07 37.58
N ARG F 147 7.14 58.86 36.63
CA ARG F 147 6.82 58.12 35.41
C ARG F 147 6.96 56.61 35.64
N GLN F 148 6.99 55.85 34.54
CA GLN F 148 7.02 54.39 34.44
C GLN F 148 5.82 53.73 35.13
N PRO F 149 4.59 53.80 34.55
CA PRO F 149 3.59 52.79 34.91
C PRO F 149 3.80 51.50 34.13
N GLY F 150 4.17 51.65 32.86
CA GLY F 150 4.45 50.53 31.99
C GLY F 150 5.52 50.84 30.97
N TYR F 151 6.18 52.00 31.12
CA TYR F 151 7.18 52.45 30.15
C TYR F 151 8.44 51.59 30.20
N GLN F 152 8.85 51.21 31.41
CA GLN F 152 10.00 50.35 31.73
C GLN F 152 11.33 50.78 31.11
N PRO F 153 11.96 51.86 31.59
CA PRO F 153 13.34 52.12 31.18
C PRO F 153 14.30 51.21 31.93
N PRO F 154 15.36 50.75 31.27
CA PRO F 154 16.34 49.91 31.97
C PRO F 154 17.23 50.74 32.88
N ASN F 155 17.59 50.13 34.02
CA ASN F 155 18.37 50.81 35.05
C ASN F 155 19.72 50.13 35.29
N PRO F 156 20.77 50.47 34.53
CA PRO F 156 22.09 49.86 34.70
C PRO F 156 22.79 50.30 35.99
N GLY G 9 51.01 38.62 11.40
CA GLY G 9 50.57 37.76 10.30
C GLY G 9 49.09 37.86 10.00
N ALA G 10 48.51 39.02 10.34
CA ALA G 10 47.09 39.26 10.13
C ALA G 10 46.78 39.86 8.76
N VAL G 11 47.79 40.00 7.89
CA VAL G 11 47.59 40.66 6.60
C VAL G 11 47.70 39.63 5.47
N GLU G 12 48.72 38.78 5.53
CA GLU G 12 49.00 37.88 4.42
C GLU G 12 48.02 36.71 4.37
N ALA G 13 48.01 35.88 5.41
CA ALA G 13 47.17 34.68 5.42
C ALA G 13 46.90 34.31 6.88
N GLU G 14 45.62 34.30 7.27
CA GLU G 14 45.23 33.97 8.62
C GLU G 14 43.78 33.51 8.63
N LEU G 15 43.49 32.45 9.39
CA LEU G 15 42.11 32.04 9.61
C LEU G 15 41.48 32.94 10.67
N ASP G 16 40.21 33.30 10.46
CA ASP G 16 39.48 34.16 11.38
C ASP G 16 38.09 33.56 11.63
N PRO G 17 37.97 32.60 12.56
CA PRO G 17 36.62 32.16 12.96
C PRO G 17 36.05 32.99 14.09
N VAL G 18 34.78 33.36 13.98
CA VAL G 18 34.08 34.02 15.08
C VAL G 18 33.39 32.96 15.92
N GLU G 19 33.65 32.97 17.23
CA GLU G 19 33.24 31.85 18.07
C GLU G 19 31.75 31.86 18.38
N TYR G 20 31.28 32.86 19.13
CA TYR G 20 29.91 32.94 19.63
C TYR G 20 29.68 34.26 20.37
N THR G 21 28.43 34.68 20.49
CA THR G 21 28.04 35.81 21.33
C THR G 21 27.03 35.32 22.35
N LEU G 22 27.34 35.51 23.63
CA LEU G 22 26.51 35.00 24.72
C LEU G 22 25.17 35.73 24.77
N ARG G 23 24.07 34.97 24.79
CA ARG G 23 22.75 35.55 24.90
C ARG G 23 22.21 35.49 26.33
N LYS G 24 22.00 34.29 26.89
CA LYS G 24 22.01 33.83 28.28
C LYS G 24 21.66 32.34 28.24
N ARG G 25 21.59 31.69 29.39
CA ARG G 25 21.09 30.32 29.46
C ARG G 25 19.56 30.29 29.49
N LEU G 26 18.92 31.46 29.60
CA LEU G 26 17.48 31.71 29.56
C LEU G 26 16.65 31.04 28.45
N PRO G 27 17.12 30.84 27.19
CA PRO G 27 16.27 30.10 26.23
C PRO G 27 16.11 28.60 26.49
N SER G 28 16.57 28.08 27.63
CA SER G 28 16.08 26.80 28.13
C SER G 28 14.86 26.97 29.01
N ARG G 29 14.67 28.16 29.58
CA ARG G 29 13.55 28.46 30.47
C ARG G 29 12.51 29.36 29.79
N LEU G 30 12.95 30.36 29.02
CA LEU G 30 12.08 31.29 28.30
C LEU G 30 11.06 30.70 27.31
N PRO G 31 11.24 29.53 26.68
CA PRO G 31 10.11 28.95 25.95
C PRO G 31 9.10 28.18 26.78
N ARG G 32 9.07 28.33 28.11
CA ARG G 32 8.06 27.61 28.89
C ARG G 32 6.83 28.47 29.18
N ARG G 33 6.98 29.50 30.01
CA ARG G 33 5.86 30.40 30.26
C ARG G 33 5.81 31.57 29.26
N PRO G 34 6.92 32.35 28.99
CA PRO G 34 6.85 33.28 27.85
C PRO G 34 7.23 32.59 26.55
N ASN G 35 7.44 33.37 25.49
CA ASN G 35 7.99 32.85 24.23
C ASN G 35 9.05 33.81 23.72
N ASP G 36 10.22 33.27 23.40
CA ASP G 36 11.33 34.05 22.86
C ASP G 36 11.60 33.68 21.41
N ILE G 37 11.99 34.69 20.62
CA ILE G 37 12.26 34.52 19.19
C ILE G 37 13.59 35.18 18.88
N TYR G 38 14.56 34.39 18.41
CA TYR G 38 15.86 34.92 17.99
C TYR G 38 15.82 35.14 16.48
N VAL G 39 15.74 36.41 16.07
CA VAL G 39 15.66 36.75 14.65
C VAL G 39 17.06 36.69 14.05
N ASN G 40 17.23 35.82 13.06
CA ASN G 40 18.51 35.65 12.37
C ASN G 40 18.58 36.57 11.16
N MET G 41 19.55 36.32 10.28
CA MET G 41 19.73 37.08 9.06
C MET G 41 19.91 36.11 7.90
N LYS G 42 19.70 36.61 6.67
CA LYS G 42 19.81 35.94 5.36
C LYS G 42 19.02 34.62 5.27
N THR G 43 18.00 34.43 6.12
CA THR G 43 17.16 33.26 6.01
C THR G 43 15.90 33.58 5.19
N ASP G 44 15.07 34.49 5.72
CA ASP G 44 13.81 34.92 5.12
C ASP G 44 13.23 36.07 5.95
N PHE G 45 12.36 36.89 5.36
CA PHE G 45 11.59 37.86 6.13
C PHE G 45 10.12 37.47 6.26
N LYS G 46 9.55 36.84 5.22
CA LYS G 46 8.15 36.45 5.26
C LYS G 46 7.92 35.28 6.21
N ALA G 47 8.95 34.44 6.41
CA ALA G 47 8.82 33.32 7.34
C ALA G 47 8.86 33.78 8.79
N GLN G 48 9.71 34.76 9.10
CA GLN G 48 9.91 35.21 10.47
C GLN G 48 8.70 35.93 11.06
N LEU G 49 7.99 36.72 10.26
CA LEU G 49 6.78 37.36 10.76
C LEU G 49 5.64 36.36 10.89
N ALA G 50 5.65 35.31 10.06
CA ALA G 50 4.65 34.25 10.20
C ALA G 50 4.90 33.40 11.43
N ARG G 51 6.17 33.26 11.85
CA ARG G 51 6.47 32.58 13.10
C ARG G 51 6.09 33.44 14.30
N CYS G 52 6.08 34.76 14.13
CA CYS G 52 5.61 35.63 15.22
C CYS G 52 4.09 35.58 15.34
N GLN G 53 3.40 35.30 14.24
CA GLN G 53 1.93 35.32 14.26
C GLN G 53 1.36 34.04 14.84
N LYS G 54 1.96 32.89 14.51
CA LYS G 54 1.45 31.61 15.00
C LYS G 54 1.79 31.41 16.48
N LEU G 55 2.97 31.88 16.90
CA LEU G 55 3.38 31.70 18.29
C LEU G 55 2.61 32.63 19.23
N LEU G 56 2.14 33.78 18.71
CA LEU G 56 1.34 34.69 19.51
C LEU G 56 -0.11 34.23 19.64
N ASP G 57 -0.62 33.48 18.67
CA ASP G 57 -1.99 33.00 18.69
C ASP G 57 -2.13 31.56 19.18
N GLY G 58 -1.09 30.98 19.74
CA GLY G 58 -1.17 29.61 20.21
C GLY G 58 -1.66 29.48 21.63
N GLY G 59 -2.95 29.21 21.79
CA GLY G 59 -3.53 29.05 23.12
C GLY G 59 -3.74 27.59 23.46
N ALA G 60 -3.03 27.12 24.49
CA ALA G 60 -2.97 25.72 24.95
C ALA G 60 -2.51 24.76 23.86
N ARG G 61 -1.78 25.27 22.87
CA ARG G 61 -1.22 24.47 21.79
C ARG G 61 0.26 24.72 21.58
N GLY G 62 0.72 25.96 21.72
CA GLY G 62 2.09 26.29 21.42
C GLY G 62 3.10 25.75 22.42
N GLN G 63 3.16 26.32 23.63
CA GLN G 63 3.98 25.74 24.69
C GLN G 63 3.11 25.36 25.89
N ASN G 64 2.48 26.32 26.55
CA ASN G 64 1.42 26.09 27.53
C ASN G 64 0.22 27.01 27.32
N ALA G 65 0.46 28.28 26.97
CA ALA G 65 -0.55 29.32 26.84
C ALA G 65 0.07 30.54 26.19
N CYS G 66 -0.70 31.31 25.42
CA CYS G 66 -0.20 32.53 24.81
C CYS G 66 -0.39 33.70 25.79
N SER G 67 0.72 34.21 26.33
CA SER G 67 0.67 35.35 27.22
C SER G 67 1.41 36.56 26.65
N GLU G 68 2.69 36.42 26.31
CA GLU G 68 3.49 37.54 25.81
C GLU G 68 4.73 36.98 25.12
N ILE G 69 5.24 37.74 24.15
CA ILE G 69 6.47 37.40 23.44
C ILE G 69 7.41 38.59 23.50
N TYR G 70 8.72 38.32 23.35
CA TYR G 70 9.68 39.38 23.10
C TYR G 70 10.85 38.84 22.29
N ILE G 71 11.55 39.75 21.63
CA ILE G 71 12.42 39.44 20.49
C ILE G 71 13.82 39.97 20.75
N HIS G 72 14.83 39.13 20.54
CA HIS G 72 16.24 39.48 20.67
C HIS G 72 16.80 39.84 19.29
N GLY G 73 18.10 40.11 19.25
CA GLY G 73 18.78 40.42 18.01
C GLY G 73 20.04 41.24 18.22
N LEU G 74 21.04 40.99 17.37
CA LEU G 74 22.31 41.68 17.41
C LEU G 74 22.31 42.83 16.39
N GLY G 75 23.49 43.42 16.16
CA GLY G 75 23.56 44.74 15.52
C GLY G 75 23.10 44.75 14.07
N LEU G 76 23.33 43.66 13.36
CA LEU G 76 22.70 43.52 12.04
C LEU G 76 21.25 43.08 12.17
N ALA G 77 20.95 42.21 13.14
CA ALA G 77 19.60 41.68 13.30
C ALA G 77 18.59 42.73 13.75
N ILE G 78 19.02 43.75 14.50
CA ILE G 78 18.10 44.76 15.00
C ILE G 78 17.63 45.72 13.92
N ASN G 79 18.23 45.68 12.72
CA ASN G 79 17.68 46.42 11.60
C ASN G 79 16.39 45.77 11.12
N ARG G 80 16.28 44.44 11.24
CA ARG G 80 15.10 43.72 10.82
C ARG G 80 14.29 43.16 11.98
N ALA G 81 14.85 43.14 13.20
CA ALA G 81 14.05 42.75 14.37
C ALA G 81 13.08 43.86 14.76
N ILE G 82 13.41 45.11 14.42
CA ILE G 82 12.46 46.20 14.58
C ILE G 82 11.38 46.16 13.50
N ASN G 83 11.67 45.52 12.36
CA ASN G 83 10.73 45.47 11.25
C ASN G 83 9.60 44.47 11.50
N ILE G 84 9.89 43.36 12.19
CA ILE G 84 8.84 42.39 12.46
C ILE G 84 7.95 42.85 13.61
N ALA G 85 8.44 43.76 14.46
CA ALA G 85 7.67 44.21 15.61
C ALA G 85 6.63 45.26 15.21
N LEU G 86 7.01 46.20 14.35
CA LEU G 86 6.09 47.27 13.98
C LEU G 86 5.03 46.78 13.00
N GLN G 87 5.34 45.76 12.21
CA GLN G 87 4.34 45.19 11.31
C GLN G 87 3.36 44.30 12.06
N LEU G 88 3.72 43.85 13.25
CA LEU G 88 2.80 43.09 14.10
C LEU G 88 1.69 43.96 14.65
N GLN G 89 1.93 45.27 14.80
CA GLN G 89 0.92 46.16 15.34
C GLN G 89 -0.22 46.37 14.35
N ALA G 90 0.12 46.58 13.07
CA ALA G 90 -0.92 46.68 12.04
C ALA G 90 -1.48 45.31 11.69
N GLY G 91 -0.72 44.25 11.94
CA GLY G 91 -1.17 42.91 11.65
C GLY G 91 -2.14 42.35 12.68
N SER G 92 -1.71 42.29 13.94
CA SER G 92 -2.55 41.75 15.00
C SER G 92 -3.67 42.70 15.42
N PHE G 93 -3.52 44.01 15.13
CA PHE G 93 -4.56 45.04 15.18
C PHE G 93 -5.03 45.38 16.60
N GLY G 94 -4.51 44.68 17.61
CA GLY G 94 -4.89 44.92 18.98
C GLY G 94 -3.90 45.79 19.74
N SER G 95 -4.27 46.09 20.99
CA SER G 95 -3.45 46.93 21.86
C SER G 95 -2.26 46.12 22.35
N LEU G 96 -1.11 46.31 21.73
CA LEU G 96 0.12 45.59 22.06
C LEU G 96 1.21 46.62 22.33
N GLN G 97 1.54 46.83 23.60
CA GLN G 97 2.53 47.84 23.97
C GLN G 97 3.94 47.35 23.66
N VAL G 98 4.76 48.23 23.10
CA VAL G 98 6.12 47.91 22.69
C VAL G 98 7.08 48.65 23.60
N ALA G 99 7.89 47.90 24.33
CA ALA G 99 8.95 48.44 25.17
C ALA G 99 10.27 47.81 24.76
N ALA G 100 11.31 48.62 24.61
CA ALA G 100 12.61 48.15 24.15
C ALA G 100 13.68 48.45 25.19
N ASN G 101 14.65 47.54 25.30
CA ASN G 101 15.74 47.66 26.26
C ASN G 101 17.05 47.34 25.56
N THR G 102 17.97 48.31 25.56
CA THR G 102 19.26 48.15 24.92
C THR G 102 20.32 47.75 25.95
N SER G 103 21.32 47.01 25.49
CA SER G 103 22.39 46.51 26.35
C SER G 103 23.64 46.33 25.52
N THR G 104 24.66 45.74 26.13
CA THR G 104 25.96 45.52 25.50
C THR G 104 26.24 44.03 25.47
N VAL G 105 26.51 43.49 24.29
CA VAL G 105 26.85 42.08 24.10
C VAL G 105 28.34 42.00 23.76
N GLU G 106 29.09 41.29 24.61
CA GLU G 106 30.50 41.09 24.34
C GLU G 106 30.71 40.11 23.20
N LEU G 107 31.84 40.25 22.51
CA LEU G 107 32.10 39.49 21.29
C LEU G 107 33.59 39.21 21.22
N VAL G 108 33.98 37.96 21.46
CA VAL G 108 35.39 37.56 21.48
C VAL G 108 35.73 36.92 20.14
N ASP G 109 36.66 37.52 19.41
CA ASP G 109 37.13 36.99 18.14
C ASP G 109 38.50 36.33 18.31
N GLU G 110 38.68 35.18 17.66
CA GLU G 110 39.93 34.46 17.67
C GLU G 110 40.45 34.35 16.24
N LEU G 111 41.73 34.65 16.06
CA LEU G 111 42.37 34.52 14.76
C LEU G 111 43.73 33.88 14.94
N GLU G 112 44.00 32.82 14.18
CA GLU G 112 45.24 32.08 14.34
C GLU G 112 45.63 31.40 13.03
N PRO G 113 46.73 31.83 12.40
CA PRO G 113 47.19 31.14 11.19
C PRO G 113 47.87 29.82 11.52
N GLU G 114 48.07 29.01 10.48
CA GLU G 114 48.73 27.71 10.62
C GLU G 114 50.24 27.89 10.51
N THR G 115 50.80 28.47 11.58
CA THR G 115 52.22 28.81 11.63
C THR G 115 52.72 28.51 13.04
N ASP G 116 53.92 27.93 13.13
CA ASP G 116 54.48 27.55 14.43
C ASP G 116 54.84 28.76 15.28
N THR G 117 55.38 29.81 14.66
CA THR G 117 55.86 30.96 15.41
C THR G 117 54.75 31.94 15.79
N ARG G 118 53.50 31.69 15.39
CA ARG G 118 52.42 32.62 15.68
C ARG G 118 51.60 32.14 16.86
N GLU G 119 50.93 33.10 17.50
CA GLU G 119 50.02 32.85 18.62
C GLU G 119 48.71 33.58 18.36
N PRO G 120 47.57 33.00 18.76
CA PRO G 120 46.27 33.63 18.50
C PRO G 120 46.03 34.90 19.32
N LEU G 121 46.00 36.03 18.64
CA LEU G 121 45.68 37.31 19.26
C LEU G 121 44.16 37.44 19.35
N THR G 122 43.63 37.41 20.57
CA THR G 122 42.18 37.45 20.79
C THR G 122 41.75 38.90 20.94
N ARG G 123 41.02 39.40 19.95
CA ARG G 123 40.55 40.77 19.95
C ARG G 123 39.31 40.94 20.82
N ILE G 124 39.12 42.15 21.32
CA ILE G 124 37.93 42.52 22.10
C ILE G 124 37.01 43.33 21.20
N ARG G 125 35.71 43.06 21.31
CA ARG G 125 34.70 43.72 20.50
C ARG G 125 33.36 43.62 21.21
N ASN G 126 32.54 44.66 21.06
CA ASN G 126 31.20 44.68 21.61
C ASN G 126 30.20 45.00 20.50
N ASN G 127 28.94 44.65 20.74
CA ASN G 127 27.88 44.85 19.76
C ASN G 127 26.60 45.20 20.50
N SER G 128 25.74 45.95 19.83
CA SER G 128 24.51 46.47 20.42
C SER G 128 23.36 45.50 20.20
N ALA G 129 22.53 45.33 21.22
CA ALA G 129 21.35 44.48 21.15
C ALA G 129 20.13 45.27 21.64
N ILE G 130 18.95 44.69 21.40
CA ILE G 130 17.70 45.30 21.84
C ILE G 130 16.85 44.18 22.45
N HIS G 131 15.89 44.58 23.29
CA HIS G 131 14.91 43.65 23.86
C HIS G 131 13.53 44.28 23.64
N ILE G 132 12.98 44.08 22.45
CA ILE G 132 11.67 44.63 22.11
C ILE G 132 10.60 43.76 22.76
N ARG G 133 9.92 44.30 23.75
CA ARG G 133 8.98 43.54 24.57
C ARG G 133 7.55 43.89 24.17
N VAL G 134 6.80 42.89 23.73
CA VAL G 134 5.41 43.07 23.30
C VAL G 134 4.51 42.52 24.40
N PHE G 135 3.69 43.40 24.98
CA PHE G 135 2.74 43.01 26.01
C PHE G 135 1.50 42.40 25.38
N ARG G 136 0.50 42.12 26.22
CA ARG G 136 -0.87 41.87 25.78
C ARG G 136 -1.74 42.77 26.64
N VAL G 137 -1.90 44.02 26.21
CA VAL G 137 -2.65 45.02 26.96
C VAL G 137 -4.12 44.90 26.61
N THR G 138 -4.96 44.81 27.63
CA THR G 138 -6.41 44.78 27.44
C THR G 138 -6.90 46.14 26.95
N PRO G 139 -7.54 46.21 25.77
CA PRO G 139 -7.98 47.48 25.16
C PRO G 139 -9.08 48.18 25.96
N PRO H 4 -2.26 15.49 -54.58
CA PRO H 4 -2.14 14.10 -54.17
C PRO H 4 -0.77 13.76 -53.59
N ALA H 5 -0.74 12.82 -52.66
CA ALA H 5 0.50 12.41 -52.01
C ALA H 5 0.35 10.97 -51.55
N ALA H 6 1.37 10.48 -50.85
CA ALA H 6 1.37 9.12 -50.33
C ALA H 6 2.18 9.10 -49.04
N THR H 7 1.48 8.92 -47.91
CA THR H 7 2.13 8.91 -46.61
C THR H 7 1.37 7.94 -45.70
N TYR H 8 1.88 7.77 -44.48
CA TYR H 8 1.28 6.88 -43.50
C TYR H 8 1.36 7.52 -42.13
N GLU H 9 0.28 7.37 -41.36
CA GLU H 9 0.21 7.95 -40.03
C GLU H 9 -0.47 6.96 -39.09
N ARG H 10 0.10 6.84 -37.89
CA ARG H 10 -0.42 5.94 -36.87
C ARG H 10 -0.76 6.75 -35.63
N VAL H 11 -2.05 6.99 -35.41
CA VAL H 11 -2.53 7.70 -34.23
C VAL H 11 -3.50 6.79 -33.50
N VAL H 12 -3.17 6.43 -32.26
CA VAL H 12 -3.99 5.53 -31.45
C VAL H 12 -4.65 6.38 -30.38
N TYR H 13 -5.95 6.59 -30.53
CA TYR H 13 -6.70 7.36 -29.55
C TYR H 13 -7.13 6.49 -28.38
N LYS H 14 -7.25 7.09 -27.20
CA LYS H 14 -7.72 6.40 -26.01
C LYS H 14 -8.89 7.17 -25.41
N ASN H 15 -10.09 6.61 -25.58
CA ASN H 15 -11.40 7.20 -25.25
C ASN H 15 -11.54 8.61 -25.84
N PRO H 16 -11.71 8.76 -27.16
CA PRO H 16 -11.88 10.12 -27.72
C PRO H 16 -13.33 10.53 -27.90
N SER H 17 -14.25 9.61 -27.60
CA SER H 17 -15.65 9.77 -27.99
C SER H 17 -16.38 10.83 -27.17
N GLU H 18 -16.33 10.74 -25.84
CA GLU H 18 -17.03 11.60 -24.88
C GLU H 18 -18.55 11.59 -25.07
N TYR H 19 -19.11 10.55 -25.69
CA TYR H 19 -20.54 10.41 -25.90
C TYR H 19 -20.88 8.93 -25.89
N HIS H 20 -22.12 8.61 -25.51
CA HIS H 20 -22.57 7.23 -25.44
C HIS H 20 -24.03 7.16 -25.87
N TYR H 21 -24.28 6.53 -27.02
CA TYR H 21 -25.62 6.43 -27.59
C TYR H 21 -26.37 5.23 -27.01
N MET H 22 -27.69 5.35 -26.99
CA MET H 22 -28.58 4.35 -26.39
C MET H 22 -29.80 4.16 -27.27
N LYS H 23 -30.16 2.90 -27.54
CA LYS H 23 -31.43 2.60 -28.21
C LYS H 23 -32.52 2.51 -27.14
N VAL H 24 -33.63 3.20 -27.38
CA VAL H 24 -34.71 3.35 -26.41
C VAL H 24 -35.90 2.52 -26.86
N CYS H 25 -36.39 1.65 -25.97
CA CYS H 25 -37.60 0.88 -26.19
C CYS H 25 -38.53 1.04 -25.00
N LEU H 26 -39.82 1.23 -25.30
CA LEU H 26 -40.83 1.45 -24.28
C LEU H 26 -41.89 0.36 -24.32
N GLU H 27 -42.46 0.05 -23.16
CA GLU H 27 -43.52 -0.92 -23.02
C GLU H 27 -44.57 -0.38 -22.06
N PHE H 28 -45.84 -0.43 -22.46
CA PHE H 28 -46.95 0.03 -21.66
C PHE H 28 -47.97 -1.09 -21.47
N GLN H 29 -48.81 -0.92 -20.45
CA GLN H 29 -49.89 -1.87 -20.18
C GLN H 29 -51.13 -1.56 -21.00
N ASP H 30 -51.64 -0.34 -20.90
CA ASP H 30 -52.81 0.04 -21.67
C ASP H 30 -52.42 0.47 -23.08
N CYS H 31 -53.40 0.43 -23.98
CA CYS H 31 -53.18 0.81 -25.37
C CYS H 31 -53.25 2.31 -25.61
N GLY H 32 -53.56 3.11 -24.59
CA GLY H 32 -53.65 4.54 -24.74
C GLY H 32 -52.30 5.24 -24.68
N VAL H 33 -51.51 5.12 -25.74
CA VAL H 33 -50.16 5.72 -25.78
C VAL H 33 -50.32 7.13 -26.32
N GLY H 34 -50.63 8.06 -25.41
CA GLY H 34 -50.71 9.46 -25.76
C GLY H 34 -49.43 10.22 -25.51
N LEU H 35 -48.33 9.74 -26.10
CA LEU H 35 -47.02 10.32 -25.90
C LEU H 35 -46.71 11.30 -27.03
N ASN H 36 -45.57 11.99 -26.91
CA ASN H 36 -45.14 12.98 -27.89
C ASN H 36 -43.62 13.12 -27.75
N ALA H 37 -43.00 13.70 -28.77
CA ALA H 37 -41.56 13.95 -28.72
C ALA H 37 -41.22 15.01 -27.69
N ALA H 38 -42.11 15.99 -27.50
CA ALA H 38 -41.91 16.98 -26.45
C ALA H 38 -42.26 16.43 -25.08
N GLN H 39 -43.19 15.48 -25.01
CA GLN H 39 -43.58 14.87 -23.75
C GLN H 39 -42.62 13.78 -23.29
N PHE H 40 -41.90 13.16 -24.21
CA PHE H 40 -40.89 12.17 -23.82
C PHE H 40 -39.67 12.85 -23.22
N LYS H 41 -39.40 14.09 -23.63
CA LYS H 41 -38.32 14.87 -23.03
C LYS H 41 -38.66 15.27 -21.59
N GLN H 42 -39.94 15.53 -21.32
CA GLN H 42 -40.37 15.85 -19.98
C GLN H 42 -40.29 14.63 -19.06
N LEU H 43 -40.51 13.44 -19.62
CA LEU H 43 -40.41 12.21 -18.83
C LEU H 43 -38.97 11.89 -18.47
N LEU H 44 -38.00 12.34 -19.28
CA LEU H 44 -36.60 12.08 -18.97
C LEU H 44 -36.08 13.01 -17.89
N ILE H 45 -36.55 14.25 -17.86
CA ILE H 45 -36.06 15.22 -16.88
C ILE H 45 -36.61 14.91 -15.50
N SER H 46 -37.89 14.55 -15.42
CA SER H 46 -38.51 14.25 -14.14
C SER H 46 -38.06 12.92 -13.56
N ALA H 47 -37.51 12.02 -14.38
CA ALA H 47 -37.04 10.73 -13.86
C ALA H 47 -35.67 10.86 -13.20
N VAL H 48 -34.78 11.64 -13.80
CA VAL H 48 -33.46 11.85 -13.21
C VAL H 48 -33.58 12.77 -11.99
N LYS H 49 -34.60 13.64 -11.98
CA LYS H 49 -34.84 14.52 -10.83
C LYS H 49 -35.25 13.74 -9.59
N ASP H 50 -35.88 12.58 -9.77
CA ASP H 50 -36.32 11.76 -8.65
C ASP H 50 -35.22 10.88 -8.08
N LEU H 51 -34.11 10.67 -8.80
CA LEU H 51 -33.03 9.83 -8.31
C LEU H 51 -31.71 10.58 -8.18
N PHE H 52 -31.30 11.33 -9.20
CA PHE H 52 -30.06 12.09 -9.14
C PHE H 52 -30.27 13.59 -9.00
N GLY H 53 -31.47 14.09 -9.25
CA GLY H 53 -31.82 15.45 -8.87
C GLY H 53 -31.82 16.41 -10.04
N GLU H 54 -32.00 17.68 -9.67
CA GLU H 54 -32.19 18.76 -10.63
C GLU H 54 -30.89 19.13 -11.34
N VAL H 55 -29.74 18.90 -10.70
CA VAL H 55 -28.45 19.19 -11.34
C VAL H 55 -28.20 18.22 -12.49
N ASP H 56 -28.43 16.94 -12.25
CA ASP H 56 -28.29 15.92 -13.29
C ASP H 56 -29.52 15.83 -14.20
N ALA H 57 -30.59 16.58 -13.90
CA ALA H 57 -31.76 16.56 -14.76
C ALA H 57 -31.50 17.30 -16.07
N ALA H 58 -30.60 18.28 -16.06
CA ALA H 58 -30.27 19.05 -17.25
C ALA H 58 -28.91 18.67 -17.82
N LEU H 59 -28.57 17.38 -17.76
CA LEU H 59 -27.41 16.87 -18.50
C LEU H 59 -27.69 16.96 -20.00
N PRO H 60 -26.65 17.13 -20.83
CA PRO H 60 -26.89 17.25 -22.28
C PRO H 60 -27.35 15.95 -22.92
N LEU H 61 -28.64 15.89 -23.23
CA LEU H 61 -29.28 14.72 -23.81
C LEU H 61 -30.34 15.16 -24.80
N ASP H 62 -30.44 14.43 -25.91
CA ASP H 62 -31.36 14.81 -26.98
C ASP H 62 -32.02 13.57 -27.57
N ILE H 63 -33.19 13.77 -28.15
CA ILE H 63 -34.01 12.69 -28.71
C ILE H 63 -33.77 12.63 -30.21
N LEU H 64 -33.44 11.44 -30.70
CA LEU H 64 -33.13 11.22 -32.10
C LEU H 64 -34.02 10.13 -32.67
N THR H 65 -34.45 10.31 -33.92
CA THR H 65 -35.39 9.48 -34.70
C THR H 65 -36.54 8.89 -33.86
N TYR H 66 -37.25 9.81 -33.21
CA TYR H 66 -38.38 9.42 -32.38
C TYR H 66 -39.56 8.99 -33.24
N GLU H 67 -40.17 7.87 -32.87
CA GLU H 67 -41.35 7.34 -33.54
C GLU H 67 -42.47 7.18 -32.53
N GLU H 68 -43.71 7.31 -32.99
CA GLU H 68 -44.84 7.33 -32.07
C GLU H 68 -45.42 5.93 -31.90
N LYS H 69 -45.56 5.18 -32.99
CA LYS H 69 -46.16 3.84 -32.91
C LYS H 69 -45.19 2.84 -32.31
N THR H 70 -43.94 2.85 -32.79
CA THR H 70 -42.92 1.92 -32.30
C THR H 70 -42.38 2.34 -30.93
N LEU H 71 -42.44 3.64 -30.63
CA LEU H 71 -41.88 4.25 -29.40
C LEU H 71 -40.38 3.96 -29.27
N SER H 72 -39.64 4.22 -30.35
CA SER H 72 -38.20 4.04 -30.38
C SER H 72 -37.51 5.37 -30.59
N ALA H 73 -36.47 5.61 -29.80
CA ALA H 73 -35.71 6.86 -29.88
C ALA H 73 -34.25 6.55 -29.60
N ILE H 74 -33.41 7.57 -29.75
CA ILE H 74 -31.97 7.48 -29.47
C ILE H 74 -31.58 8.63 -28.56
N LEU H 75 -30.98 8.31 -27.43
CA LEU H 75 -30.49 9.28 -26.46
C LEU H 75 -28.97 9.19 -26.37
N ARG H 76 -28.35 10.29 -25.92
CA ARG H 76 -26.92 10.29 -25.67
C ARG H 76 -26.57 11.30 -24.58
N ILE H 77 -25.79 10.83 -23.60
CA ILE H 77 -25.17 11.68 -22.59
C ILE H 77 -23.70 11.29 -22.60
N CYS H 78 -22.85 12.17 -22.06
CA CYS H 78 -21.41 11.94 -22.01
C CYS H 78 -21.05 10.80 -21.04
N SER H 79 -19.74 10.58 -20.89
CA SER H 79 -19.21 9.50 -20.07
C SER H 79 -19.53 9.65 -18.59
N SER H 80 -19.87 10.86 -18.13
CA SER H 80 -20.28 11.03 -16.73
C SER H 80 -21.75 10.66 -16.55
N GLY H 81 -22.53 10.74 -17.62
CA GLY H 81 -23.97 10.54 -17.52
C GLY H 81 -24.50 9.27 -18.16
N LEU H 82 -23.61 8.34 -18.51
CA LEU H 82 -24.06 7.05 -19.02
C LEU H 82 -24.62 6.19 -17.90
N VAL H 83 -23.95 6.19 -16.74
CA VAL H 83 -24.43 5.45 -15.58
C VAL H 83 -25.68 6.09 -15.00
N LYS H 84 -25.75 7.42 -14.98
CA LYS H 84 -26.83 8.14 -14.34
C LYS H 84 -28.14 8.10 -15.10
N LEU H 85 -28.15 7.61 -16.34
CA LEU H 85 -29.40 7.48 -17.08
C LEU H 85 -29.99 6.08 -16.99
N TRP H 86 -29.12 5.06 -16.85
CA TRP H 86 -29.61 3.69 -16.68
C TRP H 86 -30.31 3.52 -15.33
N SER H 87 -29.82 4.23 -14.31
CA SER H 87 -30.37 4.08 -12.96
C SER H 87 -31.71 4.78 -12.81
N SER H 88 -31.86 5.98 -13.38
CA SER H 88 -33.07 6.77 -13.16
C SER H 88 -34.27 6.19 -13.89
N LEU H 89 -34.05 5.63 -15.09
CA LEU H 89 -35.14 5.08 -15.87
C LEU H 89 -35.46 3.64 -15.52
N THR H 90 -34.70 3.03 -14.60
CA THR H 90 -34.98 1.66 -14.19
C THR H 90 -36.25 1.58 -13.34
N LEU H 91 -36.49 2.59 -12.51
CA LEU H 91 -37.55 2.54 -11.51
C LEU H 91 -38.87 3.14 -12.00
N LEU H 92 -39.16 3.00 -13.30
CA LEU H 92 -40.44 3.33 -13.94
C LEU H 92 -40.93 4.74 -13.68
N GLY H 93 -40.20 5.73 -14.18
CA GLY H 93 -40.59 7.13 -14.04
C GLY H 93 -41.75 7.51 -14.93
N SER H 94 -42.95 7.03 -14.59
CA SER H 94 -44.13 7.20 -15.44
C SER H 94 -44.62 8.65 -15.41
N TYR H 95 -45.42 9.01 -16.41
CA TYR H 95 -45.90 10.39 -16.55
C TYR H 95 -47.13 10.64 -15.70
N LYS H 96 -48.22 9.90 -15.97
CA LYS H 96 -49.49 10.19 -15.32
C LYS H 96 -49.66 9.44 -14.00
N GLY H 97 -49.24 8.17 -13.95
CA GLY H 97 -49.43 7.37 -12.77
C GLY H 97 -49.70 5.91 -13.08
N LYS H 98 -50.07 5.63 -14.32
CA LYS H 98 -50.20 4.25 -14.78
C LYS H 98 -48.82 3.62 -14.88
N LYS H 99 -48.70 2.36 -14.49
CA LYS H 99 -47.41 1.71 -14.39
C LYS H 99 -46.81 1.44 -15.77
N CYS H 100 -45.48 1.48 -15.83
CA CYS H 100 -44.76 1.40 -17.10
C CYS H 100 -43.46 0.64 -16.88
N ALA H 101 -42.74 0.43 -17.98
CA ALA H 101 -41.45 -0.25 -17.95
C ALA H 101 -40.53 0.39 -18.99
N PHE H 102 -39.23 0.32 -18.71
CA PHE H 102 -38.21 0.85 -19.61
C PHE H 102 -37.16 -0.22 -19.80
N ARG H 103 -37.08 -0.77 -21.02
CA ARG H 103 -36.20 -1.89 -21.31
C ARG H 103 -35.26 -1.50 -22.44
N VAL H 104 -33.97 -1.74 -22.24
CA VAL H 104 -32.91 -1.25 -23.12
C VAL H 104 -32.54 -2.35 -24.10
N ILE H 105 -32.53 -2.02 -25.39
CA ILE H 105 -32.15 -2.99 -26.42
C ILE H 105 -30.64 -3.11 -26.52
N GLN H 106 -29.97 -2.00 -26.82
CA GLN H 106 -28.53 -2.03 -27.07
C GLN H 106 -27.92 -0.69 -26.69
N VAL H 107 -26.67 -0.74 -26.25
CA VAL H 107 -25.89 0.46 -25.89
C VAL H 107 -24.53 0.35 -26.55
N SER H 108 -24.19 1.34 -27.37
CA SER H 108 -22.85 1.48 -27.93
C SER H 108 -22.56 2.97 -28.08
N PRO H 109 -21.31 3.39 -27.90
CA PRO H 109 -20.99 4.82 -27.94
C PRO H 109 -21.02 5.46 -29.33
N PHE H 110 -21.35 4.72 -30.39
CA PHE H 110 -21.43 5.29 -31.72
C PHE H 110 -22.68 4.77 -32.41
N LEU H 111 -23.29 5.62 -33.24
CA LEU H 111 -24.51 5.23 -33.95
C LEU H 111 -24.22 4.24 -35.07
N LEU H 112 -22.98 4.20 -35.55
CA LEU H 112 -22.63 3.23 -36.58
C LEU H 112 -22.56 1.82 -36.01
N ALA H 113 -22.18 1.70 -34.74
CA ALA H 113 -22.19 0.40 -34.08
C ALA H 113 -23.58 0.06 -33.54
N LEU H 114 -24.44 1.06 -33.38
CA LEU H 114 -25.78 0.87 -32.82
C LEU H 114 -26.82 0.56 -33.89
N SER H 115 -26.56 0.89 -35.16
CA SER H 115 -27.60 0.86 -36.17
C SER H 115 -27.98 -0.54 -36.62
N GLY H 116 -27.03 -1.48 -36.63
CA GLY H 116 -27.36 -2.81 -37.13
C GLY H 116 -28.23 -3.64 -36.21
N ASN H 117 -27.66 -4.17 -35.13
CA ASN H 117 -28.30 -4.92 -34.04
C ASN H 117 -27.21 -5.31 -33.05
N SER H 118 -27.61 -5.55 -31.80
CA SER H 118 -26.74 -6.20 -30.83
C SER H 118 -27.51 -7.26 -30.05
N ARG H 119 -28.84 -7.14 -30.03
CA ARG H 119 -29.67 -7.99 -29.19
C ARG H 119 -29.90 -9.37 -29.81
N GLU H 120 -30.49 -9.42 -30.99
CA GLU H 120 -30.84 -10.69 -31.61
C GLU H 120 -29.75 -11.17 -32.55
N LEU H 121 -29.17 -10.24 -33.32
CA LEU H 121 -28.03 -10.37 -34.24
C LEU H 121 -28.31 -11.19 -35.50
N VAL H 122 -29.48 -11.83 -35.59
CA VAL H 122 -30.16 -12.37 -36.78
C VAL H 122 -31.61 -12.59 -36.37
N LEU H 123 -32.57 -12.21 -37.21
CA LEU H 123 -33.98 -12.45 -36.98
C LEU H 123 -34.49 -13.55 -37.89
N ASP H 124 -34.77 -14.72 -37.32
CA ASP H 124 -35.33 -15.83 -38.08
C ASP H 124 -36.78 -16.11 -37.69
N ALA I 2 -0.59 33.63 -4.08
CA ALA I 2 -1.75 32.88 -3.61
C ALA I 2 -2.91 33.81 -3.31
N VAL I 3 -3.21 34.70 -4.27
CA VAL I 3 -4.31 35.66 -4.11
C VAL I 3 -5.62 34.94 -4.42
N PHE I 4 -6.45 34.79 -3.39
CA PHE I 4 -7.64 33.93 -3.46
C PHE I 4 -8.91 34.77 -3.40
N ALA I 5 -9.99 34.22 -3.97
CA ALA I 5 -11.36 34.72 -3.90
C ALA I 5 -11.48 36.13 -4.50
N ASP I 6 -11.28 36.20 -5.81
CA ASP I 6 -11.38 37.45 -6.58
C ASP I 6 -12.58 37.33 -7.51
N LEU I 7 -13.76 37.73 -7.04
CA LEU I 7 -14.96 37.67 -7.85
C LEU I 7 -15.56 39.06 -8.06
N ASP I 8 -16.58 39.11 -8.91
CA ASP I 8 -17.17 40.37 -9.36
C ASP I 8 -18.65 40.38 -9.01
N LEU I 9 -19.19 41.58 -8.76
CA LEU I 9 -20.60 41.76 -8.45
C LEU I 9 -21.26 42.67 -9.48
N ARG I 10 -22.53 42.40 -9.74
CA ARG I 10 -23.38 43.25 -10.57
C ARG I 10 -24.39 43.91 -9.63
N ALA I 11 -24.09 45.11 -9.16
CA ALA I 11 -24.87 45.68 -8.06
C ALA I 11 -24.83 47.20 -8.12
N GLY I 12 -25.91 47.80 -8.60
CA GLY I 12 -26.20 49.16 -8.21
C GLY I 12 -27.68 49.45 -8.13
N SER I 13 -28.16 49.76 -6.92
CA SER I 13 -29.48 50.32 -6.67
C SER I 13 -29.43 51.49 -5.70
N ASP I 14 -28.57 51.40 -4.68
CA ASP I 14 -28.49 52.38 -3.60
C ASP I 14 -27.18 52.12 -2.86
N LEU I 15 -26.74 53.12 -2.09
CA LEU I 15 -25.49 52.97 -1.34
C LEU I 15 -25.65 52.05 -0.14
N LYS I 16 -26.88 51.85 0.35
CA LYS I 16 -27.09 50.96 1.48
C LYS I 16 -26.98 49.49 1.06
N ALA I 17 -27.51 49.16 -0.12
CA ALA I 17 -27.43 47.78 -0.60
C ALA I 17 -26.06 47.45 -1.18
N LEU I 18 -25.33 48.47 -1.63
CA LEU I 18 -24.01 48.24 -2.22
C LEU I 18 -22.96 48.01 -1.13
N ARG I 19 -23.01 48.80 -0.06
CA ARG I 19 -22.04 48.63 1.03
C ARG I 19 -22.31 47.36 1.84
N GLY I 20 -23.55 46.88 1.83
CA GLY I 20 -23.84 45.63 2.51
C GLY I 20 -23.23 44.43 1.82
N LEU I 21 -23.08 44.49 0.49
CA LEU I 21 -22.41 43.41 -0.23
C LEU I 21 -20.91 43.48 -0.07
N VAL I 22 -20.37 44.69 0.14
CA VAL I 22 -18.94 44.85 0.37
C VAL I 22 -18.55 44.31 1.74
N GLU I 23 -19.34 44.62 2.76
CA GLU I 23 -19.05 44.14 4.11
C GLU I 23 -19.27 42.65 4.25
N THR I 24 -20.18 42.10 3.45
CA THR I 24 -20.39 40.65 3.46
C THR I 24 -19.27 39.93 2.74
N ALA I 25 -18.81 40.47 1.61
CA ALA I 25 -17.68 39.89 0.90
C ALA I 25 -16.38 40.05 1.66
N ALA I 26 -16.24 41.14 2.42
CA ALA I 26 -15.08 41.30 3.29
C ALA I 26 -15.09 40.31 4.43
N HIS I 27 -16.28 39.87 4.85
CA HIS I 27 -16.38 38.91 5.94
C HIS I 27 -15.95 37.52 5.52
N LEU I 28 -16.23 37.12 4.27
CA LEU I 28 -16.04 35.72 3.93
C LEU I 28 -14.61 35.39 3.51
N GLY I 29 -14.21 35.78 2.31
CA GLY I 29 -12.83 35.57 1.89
C GLY I 29 -12.28 36.53 0.84
N TYR I 30 -13.07 37.54 0.47
CA TYR I 30 -12.82 38.25 -0.80
C TYR I 30 -11.85 39.39 -0.58
N SER I 31 -10.80 39.44 -1.40
CA SER I 31 -9.81 40.50 -1.35
C SER I 31 -9.84 41.41 -2.57
N VAL I 32 -10.53 41.00 -3.63
CA VAL I 32 -10.75 41.85 -4.82
C VAL I 32 -12.23 41.76 -5.18
N VAL I 33 -12.95 42.86 -5.02
CA VAL I 33 -14.37 42.95 -5.35
C VAL I 33 -14.56 44.09 -6.34
N ALA I 34 -15.11 43.79 -7.51
CA ALA I 34 -15.36 44.77 -8.55
C ALA I 34 -16.86 44.89 -8.82
N ILE I 35 -17.26 46.07 -9.28
CA ILE I 35 -18.66 46.38 -9.53
C ILE I 35 -18.88 46.48 -11.04
N ASN I 36 -19.83 45.71 -11.56
CA ASN I 36 -20.15 45.74 -12.98
C ASN I 36 -21.27 46.72 -13.26
N HIS I 37 -21.29 47.24 -14.49
CA HIS I 37 -22.30 48.18 -14.93
C HIS I 37 -23.02 47.62 -16.15
N ILE I 38 -24.34 47.63 -16.12
CA ILE I 38 -25.15 47.09 -17.22
C ILE I 38 -25.30 48.16 -18.28
N VAL I 39 -24.73 47.92 -19.46
CA VAL I 39 -24.84 48.82 -20.61
C VAL I 39 -25.42 48.02 -21.77
N ASP I 40 -26.56 48.48 -22.29
CA ASP I 40 -27.23 47.77 -23.38
C ASP I 40 -27.54 48.70 -24.54
N PHE I 41 -28.28 48.20 -25.54
CA PHE I 41 -28.63 48.98 -26.72
C PHE I 41 -29.97 49.69 -26.58
N LYS I 42 -30.64 49.57 -25.43
CA LYS I 42 -31.94 50.19 -25.25
C LYS I 42 -31.81 51.67 -24.95
N GLU I 43 -31.11 52.02 -23.86
CA GLU I 43 -30.97 53.41 -23.47
C GLU I 43 -29.77 54.09 -24.12
N LYS I 44 -28.70 53.33 -24.39
CA LYS I 44 -27.46 53.81 -25.03
C LYS I 44 -26.82 54.95 -24.24
N LYS I 45 -26.50 54.66 -22.99
CA LYS I 45 -25.86 55.62 -22.09
C LYS I 45 -24.38 55.30 -21.95
N GLN I 46 -23.58 56.36 -21.76
CA GLN I 46 -22.14 56.25 -21.60
C GLN I 46 -21.73 57.00 -20.33
N GLU I 47 -21.75 56.29 -19.20
CA GLU I 47 -21.34 56.83 -17.91
C GLU I 47 -20.03 56.15 -17.53
N ILE I 48 -18.91 56.75 -17.94
CA ILE I 48 -17.59 56.14 -17.81
C ILE I 48 -16.73 56.90 -16.81
N GLU I 49 -16.86 58.22 -16.77
CA GLU I 49 -15.92 59.07 -16.03
C GLU I 49 -16.05 58.90 -14.53
N LYS I 50 -17.23 59.20 -13.98
CA LYS I 50 -17.50 59.06 -12.55
C LYS I 50 -18.76 58.21 -12.34
N PRO I 51 -18.68 56.88 -12.51
CA PRO I 51 -19.88 56.06 -12.33
C PRO I 51 -20.34 55.89 -10.88
N VAL I 52 -19.42 55.54 -9.98
CA VAL I 52 -19.74 55.29 -8.58
C VAL I 52 -18.84 56.14 -7.69
N ALA I 53 -17.53 56.11 -7.98
CA ALA I 53 -16.45 56.66 -7.14
C ALA I 53 -16.48 56.03 -5.74
N VAL I 54 -16.13 54.73 -5.74
CA VAL I 54 -16.15 53.91 -4.54
C VAL I 54 -15.19 54.47 -3.48
N SER I 55 -14.00 54.89 -3.92
CA SER I 55 -13.00 55.41 -2.99
C SER I 55 -13.38 56.75 -2.37
N GLU I 56 -14.31 57.47 -2.98
CA GLU I 56 -14.79 58.74 -2.44
C GLU I 56 -16.08 58.59 -1.65
N LEU I 57 -16.64 57.38 -1.55
CA LEU I 57 -17.86 57.13 -0.79
C LEU I 57 -17.68 56.12 0.32
N PHE I 58 -16.93 55.05 0.09
CA PHE I 58 -16.68 54.06 1.13
C PHE I 58 -15.76 54.65 2.20
N THR I 59 -15.92 54.19 3.43
CA THR I 59 -15.27 54.81 4.58
C THR I 59 -13.86 54.26 4.83
N THR I 60 -13.11 54.03 3.73
CA THR I 60 -11.65 54.01 3.67
C THR I 60 -11.04 52.77 4.33
N LEU I 61 -11.86 51.93 4.97
CA LEU I 61 -11.36 50.75 5.68
C LEU I 61 -12.08 49.47 5.26
N PRO I 62 -11.61 48.79 4.20
CA PRO I 62 -12.02 47.40 3.99
C PRO I 62 -11.13 46.43 4.77
N ILE I 63 -11.73 45.66 5.67
CA ILE I 63 -11.00 44.76 6.56
C ILE I 63 -11.56 43.36 6.42
N VAL I 64 -10.70 42.40 6.08
CA VAL I 64 -11.10 41.01 6.01
C VAL I 64 -10.59 40.28 7.25
N GLN I 65 -11.22 39.14 7.56
CA GLN I 65 -10.86 38.33 8.72
C GLN I 65 -9.99 37.14 8.35
N GLY I 66 -9.44 37.13 7.14
CA GLY I 66 -8.54 36.08 6.70
C GLY I 66 -7.10 36.53 6.74
N LYS I 67 -6.58 36.97 5.60
CA LYS I 67 -5.22 37.50 5.52
C LYS I 67 -5.10 38.86 6.20
N SER I 68 -6.22 39.53 6.46
CA SER I 68 -6.33 40.86 7.10
C SER I 68 -5.57 41.91 6.29
N ARG I 69 -6.05 42.09 5.07
CA ARG I 69 -5.49 43.02 4.10
C ARG I 69 -6.62 43.86 3.51
N PRO I 70 -6.33 45.09 3.09
CA PRO I 70 -7.37 45.90 2.43
C PRO I 70 -7.72 45.36 1.06
N ILE I 71 -8.94 45.69 0.63
CA ILE I 71 -9.52 45.15 -0.59
C ILE I 71 -9.24 46.08 -1.76
N LYS I 72 -8.59 45.55 -2.80
CA LYS I 72 -8.44 46.28 -4.05
C LYS I 72 -9.76 46.27 -4.81
N ILE I 73 -10.48 47.38 -4.78
CA ILE I 73 -11.78 47.52 -5.42
C ILE I 73 -11.57 48.02 -6.84
N LEU I 74 -12.04 47.26 -7.82
CA LEU I 74 -11.86 47.58 -9.23
C LEU I 74 -13.20 48.01 -9.83
N THR I 75 -13.12 48.55 -11.04
CA THR I 75 -14.30 48.96 -11.81
C THR I 75 -14.30 48.23 -13.14
N ARG I 76 -15.31 47.39 -13.37
CA ARG I 76 -15.42 46.61 -14.59
C ARG I 76 -16.74 46.91 -15.28
N LEU I 77 -16.78 46.66 -16.58
CA LEU I 77 -17.92 47.01 -17.43
C LEU I 77 -18.46 45.75 -18.10
N THR I 78 -19.79 45.66 -18.18
CA THR I 78 -20.48 44.55 -18.84
C THR I 78 -21.37 45.11 -19.93
N ILE I 79 -21.02 44.85 -21.18
CA ILE I 79 -21.72 45.42 -22.34
C ILE I 79 -22.57 44.31 -22.94
N ILE I 80 -23.89 44.52 -22.97
CA ILE I 80 -24.80 43.59 -23.61
C ILE I 80 -24.91 43.97 -25.08
N VAL I 81 -24.42 43.09 -25.96
CA VAL I 81 -24.39 43.34 -27.40
C VAL I 81 -25.28 42.30 -28.08
N SER I 82 -26.26 42.77 -28.84
CA SER I 82 -27.15 41.91 -29.62
C SER I 82 -26.90 42.04 -31.12
N ASP I 83 -26.80 43.29 -31.63
CA ASP I 83 -26.60 43.64 -33.01
C ASP I 83 -25.13 43.99 -33.27
N PRO I 84 -24.62 43.72 -34.48
CA PRO I 84 -23.22 44.08 -34.78
C PRO I 84 -22.99 45.58 -34.95
N SER I 85 -24.04 46.38 -35.10
CA SER I 85 -23.88 47.83 -35.14
C SER I 85 -23.52 48.38 -33.76
N HIS I 86 -23.97 47.70 -32.70
CA HIS I 86 -23.62 48.11 -31.34
C HIS I 86 -22.20 47.69 -30.97
N CYS I 87 -21.63 46.72 -31.68
CA CYS I 87 -20.26 46.28 -31.39
C CYS I 87 -19.24 47.31 -31.84
N ASN I 88 -19.59 48.15 -32.83
CA ASN I 88 -18.68 49.19 -33.28
C ASN I 88 -18.56 50.34 -32.29
N VAL I 89 -19.48 50.43 -31.33
CA VAL I 89 -19.39 51.44 -30.28
C VAL I 89 -18.22 51.14 -29.34
N LEU I 90 -17.92 49.85 -29.14
CA LEU I 90 -16.82 49.46 -28.26
C LEU I 90 -15.45 49.82 -28.86
N ARG I 91 -15.35 49.84 -30.18
CA ARG I 91 -14.12 50.22 -30.84
C ARG I 91 -13.93 51.73 -30.92
N ALA I 92 -14.98 52.51 -30.63
CA ALA I 92 -14.90 53.97 -30.65
C ALA I 92 -14.62 54.56 -29.28
N THR I 93 -15.12 53.92 -28.21
CA THR I 93 -14.89 54.39 -26.85
C THR I 93 -13.60 53.86 -26.25
N SER I 94 -12.82 53.07 -26.99
CA SER I 94 -11.56 52.56 -26.48
C SER I 94 -10.46 53.62 -26.45
N SER I 95 -10.58 54.66 -27.27
CA SER I 95 -9.60 55.74 -27.30
C SER I 95 -10.12 57.05 -26.74
N ARG I 96 -11.43 57.20 -26.56
CA ARG I 96 -11.98 58.43 -26.03
C ARG I 96 -11.83 58.50 -24.51
N ALA I 97 -12.31 57.47 -23.81
CA ALA I 97 -12.23 57.40 -22.36
C ALA I 97 -11.56 56.08 -21.98
N ARG I 98 -10.31 56.16 -21.52
CA ARG I 98 -9.52 54.98 -21.20
C ARG I 98 -9.67 54.69 -19.70
N LEU I 99 -10.84 54.17 -19.34
CA LEU I 99 -11.11 53.69 -18.00
C LEU I 99 -11.63 52.26 -18.09
N TYR I 100 -12.16 51.73 -16.98
CA TYR I 100 -12.78 50.40 -16.89
C TYR I 100 -11.78 49.30 -17.28
N ASP I 101 -10.77 49.16 -16.41
CA ASP I 101 -9.54 48.37 -16.56
C ASP I 101 -9.76 46.97 -17.14
N VAL I 102 -10.83 46.29 -16.73
CA VAL I 102 -11.20 44.99 -17.28
C VAL I 102 -12.56 45.12 -17.97
N VAL I 103 -12.61 44.77 -19.25
CA VAL I 103 -13.80 44.92 -20.07
C VAL I 103 -14.37 43.54 -20.37
N ALA I 104 -15.66 43.38 -20.10
CA ALA I 104 -16.38 42.14 -20.39
C ALA I 104 -17.54 42.43 -21.31
N VAL I 105 -17.72 41.58 -22.32
CA VAL I 105 -18.75 41.77 -23.34
C VAL I 105 -19.67 40.57 -23.33
N PHE I 106 -20.94 40.80 -23.67
CA PHE I 106 -21.97 39.76 -23.72
C PHE I 106 -22.45 39.56 -25.15
N PRO I 107 -21.94 38.54 -25.87
CA PRO I 107 -22.41 38.28 -27.22
C PRO I 107 -23.70 37.47 -27.24
N LYS I 108 -24.39 37.54 -28.38
CA LYS I 108 -25.61 36.76 -28.60
C LYS I 108 -25.63 35.98 -29.90
N THR I 109 -24.83 36.34 -30.90
CA THR I 109 -24.82 35.69 -32.20
C THR I 109 -23.48 35.03 -32.41
N GLU I 110 -23.49 33.81 -32.97
CA GLU I 110 -22.25 33.07 -33.23
C GLU I 110 -21.38 33.73 -34.29
N LYS I 111 -21.96 34.53 -35.18
CA LYS I 111 -21.15 35.34 -36.08
C LYS I 111 -20.48 36.48 -35.32
N LEU I 112 -21.18 37.05 -34.34
CA LEU I 112 -20.59 38.09 -33.50
C LEU I 112 -19.69 37.48 -32.43
N PHE I 113 -19.92 36.22 -32.07
CA PHE I 113 -19.05 35.54 -31.11
C PHE I 113 -17.70 35.22 -31.73
N HIS I 114 -17.63 35.09 -33.06
CA HIS I 114 -16.38 34.78 -33.73
C HIS I 114 -15.45 35.99 -33.73
N ILE I 115 -16.00 37.17 -34.02
CA ILE I 115 -15.18 38.38 -34.01
C ILE I 115 -14.92 38.87 -32.60
N ALA I 116 -15.69 38.39 -31.61
CA ALA I 116 -15.40 38.74 -30.22
C ALA I 116 -14.18 37.98 -29.71
N CYS I 117 -13.97 36.77 -30.20
CA CYS I 117 -12.84 35.97 -29.74
C CYS I 117 -11.57 36.28 -30.52
N THR I 118 -11.69 36.92 -31.68
CA THR I 118 -10.55 37.18 -32.55
C THR I 118 -10.25 38.66 -32.73
N HIS I 119 -11.23 39.46 -33.14
CA HIS I 119 -11.01 40.84 -33.54
C HIS I 119 -11.35 41.85 -32.44
N LEU I 120 -12.42 41.62 -31.68
CA LEU I 120 -12.81 42.56 -30.64
C LEU I 120 -11.88 42.45 -29.45
N ASP I 121 -11.41 43.60 -28.98
CA ASP I 121 -10.42 43.69 -27.90
C ASP I 121 -11.16 43.80 -26.57
N VAL I 122 -11.48 42.66 -25.96
CA VAL I 122 -12.07 42.62 -24.63
C VAL I 122 -11.22 41.72 -23.75
N ASP I 123 -11.59 41.60 -22.48
CA ASP I 123 -10.85 40.77 -21.54
C ASP I 123 -11.59 39.52 -21.10
N LEU I 124 -12.90 39.63 -20.86
CA LEU I 124 -13.72 38.49 -20.47
C LEU I 124 -14.95 38.43 -21.37
N VAL I 125 -15.59 37.27 -21.42
CA VAL I 125 -16.77 37.04 -22.24
C VAL I 125 -17.91 36.59 -21.33
N CYS I 126 -18.99 37.36 -21.33
CA CYS I 126 -20.16 37.05 -20.52
C CYS I 126 -20.96 35.95 -21.21
N ILE I 127 -21.19 34.84 -20.51
CA ILE I 127 -21.99 33.73 -21.01
C ILE I 127 -23.06 33.46 -19.96
N THR I 128 -24.26 34.00 -20.20
CA THR I 128 -25.43 33.73 -19.37
C THR I 128 -26.59 33.34 -20.27
N VAL I 129 -27.17 32.16 -20.01
CA VAL I 129 -28.31 31.65 -20.77
C VAL I 129 -29.48 31.52 -19.82
N THR I 130 -30.47 32.42 -19.94
CA THR I 130 -31.65 32.44 -19.09
C THR I 130 -32.90 32.42 -19.96
N GLU I 131 -33.79 31.47 -19.66
CA GLU I 131 -35.14 31.36 -20.25
C GLU I 131 -35.09 31.20 -21.78
N LYS I 132 -34.50 30.08 -22.21
CA LYS I 132 -34.47 29.60 -23.60
C LYS I 132 -33.79 30.62 -24.52
N LEU I 133 -32.49 30.80 -24.27
CA LEU I 133 -31.66 31.65 -25.11
C LEU I 133 -30.89 30.76 -26.08
N PRO I 134 -31.23 30.74 -27.36
CA PRO I 134 -30.52 29.84 -28.29
C PRO I 134 -29.13 30.35 -28.68
N PHE I 135 -28.09 29.67 -28.18
CA PHE I 135 -26.72 30.03 -28.51
C PHE I 135 -25.86 28.77 -28.39
N TYR I 136 -25.40 28.26 -29.52
CA TYR I 136 -24.56 27.07 -29.53
C TYR I 136 -23.08 27.47 -29.64
N PHE I 137 -22.23 26.59 -29.12
CA PHE I 137 -20.80 26.83 -29.06
C PHE I 137 -20.09 26.11 -30.20
N LYS I 138 -19.11 26.79 -30.79
CA LYS I 138 -18.33 26.26 -31.89
C LYS I 138 -16.87 26.15 -31.43
N ARG I 139 -16.20 25.09 -31.89
CA ARG I 139 -14.85 24.78 -31.39
C ARG I 139 -13.71 25.67 -31.91
N PRO I 140 -13.65 26.11 -33.17
CA PRO I 140 -12.55 27.05 -33.55
C PRO I 140 -12.59 28.44 -32.91
N PRO I 141 -13.75 29.07 -32.61
CA PRO I 141 -13.64 30.34 -31.84
C PRO I 141 -13.25 30.15 -30.39
N ILE I 142 -13.39 28.96 -29.82
CA ILE I 142 -12.91 28.73 -28.45
C ILE I 142 -11.40 28.51 -28.45
N ASN I 143 -10.88 27.80 -29.46
CA ASN I 143 -9.46 27.47 -29.51
C ASN I 143 -8.57 28.67 -29.79
N VAL I 144 -9.12 29.74 -30.35
CA VAL I 144 -8.34 30.96 -30.55
C VAL I 144 -8.30 31.78 -29.27
N ALA I 145 -9.40 31.79 -28.52
CA ALA I 145 -9.49 32.66 -27.33
C ALA I 145 -8.64 32.13 -26.18
N ILE I 146 -8.42 30.82 -26.13
CA ILE I 146 -7.57 30.27 -25.07
C ILE I 146 -6.09 30.54 -25.36
N ASP I 147 -5.72 30.61 -26.64
CA ASP I 147 -4.34 30.97 -26.99
C ASP I 147 -4.11 32.46 -26.87
N ARG I 148 -5.15 33.27 -27.08
CA ARG I 148 -5.05 34.72 -26.92
C ARG I 148 -4.96 35.12 -25.45
N GLY I 149 -5.60 34.37 -24.57
CA GLY I 149 -5.73 34.74 -23.18
C GLY I 149 -7.10 35.24 -22.78
N LEU I 150 -8.09 35.08 -23.66
CA LEU I 150 -9.43 35.60 -23.39
C LEU I 150 -10.18 34.65 -22.46
N ALA I 151 -10.87 35.21 -21.47
CA ALA I 151 -11.60 34.43 -20.48
C ALA I 151 -13.09 34.41 -20.79
N PHE I 152 -13.80 33.54 -20.08
CA PHE I 152 -15.23 33.34 -20.27
C PHE I 152 -15.94 33.38 -18.92
N GLU I 153 -17.00 34.17 -18.82
CA GLU I 153 -17.74 34.27 -17.57
C GLU I 153 -18.84 33.22 -17.49
N LEU I 154 -19.30 32.98 -16.26
CA LEU I 154 -20.49 32.18 -16.02
C LEU I 154 -21.15 32.73 -14.75
N VAL I 155 -22.10 33.64 -14.94
CA VAL I 155 -22.73 34.34 -13.82
C VAL I 155 -23.98 33.58 -13.41
N TYR I 156 -24.06 33.21 -12.14
CA TYR I 156 -25.13 32.36 -11.61
C TYR I 156 -25.84 33.07 -10.48
N SER I 157 -27.17 32.93 -10.42
CA SER I 157 -27.95 33.17 -9.22
C SER I 157 -29.20 32.29 -9.25
N PRO I 158 -29.05 30.97 -9.01
CA PRO I 158 -30.20 30.07 -9.20
C PRO I 158 -30.98 29.77 -7.92
N ALA I 159 -30.45 30.15 -6.77
CA ALA I 159 -30.94 29.58 -5.51
C ALA I 159 -32.10 30.35 -4.90
N ILE I 160 -32.38 31.56 -5.35
CA ILE I 160 -33.36 32.41 -4.68
C ILE I 160 -34.54 32.73 -5.58
N LYS I 161 -34.25 33.17 -6.82
CA LYS I 161 -35.30 33.75 -7.65
C LYS I 161 -36.23 32.68 -8.23
N ASP I 162 -35.70 31.79 -9.05
CA ASP I 162 -36.51 30.82 -9.77
C ASP I 162 -35.89 29.44 -9.71
N SER I 163 -36.74 28.42 -9.82
CA SER I 163 -36.30 27.05 -9.96
C SER I 163 -36.16 26.63 -11.41
N THR I 164 -36.87 27.28 -12.32
CA THR I 164 -36.72 26.99 -13.75
C THR I 164 -35.39 27.49 -14.27
N MET I 165 -34.85 28.56 -13.66
CA MET I 165 -33.56 29.11 -14.04
C MET I 165 -32.39 28.27 -13.54
N ARG I 166 -32.64 27.28 -12.67
CA ARG I 166 -31.57 26.42 -12.20
C ARG I 166 -31.09 25.49 -13.31
N ARG I 167 -31.99 25.08 -14.20
CA ARG I 167 -31.65 24.11 -15.23
C ARG I 167 -30.87 24.72 -16.37
N TYR I 168 -31.10 26.00 -16.67
CA TYR I 168 -30.44 26.62 -17.82
C TYR I 168 -29.01 27.04 -17.47
N THR I 169 -28.71 27.18 -16.18
CA THR I 169 -27.34 27.53 -15.78
C THR I 169 -26.45 26.30 -15.73
N ILE I 170 -27.02 25.13 -15.45
CA ILE I 170 -26.23 23.90 -15.39
C ILE I 170 -26.14 23.21 -16.74
N SER I 171 -27.12 23.42 -17.64
CA SER I 171 -27.07 22.78 -18.95
C SER I 171 -26.21 23.56 -19.94
N SER I 172 -26.32 24.89 -19.93
CA SER I 172 -25.48 25.71 -20.81
C SER I 172 -24.02 25.72 -20.36
N ALA I 173 -23.76 25.43 -19.09
CA ALA I 173 -22.38 25.29 -18.62
C ALA I 173 -21.72 24.07 -19.24
N LEU I 174 -22.40 22.92 -19.20
CA LEU I 174 -21.81 21.67 -19.66
C LEU I 174 -21.69 21.61 -21.18
N ASN I 175 -22.38 22.49 -21.90
CA ASN I 175 -22.12 22.63 -23.33
C ASN I 175 -20.78 23.32 -23.58
N LEU I 176 -20.33 24.12 -22.62
CA LEU I 176 -19.04 24.79 -22.73
C LEU I 176 -17.90 23.94 -22.19
N MET I 177 -18.19 23.04 -21.25
CA MET I 177 -17.14 22.24 -20.62
C MET I 177 -16.58 21.20 -21.58
N GLN I 178 -17.38 20.78 -22.57
CA GLN I 178 -16.92 19.77 -23.52
C GLN I 178 -15.92 20.34 -24.51
N ILE I 179 -15.92 21.65 -24.72
CA ILE I 179 -15.11 22.29 -25.74
C ILE I 179 -13.94 23.06 -25.12
N CYS I 180 -14.20 23.84 -24.08
CA CYS I 180 -13.20 24.78 -23.58
C CYS I 180 -12.09 24.09 -22.79
N LYS I 181 -12.41 22.95 -22.15
CA LYS I 181 -11.54 22.03 -21.40
C LYS I 181 -11.04 22.64 -20.08
N GLY I 182 -11.31 23.92 -19.82
CA GLY I 182 -10.88 24.55 -18.59
C GLY I 182 -9.46 25.09 -18.59
N LYS I 183 -9.19 26.01 -19.52
CA LYS I 183 -7.91 26.70 -19.57
C LYS I 183 -8.00 28.08 -18.93
N ASN I 184 -9.08 28.81 -19.19
CA ASN I 184 -9.37 30.07 -18.49
C ASN I 184 -10.89 30.24 -18.39
N VAL I 185 -11.45 29.75 -17.27
CA VAL I 185 -12.88 29.82 -17.00
C VAL I 185 -13.06 30.37 -15.59
N ILE I 186 -13.81 31.45 -15.45
CA ILE I 186 -14.14 32.02 -14.16
C ILE I 186 -15.63 31.86 -13.92
N ILE I 187 -16.02 31.84 -12.64
CA ILE I 187 -17.43 31.71 -12.25
C ILE I 187 -17.72 32.77 -11.18
N SER I 188 -18.25 33.91 -11.60
CA SER I 188 -18.66 34.96 -10.68
C SER I 188 -20.17 34.89 -10.46
N SER I 189 -20.68 35.75 -9.60
CA SER I 189 -22.09 35.76 -9.23
C SER I 189 -22.60 37.19 -9.10
N ALA I 190 -23.77 37.45 -9.67
CA ALA I 190 -24.42 38.74 -9.52
C ALA I 190 -25.22 38.77 -8.21
N ALA I 191 -25.34 39.98 -7.64
CA ALA I 191 -26.02 40.12 -6.35
C ALA I 191 -26.78 41.44 -6.35
N GLU I 192 -28.10 41.36 -6.45
CA GLU I 192 -28.95 42.53 -6.29
C GLU I 192 -29.46 42.66 -4.86
N ARG I 193 -29.93 41.56 -4.28
CA ARG I 193 -30.27 41.50 -2.86
C ARG I 193 -28.99 41.56 -2.03
N PRO I 194 -29.07 42.03 -0.78
CA PRO I 194 -27.86 42.11 0.06
C PRO I 194 -27.30 40.76 0.50
N LEU I 195 -28.00 39.65 0.26
CA LEU I 195 -27.45 38.31 0.51
C LEU I 195 -27.67 37.45 -0.75
N GLU I 196 -26.77 37.60 -1.72
CA GLU I 196 -26.73 36.75 -2.91
C GLU I 196 -25.27 36.42 -3.25
N ILE I 197 -24.49 36.11 -2.23
CA ILE I 197 -23.07 35.81 -2.38
C ILE I 197 -22.77 34.55 -1.59
N ARG I 198 -21.71 33.85 -1.98
CA ARG I 198 -21.31 32.60 -1.33
C ARG I 198 -19.89 32.72 -0.80
N GLY I 199 -19.48 31.72 -0.02
CA GLY I 199 -18.21 31.75 0.68
C GLY I 199 -17.01 31.54 -0.22
N PRO I 200 -15.80 31.72 0.32
CA PRO I 200 -14.59 31.60 -0.51
C PRO I 200 -14.26 30.17 -0.89
N TYR I 201 -14.38 29.23 0.05
CA TYR I 201 -14.19 27.82 -0.25
C TYR I 201 -15.46 27.17 -0.78
N ASP I 202 -16.57 27.90 -0.77
CA ASP I 202 -17.83 27.35 -1.25
C ASP I 202 -17.90 27.33 -2.77
N VAL I 203 -17.12 28.20 -3.42
CA VAL I 203 -17.06 28.23 -4.87
C VAL I 203 -16.29 27.01 -5.40
N ALA I 204 -15.37 26.47 -4.59
CA ALA I 204 -14.53 25.35 -5.00
C ALA I 204 -15.32 24.05 -5.20
N ASN I 205 -16.42 23.86 -4.48
CA ASN I 205 -17.31 22.74 -4.78
C ASN I 205 -18.39 23.14 -5.78
N LEU I 206 -18.74 24.43 -5.85
CA LEU I 206 -19.69 24.89 -6.84
C LEU I 206 -19.12 24.82 -8.25
N GLY I 207 -17.80 24.98 -8.40
CA GLY I 207 -17.17 24.64 -9.68
C GLY I 207 -17.12 23.16 -9.94
N LEU I 208 -16.97 22.34 -8.89
CA LEU I 208 -17.09 20.89 -9.05
C LEU I 208 -18.53 20.46 -9.26
N LEU I 209 -19.49 21.23 -8.76
CA LEU I 209 -20.90 21.05 -9.10
C LEU I 209 -21.17 21.32 -10.57
N PHE I 210 -20.43 22.26 -11.18
CA PHE I 210 -20.42 22.45 -12.62
C PHE I 210 -19.58 21.42 -13.35
N GLY I 211 -18.87 20.55 -12.61
CA GLY I 211 -17.98 19.57 -13.19
C GLY I 211 -16.59 20.12 -13.39
N LEU I 212 -16.10 20.05 -14.63
CA LEU I 212 -14.98 20.81 -15.19
C LEU I 212 -13.59 20.41 -14.68
N SER I 213 -13.50 19.72 -13.54
CA SER I 213 -12.24 19.45 -12.85
C SER I 213 -12.45 18.59 -11.61
N GLU I 214 -11.34 18.22 -10.97
CA GLU I 214 -11.35 17.73 -9.61
C GLU I 214 -10.50 18.60 -8.68
N SER I 215 -9.51 19.31 -9.22
CA SER I 215 -8.64 20.16 -8.42
C SER I 215 -8.56 21.56 -9.00
N ASP I 216 -8.67 21.68 -10.33
CA ASP I 216 -8.51 22.97 -10.99
C ASP I 216 -9.75 23.85 -10.86
N ALA I 217 -10.86 23.30 -10.32
CA ALA I 217 -12.02 24.12 -10.01
C ALA I 217 -11.75 25.09 -8.87
N LYS I 218 -10.81 24.76 -7.98
CA LYS I 218 -10.33 25.72 -6.99
C LYS I 218 -9.53 26.82 -7.66
N ALA I 219 -8.83 26.52 -8.76
CA ALA I 219 -8.08 27.51 -9.51
C ALA I 219 -8.95 28.36 -10.41
N ALA I 220 -10.24 28.04 -10.55
CA ALA I 220 -11.14 28.85 -11.35
C ALA I 220 -11.56 30.13 -10.64
N VAL I 221 -11.35 30.21 -9.32
CA VAL I 221 -11.74 31.38 -8.54
C VAL I 221 -10.45 32.09 -8.11
N SER I 222 -9.32 31.41 -8.19
CA SER I 222 -8.05 31.94 -7.72
C SER I 222 -7.08 32.24 -8.86
N THR I 223 -6.80 31.24 -9.70
CA THR I 223 -5.76 31.40 -10.73
C THR I 223 -6.30 32.11 -11.96
N ASN I 224 -7.46 31.68 -12.46
CA ASN I 224 -8.03 32.28 -13.66
C ASN I 224 -8.57 33.69 -13.37
N CYS I 225 -8.94 33.98 -12.12
CA CYS I 225 -9.34 35.33 -11.76
C CYS I 225 -8.15 36.26 -11.59
N ARG I 226 -6.96 35.70 -11.35
CA ARG I 226 -5.75 36.51 -11.26
C ARG I 226 -5.30 36.97 -12.64
N ALA I 227 -5.57 36.17 -13.67
CA ALA I 227 -5.18 36.50 -15.03
C ALA I 227 -6.03 37.59 -15.67
N ALA I 228 -7.16 37.96 -15.04
CA ALA I 228 -7.98 39.03 -15.58
C ALA I 228 -7.33 40.39 -15.37
N LEU I 229 -6.80 40.64 -14.17
CA LEU I 229 -6.12 41.90 -13.90
C LEU I 229 -4.73 41.92 -14.51
N LEU I 230 -4.09 40.75 -14.65
CA LEU I 230 -2.74 40.70 -15.21
C LEU I 230 -2.75 40.97 -16.71
N HIS I 231 -3.77 40.48 -17.43
CA HIS I 231 -3.88 40.73 -18.86
C HIS I 231 -4.53 42.06 -19.17
N GLY I 232 -5.42 42.54 -18.30
CA GLY I 232 -6.10 43.81 -18.53
C GLY I 232 -5.29 45.03 -18.17
N GLU I 233 -4.19 44.87 -17.44
CA GLU I 233 -3.37 46.02 -17.06
C GLU I 233 -2.56 46.55 -18.24
N THR I 234 -2.06 45.64 -19.09
CA THR I 234 -1.32 46.05 -20.27
C THR I 234 -2.23 46.61 -21.36
N ARG I 235 -3.53 46.28 -21.31
CA ARG I 235 -4.48 46.85 -22.27
C ARG I 235 -4.76 48.31 -21.97
N LYS I 236 -4.79 48.69 -20.68
CA LYS I 236 -5.05 50.07 -20.32
C LYS I 236 -3.85 50.96 -20.65
N THR I 237 -2.65 50.54 -20.27
CA THR I 237 -1.45 51.32 -20.53
C THR I 237 -1.01 51.19 -21.99
N ALA J 2 -20.49 -19.65 -16.62
CA ALA J 2 -21.04 -18.31 -16.40
C ALA J 2 -22.56 -18.32 -16.59
N VAL J 3 -23.26 -18.96 -15.65
CA VAL J 3 -24.72 -19.02 -15.70
C VAL J 3 -25.27 -17.65 -15.37
N PHE J 4 -26.00 -17.06 -16.31
CA PHE J 4 -26.35 -15.65 -16.29
C PHE J 4 -27.84 -15.45 -16.05
N ALA J 5 -28.16 -14.31 -15.41
CA ALA J 5 -29.52 -13.77 -15.27
C ALA J 5 -30.44 -14.71 -14.48
N ASP J 6 -30.12 -14.85 -13.20
CA ASP J 6 -30.97 -15.56 -12.24
C ASP J 6 -31.86 -14.57 -11.51
N LEU J 7 -32.95 -15.07 -10.95
CA LEU J 7 -33.93 -14.23 -10.26
C LEU J 7 -34.40 -14.88 -8.96
N ASP J 8 -35.11 -14.08 -8.17
CA ASP J 8 -35.78 -14.51 -6.94
C ASP J 8 -37.12 -13.76 -6.89
N LEU J 9 -38.17 -14.40 -7.40
CA LEU J 9 -39.48 -13.79 -7.47
C LEU J 9 -40.33 -14.16 -6.26
N ARG J 10 -41.08 -13.20 -5.74
CA ARG J 10 -41.95 -13.39 -4.59
C ARG J 10 -43.37 -13.02 -5.01
N ALA J 11 -44.08 -13.97 -5.65
CA ALA J 11 -45.44 -13.71 -6.11
C ALA J 11 -46.16 -15.04 -6.33
N GLY J 12 -47.17 -15.32 -5.52
CA GLY J 12 -48.13 -16.32 -5.89
C GLY J 12 -49.54 -16.02 -5.41
N SER J 13 -50.46 -15.85 -6.35
CA SER J 13 -51.89 -15.78 -6.05
C SER J 13 -52.77 -16.53 -7.05
N ASP J 14 -52.30 -16.74 -8.28
CA ASP J 14 -53.08 -17.33 -9.36
C ASP J 14 -52.11 -17.72 -10.46
N LEU J 15 -52.53 -18.68 -11.29
CA LEU J 15 -51.67 -19.14 -12.38
C LEU J 15 -51.64 -18.17 -13.57
N LYS J 16 -52.57 -17.22 -13.62
CA LYS J 16 -52.57 -16.25 -14.72
C LYS J 16 -51.47 -15.22 -14.56
N ALA J 17 -51.16 -14.84 -13.32
CA ALA J 17 -50.09 -13.88 -13.09
C ALA J 17 -48.74 -14.56 -12.93
N LEU J 18 -48.74 -15.83 -12.51
CA LEU J 18 -47.48 -16.55 -12.34
C LEU J 18 -46.88 -16.96 -13.68
N ARG J 19 -47.70 -17.41 -14.62
CA ARG J 19 -47.20 -17.76 -15.94
C ARG J 19 -46.80 -16.53 -16.75
N GLY J 20 -47.41 -15.38 -16.44
CA GLY J 20 -47.04 -14.15 -17.13
C GLY J 20 -45.66 -13.64 -16.74
N LEU J 21 -45.23 -13.94 -15.52
CA LEU J 21 -43.88 -13.55 -15.10
C LEU J 21 -42.83 -14.47 -15.71
N VAL J 22 -43.20 -15.72 -15.99
CA VAL J 22 -42.26 -16.65 -16.63
C VAL J 22 -42.03 -16.27 -18.08
N GLU J 23 -43.09 -15.91 -18.81
CA GLU J 23 -42.95 -15.55 -20.22
C GLU J 23 -42.27 -14.19 -20.38
N THR J 24 -42.43 -13.31 -19.39
CA THR J 24 -41.80 -11.99 -19.46
C THR J 24 -40.31 -12.08 -19.15
N ALA J 25 -39.94 -12.89 -18.17
CA ALA J 25 -38.52 -13.11 -17.87
C ALA J 25 -37.82 -13.88 -18.97
N ALA J 26 -38.55 -14.79 -19.64
CA ALA J 26 -37.98 -15.50 -20.78
C ALA J 26 -37.74 -14.59 -21.96
N HIS J 27 -38.46 -13.47 -22.04
CA HIS J 27 -38.32 -12.54 -23.15
C HIS J 27 -37.00 -11.77 -23.12
N LEU J 28 -36.57 -11.28 -21.96
CA LEU J 28 -35.41 -10.40 -21.95
C LEU J 28 -34.07 -11.11 -21.92
N GLY J 29 -33.72 -11.73 -20.80
CA GLY J 29 -32.46 -12.46 -20.75
C GLY J 29 -32.38 -13.62 -19.78
N TYR J 30 -33.48 -13.97 -19.13
CA TYR J 30 -33.41 -14.82 -17.95
C TYR J 30 -33.55 -16.28 -18.34
N SER J 31 -32.54 -17.08 -17.98
CA SER J 31 -32.53 -18.51 -18.30
C SER J 31 -33.03 -19.37 -17.14
N VAL J 32 -32.70 -19.01 -15.91
CA VAL J 32 -33.14 -19.74 -14.71
C VAL J 32 -33.94 -18.78 -13.85
N VAL J 33 -35.23 -19.12 -13.64
CA VAL J 33 -36.15 -18.29 -12.87
C VAL J 33 -36.61 -19.09 -11.66
N ALA J 34 -36.44 -18.51 -10.47
CA ALA J 34 -36.81 -19.16 -9.23
C ALA J 34 -38.00 -18.44 -8.60
N ILE J 35 -38.76 -19.17 -7.79
CA ILE J 35 -39.96 -18.66 -7.14
C ILE J 35 -39.81 -18.85 -5.64
N ASN J 36 -39.98 -17.78 -4.88
CA ASN J 36 -39.93 -17.84 -3.43
C ASN J 36 -41.31 -18.15 -2.85
N HIS J 37 -41.35 -18.41 -1.55
CA HIS J 37 -42.59 -18.64 -0.82
C HIS J 37 -42.49 -17.93 0.52
N ILE J 38 -43.31 -16.91 0.71
CA ILE J 38 -43.26 -16.09 1.92
C ILE J 38 -43.94 -16.84 3.05
N VAL J 39 -43.18 -17.13 4.12
CA VAL J 39 -43.69 -17.78 5.32
C VAL J 39 -43.44 -16.85 6.50
N ASP J 40 -44.51 -16.46 7.18
CA ASP J 40 -44.44 -15.55 8.31
C ASP J 40 -44.45 -16.30 9.63
N PHE J 41 -44.14 -15.58 10.71
CA PHE J 41 -44.12 -16.16 12.04
C PHE J 41 -45.47 -16.09 12.74
N LYS J 42 -46.42 -15.35 12.18
CA LYS J 42 -47.73 -15.20 12.83
C LYS J 42 -48.64 -16.38 12.54
N GLU J 43 -48.72 -16.80 11.28
CA GLU J 43 -49.62 -17.88 10.89
C GLU J 43 -49.09 -19.26 11.26
N LYS J 44 -47.76 -19.43 11.31
CA LYS J 44 -47.08 -20.70 11.61
C LYS J 44 -47.51 -21.82 10.66
N LYS J 45 -47.69 -21.49 9.38
CA LYS J 45 -48.13 -22.45 8.37
C LYS J 45 -46.99 -22.69 7.39
N GLN J 46 -46.74 -23.97 7.06
CA GLN J 46 -45.67 -24.36 6.14
C GLN J 46 -46.26 -25.34 5.11
N GLU J 47 -46.68 -24.80 3.97
CA GLU J 47 -47.19 -25.61 2.86
C GLU J 47 -46.01 -26.02 1.99
N ILE J 48 -45.50 -27.22 2.24
CA ILE J 48 -44.25 -27.69 1.64
C ILE J 48 -44.55 -28.83 0.68
N GLU J 49 -45.67 -29.53 0.91
CA GLU J 49 -45.90 -30.84 0.31
C GLU J 49 -46.12 -30.75 -1.20
N LYS J 50 -47.18 -30.07 -1.63
CA LYS J 50 -47.48 -29.87 -3.05
C LYS J 50 -47.79 -28.40 -3.31
N PRO J 51 -46.77 -27.52 -3.30
CA PRO J 51 -47.05 -26.09 -3.41
C PRO J 51 -47.26 -25.56 -4.83
N VAL J 52 -46.53 -26.08 -5.82
CA VAL J 52 -46.44 -25.41 -7.11
C VAL J 52 -46.88 -26.33 -8.25
N ALA J 53 -46.31 -27.53 -8.29
CA ALA J 53 -46.48 -28.52 -9.37
C ALA J 53 -46.08 -27.92 -10.73
N VAL J 54 -44.77 -27.70 -10.85
CA VAL J 54 -44.16 -27.05 -12.02
C VAL J 54 -44.48 -27.80 -13.30
N SER J 55 -44.30 -29.12 -13.30
CA SER J 55 -44.51 -29.91 -14.51
C SER J 55 -45.99 -30.07 -14.81
N GLU J 56 -46.85 -29.89 -13.79
CA GLU J 56 -48.28 -30.10 -13.99
C GLU J 56 -48.99 -28.81 -14.38
N LEU J 57 -48.59 -27.66 -13.84
CA LEU J 57 -49.30 -26.41 -14.05
C LEU J 57 -48.57 -25.45 -14.97
N PHE J 58 -47.71 -25.94 -15.85
CA PHE J 58 -47.09 -25.12 -16.88
C PHE J 58 -47.23 -25.84 -18.22
N THR J 59 -47.31 -25.07 -19.30
CA THR J 59 -47.63 -25.66 -20.61
C THR J 59 -46.38 -26.10 -21.38
N THR J 60 -45.48 -26.80 -20.69
CA THR J 60 -44.54 -27.80 -21.24
C THR J 60 -43.41 -27.18 -22.09
N LEU J 61 -43.50 -25.89 -22.43
CA LEU J 61 -42.53 -25.32 -23.36
C LEU J 61 -42.18 -23.87 -23.02
N PRO J 62 -41.16 -23.63 -22.20
CA PRO J 62 -40.65 -22.26 -22.06
C PRO J 62 -39.60 -21.94 -23.12
N ILE J 63 -39.63 -20.74 -23.69
CA ILE J 63 -38.75 -20.35 -24.78
C ILE J 63 -38.07 -19.04 -24.43
N VAL J 64 -36.74 -19.06 -24.35
CA VAL J 64 -35.96 -17.85 -24.15
C VAL J 64 -35.32 -17.45 -25.48
N GLN J 65 -34.85 -16.21 -25.55
CA GLN J 65 -34.18 -15.72 -26.75
C GLN J 65 -32.68 -15.97 -26.74
N GLY J 66 -32.19 -16.77 -25.79
CA GLY J 66 -30.78 -17.10 -25.73
C GLY J 66 -30.47 -18.38 -26.47
N LYS J 67 -30.11 -19.43 -25.74
CA LYS J 67 -29.79 -20.73 -26.31
C LYS J 67 -31.07 -21.54 -26.65
N SER J 68 -32.24 -20.96 -26.41
CA SER J 68 -33.57 -21.56 -26.61
C SER J 68 -33.70 -22.87 -25.83
N ARG J 69 -33.16 -22.87 -24.60
CA ARG J 69 -33.19 -23.89 -23.57
C ARG J 69 -34.37 -23.67 -22.64
N PRO J 70 -34.96 -24.74 -22.09
CA PRO J 70 -36.08 -24.56 -21.16
C PRO J 70 -35.60 -23.98 -19.83
N ILE J 71 -36.50 -23.24 -19.20
CA ILE J 71 -36.18 -22.53 -17.95
C ILE J 71 -36.15 -23.54 -16.81
N LYS J 72 -35.05 -23.53 -16.05
CA LYS J 72 -34.94 -24.35 -14.85
C LYS J 72 -35.78 -23.70 -13.75
N ILE J 73 -37.07 -23.99 -13.73
CA ILE J 73 -37.99 -23.39 -12.78
C ILE J 73 -37.84 -24.10 -11.44
N LEU J 74 -37.26 -23.41 -10.47
CA LEU J 74 -37.01 -23.95 -9.15
C LEU J 74 -37.88 -23.24 -8.12
N THR J 75 -38.11 -23.91 -7.00
CA THR J 75 -38.95 -23.40 -5.92
C THR J 75 -38.08 -23.13 -4.71
N ARG J 76 -38.00 -21.86 -4.31
CA ARG J 76 -37.21 -21.45 -3.16
C ARG J 76 -38.13 -21.05 -2.02
N LEU J 77 -37.53 -20.78 -0.86
CA LEU J 77 -38.26 -20.50 0.38
C LEU J 77 -37.66 -19.28 1.06
N THR J 78 -38.51 -18.34 1.45
CA THR J 78 -38.09 -17.14 2.18
C THR J 78 -38.95 -17.02 3.44
N ILE J 79 -38.33 -17.14 4.60
CA ILE J 79 -39.04 -17.17 5.87
C ILE J 79 -38.80 -15.85 6.58
N ILE J 80 -39.87 -15.15 6.89
CA ILE J 80 -39.78 -13.93 7.71
C ILE J 80 -39.61 -14.37 9.16
N VAL J 81 -38.41 -14.15 9.71
CA VAL J 81 -38.07 -14.61 11.05
C VAL J 81 -37.83 -13.39 11.92
N SER J 82 -38.54 -13.33 13.05
CA SER J 82 -38.39 -12.24 14.00
C SER J 82 -38.07 -12.70 15.42
N ASP J 83 -38.57 -13.87 15.84
CA ASP J 83 -38.38 -14.34 17.20
C ASP J 83 -37.48 -15.58 17.21
N PRO J 84 -36.69 -15.79 18.26
CA PRO J 84 -35.91 -17.04 18.33
C PRO J 84 -36.75 -18.26 18.65
N SER J 85 -37.98 -18.08 19.13
CA SER J 85 -38.89 -19.19 19.37
C SER J 85 -39.59 -19.66 18.11
N HIS J 86 -39.31 -19.05 16.96
CA HIS J 86 -39.83 -19.51 15.67
C HIS J 86 -38.76 -20.12 14.78
N CYS J 87 -37.48 -19.77 15.01
CA CYS J 87 -36.39 -20.35 14.23
C CYS J 87 -36.12 -21.80 14.60
N ASN J 88 -36.62 -22.25 15.76
CA ASN J 88 -36.45 -23.64 16.16
C ASN J 88 -37.23 -24.59 15.27
N VAL J 89 -38.36 -24.12 14.70
CA VAL J 89 -39.08 -24.90 13.71
C VAL J 89 -38.28 -24.97 12.42
N LEU J 90 -37.60 -23.87 12.06
CA LEU J 90 -36.73 -23.86 10.87
C LEU J 90 -35.50 -24.75 11.06
N ARG J 91 -35.01 -24.87 12.29
CA ARG J 91 -33.89 -25.77 12.55
C ARG J 91 -34.34 -27.24 12.57
N ALA J 92 -35.64 -27.48 12.74
CA ALA J 92 -36.20 -28.81 12.70
C ALA J 92 -36.49 -29.30 11.28
N THR J 93 -36.29 -28.45 10.27
CA THR J 93 -36.52 -28.84 8.88
C THR J 93 -35.31 -29.52 8.25
N SER J 94 -34.25 -29.78 9.02
CA SER J 94 -33.08 -30.47 8.50
C SER J 94 -33.32 -31.95 8.29
N SER J 95 -34.31 -32.54 8.95
CA SER J 95 -34.61 -33.96 8.77
C SER J 95 -36.09 -34.28 8.55
N ARG J 96 -37.00 -33.35 8.79
CA ARG J 96 -38.43 -33.65 8.64
C ARG J 96 -38.87 -33.54 7.18
N ALA J 97 -38.74 -32.35 6.59
CA ALA J 97 -39.15 -32.09 5.21
C ALA J 97 -37.99 -31.43 4.47
N ARG J 98 -37.30 -32.21 3.65
CA ARG J 98 -36.15 -31.73 2.88
C ARG J 98 -36.63 -31.40 1.47
N LEU J 99 -37.29 -30.24 1.34
CA LEU J 99 -37.70 -29.71 0.05
C LEU J 99 -37.24 -28.26 -0.05
N TYR J 100 -37.71 -27.54 -1.09
CA TYR J 100 -37.44 -26.13 -1.32
C TYR J 100 -35.94 -25.87 -1.46
N ASP J 101 -35.35 -26.37 -2.56
CA ASP J 101 -33.92 -26.57 -2.85
C ASP J 101 -32.98 -25.49 -2.32
N VAL J 102 -33.35 -24.21 -2.48
CA VAL J 102 -32.59 -23.10 -1.92
C VAL J 102 -33.46 -22.43 -0.87
N VAL J 103 -32.95 -22.35 0.36
CA VAL J 103 -33.69 -21.77 1.49
C VAL J 103 -33.06 -20.44 1.84
N ALA J 104 -33.86 -19.39 1.84
CA ALA J 104 -33.44 -18.06 2.24
C ALA J 104 -34.12 -17.65 3.54
N VAL J 105 -33.41 -16.87 4.35
CA VAL J 105 -33.91 -16.45 5.66
C VAL J 105 -33.94 -14.92 5.68
N PHE J 106 -34.87 -14.37 6.46
CA PHE J 106 -35.04 -12.93 6.63
C PHE J 106 -34.93 -12.58 8.10
N PRO J 107 -33.75 -12.20 8.58
CA PRO J 107 -33.59 -11.86 10.00
C PRO J 107 -34.08 -10.45 10.31
N LYS J 108 -34.34 -10.23 11.60
CA LYS J 108 -34.72 -8.92 12.11
C LYS J 108 -33.97 -8.51 13.36
N THR J 109 -33.21 -9.39 13.99
CA THR J 109 -32.56 -9.12 15.26
C THR J 109 -31.05 -9.36 15.11
N GLU J 110 -30.25 -8.49 15.74
CA GLU J 110 -28.79 -8.64 15.68
C GLU J 110 -28.32 -9.87 16.43
N LYS J 111 -29.09 -10.34 17.42
CA LYS J 111 -28.79 -11.62 18.04
C LYS J 111 -29.18 -12.78 17.14
N LEU J 112 -30.15 -12.56 16.25
CA LEU J 112 -30.61 -13.59 15.32
C LEU J 112 -29.88 -13.52 13.99
N PHE J 113 -29.32 -12.36 13.64
CA PHE J 113 -28.52 -12.26 12.43
C PHE J 113 -27.18 -12.97 12.59
N HIS J 114 -26.66 -13.04 13.82
CA HIS J 114 -25.36 -13.66 14.04
C HIS J 114 -25.44 -15.18 13.96
N ILE J 115 -26.52 -15.78 14.45
CA ILE J 115 -26.65 -17.23 14.40
C ILE J 115 -27.01 -17.70 13.00
N ALA J 116 -27.64 -16.83 12.20
CA ALA J 116 -27.99 -17.21 10.83
C ALA J 116 -26.76 -17.24 9.92
N CYS J 117 -25.74 -16.45 10.25
CA CYS J 117 -24.53 -16.42 9.44
C CYS J 117 -23.46 -17.37 9.95
N THR J 118 -23.60 -17.88 11.17
CA THR J 118 -22.58 -18.75 11.76
C THR J 118 -23.09 -20.15 12.09
N HIS J 119 -24.24 -20.26 12.77
CA HIS J 119 -24.73 -21.54 13.25
C HIS J 119 -25.84 -22.11 12.39
N LEU J 120 -26.79 -21.30 11.96
CA LEU J 120 -27.92 -21.78 11.18
C LEU J 120 -27.49 -22.09 9.75
N ASP J 121 -27.92 -23.25 9.24
CA ASP J 121 -27.55 -23.72 7.92
C ASP J 121 -28.60 -23.23 6.92
N VAL J 122 -28.40 -22.03 6.39
CA VAL J 122 -29.23 -21.51 5.31
C VAL J 122 -28.36 -21.27 4.09
N ASP J 123 -28.98 -20.91 2.98
CA ASP J 123 -28.28 -20.67 1.72
C ASP J 123 -28.03 -19.20 1.43
N LEU J 124 -29.05 -18.36 1.60
CA LEU J 124 -28.90 -16.92 1.40
C LEU J 124 -29.66 -16.19 2.51
N VAL J 125 -29.37 -14.90 2.67
CA VAL J 125 -29.93 -14.09 3.75
C VAL J 125 -30.59 -12.86 3.12
N CYS J 126 -31.87 -12.66 3.41
CA CYS J 126 -32.60 -11.52 2.86
C CYS J 126 -32.37 -10.27 3.69
N ILE J 127 -31.96 -9.20 3.04
CA ILE J 127 -31.77 -7.90 3.69
C ILE J 127 -32.61 -6.90 2.91
N THR J 128 -33.81 -6.62 3.41
CA THR J 128 -34.67 -5.57 2.88
C THR J 128 -35.14 -4.68 4.03
N VAL J 129 -35.24 -3.38 3.76
CA VAL J 129 -35.65 -2.40 4.74
C VAL J 129 -36.91 -1.70 4.25
N THR J 130 -38.01 -1.90 4.97
CA THR J 130 -39.29 -1.24 4.68
C THR J 130 -39.79 -0.55 5.94
N GLU J 131 -40.17 0.73 5.79
CA GLU J 131 -40.83 1.55 6.81
C GLU J 131 -39.99 1.68 8.08
N LYS J 132 -38.84 2.34 7.91
CA LYS J 132 -37.97 2.81 9.00
C LYS J 132 -37.46 1.66 9.88
N LEU J 133 -36.65 0.80 9.25
CA LEU J 133 -36.03 -0.33 9.92
C LEU J 133 -34.51 -0.12 9.91
N PRO J 134 -33.96 0.52 10.94
CA PRO J 134 -32.50 0.61 11.02
C PRO J 134 -31.89 -0.65 11.60
N PHE J 135 -30.72 -1.02 11.06
CA PHE J 135 -30.04 -2.23 11.51
C PHE J 135 -28.54 -2.10 11.30
N TYR J 136 -27.76 -2.33 12.35
CA TYR J 136 -26.31 -2.23 12.27
C TYR J 136 -25.73 -3.47 11.60
N PHE J 137 -24.70 -3.25 10.79
CA PHE J 137 -24.00 -4.31 10.08
C PHE J 137 -22.65 -4.52 10.76
N LYS J 138 -22.50 -5.66 11.42
CA LYS J 138 -21.28 -5.96 12.14
C LYS J 138 -20.36 -6.83 11.28
N ARG J 139 -19.04 -6.60 11.39
CA ARG J 139 -18.06 -7.29 10.55
C ARG J 139 -17.79 -8.77 10.87
N PRO J 140 -17.76 -9.24 12.12
CA PRO J 140 -17.58 -10.70 12.35
C PRO J 140 -18.70 -11.60 11.80
N PRO J 141 -19.99 -11.22 11.76
CA PRO J 141 -20.93 -12.12 11.06
C PRO J 141 -20.82 -12.04 9.54
N ILE J 142 -20.11 -11.05 8.99
CA ILE J 142 -19.95 -10.97 7.54
C ILE J 142 -18.71 -11.75 7.09
N ASN J 143 -17.60 -11.60 7.83
CA ASN J 143 -16.32 -12.20 7.44
C ASN J 143 -16.31 -13.72 7.54
N VAL J 144 -17.24 -14.32 8.28
CA VAL J 144 -17.38 -15.76 8.30
C VAL J 144 -18.25 -16.25 7.14
N ALA J 145 -19.24 -15.45 6.76
CA ALA J 145 -20.19 -15.84 5.72
C ALA J 145 -19.56 -15.86 4.33
N ILE J 146 -18.53 -15.04 4.11
CA ILE J 146 -17.88 -15.00 2.80
C ILE J 146 -17.01 -16.22 2.56
N ASP J 147 -16.48 -16.83 3.63
CA ASP J 147 -15.69 -18.05 3.47
C ASP J 147 -16.57 -19.29 3.55
N ARG J 148 -17.69 -19.21 4.26
CA ARG J 148 -18.62 -20.33 4.38
C ARG J 148 -19.34 -20.60 3.06
N GLY J 149 -19.60 -19.55 2.28
CA GLY J 149 -20.38 -19.67 1.06
C GLY J 149 -21.73 -19.00 1.12
N LEU J 150 -22.06 -18.32 2.23
CA LEU J 150 -23.34 -17.65 2.37
C LEU J 150 -23.37 -16.37 1.54
N ALA J 151 -24.49 -16.17 0.85
CA ALA J 151 -24.72 -14.98 0.03
C ALA J 151 -25.86 -14.19 0.65
N PHE J 152 -26.23 -13.09 -0.02
CA PHE J 152 -27.22 -12.16 0.53
C PHE J 152 -28.18 -11.75 -0.58
N GLU J 153 -29.46 -12.07 -0.41
CA GLU J 153 -30.49 -11.55 -1.32
C GLU J 153 -30.76 -10.10 -0.99
N LEU J 154 -30.11 -9.19 -1.71
CA LEU J 154 -30.36 -7.75 -1.57
C LEU J 154 -31.51 -7.44 -2.52
N VAL J 155 -32.72 -7.79 -2.12
CA VAL J 155 -33.89 -7.72 -2.97
C VAL J 155 -34.36 -6.28 -3.05
N TYR J 156 -34.46 -5.76 -4.27
CA TYR J 156 -34.91 -4.39 -4.51
C TYR J 156 -36.30 -4.42 -5.13
N SER J 157 -37.23 -3.66 -4.55
CA SER J 157 -38.50 -3.33 -5.19
C SER J 157 -39.03 -2.02 -4.61
N PRO J 158 -38.47 -0.87 -4.99
CA PRO J 158 -38.94 0.39 -4.43
C PRO J 158 -40.00 1.10 -5.25
N ALA J 159 -40.22 0.71 -6.52
CA ALA J 159 -41.08 1.44 -7.43
C ALA J 159 -42.48 0.86 -7.52
N ILE J 160 -42.98 0.21 -6.48
CA ILE J 160 -44.31 -0.39 -6.51
C ILE J 160 -45.34 0.61 -6.03
N LYS J 161 -45.19 1.10 -4.79
CA LYS J 161 -46.20 1.94 -4.17
C LYS J 161 -45.71 3.36 -3.92
N ASP J 162 -44.61 3.52 -3.19
CA ASP J 162 -44.17 4.82 -2.71
C ASP J 162 -42.73 5.08 -3.16
N SER J 163 -42.43 6.34 -3.48
CA SER J 163 -41.08 6.75 -3.83
C SER J 163 -40.18 6.91 -2.61
N THR J 164 -40.73 6.85 -1.40
CA THR J 164 -39.90 6.94 -0.19
C THR J 164 -39.15 5.63 0.05
N MET J 165 -39.60 4.54 -0.57
CA MET J 165 -38.90 3.26 -0.45
C MET J 165 -37.61 3.23 -1.27
N ARG J 166 -37.40 4.21 -2.15
CA ARG J 166 -36.15 4.30 -2.89
C ARG J 166 -34.99 4.70 -1.98
N ARG J 167 -35.29 5.39 -0.88
CA ARG J 167 -34.26 5.79 0.06
C ARG J 167 -33.78 4.61 0.91
N TYR J 168 -34.71 3.74 1.33
CA TYR J 168 -34.35 2.70 2.27
C TYR J 168 -33.68 1.51 1.58
N THR J 169 -33.70 1.46 0.25
CA THR J 169 -32.95 0.44 -0.46
C THR J 169 -31.51 0.88 -0.71
N ILE J 170 -31.32 2.16 -1.03
CA ILE J 170 -29.97 2.68 -1.28
C ILE J 170 -29.22 2.92 0.02
N SER J 171 -29.93 3.10 1.14
CA SER J 171 -29.26 3.34 2.42
C SER J 171 -28.71 2.05 3.01
N SER J 172 -29.51 0.98 3.00
CA SER J 172 -29.07 -0.29 3.56
C SER J 172 -28.04 -0.99 2.69
N ALA J 173 -28.04 -0.71 1.38
CA ALA J 173 -27.05 -1.34 0.50
C ALA J 173 -25.67 -0.69 0.68
N LEU J 174 -25.62 0.63 0.78
CA LEU J 174 -24.35 1.32 0.97
C LEU J 174 -23.80 1.14 2.38
N ASN J 175 -24.65 0.78 3.35
CA ASN J 175 -24.14 0.34 4.64
C ASN J 175 -23.45 -1.01 4.51
N LEU J 176 -23.88 -1.84 3.56
CA LEU J 176 -23.29 -3.16 3.40
C LEU J 176 -21.99 -3.08 2.60
N MET J 177 -21.95 -2.21 1.59
CA MET J 177 -20.79 -2.14 0.69
C MET J 177 -19.55 -1.56 1.36
N GLN J 178 -19.73 -0.74 2.39
CA GLN J 178 -18.58 -0.22 3.13
C GLN J 178 -18.03 -1.25 4.12
N ILE J 179 -18.77 -2.33 4.35
CA ILE J 179 -18.44 -3.31 5.38
C ILE J 179 -18.16 -4.69 4.78
N CYS J 180 -19.06 -5.17 3.92
CA CYS J 180 -18.91 -6.50 3.34
C CYS J 180 -17.78 -6.57 2.31
N LYS J 181 -17.42 -5.42 1.71
CA LYS J 181 -16.42 -5.18 0.67
C LYS J 181 -16.87 -5.74 -0.70
N GLY J 182 -18.00 -6.43 -0.77
CA GLY J 182 -18.54 -6.92 -2.02
C GLY J 182 -17.89 -8.18 -2.55
N LYS J 183 -18.01 -9.27 -1.79
CA LYS J 183 -17.51 -10.58 -2.23
C LYS J 183 -18.59 -11.46 -2.81
N ASN J 184 -19.72 -11.63 -2.12
CA ASN J 184 -20.86 -12.37 -2.67
C ASN J 184 -22.16 -11.70 -2.22
N VAL J 185 -22.62 -10.74 -3.02
CA VAL J 185 -23.89 -10.05 -2.80
C VAL J 185 -24.65 -10.06 -4.12
N ILE J 186 -25.84 -10.65 -4.12
CA ILE J 186 -26.66 -10.74 -5.32
C ILE J 186 -27.85 -9.79 -5.18
N ILE J 187 -28.38 -9.38 -6.32
CA ILE J 187 -29.55 -8.50 -6.38
C ILE J 187 -30.61 -9.14 -7.28
N SER J 188 -31.87 -8.94 -6.90
CA SER J 188 -33.00 -9.47 -7.65
C SER J 188 -34.23 -8.64 -7.30
N SER J 189 -35.26 -8.74 -8.13
CA SER J 189 -36.48 -7.96 -7.96
C SER J 189 -37.65 -8.90 -7.70
N ALA J 190 -38.35 -8.65 -6.59
CA ALA J 190 -39.60 -9.36 -6.30
C ALA J 190 -40.74 -8.66 -7.01
N ALA J 191 -41.28 -9.30 -8.04
CA ALA J 191 -42.25 -8.67 -8.93
C ALA J 191 -43.59 -9.37 -8.79
N GLU J 192 -44.63 -8.60 -8.47
CA GLU J 192 -46.00 -9.10 -8.40
C GLU J 192 -46.84 -8.69 -9.60
N ARG J 193 -46.54 -7.54 -10.20
CA ARG J 193 -47.17 -7.03 -11.41
C ARG J 193 -46.47 -7.59 -12.64
N PRO J 194 -47.17 -7.71 -13.78
CA PRO J 194 -46.52 -8.27 -14.98
C PRO J 194 -45.46 -7.37 -15.61
N LEU J 195 -45.37 -6.10 -15.24
CA LEU J 195 -44.26 -5.24 -15.67
C LEU J 195 -43.62 -4.62 -14.43
N GLU J 196 -42.75 -5.40 -13.79
CA GLU J 196 -41.87 -4.91 -12.73
C GLU J 196 -40.47 -5.53 -12.83
N ILE J 197 -40.13 -6.10 -13.98
CA ILE J 197 -38.86 -6.77 -14.19
C ILE J 197 -38.12 -6.06 -15.31
N ARG J 198 -36.81 -5.88 -15.13
CA ARG J 198 -35.96 -5.23 -16.10
C ARG J 198 -35.02 -6.25 -16.73
N GLY J 199 -34.38 -5.84 -17.83
CA GLY J 199 -33.40 -6.68 -18.48
C GLY J 199 -32.14 -6.80 -17.66
N PRO J 200 -31.48 -7.96 -17.71
CA PRO J 200 -30.30 -8.19 -16.87
C PRO J 200 -29.09 -7.37 -17.27
N TYR J 201 -29.08 -6.80 -18.49
CA TYR J 201 -28.04 -5.85 -18.85
C TYR J 201 -28.25 -4.50 -18.16
N ASP J 202 -29.48 -4.22 -17.73
CA ASP J 202 -29.81 -3.00 -17.00
C ASP J 202 -29.81 -3.21 -15.50
N VAL J 203 -29.96 -4.45 -15.03
CA VAL J 203 -29.88 -4.75 -13.60
C VAL J 203 -28.47 -4.53 -13.05
N ALA J 204 -27.44 -4.79 -13.87
CA ALA J 204 -26.03 -4.70 -13.46
C ALA J 204 -25.58 -3.26 -13.14
N ASN J 205 -26.34 -2.24 -13.55
CA ASN J 205 -26.03 -0.88 -13.13
C ASN J 205 -26.72 -0.52 -11.82
N LEU J 206 -27.82 -1.21 -11.47
CA LEU J 206 -28.44 -0.98 -10.16
C LEU J 206 -27.56 -1.54 -9.05
N GLY J 207 -26.79 -2.59 -9.34
CA GLY J 207 -25.73 -3.00 -8.45
C GLY J 207 -24.51 -2.10 -8.50
N LEU J 208 -24.33 -1.38 -9.62
CA LEU J 208 -23.28 -0.37 -9.68
C LEU J 208 -23.78 0.97 -9.16
N LEU J 209 -25.10 1.18 -9.16
CA LEU J 209 -25.68 2.22 -8.31
C LEU J 209 -25.39 1.96 -6.85
N PHE J 210 -25.42 0.70 -6.45
CA PHE J 210 -24.95 0.26 -5.13
C PHE J 210 -23.44 0.31 -5.02
N GLY J 211 -22.73 0.43 -6.15
CA GLY J 211 -21.28 0.39 -6.18
C GLY J 211 -20.79 -1.00 -6.49
N LEU J 212 -20.22 -1.65 -5.45
CA LEU J 212 -19.93 -3.07 -5.33
C LEU J 212 -18.76 -3.57 -6.18
N SER J 213 -18.46 -2.88 -7.28
CA SER J 213 -17.31 -3.02 -8.19
C SER J 213 -17.47 -2.11 -9.39
N GLU J 214 -16.48 -2.10 -10.28
CA GLU J 214 -16.73 -1.60 -11.63
C GLU J 214 -17.09 -2.74 -12.59
N SER J 215 -16.76 -3.99 -12.24
CA SER J 215 -16.95 -5.12 -13.15
C SER J 215 -17.69 -6.31 -12.55
N ASP J 216 -17.58 -6.56 -11.25
CA ASP J 216 -18.22 -7.69 -10.59
C ASP J 216 -19.71 -7.44 -10.35
N ALA J 217 -20.20 -6.22 -10.61
CA ALA J 217 -21.64 -5.97 -10.63
C ALA J 217 -22.33 -6.74 -11.74
N LYS J 218 -21.65 -6.96 -12.87
CA LYS J 218 -22.13 -7.91 -13.86
C LYS J 218 -22.01 -9.33 -13.36
N ALA J 219 -20.98 -9.62 -12.56
CA ALA J 219 -20.81 -10.95 -12.00
C ALA J 219 -21.63 -11.17 -10.74
N ALA J 220 -22.23 -10.13 -10.19
CA ALA J 220 -23.14 -10.25 -9.06
C ALA J 220 -24.47 -10.87 -9.45
N VAL J 221 -24.81 -10.85 -10.74
CA VAL J 221 -26.01 -11.54 -11.24
C VAL J 221 -25.66 -12.84 -11.96
N SER J 222 -24.39 -13.04 -12.33
CA SER J 222 -23.98 -14.25 -13.04
C SER J 222 -23.12 -15.17 -12.19
N THR J 223 -21.98 -14.68 -11.69
CA THR J 223 -21.03 -15.51 -10.96
C THR J 223 -21.46 -15.76 -9.51
N ASN J 224 -21.87 -14.70 -8.80
CA ASN J 224 -22.29 -14.85 -7.42
C ASN J 224 -23.65 -15.53 -7.30
N CYS J 225 -24.49 -15.44 -8.33
CA CYS J 225 -25.74 -16.21 -8.35
C CYS J 225 -25.47 -17.69 -8.64
N ARG J 226 -24.35 -18.00 -9.30
CA ARG J 226 -24.01 -19.39 -9.54
C ARG J 226 -23.54 -20.07 -8.25
N ALA J 227 -22.72 -19.37 -7.47
CA ALA J 227 -22.25 -19.88 -6.19
C ALA J 227 -23.33 -19.91 -5.13
N ALA J 228 -24.38 -19.11 -5.28
CA ALA J 228 -25.51 -19.13 -4.36
C ALA J 228 -26.52 -20.21 -4.69
N LEU J 229 -26.70 -20.52 -5.98
CA LEU J 229 -27.55 -21.64 -6.36
C LEU J 229 -26.88 -22.96 -6.07
N LEU J 230 -25.55 -23.02 -6.21
CA LEU J 230 -24.81 -24.25 -5.95
C LEU J 230 -24.71 -24.55 -4.46
N HIS J 231 -24.85 -23.55 -3.60
CA HIS J 231 -24.90 -23.78 -2.15
C HIS J 231 -26.18 -24.50 -1.74
N GLY J 232 -27.27 -24.35 -2.50
CA GLY J 232 -28.47 -25.10 -2.22
C GLY J 232 -28.45 -26.53 -2.71
N GLU J 233 -27.55 -26.86 -3.63
CA GLU J 233 -27.41 -28.23 -4.12
C GLU J 233 -26.63 -29.10 -3.13
N THR J 234 -25.59 -28.52 -2.52
CA THR J 234 -24.85 -29.22 -1.48
C THR J 234 -25.62 -29.31 -0.17
N ARG J 235 -26.68 -28.50 0.00
CA ARG J 235 -27.51 -28.61 1.19
C ARG J 235 -28.66 -29.59 0.97
N LYS J 236 -29.09 -29.74 -0.30
CA LYS J 236 -30.22 -30.60 -0.62
C LYS J 236 -29.93 -32.07 -0.35
N THR J 237 -29.01 -32.66 -1.12
CA THR J 237 -28.73 -34.10 -0.99
C THR J 237 -27.73 -34.36 0.12
N ALA J 238 -26.51 -33.87 -0.04
CA ALA J 238 -25.40 -34.04 0.90
C ALA J 238 -24.31 -33.07 0.49
N PHE J 239 -23.33 -32.89 1.39
CA PHE J 239 -22.28 -31.90 1.21
C PHE J 239 -21.07 -32.45 0.46
N GLY J 240 -20.87 -33.76 0.46
CA GLY J 240 -19.71 -34.32 -0.20
C GLY J 240 -19.99 -35.33 -1.30
N ILE J 241 -21.09 -36.06 -1.21
CA ILE J 241 -21.42 -37.08 -2.19
C ILE J 241 -22.86 -36.88 -2.65
N ILE J 242 -23.04 -36.72 -3.96
CA ILE J 242 -24.35 -36.61 -4.57
C ILE J 242 -24.61 -37.87 -5.38
N SER J 243 -25.60 -38.66 -4.94
CA SER J 243 -25.95 -39.91 -5.58
C SER J 243 -27.23 -39.72 -6.38
N THR J 244 -27.15 -39.90 -7.70
CA THR J 244 -28.29 -39.71 -8.58
C THR J 244 -28.64 -41.04 -9.25
N VAL J 245 -29.93 -41.27 -9.40
CA VAL J 245 -30.43 -42.50 -10.03
C VAL J 245 -30.61 -42.24 -11.52
N LYS J 246 -29.89 -43.01 -12.34
CA LYS J 246 -29.95 -42.91 -13.80
C LYS J 246 -30.64 -44.14 -14.35
N LYS J 247 -31.76 -43.94 -15.04
CA LYS J 247 -32.51 -45.03 -15.66
C LYS J 247 -32.75 -44.70 -17.12
N PRO J 248 -31.86 -45.16 -18.02
CA PRO J 248 -32.02 -44.89 -19.46
C PRO J 248 -33.13 -45.73 -20.08
N PRO K 4 -23.83 -51.16 19.56
CA PRO K 4 -23.80 -51.92 18.31
C PRO K 4 -24.85 -51.44 17.31
N VAL K 5 -25.23 -50.18 17.39
CA VAL K 5 -26.17 -49.59 16.44
C VAL K 5 -25.39 -48.89 15.34
N LYS K 6 -24.59 -47.90 15.72
CA LYS K 6 -23.70 -47.24 14.78
C LYS K 6 -22.42 -48.03 14.57
N ASP K 7 -21.97 -48.78 15.58
CA ASP K 7 -20.76 -49.58 15.50
C ASP K 7 -20.93 -50.83 14.64
N ARG K 8 -22.18 -51.19 14.32
CA ARG K 8 -22.45 -52.35 13.48
C ARG K 8 -21.95 -52.13 12.05
N GLU K 9 -21.98 -50.89 11.57
CA GLU K 9 -21.46 -50.58 10.24
C GLU K 9 -19.94 -50.78 10.19
N ALA K 10 -19.26 -50.53 11.31
CA ALA K 10 -17.80 -50.60 11.38
C ALA K 10 -17.25 -52.02 11.25
N PHE K 11 -18.07 -53.06 11.49
CA PHE K 11 -17.55 -54.42 11.39
C PHE K 11 -17.40 -54.84 9.93
N GLN K 12 -18.20 -54.23 9.03
CA GLN K 12 -18.11 -54.59 7.62
C GLN K 12 -16.88 -53.97 6.96
N ARG K 13 -16.38 -52.86 7.51
CA ARG K 13 -15.26 -52.17 6.89
C ARG K 13 -13.93 -52.80 7.28
N LEU K 14 -13.92 -53.65 8.30
CA LEU K 14 -12.69 -54.27 8.77
C LEU K 14 -12.43 -55.60 8.08
N ASN K 15 -13.47 -56.44 7.94
CA ASN K 15 -13.28 -57.75 7.34
C ASN K 15 -13.29 -57.69 5.82
N PHE K 16 -13.69 -56.56 5.24
CA PHE K 16 -13.60 -56.39 3.79
C PHE K 16 -12.17 -56.21 3.34
N LEU K 17 -11.41 -55.35 4.04
CA LEU K 17 -10.02 -55.14 3.69
C LEU K 17 -9.14 -56.30 4.13
N TYR K 18 -9.60 -57.08 5.10
CA TYR K 18 -8.91 -58.31 5.45
C TYR K 18 -9.04 -59.35 4.34
N GLN K 19 -10.25 -59.50 3.79
CA GLN K 19 -10.50 -60.44 2.71
C GLN K 19 -9.90 -59.97 1.38
N ALA K 20 -9.82 -58.66 1.16
CA ALA K 20 -9.25 -58.12 -0.07
C ALA K 20 -7.75 -58.37 -0.19
N ALA K 21 -7.05 -58.55 0.93
CA ALA K 21 -5.65 -58.90 0.87
C ALA K 21 -5.46 -60.36 0.49
N HIS K 22 -6.45 -61.21 0.77
CA HIS K 22 -6.37 -62.61 0.36
C HIS K 22 -6.60 -62.77 -1.14
N CYS K 23 -7.45 -61.92 -1.72
CA CYS K 23 -7.76 -62.02 -3.14
C CYS K 23 -6.59 -61.62 -4.01
N VAL K 24 -5.71 -60.76 -3.50
CA VAL K 24 -4.51 -60.38 -4.23
C VAL K 24 -3.51 -61.54 -4.25
N LEU K 25 -3.30 -62.17 -3.09
CA LEU K 25 -2.29 -63.23 -2.99
C LEU K 25 -2.80 -64.56 -3.54
N ALA K 26 -4.11 -64.71 -3.71
CA ALA K 26 -4.64 -65.93 -4.30
C ALA K 26 -4.42 -65.97 -5.80
N GLN K 27 -4.35 -64.81 -6.45
CA GLN K 27 -4.16 -64.75 -7.89
C GLN K 27 -2.70 -64.58 -8.27
N ASP K 28 -1.98 -63.69 -7.58
CA ASP K 28 -0.58 -63.44 -7.90
C ASP K 28 0.24 -63.28 -6.62
N PRO K 29 1.06 -64.26 -6.26
CA PRO K 29 1.94 -64.12 -5.11
C PRO K 29 3.20 -63.36 -5.48
N GLU K 30 4.10 -63.24 -4.50
CA GLU K 30 5.43 -62.61 -4.58
C GLU K 30 5.38 -61.12 -4.91
N ASN K 31 4.21 -60.48 -4.81
CA ASN K 31 4.06 -59.03 -4.94
C ASN K 31 3.04 -58.64 -3.87
N GLN K 32 3.56 -58.25 -2.71
CA GLN K 32 2.79 -58.20 -1.48
C GLN K 32 2.52 -56.78 -0.99
N ALA K 33 2.61 -55.78 -1.87
CA ALA K 33 2.39 -54.40 -1.45
C ALA K 33 0.90 -54.12 -1.20
N LEU K 34 0.02 -54.86 -1.87
CA LEU K 34 -1.41 -54.70 -1.62
C LEU K 34 -1.83 -55.38 -0.32
N ALA K 35 -1.17 -56.48 0.05
CA ALA K 35 -1.50 -57.17 1.30
C ALA K 35 -1.00 -56.40 2.51
N ARG K 36 0.02 -55.57 2.35
CA ARG K 36 0.54 -54.81 3.48
C ARG K 36 -0.32 -53.58 3.76
N PHE K 37 -0.78 -52.90 2.71
CA PHE K 37 -1.55 -51.68 2.91
C PHE K 37 -2.98 -51.99 3.35
N TYR K 38 -3.53 -53.12 2.90
CA TYR K 38 -4.88 -53.50 3.34
C TYR K 38 -4.89 -53.97 4.79
N CYS K 39 -3.75 -54.43 5.29
CA CYS K 39 -3.65 -54.76 6.71
C CYS K 39 -3.32 -53.54 7.54
N TYR K 40 -2.56 -52.59 6.97
CA TYR K 40 -2.24 -51.36 7.67
C TYR K 40 -3.47 -50.46 7.81
N THR K 41 -4.38 -50.49 6.84
CA THR K 41 -5.62 -49.74 6.97
C THR K 41 -6.57 -50.46 7.93
N GLU K 42 -6.51 -51.80 7.96
CA GLU K 42 -7.34 -52.58 8.87
C GLU K 42 -6.95 -52.35 10.33
N ARG K 43 -5.65 -52.22 10.60
CA ARG K 43 -5.19 -51.99 11.97
C ARG K 43 -5.50 -50.57 12.42
N THR K 44 -5.47 -49.61 11.50
CA THR K 44 -5.68 -48.20 11.85
C THR K 44 -7.14 -47.92 12.18
N ILE K 45 -8.08 -48.52 11.46
CA ILE K 45 -9.51 -48.37 11.75
C ILE K 45 -9.85 -49.01 13.09
N ALA K 46 -9.25 -50.16 13.40
CA ALA K 46 -9.45 -50.79 14.70
C ALA K 46 -8.73 -50.04 15.81
N LYS K 47 -7.70 -49.24 15.46
CA LYS K 47 -7.01 -48.46 16.48
C LYS K 47 -7.81 -47.23 16.89
N ARG K 48 -8.39 -46.51 15.93
CA ARG K 48 -9.18 -45.32 16.23
C ARG K 48 -10.61 -45.65 16.63
N LEU K 49 -11.34 -46.39 15.78
CA LEU K 49 -12.61 -46.98 16.17
C LEU K 49 -12.34 -48.30 16.90
N VAL K 50 -12.33 -48.20 18.23
CA VAL K 50 -11.87 -49.27 19.12
C VAL K 50 -12.78 -50.49 19.05
N LEU K 51 -12.24 -51.60 18.56
CA LEU K 51 -12.93 -52.88 18.50
C LEU K 51 -12.03 -53.95 19.10
N ARG K 52 -12.65 -54.95 19.72
CA ARG K 52 -11.92 -56.05 20.36
C ARG K 52 -12.01 -57.26 19.43
N ARG K 53 -10.98 -57.44 18.60
CA ARG K 53 -10.95 -58.55 17.67
C ARG K 53 -10.47 -59.82 18.36
N ASP K 54 -10.70 -60.95 17.69
CA ASP K 54 -10.33 -62.24 18.25
C ASP K 54 -8.83 -62.48 18.16
N PRO K 55 -8.26 -63.21 19.13
CA PRO K 55 -6.83 -63.54 19.07
C PRO K 55 -6.48 -64.61 18.05
N SER K 56 -7.47 -65.27 17.45
CA SER K 56 -7.17 -66.28 16.44
C SER K 56 -6.76 -65.63 15.11
N VAL K 57 -7.43 -64.53 14.75
CA VAL K 57 -7.07 -63.82 13.53
C VAL K 57 -5.88 -62.90 13.78
N LYS K 58 -5.86 -62.22 14.93
CA LYS K 58 -4.88 -61.19 15.25
C LYS K 58 -3.46 -61.74 15.37
N ARG K 59 -3.31 -63.02 15.69
CA ARG K 59 -2.00 -63.66 15.74
C ARG K 59 -1.43 -63.96 14.36
N THR K 60 -2.21 -63.76 13.30
CA THR K 60 -1.73 -63.92 11.94
C THR K 60 -1.41 -62.60 11.25
N LEU K 61 -1.84 -61.47 11.83
CA LEU K 61 -1.56 -60.16 11.24
C LEU K 61 -0.11 -59.75 11.35
N CYS K 62 0.68 -60.36 12.24
CA CYS K 62 2.13 -60.14 12.38
C CYS K 62 2.43 -58.66 12.66
N ARG K 63 2.12 -58.28 13.91
CA ARG K 63 1.93 -56.89 14.35
C ARG K 63 3.17 -55.99 14.23
N GLY K 64 4.29 -56.47 13.69
CA GLY K 64 5.45 -55.64 13.40
C GLY K 64 5.16 -54.44 12.53
N CYS K 65 4.89 -54.64 11.24
CA CYS K 65 4.23 -53.58 10.50
C CYS K 65 2.87 -54.01 9.97
N SER K 66 2.88 -54.95 9.02
CA SER K 66 1.68 -55.60 8.47
C SER K 66 2.04 -56.77 7.57
N SER K 67 1.56 -57.98 7.90
CA SER K 67 1.52 -59.10 6.95
C SER K 67 0.52 -60.12 7.49
N LEU K 68 -0.63 -60.26 6.84
CA LEU K 68 -1.68 -61.12 7.37
C LEU K 68 -1.62 -62.54 6.83
N LEU K 69 -1.20 -62.72 5.57
CA LEU K 69 -1.15 -64.04 4.97
C LEU K 69 0.28 -64.49 4.65
N VAL K 70 1.24 -63.58 4.66
CA VAL K 70 2.63 -63.83 4.29
C VAL K 70 3.33 -64.87 5.16
N PRO K 71 3.22 -64.90 6.52
CA PRO K 71 3.90 -65.98 7.26
C PRO K 71 3.25 -67.36 7.11
N GLY K 72 2.06 -67.44 6.53
CA GLY K 72 1.37 -68.71 6.42
C GLY K 72 1.75 -69.55 5.21
N LEU K 73 2.35 -68.93 4.20
CA LEU K 73 2.72 -69.64 2.98
C LEU K 73 4.11 -69.31 2.47
N THR K 74 4.76 -68.29 3.00
CA THR K 74 6.12 -67.92 2.58
C THR K 74 7.15 -68.05 3.69
N CYS K 75 6.88 -67.49 4.85
CA CYS K 75 7.88 -67.38 5.92
C CYS K 75 7.93 -68.68 6.72
N THR K 76 8.63 -68.66 7.86
CA THR K 76 8.93 -69.84 8.63
C THR K 76 8.09 -69.87 9.90
N GLN K 77 7.32 -70.94 10.08
CA GLN K 77 6.60 -71.22 11.33
C GLN K 77 6.88 -72.67 11.70
N ARG K 78 7.68 -72.88 12.74
CA ARG K 78 8.13 -74.21 13.14
C ARG K 78 7.97 -74.40 14.63
N GLN K 79 8.20 -75.62 15.08
CA GLN K 79 8.14 -75.99 16.49
C GLN K 79 9.55 -76.28 17.01
N ARG K 80 9.85 -75.79 18.21
CA ARG K 80 11.13 -76.04 18.85
C ARG K 80 10.95 -75.91 20.36
N ARG K 81 11.98 -76.35 21.09
CA ARG K 81 11.96 -76.36 22.55
C ARG K 81 13.09 -75.46 23.05
N CYS K 82 12.73 -74.30 23.61
CA CYS K 82 13.76 -73.37 24.08
C CYS K 82 14.25 -73.73 25.47
N ARG K 83 13.39 -73.61 26.48
CA ARG K 83 13.76 -73.96 27.85
C ARG K 83 12.92 -75.10 28.40
N GLY K 84 11.60 -74.96 28.44
CA GLY K 84 10.72 -75.96 29.02
C GLY K 84 9.79 -76.60 28.01
N GLN K 85 8.55 -76.13 27.98
CA GLN K 85 7.59 -76.61 27.01
C GLN K 85 7.92 -76.09 25.62
N ARG K 86 7.45 -76.82 24.61
CA ARG K 86 7.76 -76.47 23.23
C ARG K 86 6.93 -75.26 22.78
N TRP K 87 7.50 -74.48 21.87
CA TRP K 87 6.90 -73.25 21.39
C TRP K 87 6.76 -73.30 19.88
N THR K 88 5.63 -72.79 19.37
CA THR K 88 5.43 -72.62 17.94
C THR K 88 5.75 -71.18 17.58
N VAL K 89 6.91 -70.96 16.97
CA VAL K 89 7.45 -69.62 16.74
C VAL K 89 7.01 -69.16 15.35
N GLN K 90 6.30 -68.04 15.31
CA GLN K 90 5.84 -67.42 14.07
C GLN K 90 6.68 -66.18 13.80
N THR K 91 7.57 -66.26 12.80
CA THR K 91 8.48 -65.17 12.48
C THR K 91 8.42 -64.91 10.98
N CYS K 92 8.22 -63.63 10.63
CA CYS K 92 8.21 -63.24 9.22
C CYS K 92 9.62 -62.99 8.72
N LEU K 93 9.70 -62.49 7.48
CA LEU K 93 10.97 -62.16 6.85
C LEU K 93 11.10 -60.68 6.52
N THR K 94 10.30 -59.82 7.15
CA THR K 94 10.36 -58.39 6.89
C THR K 94 10.87 -57.60 8.09
N CYS K 95 10.25 -57.75 9.26
CA CYS K 95 10.67 -57.05 10.47
C CYS K 95 11.35 -57.96 11.48
N GLN K 96 11.36 -59.28 11.22
CA GLN K 96 12.07 -60.30 12.01
C GLN K 96 11.57 -60.35 13.46
N ARG K 97 10.27 -60.15 13.67
CA ARG K 97 9.69 -60.29 15.00
C ARG K 97 9.04 -61.67 15.14
N SER K 98 9.00 -62.14 16.39
CA SER K 98 8.48 -63.47 16.71
C SER K 98 7.31 -63.37 17.67
N GLN K 99 6.44 -64.37 17.63
CA GLN K 99 5.27 -64.47 18.50
C GLN K 99 5.28 -65.84 19.14
N ARG K 100 5.25 -65.88 20.47
CA ARG K 100 5.37 -67.13 21.21
C ARG K 100 4.00 -67.76 21.44
N PHE K 101 3.87 -69.03 21.03
CA PHE K 101 2.66 -69.80 21.25
C PHE K 101 3.04 -71.24 21.56
N LEU K 102 2.66 -71.72 22.74
CA LEU K 102 3.05 -73.03 23.22
C LEU K 102 1.97 -74.05 22.86
N ASN K 103 2.39 -75.20 22.35
CA ASN K 103 1.48 -76.27 21.96
C ASN K 103 1.75 -77.49 22.85
N ASP K 104 0.76 -77.85 23.69
CA ASP K 104 0.92 -78.94 24.63
C ASP K 104 -0.39 -79.61 24.99
N PRO K 105 -0.39 -80.92 25.28
CA PRO K 105 -1.62 -81.58 25.72
C PRO K 105 -1.93 -81.41 27.20
N GLY K 106 -0.97 -80.94 28.00
CA GLY K 106 -1.23 -80.74 29.41
C GLY K 106 -2.08 -79.52 29.69
N HIS K 107 -2.06 -78.55 28.77
CA HIS K 107 -2.82 -77.32 28.90
C HIS K 107 -3.84 -77.17 27.78
N LEU K 108 -4.54 -78.26 27.45
CA LEU K 108 -5.66 -78.13 26.52
C LEU K 108 -6.89 -77.55 27.21
N LEU K 109 -6.94 -77.64 28.55
CA LEU K 109 -8.01 -77.00 29.29
C LEU K 109 -7.84 -75.48 29.29
N TRP K 110 -6.58 -75.02 29.42
CA TRP K 110 -6.28 -73.60 29.26
C TRP K 110 -6.21 -73.20 27.79
N GLY K 111 -5.91 -74.14 26.89
CA GLY K 111 -5.99 -73.85 25.47
C GLY K 111 -7.40 -73.68 24.96
N ASP K 112 -8.38 -74.24 25.67
CA ASP K 112 -9.79 -74.02 25.36
C ASP K 112 -10.40 -72.88 26.15
N ARG K 113 -9.59 -72.15 26.93
CA ARG K 113 -10.08 -71.06 27.75
C ARG K 113 -10.31 -69.74 26.99
N PRO K 114 -9.37 -69.21 26.13
CA PRO K 114 -9.71 -67.96 25.43
C PRO K 114 -10.71 -68.14 24.28
N GLU K 115 -10.59 -69.22 23.52
CA GLU K 115 -11.32 -69.36 22.26
C GLU K 115 -12.55 -70.27 22.37
N ALA K 116 -12.44 -71.39 23.09
CA ALA K 116 -13.55 -72.34 23.11
C ALA K 116 -14.58 -72.02 24.20
N GLN K 117 -14.25 -71.16 25.15
CA GLN K 117 -15.24 -70.77 26.15
C GLN K 117 -16.26 -69.79 25.61
N LEU K 118 -15.89 -68.96 24.63
CA LEU K 118 -16.86 -68.08 24.01
C LEU K 118 -17.74 -68.80 23.00
N GLY K 119 -17.35 -70.01 22.59
CA GLY K 119 -18.22 -70.80 21.73
C GLY K 119 -19.37 -71.45 22.46
N SER K 120 -19.32 -71.51 23.80
CA SER K 120 -20.38 -72.12 24.58
C SER K 120 -21.11 -71.13 25.48
N GLN K 121 -20.61 -69.89 25.60
CA GLN K 121 -21.21 -68.90 26.48
C GLN K 121 -21.82 -67.70 25.76
N ALA K 122 -21.33 -67.34 24.58
CA ALA K 122 -21.86 -66.19 23.85
C ALA K 122 -23.20 -66.57 23.24
N ASP K 123 -24.29 -66.25 23.93
CA ASP K 123 -25.63 -66.57 23.48
C ASP K 123 -26.30 -65.34 22.90
N SER K 124 -27.31 -65.58 22.07
CA SER K 124 -28.04 -64.49 21.43
C SER K 124 -29.06 -63.87 22.39
N ALA L 2 -14.39 7.13 -4.46
CA ALA L 2 -14.64 5.69 -4.41
C ALA L 2 -15.99 5.35 -5.02
N THR L 3 -17.05 5.54 -4.24
CA THR L 3 -18.40 5.25 -4.72
C THR L 3 -18.92 6.30 -5.71
N LEU L 4 -18.40 7.53 -5.67
CA LEU L 4 -18.80 8.58 -6.58
C LEU L 4 -17.91 8.67 -7.82
N ARG L 5 -16.75 8.00 -7.81
CA ARG L 5 -15.87 8.05 -8.97
C ARG L 5 -16.36 7.12 -10.08
N ARG L 6 -16.77 5.90 -9.71
CA ARG L 6 -17.15 4.89 -10.71
C ARG L 6 -18.52 5.15 -11.31
N LEU L 7 -19.30 6.08 -10.74
CA LEU L 7 -20.58 6.47 -11.32
C LEU L 7 -20.43 7.44 -12.48
N ARG L 8 -19.24 7.99 -12.71
CA ARG L 8 -19.08 8.99 -13.76
C ARG L 8 -17.75 8.90 -14.52
N GLU L 9 -16.95 7.85 -14.33
CA GLU L 9 -15.58 7.95 -14.82
C GLU L 9 -15.43 7.67 -16.31
N ALA L 10 -15.59 6.40 -16.72
CA ALA L 10 -15.44 5.94 -18.11
C ALA L 10 -15.74 4.45 -18.26
N PRO L 11 -16.22 4.02 -19.43
CA PRO L 11 -15.96 2.64 -19.87
C PRO L 11 -14.74 2.60 -20.77
N ARG L 12 -14.22 1.42 -21.07
CA ARG L 12 -13.03 1.32 -21.91
C ARG L 12 -13.43 1.30 -23.39
N HIS L 13 -12.88 2.25 -24.14
CA HIS L 13 -13.09 2.32 -25.59
C HIS L 13 -11.79 2.80 -26.24
N LEU L 14 -11.58 2.38 -27.49
CA LEU L 14 -10.36 2.71 -28.22
C LEU L 14 -10.69 2.92 -29.69
N LEU L 15 -9.96 3.83 -30.33
CA LEU L 15 -10.09 4.06 -31.77
C LEU L 15 -8.69 4.27 -32.35
N VAL L 16 -8.40 3.59 -33.45
CA VAL L 16 -7.14 3.74 -34.19
C VAL L 16 -7.46 4.23 -35.59
N CYS L 17 -6.92 5.39 -35.95
CA CYS L 17 -7.14 6.00 -37.25
C CYS L 17 -5.84 5.95 -38.06
N GLU L 18 -5.93 5.41 -39.27
CA GLU L 18 -4.78 5.25 -40.16
C GLU L 18 -5.12 5.74 -41.56
N LYS L 19 -4.26 6.59 -42.11
CA LYS L 19 -4.34 6.98 -43.51
C LYS L 19 -3.21 6.31 -44.28
N SER L 20 -3.49 5.95 -45.54
CA SER L 20 -2.56 5.16 -46.32
C SER L 20 -2.87 5.34 -47.81
N ASN L 21 -2.28 4.48 -48.63
CA ASN L 21 -2.39 4.51 -50.08
C ASN L 21 -2.75 3.11 -50.57
N PHE L 22 -3.66 3.04 -51.55
CA PHE L 22 -3.96 1.76 -52.19
C PHE L 22 -2.81 1.28 -53.05
N GLY L 23 -2.08 2.20 -53.67
CA GLY L 23 -0.96 1.86 -54.53
C GLY L 23 0.33 1.52 -53.82
N ASN L 24 0.35 1.61 -52.49
CA ASN L 24 1.55 1.31 -51.72
C ASN L 24 1.80 -0.19 -51.70
N HIS L 25 3.07 -0.58 -51.85
CA HIS L 25 3.43 -1.98 -51.87
C HIS L 25 3.40 -2.63 -50.49
N LYS L 26 3.55 -1.83 -49.43
CA LYS L 26 3.52 -2.34 -48.06
C LYS L 26 2.18 -2.08 -47.38
N SER L 27 1.12 -1.83 -48.14
CA SER L 27 -0.18 -1.56 -47.58
C SER L 27 -0.85 -2.84 -47.10
N ARG L 28 -1.51 -2.75 -45.95
CA ARG L 28 -2.21 -3.89 -45.35
C ARG L 28 -3.72 -3.69 -45.39
N HIS L 29 -4.22 -3.10 -46.48
CA HIS L 29 -5.66 -2.96 -46.65
C HIS L 29 -6.31 -4.28 -47.08
N ARG L 30 -5.53 -5.17 -47.68
CA ARG L 30 -6.05 -6.48 -48.07
C ARG L 30 -5.90 -7.49 -46.93
N HIS L 31 -4.80 -7.40 -46.17
CA HIS L 31 -4.54 -8.38 -45.13
C HIS L 31 -5.44 -8.18 -43.92
N LEU L 32 -5.87 -6.95 -43.65
CA LEU L 32 -6.72 -6.69 -42.50
C LEU L 32 -8.17 -7.08 -42.76
N VAL L 33 -8.58 -7.18 -44.02
CA VAL L 33 -9.94 -7.57 -44.35
C VAL L 33 -10.06 -9.08 -44.55
N GLN L 34 -9.07 -9.70 -45.21
CA GLN L 34 -9.08 -11.14 -45.42
C GLN L 34 -8.93 -11.92 -44.13
N THR L 35 -8.25 -11.36 -43.13
CA THR L 35 -8.01 -12.03 -41.86
C THR L 35 -8.96 -11.53 -40.78
N HIS L 36 -10.03 -10.85 -41.20
CA HIS L 36 -11.15 -10.52 -40.31
C HIS L 36 -12.26 -11.52 -40.62
N TYR L 37 -12.73 -12.21 -39.60
CA TYR L 37 -13.35 -13.51 -39.79
C TYR L 37 -14.87 -13.47 -39.85
N TYR L 38 -15.52 -12.60 -39.08
CA TYR L 38 -16.98 -12.59 -38.98
C TYR L 38 -17.51 -11.21 -39.31
N ASN L 39 -18.57 -11.17 -40.13
CA ASN L 39 -19.14 -9.92 -40.64
C ASN L 39 -20.65 -10.07 -40.72
N TYR L 40 -21.37 -9.09 -40.17
CA TYR L 40 -22.84 -9.13 -40.19
C TYR L 40 -23.45 -7.96 -40.96
N ARG L 41 -22.95 -6.75 -40.74
CA ARG L 41 -23.53 -5.56 -41.36
C ARG L 41 -22.51 -4.93 -42.29
N VAL L 42 -22.87 -4.81 -43.56
CA VAL L 42 -22.03 -4.20 -44.58
C VAL L 42 -22.84 -3.08 -45.23
N SER L 43 -22.42 -1.84 -45.03
CA SER L 43 -23.11 -0.68 -45.57
C SER L 43 -22.12 0.24 -46.26
N PHE L 44 -22.49 0.71 -47.45
CA PHE L 44 -21.65 1.62 -48.22
C PHE L 44 -22.51 2.78 -48.74
N LEU L 45 -21.89 3.97 -48.76
CA LEU L 45 -22.56 5.20 -49.15
C LEU L 45 -21.78 5.87 -50.27
N ILE L 46 -22.50 6.44 -51.24
CA ILE L 46 -21.92 7.24 -52.30
C ILE L 46 -22.75 8.51 -52.45
N PRO L 47 -22.18 9.69 -52.20
CA PRO L 47 -22.94 10.93 -52.41
C PRO L 47 -23.14 11.23 -53.89
N GLU L 48 -24.30 11.83 -54.18
CA GLU L 48 -24.73 12.24 -55.53
C GLU L 48 -24.73 11.06 -56.49
N CYS L 49 -25.57 10.07 -56.17
CA CYS L 49 -25.67 8.86 -56.99
C CYS L 49 -27.15 8.48 -57.03
N GLY L 50 -27.83 8.92 -58.08
CA GLY L 50 -29.24 8.59 -58.27
C GLY L 50 -29.43 7.36 -59.12
N ILE L 51 -28.43 7.04 -59.94
CA ILE L 51 -28.46 5.88 -60.83
C ILE L 51 -27.27 5.01 -60.45
N LEU L 52 -27.55 3.83 -59.89
CA LEU L 52 -26.49 2.91 -59.52
C LEU L 52 -25.96 2.17 -60.74
N SER L 53 -24.65 1.92 -60.74
CA SER L 53 -24.04 1.12 -61.80
C SER L 53 -24.49 -0.33 -61.68
N GLU L 54 -24.68 -0.97 -62.84
CA GLU L 54 -25.21 -2.32 -62.87
C GLU L 54 -24.19 -3.37 -62.44
N GLU L 55 -22.90 -3.04 -62.44
CA GLU L 55 -21.90 -3.99 -61.98
C GLU L 55 -21.90 -4.08 -60.45
N LEU L 56 -22.13 -2.96 -59.78
CA LEU L 56 -22.17 -2.96 -58.32
C LEU L 56 -23.48 -3.56 -57.81
N LYS L 57 -24.56 -3.41 -58.57
CA LYS L 57 -25.86 -3.93 -58.16
C LYS L 57 -25.89 -5.45 -58.20
N ASN L 58 -25.16 -6.05 -59.15
CA ASN L 58 -25.05 -7.51 -59.18
C ASN L 58 -24.13 -8.03 -58.09
N LEU L 59 -23.24 -7.18 -57.56
CA LEU L 59 -22.34 -7.60 -56.49
C LEU L 59 -23.03 -7.61 -55.14
N VAL L 60 -24.03 -6.74 -54.94
CA VAL L 60 -24.76 -6.71 -53.67
C VAL L 60 -25.65 -7.95 -53.54
N MET L 61 -26.31 -8.34 -54.63
CA MET L 61 -27.22 -9.49 -54.60
C MET L 61 -26.49 -10.84 -54.57
N ASN L 62 -25.17 -10.86 -54.70
CA ASN L 62 -24.39 -12.09 -54.73
C ASN L 62 -23.31 -12.10 -53.65
N THR L 63 -23.67 -11.66 -52.45
CA THR L 63 -22.75 -11.72 -51.32
C THR L 63 -22.81 -13.04 -50.57
N GLY L 64 -24.00 -13.63 -50.43
CA GLY L 64 -24.16 -14.89 -49.75
C GLY L 64 -24.00 -16.07 -50.68
N PRO L 65 -24.77 -17.15 -50.44
CA PRO L 65 -25.70 -17.33 -49.31
C PRO L 65 -25.03 -17.89 -48.06
N TYR L 66 -25.79 -17.98 -46.97
CA TYR L 66 -25.32 -18.58 -45.74
C TYR L 66 -26.36 -19.58 -45.23
N TYR L 67 -25.89 -20.64 -44.59
CA TYR L 67 -26.73 -21.74 -44.16
C TYR L 67 -26.89 -21.73 -42.63
N PHE L 68 -28.01 -22.28 -42.17
CA PHE L 68 -28.31 -22.38 -40.75
C PHE L 68 -28.76 -23.79 -40.44
N VAL L 69 -28.03 -24.47 -39.55
CA VAL L 69 -28.29 -25.85 -39.18
C VAL L 69 -28.70 -25.90 -37.72
N LYS L 70 -29.83 -26.53 -37.44
CA LYS L 70 -30.38 -26.64 -36.10
C LYS L 70 -29.87 -27.92 -35.43
N ASN L 71 -29.36 -27.78 -34.20
CA ASN L 71 -28.93 -28.88 -33.34
C ASN L 71 -27.82 -29.73 -33.97
N LEU L 72 -26.77 -29.06 -34.43
CA LEU L 72 -25.64 -29.78 -35.01
C LEU L 72 -24.60 -30.06 -33.93
N PRO L 73 -24.20 -31.31 -33.73
CA PRO L 73 -23.19 -31.61 -32.70
C PRO L 73 -21.79 -31.24 -33.16
N LEU L 74 -20.88 -31.16 -32.17
CA LEU L 74 -19.52 -30.75 -32.45
C LEU L 74 -18.68 -31.86 -33.06
N HIS L 75 -19.06 -33.13 -32.86
CA HIS L 75 -18.28 -34.22 -33.42
C HIS L 75 -18.48 -34.38 -34.93
N GLU L 76 -19.52 -33.76 -35.49
CA GLU L 76 -19.71 -33.79 -36.93
C GLU L 76 -18.70 -32.90 -37.65
N LEU L 77 -18.29 -31.79 -37.03
CA LEU L 77 -17.37 -30.85 -37.65
C LEU L 77 -15.92 -31.29 -37.60
N ILE L 78 -15.60 -32.38 -36.91
CA ILE L 78 -14.24 -32.88 -36.80
C ILE L 78 -14.03 -34.21 -37.50
N THR L 79 -15.01 -34.66 -38.28
CA THR L 79 -14.84 -35.88 -39.05
C THR L 79 -13.88 -35.63 -40.22
N PRO L 80 -13.12 -36.65 -40.65
CA PRO L 80 -12.25 -36.46 -41.83
C PRO L 80 -13.00 -36.25 -43.13
N GLU L 81 -14.27 -36.63 -43.21
CA GLU L 81 -15.07 -36.35 -44.40
C GLU L 81 -15.39 -34.85 -44.51
N PHE L 82 -15.66 -34.20 -43.38
CA PHE L 82 -15.97 -32.77 -43.40
C PHE L 82 -14.72 -31.93 -43.63
N ILE L 83 -13.57 -32.40 -43.16
CA ILE L 83 -12.32 -31.65 -43.34
C ILE L 83 -11.86 -31.71 -44.79
N SER L 84 -11.94 -32.91 -45.39
CA SER L 84 -11.49 -33.08 -46.78
C SER L 84 -12.44 -32.44 -47.79
N THR L 85 -13.69 -32.17 -47.40
CA THR L 85 -14.64 -31.59 -48.34
C THR L 85 -14.54 -30.06 -48.35
N PHE L 86 -14.67 -29.44 -47.18
CA PHE L 86 -14.74 -27.98 -47.07
C PHE L 86 -13.44 -27.35 -46.57
N ILE L 87 -12.80 -27.97 -45.57
CA ILE L 87 -11.65 -27.34 -44.93
C ILE L 87 -10.39 -27.48 -45.79
N LYS L 88 -10.14 -28.69 -46.31
CA LYS L 88 -8.93 -28.91 -47.11
C LYS L 88 -9.01 -28.30 -48.50
N LYS L 89 -10.22 -28.00 -48.99
CA LYS L 89 -10.41 -27.49 -50.34
C LYS L 89 -11.13 -26.13 -50.30
N GLY L 90 -10.73 -25.29 -49.37
CA GLY L 90 -11.31 -23.97 -49.24
C GLY L 90 -11.24 -23.49 -47.81
N SER L 91 -12.19 -22.63 -47.46
CA SER L 91 -12.29 -22.04 -46.12
C SER L 91 -13.74 -22.14 -45.66
N CYS L 92 -13.99 -22.92 -44.61
CA CYS L 92 -15.31 -23.10 -44.05
C CYS L 92 -15.42 -22.33 -42.74
N TYR L 93 -16.58 -21.70 -42.51
CA TYR L 93 -16.81 -20.88 -41.34
C TYR L 93 -17.93 -21.48 -40.50
N ALA L 94 -17.82 -21.32 -39.18
CA ALA L 94 -18.84 -21.80 -38.26
C ALA L 94 -18.95 -20.84 -37.08
N LEU L 95 -20.18 -20.46 -36.74
CA LEU L 95 -20.44 -19.61 -35.60
C LEU L 95 -21.74 -20.06 -34.95
N THR L 96 -21.70 -20.34 -33.65
CA THR L 96 -22.90 -20.75 -32.94
C THR L 96 -23.82 -19.55 -32.74
N TYR L 97 -24.97 -19.58 -33.42
CA TYR L 97 -25.93 -18.50 -33.37
C TYR L 97 -26.61 -18.39 -32.01
N ASN L 98 -26.72 -17.14 -31.53
CA ASN L 98 -27.52 -16.74 -30.37
C ASN L 98 -27.04 -17.39 -29.07
N THR L 99 -25.76 -17.78 -29.02
CA THR L 99 -25.12 -18.26 -27.79
C THR L 99 -24.10 -17.22 -27.41
N HIS L 100 -24.45 -16.38 -26.42
CA HIS L 100 -23.66 -15.20 -26.10
C HIS L 100 -22.31 -15.58 -25.51
N ILE L 101 -21.33 -14.69 -25.65
CA ILE L 101 -19.94 -15.01 -25.36
C ILE L 101 -19.69 -15.07 -23.85
N ASP L 102 -20.57 -14.48 -23.05
CA ASP L 102 -20.42 -14.46 -21.60
C ASP L 102 -21.60 -15.09 -20.89
N GLU L 103 -22.43 -15.85 -21.63
CA GLU L 103 -23.55 -16.55 -21.05
C GLU L 103 -23.44 -18.06 -21.21
N ASP L 104 -23.24 -18.56 -22.42
CA ASP L 104 -23.20 -19.99 -22.69
C ASP L 104 -21.96 -20.32 -23.51
N ASN L 105 -21.90 -21.58 -23.97
CA ASN L 105 -20.79 -22.04 -24.78
C ASN L 105 -20.87 -21.48 -26.19
N THR L 106 -19.72 -21.11 -26.74
CA THR L 106 -19.65 -20.51 -28.07
C THR L 106 -18.47 -21.11 -28.82
N VAL L 107 -18.75 -21.72 -29.97
CA VAL L 107 -17.75 -22.42 -30.77
C VAL L 107 -17.57 -21.66 -32.09
N ALA L 108 -16.32 -21.39 -32.45
CA ALA L 108 -16.02 -20.67 -33.68
C ALA L 108 -14.99 -21.46 -34.49
N LEU L 109 -15.03 -21.25 -35.80
CA LEU L 109 -14.10 -21.91 -36.72
C LEU L 109 -13.44 -20.86 -37.60
N LEU L 110 -12.12 -20.98 -37.74
CA LEU L 110 -11.15 -20.16 -38.46
C LEU L 110 -10.85 -20.76 -39.83
N PRO L 111 -10.52 -19.92 -40.83
CA PRO L 111 -10.17 -20.47 -42.15
C PRO L 111 -8.82 -21.18 -42.18
N ASN L 112 -7.96 -20.95 -41.18
CA ASN L 112 -6.69 -21.67 -41.11
C ASN L 112 -6.83 -23.06 -40.49
N GLY L 113 -8.05 -23.48 -40.15
CA GLY L 113 -8.26 -24.79 -39.57
C GLY L 113 -8.14 -24.82 -38.06
N LYS L 114 -8.28 -23.69 -37.39
CA LYS L 114 -8.14 -23.59 -35.93
C LYS L 114 -9.54 -23.49 -35.33
N LEU L 115 -10.05 -24.61 -34.82
CA LEU L 115 -11.34 -24.63 -34.16
C LEU L 115 -11.18 -24.02 -32.77
N ILE L 116 -11.39 -22.71 -32.67
CA ILE L 116 -11.23 -21.98 -31.42
C ILE L 116 -12.61 -21.78 -30.82
N LEU L 117 -12.85 -22.42 -29.68
CA LEU L 117 -14.15 -22.41 -29.01
C LEU L 117 -14.01 -21.83 -27.62
N SER L 118 -15.05 -21.12 -27.17
CA SER L 118 -15.08 -20.49 -25.85
C SER L 118 -16.07 -21.23 -24.98
N LEU L 119 -15.59 -21.85 -23.92
CA LEU L 119 -16.42 -22.63 -23.02
C LEU L 119 -16.49 -21.97 -21.64
N ASP L 120 -17.55 -22.31 -20.90
CA ASP L 120 -17.67 -21.87 -19.52
C ASP L 120 -17.02 -22.90 -18.60
N LYS L 121 -17.21 -22.71 -17.28
CA LYS L 121 -16.52 -23.57 -16.32
C LYS L 121 -17.21 -24.94 -16.22
N ASP L 122 -18.50 -25.02 -16.52
CA ASP L 122 -19.21 -26.29 -16.44
C ASP L 122 -18.91 -27.21 -17.61
N THR L 123 -18.34 -26.69 -18.70
CA THR L 123 -18.04 -27.49 -19.88
C THR L 123 -16.54 -27.73 -20.07
N TYR L 124 -15.71 -26.74 -19.70
CA TYR L 124 -14.25 -26.88 -19.83
C TYR L 124 -13.69 -27.97 -18.91
N GLU L 125 -14.36 -28.24 -17.79
CA GLU L 125 -13.93 -29.31 -16.90
C GLU L 125 -14.47 -30.67 -17.30
N GLU L 126 -15.50 -30.71 -18.14
CA GLU L 126 -16.08 -31.99 -18.55
C GLU L 126 -15.52 -32.49 -19.88
N THR L 127 -15.17 -31.59 -20.79
CA THR L 127 -14.62 -32.02 -22.07
C THR L 127 -13.18 -32.49 -21.92
N GLY L 128 -12.39 -31.79 -21.11
CA GLY L 128 -11.00 -32.17 -20.89
C GLY L 128 -10.10 -31.80 -22.06
N LEU L 129 -10.21 -30.56 -22.53
CA LEU L 129 -9.40 -30.06 -23.63
C LEU L 129 -8.50 -28.95 -23.12
N GLN L 130 -7.27 -28.90 -23.64
CA GLN L 130 -6.26 -27.97 -23.16
C GLN L 130 -6.58 -26.53 -23.55
N GLY L 131 -6.83 -25.68 -22.56
CA GLY L 131 -7.16 -24.28 -22.82
C GLY L 131 -6.47 -23.32 -21.87
N HIS L 132 -6.98 -22.09 -21.80
CA HIS L 132 -6.40 -21.04 -20.99
C HIS L 132 -7.48 -20.02 -20.66
N PRO L 133 -7.37 -19.29 -19.55
CA PRO L 133 -8.35 -18.25 -19.24
C PRO L 133 -8.29 -17.10 -20.24
N SER L 134 -9.42 -16.40 -20.35
CA SER L 134 -9.58 -15.36 -21.38
C SER L 134 -9.72 -13.98 -20.76
N GLN L 135 -10.69 -13.76 -19.87
CA GLN L 135 -10.86 -12.49 -19.18
C GLN L 135 -11.03 -12.75 -17.69
N PHE L 136 -10.29 -12.02 -16.87
CA PHE L 136 -10.40 -12.17 -15.43
C PHE L 136 -11.63 -11.43 -14.91
N SER L 137 -12.47 -12.16 -14.18
CA SER L 137 -13.66 -11.60 -13.54
C SER L 137 -13.47 -11.44 -12.05
N GLY L 138 -12.27 -11.04 -11.63
CA GLY L 138 -11.92 -10.98 -10.23
C GLY L 138 -11.03 -12.14 -9.83
N ARG L 139 -11.61 -13.14 -9.16
CA ARG L 139 -10.89 -14.34 -8.77
C ARG L 139 -11.49 -15.60 -9.36
N LYS L 140 -12.81 -15.69 -9.40
CA LYS L 140 -13.50 -16.85 -9.96
C LYS L 140 -13.49 -16.73 -11.48
N ILE L 141 -12.55 -17.43 -12.12
CA ILE L 141 -12.45 -17.44 -13.57
C ILE L 141 -13.60 -18.30 -14.12
N MET L 142 -14.42 -17.70 -14.98
CA MET L 142 -15.65 -18.33 -15.43
C MET L 142 -15.64 -18.78 -16.88
N LYS L 143 -14.71 -18.27 -17.71
CA LYS L 143 -14.68 -18.59 -19.14
C LYS L 143 -13.30 -19.11 -19.50
N PHE L 144 -13.27 -20.07 -20.41
CA PHE L 144 -12.03 -20.64 -20.93
C PHE L 144 -12.14 -20.83 -22.44
N ILE L 145 -11.00 -20.71 -23.13
CA ILE L 145 -10.95 -20.82 -24.58
C ILE L 145 -9.93 -21.88 -24.96
N VAL L 146 -10.38 -22.86 -25.75
CA VAL L 146 -9.54 -23.94 -26.25
C VAL L 146 -9.34 -23.74 -27.74
N SER L 147 -8.08 -23.80 -28.19
CA SER L 147 -7.74 -23.68 -29.60
C SER L 147 -7.35 -25.06 -30.12
N ILE L 148 -8.11 -25.55 -31.10
CA ILE L 148 -7.91 -26.87 -31.69
C ILE L 148 -7.58 -26.67 -33.16
N ASP L 149 -6.34 -26.96 -33.55
CA ASP L 149 -5.91 -26.81 -34.94
C ASP L 149 -6.23 -28.11 -35.67
N LEU L 150 -7.18 -28.04 -36.60
CA LEU L 150 -7.62 -29.25 -37.31
C LEU L 150 -6.68 -29.60 -38.45
N MET L 151 -5.94 -28.63 -38.99
CA MET L 151 -5.03 -28.88 -40.10
C MET L 151 -3.80 -29.67 -39.67
N GLU L 152 -3.30 -29.45 -38.46
CA GLU L 152 -2.20 -30.26 -37.95
C GLU L 152 -2.65 -31.66 -37.55
N LEU L 153 -3.93 -31.84 -37.24
CA LEU L 153 -4.44 -33.18 -36.94
C LEU L 153 -4.70 -33.96 -38.23
N SER L 154 -4.81 -33.27 -39.37
CA SER L 154 -5.07 -33.93 -40.63
C SER L 154 -3.86 -34.68 -41.17
N LEU L 155 -2.65 -34.33 -40.72
CA LEU L 155 -1.45 -35.03 -41.18
C LEU L 155 -1.36 -36.42 -40.55
N ASN L 156 -1.69 -36.53 -39.28
CA ASN L 156 -1.68 -37.80 -38.55
C ASN L 156 -3.05 -37.96 -37.91
N LEU L 157 -3.97 -38.64 -38.61
CA LEU L 157 -5.30 -38.89 -38.09
C LEU L 157 -5.32 -39.96 -37.02
N ASP L 158 -4.31 -40.83 -36.97
CA ASP L 158 -4.22 -41.87 -35.94
C ASP L 158 -3.36 -41.45 -34.76
N SER L 159 -3.10 -40.15 -34.60
CA SER L 159 -2.29 -39.67 -33.50
C SER L 159 -3.06 -39.68 -32.19
N LYS L 160 -2.34 -39.46 -31.09
CA LYS L 160 -2.97 -39.45 -29.78
C LYS L 160 -3.72 -38.15 -29.52
N LYS L 161 -3.39 -37.08 -30.27
CA LYS L 161 -4.09 -35.80 -30.08
C LYS L 161 -5.47 -35.83 -30.70
N TYR L 162 -5.63 -36.53 -31.83
CA TYR L 162 -6.92 -36.54 -32.51
C TYR L 162 -7.92 -37.45 -31.80
N GLU L 163 -7.44 -38.58 -31.27
CA GLU L 163 -8.32 -39.50 -30.57
C GLU L 163 -8.70 -38.98 -29.18
N ARG L 164 -7.94 -38.03 -28.64
CA ARG L 164 -8.32 -37.40 -27.38
C ARG L 164 -9.49 -36.43 -27.59
N ILE L 165 -9.48 -35.73 -28.72
CA ILE L 165 -10.52 -34.74 -28.99
C ILE L 165 -11.78 -35.41 -29.54
N SER L 166 -11.62 -36.41 -30.41
CA SER L 166 -12.76 -37.08 -31.01
C SER L 166 -13.54 -37.92 -30.00
N TRP L 167 -12.86 -38.49 -29.01
CA TRP L 167 -13.57 -39.20 -27.95
C TRP L 167 -14.25 -38.23 -27.00
N SER L 168 -13.72 -37.00 -26.88
CA SER L 168 -14.27 -36.03 -25.94
C SER L 168 -15.60 -35.45 -26.39
N PHE L 169 -15.97 -35.61 -27.66
CA PHE L 169 -17.21 -35.05 -28.19
C PHE L 169 -18.28 -36.11 -28.45
N LYS L 170 -17.88 -37.35 -28.74
CA LYS L 170 -18.86 -38.37 -29.12
C LYS L 170 -19.50 -39.00 -27.89
N GLU L 171 -18.70 -39.67 -27.06
CA GLU L 171 -19.23 -40.44 -25.93
C GLU L 171 -18.97 -39.78 -24.58
N LYS L 172 -18.13 -38.76 -24.53
CA LYS L 172 -17.73 -38.13 -23.28
C LYS L 172 -18.56 -36.89 -22.95
N LYS L 173 -18.84 -36.05 -23.94
CA LYS L 173 -19.66 -34.86 -23.73
C LYS L 173 -20.41 -34.48 -25.01
N PRO L 174 -21.70 -34.80 -25.12
CA PRO L 174 -22.48 -34.34 -26.26
C PRO L 174 -22.76 -32.85 -26.20
N LEU L 175 -22.46 -32.13 -27.29
CA LEU L 175 -22.67 -30.68 -27.36
C LEU L 175 -23.20 -30.34 -28.73
N LYS L 176 -24.49 -30.00 -28.81
CA LYS L 176 -25.12 -29.57 -30.05
C LYS L 176 -25.34 -28.07 -30.01
N PHE L 177 -25.31 -27.44 -31.18
CA PHE L 177 -25.44 -25.99 -31.30
C PHE L 177 -26.19 -25.63 -32.57
N ASP L 178 -26.44 -24.33 -32.73
CA ASP L 178 -27.09 -23.79 -33.92
C ASP L 178 -26.06 -22.97 -34.67
N PHE L 179 -25.53 -23.52 -35.76
CA PHE L 179 -24.40 -22.94 -36.47
C PHE L 179 -24.85 -22.05 -37.62
N LEU L 180 -24.09 -20.99 -37.84
CA LEU L 180 -24.22 -20.15 -39.04
C LEU L 180 -23.10 -20.55 -40.00
N LEU L 181 -23.42 -21.43 -40.93
CA LEU L 181 -22.42 -22.05 -41.79
C LEU L 181 -22.40 -21.40 -43.16
N ALA L 182 -21.18 -21.23 -43.69
CA ALA L 182 -20.97 -20.70 -45.02
C ALA L 182 -19.62 -21.19 -45.52
N TRP L 183 -19.48 -21.26 -46.84
CA TRP L 183 -18.25 -21.78 -47.44
C TRP L 183 -17.94 -21.02 -48.72
N HIS L 184 -16.67 -20.67 -48.90
CA HIS L 184 -16.21 -20.01 -50.11
C HIS L 184 -15.71 -21.07 -51.09
N LYS L 185 -16.22 -21.02 -52.31
CA LYS L 185 -15.90 -22.01 -53.34
C LYS L 185 -14.48 -21.76 -53.85
N THR L 186 -13.52 -22.48 -53.28
CA THR L 186 -12.12 -22.39 -53.69
C THR L 186 -11.56 -23.80 -53.85
N GLY L 187 -12.23 -24.61 -54.65
CA GLY L 187 -11.81 -25.98 -54.86
C GLY L 187 -12.16 -26.45 -56.26
N SER L 188 -11.52 -27.55 -56.65
CA SER L 188 -11.76 -28.11 -57.98
C SER L 188 -13.09 -28.82 -58.04
N GLU L 189 -13.31 -29.80 -57.16
CA GLU L 189 -14.58 -30.52 -57.10
C GLU L 189 -15.57 -29.72 -56.27
N GLU L 190 -16.61 -29.22 -56.91
CA GLU L 190 -17.61 -28.37 -56.27
C GLU L 190 -18.74 -29.23 -55.73
N SER L 191 -18.87 -29.26 -54.40
CA SER L 191 -19.95 -29.98 -53.73
C SER L 191 -20.64 -29.02 -52.79
N THR L 192 -21.96 -28.90 -52.92
CA THR L 192 -22.72 -27.97 -52.11
C THR L 192 -22.86 -28.48 -50.68
N MET L 193 -23.26 -27.56 -49.79
CA MET L 193 -23.42 -27.92 -48.39
C MET L 193 -24.76 -28.61 -48.15
N MET L 194 -25.71 -28.46 -49.08
CA MET L 194 -27.00 -29.12 -48.96
C MET L 194 -26.87 -30.64 -49.13
N SER L 195 -25.87 -31.09 -49.88
CA SER L 195 -25.70 -32.52 -50.10
C SER L 195 -25.07 -33.21 -48.89
N TYR L 196 -24.23 -32.49 -48.14
CA TYR L 196 -23.54 -33.10 -47.01
C TYR L 196 -24.44 -33.16 -45.77
N PHE L 197 -25.07 -32.04 -45.42
CA PHE L 197 -25.94 -31.99 -44.23
C PHE L 197 -27.38 -32.31 -44.60
N SER L 198 -27.60 -33.48 -45.21
CA SER L 198 -28.94 -33.89 -45.61
C SER L 198 -29.74 -34.44 -44.43
N LYS L 199 -29.07 -34.81 -43.34
CA LYS L 199 -29.78 -35.37 -42.19
C LYS L 199 -30.42 -34.27 -41.35
N TYR L 200 -29.65 -33.25 -40.99
CA TYR L 200 -30.14 -32.20 -40.12
C TYR L 200 -30.91 -31.15 -40.93
N GLN L 201 -31.56 -30.23 -40.22
CA GLN L 201 -32.41 -29.22 -40.84
C GLN L 201 -31.57 -28.01 -41.24
N ILE L 202 -31.02 -28.10 -42.45
CA ILE L 202 -30.25 -27.00 -43.03
C ILE L 202 -31.20 -26.13 -43.87
N GLN L 203 -31.02 -24.82 -43.79
CA GLN L 203 -31.85 -23.87 -44.52
C GLN L 203 -30.95 -22.86 -45.22
N GLU L 204 -31.13 -22.71 -46.53
CA GLU L 204 -30.38 -21.72 -47.28
C GLU L 204 -30.99 -20.34 -47.09
N HIS L 205 -30.20 -19.42 -46.56
CA HIS L 205 -30.66 -18.06 -46.28
C HIS L 205 -29.90 -17.06 -47.13
N GLN L 206 -30.62 -16.05 -47.62
CA GLN L 206 -30.06 -14.96 -48.41
C GLN L 206 -29.88 -13.72 -47.55
N PRO L 207 -28.83 -12.94 -47.81
CA PRO L 207 -28.64 -11.70 -47.05
C PRO L 207 -29.70 -10.65 -47.38
N LYS L 208 -30.15 -9.97 -46.34
CA LYS L 208 -31.16 -8.93 -46.51
C LYS L 208 -30.55 -7.69 -47.15
N VAL L 209 -31.18 -7.21 -48.21
CA VAL L 209 -30.70 -6.07 -48.98
C VAL L 209 -31.72 -4.94 -48.85
N ALA L 210 -31.29 -3.81 -48.28
CA ALA L 210 -32.14 -2.64 -48.13
C ALA L 210 -31.53 -1.50 -48.93
N LEU L 211 -32.22 -1.11 -50.01
CA LEU L 211 -31.73 -0.09 -50.94
C LEU L 211 -32.54 1.18 -50.72
N SER L 212 -31.85 2.28 -50.40
CA SER L 212 -32.50 3.55 -50.12
C SER L 212 -31.72 4.68 -50.77
N THR L 213 -32.37 5.83 -50.92
CA THR L 213 -31.76 7.03 -51.47
C THR L 213 -32.15 8.22 -50.59
N LEU L 214 -31.15 8.87 -50.01
CA LEU L 214 -31.36 10.00 -49.12
C LEU L 214 -31.07 11.30 -49.86
N ARG L 215 -31.95 12.28 -49.70
CA ARG L 215 -31.82 13.58 -50.34
C ARG L 215 -31.49 14.66 -49.32
N ASP L 216 -30.75 15.67 -49.79
CA ASP L 216 -30.37 16.86 -49.01
C ASP L 216 -29.56 16.48 -47.76
N LEU L 217 -28.40 15.85 -47.99
CA LEU L 217 -27.50 15.48 -46.91
C LEU L 217 -26.40 16.52 -46.77
N GLN L 218 -26.07 16.86 -45.52
CA GLN L 218 -25.07 17.90 -45.23
C GLN L 218 -23.76 17.20 -44.88
N CYS L 219 -22.91 16.95 -45.92
CA CYS L 219 -21.64 16.25 -45.76
C CYS L 219 -20.52 17.20 -45.38
N PRO L 220 -19.60 16.76 -44.52
CA PRO L 220 -18.50 17.64 -44.11
C PRO L 220 -17.46 17.80 -45.21
N VAL L 221 -16.49 18.68 -44.94
CA VAL L 221 -15.37 18.96 -45.82
C VAL L 221 -14.16 18.21 -45.30
N LEU L 222 -13.48 17.48 -46.19
CA LEU L 222 -12.39 16.60 -45.80
C LEU L 222 -11.10 16.97 -46.52
N GLN L 223 -9.98 16.76 -45.82
CA GLN L 223 -8.65 16.75 -46.42
C GLN L 223 -7.96 15.45 -46.04
N SER L 224 -7.47 14.73 -47.05
CA SER L 224 -6.94 13.39 -46.80
C SER L 224 -5.58 13.43 -46.11
N SER L 225 -4.86 14.54 -46.21
CA SER L 225 -3.53 14.68 -45.60
C SER L 225 -3.61 15.38 -44.24
N GLU L 226 -4.74 15.24 -43.54
CA GLU L 226 -4.92 15.86 -42.23
C GLU L 226 -5.95 15.04 -41.47
N LEU L 227 -5.50 14.33 -40.44
CA LEU L 227 -6.40 13.51 -39.64
C LEU L 227 -7.00 14.30 -38.48
N GLU L 228 -6.23 15.19 -37.87
CA GLU L 228 -6.70 15.95 -36.73
C GLU L 228 -7.66 17.07 -37.11
N GLY L 229 -7.63 17.52 -38.37
CA GLY L 229 -8.58 18.52 -38.82
C GLY L 229 -8.07 19.95 -38.68
N THR L 230 -7.97 20.67 -39.79
CA THR L 230 -7.58 22.07 -39.75
C THR L 230 -8.76 22.92 -39.29
N PRO L 231 -8.49 24.01 -38.56
CA PRO L 231 -9.58 24.89 -38.10
C PRO L 231 -10.21 25.66 -39.25
N GLU L 232 -11.54 25.55 -39.35
CA GLU L 232 -12.42 26.28 -40.26
C GLU L 232 -12.14 26.00 -41.74
N VAL L 233 -11.38 24.95 -42.06
CA VAL L 233 -11.12 24.54 -43.43
C VAL L 233 -11.52 23.09 -43.68
N SER L 234 -11.04 22.17 -42.86
CA SER L 234 -11.37 20.75 -42.97
C SER L 234 -11.95 20.27 -41.66
N CYS L 235 -12.26 18.98 -41.60
CA CYS L 235 -12.83 18.37 -40.41
C CYS L 235 -11.92 17.26 -39.88
N ARG L 236 -12.16 16.89 -38.64
CA ARG L 236 -11.41 15.82 -38.00
C ARG L 236 -12.01 14.47 -38.39
N ALA L 237 -11.13 13.46 -38.51
CA ALA L 237 -11.59 12.11 -38.83
C ALA L 237 -12.39 11.49 -37.68
N LEU L 238 -12.19 11.99 -36.46
CA LEU L 238 -13.03 11.57 -35.33
C LEU L 238 -14.46 12.08 -35.49
N GLU L 239 -14.62 13.29 -36.04
CA GLU L 239 -15.94 13.89 -36.16
C GLU L 239 -16.80 13.23 -37.24
N LEU L 240 -16.17 12.59 -38.24
CA LEU L 240 -16.94 11.89 -39.26
C LEU L 240 -17.45 10.55 -38.75
N PHE L 241 -16.73 9.94 -37.80
CA PHE L 241 -17.14 8.63 -37.30
C PHE L 241 -18.36 8.75 -36.39
N ASP L 242 -18.58 9.94 -35.81
CA ASP L 242 -19.82 10.20 -35.09
C ASP L 242 -20.93 10.60 -36.04
N TRP L 243 -20.58 11.27 -37.15
CA TRP L 243 -21.58 11.74 -38.09
C TRP L 243 -22.14 10.61 -38.94
N LEU L 244 -21.30 9.59 -39.24
CA LEU L 244 -21.65 8.60 -40.25
C LEU L 244 -22.76 7.66 -39.78
N GLY L 245 -22.84 7.40 -38.47
CA GLY L 245 -23.87 6.51 -37.97
C GLY L 245 -25.26 7.12 -37.97
N ALA L 246 -25.34 8.46 -37.92
CA ALA L 246 -26.64 9.11 -37.90
C ALA L 246 -27.29 9.11 -39.28
N VAL L 247 -26.48 9.09 -40.35
CA VAL L 247 -27.03 9.05 -41.71
C VAL L 247 -27.66 7.69 -41.98
N PHE L 248 -27.00 6.62 -41.51
CA PHE L 248 -27.53 5.28 -41.68
C PHE L 248 -28.73 5.01 -40.77
N SER L 249 -28.84 5.71 -39.65
CA SER L 249 -29.94 5.54 -38.70
C SER L 249 -31.06 6.54 -38.92
N ASN L 250 -31.14 7.13 -40.12
CA ASN L 250 -32.18 8.08 -40.53
C ASN L 250 -32.27 9.31 -39.64
N VAL L 251 -31.13 9.81 -39.16
CA VAL L 251 -31.08 10.99 -38.30
C VAL L 251 -30.39 12.09 -39.08
N ASP L 252 -31.19 12.99 -39.66
CA ASP L 252 -30.68 14.18 -40.35
C ASP L 252 -31.68 15.30 -40.08
N LEU L 253 -31.45 16.07 -39.03
CA LEU L 253 -32.38 17.10 -38.58
C LEU L 253 -31.63 18.42 -38.44
N ASN L 254 -32.38 19.48 -38.14
CA ASN L 254 -31.85 20.81 -37.94
C ASN L 254 -32.04 21.23 -36.48
N ASN L 255 -31.69 22.48 -36.19
CA ASN L 255 -31.81 23.00 -34.83
C ASN L 255 -33.25 23.43 -34.57
N GLU L 256 -33.83 22.92 -33.49
CA GLU L 256 -35.23 23.16 -33.14
C GLU L 256 -35.33 23.63 -31.69
N PRO L 257 -35.27 24.94 -31.45
CA PRO L 257 -35.46 25.44 -30.08
C PRO L 257 -36.90 25.35 -29.61
N ASN L 258 -37.16 24.34 -28.78
CA ASN L 258 -38.53 24.04 -28.32
C ASN L 258 -38.41 23.22 -27.03
N ASN L 259 -39.48 22.51 -26.67
CA ASN L 259 -39.40 21.57 -25.55
C ASN L 259 -38.53 20.36 -25.86
N PHE L 260 -38.33 20.04 -27.15
CA PHE L 260 -37.61 18.84 -27.56
C PHE L 260 -36.32 19.15 -28.32
N ILE L 261 -35.48 20.06 -27.80
CA ILE L 261 -34.25 20.49 -28.47
C ILE L 261 -33.31 19.33 -28.72
N SER L 262 -32.96 19.14 -30.00
CA SER L 262 -32.03 18.11 -30.44
C SER L 262 -30.67 18.77 -30.62
N THR L 263 -29.76 18.53 -29.67
CA THR L 263 -28.44 19.14 -29.70
C THR L 263 -27.46 18.31 -30.52
N TYR L 264 -27.80 18.01 -31.77
CA TYR L 264 -26.93 17.26 -32.68
C TYR L 264 -26.61 18.17 -33.86
N CYS L 265 -25.47 18.85 -33.79
CA CYS L 265 -25.05 19.74 -34.86
C CYS L 265 -24.16 19.01 -35.85
N CYS L 266 -24.19 19.46 -37.10
CA CYS L 266 -23.34 18.87 -38.13
C CYS L 266 -21.90 19.30 -37.90
N PRO L 267 -20.92 18.43 -38.14
CA PRO L 267 -19.51 18.85 -38.06
C PRO L 267 -19.17 19.86 -39.14
N GLU L 268 -18.71 21.03 -38.70
CA GLU L 268 -18.45 22.18 -39.55
C GLU L 268 -16.95 22.32 -39.80
N PRO L 269 -16.53 22.77 -41.00
CA PRO L 269 -17.30 23.19 -42.18
C PRO L 269 -17.88 22.03 -43.00
N SER L 270 -19.05 22.25 -43.59
CA SER L 270 -19.78 21.22 -44.30
C SER L 270 -20.12 21.70 -45.71
N THR L 271 -20.78 20.83 -46.47
CA THR L 271 -21.18 21.15 -47.85
C THR L 271 -22.52 20.50 -48.11
N VAL L 272 -23.47 21.27 -48.62
CA VAL L 272 -24.80 20.76 -48.93
C VAL L 272 -24.72 19.84 -50.14
N VAL L 273 -25.04 18.57 -49.95
CA VAL L 273 -25.00 17.55 -50.99
C VAL L 273 -26.43 17.15 -51.32
N ALA L 274 -26.77 17.17 -52.60
CA ALA L 274 -28.17 16.99 -53.01
C ALA L 274 -28.65 15.55 -52.86
N LYS L 275 -27.83 14.58 -53.28
CA LYS L 275 -28.25 13.18 -53.28
C LYS L 275 -27.24 12.33 -52.51
N ALA L 276 -27.75 11.25 -51.94
CA ALA L 276 -26.91 10.31 -51.18
C ALA L 276 -27.53 8.93 -51.28
N TYR L 277 -26.73 7.96 -51.71
CA TYR L 277 -27.21 6.60 -51.93
C TYR L 277 -26.94 5.75 -50.69
N LEU L 278 -27.95 5.01 -50.24
CA LEU L 278 -27.88 4.19 -49.05
C LEU L 278 -28.01 2.71 -49.42
N CYS L 279 -27.28 1.87 -48.70
CA CYS L 279 -27.38 0.43 -48.85
C CYS L 279 -27.11 -0.24 -47.51
N THR L 280 -27.73 -1.40 -47.31
CA THR L 280 -27.55 -2.17 -46.08
C THR L 280 -27.63 -3.64 -46.44
N ILE L 281 -26.52 -4.35 -46.27
CA ILE L 281 -26.43 -5.76 -46.61
C ILE L 281 -26.40 -6.53 -45.29
N THR L 282 -27.54 -7.12 -44.92
CA THR L 282 -27.72 -7.73 -43.61
C THR L 282 -27.71 -9.25 -43.75
N GLY L 283 -26.65 -9.87 -43.24
CA GLY L 283 -26.53 -11.32 -43.27
C GLY L 283 -25.13 -11.73 -42.90
N PHE L 284 -24.89 -13.04 -42.95
CA PHE L 284 -23.55 -13.55 -42.67
C PHE L 284 -22.67 -13.34 -43.89
N ILE L 285 -21.82 -12.32 -43.85
CA ILE L 285 -21.07 -11.86 -45.01
C ILE L 285 -19.66 -12.45 -44.96
N LEU L 286 -19.25 -13.06 -46.07
CA LEU L 286 -17.88 -13.52 -46.19
C LEU L 286 -16.95 -12.33 -46.38
N PRO L 287 -15.75 -12.38 -45.78
CA PRO L 287 -14.80 -11.28 -45.98
C PRO L 287 -14.17 -11.25 -47.36
N GLU L 288 -14.22 -12.37 -48.09
CA GLU L 288 -13.73 -12.39 -49.46
C GLU L 288 -14.64 -11.60 -50.39
N LYS L 289 -15.94 -11.56 -50.09
CA LYS L 289 -16.87 -10.76 -50.89
C LYS L 289 -16.66 -9.27 -50.65
N ILE L 290 -16.16 -8.88 -49.48
CA ILE L 290 -15.88 -7.48 -49.19
C ILE L 290 -14.60 -7.05 -49.92
N CYS L 291 -13.69 -8.00 -50.16
CA CYS L 291 -12.46 -7.68 -50.90
C CYS L 291 -12.76 -7.40 -52.38
N LEU L 292 -13.76 -8.09 -52.94
CA LEU L 292 -14.24 -7.71 -54.27
C LEU L 292 -15.06 -6.43 -54.21
N LEU L 293 -15.66 -6.12 -53.06
CA LEU L 293 -16.34 -4.86 -52.87
C LEU L 293 -15.39 -3.71 -52.60
N LEU L 294 -14.27 -3.97 -51.92
CA LEU L 294 -13.28 -2.92 -51.66
C LEU L 294 -12.54 -2.53 -52.94
N GLU L 295 -12.18 -3.51 -53.77
CA GLU L 295 -11.48 -3.21 -55.00
C GLU L 295 -12.40 -2.59 -56.06
N HIS L 296 -13.71 -2.82 -55.97
CA HIS L 296 -14.63 -2.15 -56.88
C HIS L 296 -14.82 -0.69 -56.50
N LEU L 297 -14.83 -0.40 -55.19
CA LEU L 297 -14.86 0.99 -54.74
C LEU L 297 -13.53 1.70 -54.97
N CYS L 298 -12.43 0.95 -55.02
CA CYS L 298 -11.15 1.54 -55.41
C CYS L 298 -11.13 1.85 -56.90
N HIS L 299 -11.81 1.04 -57.72
CA HIS L 299 -11.95 1.29 -59.14
C HIS L 299 -13.17 2.15 -59.46
N TYR L 300 -13.84 2.69 -58.44
CA TYR L 300 -14.98 3.59 -58.68
C TYR L 300 -14.51 4.94 -59.20
N PHE L 301 -13.29 5.34 -58.86
CA PHE L 301 -12.74 6.63 -59.27
C PHE L 301 -11.85 6.52 -60.50
N ASP L 302 -12.12 5.56 -61.38
CA ASP L 302 -11.38 5.48 -62.64
C ASP L 302 -11.79 6.62 -63.58
N GLU L 303 -13.04 7.05 -63.52
CA GLU L 303 -13.65 8.16 -64.22
C GLU L 303 -13.81 9.35 -63.28
N PRO L 304 -13.79 10.59 -63.80
CA PRO L 304 -14.00 11.76 -62.94
C PRO L 304 -15.44 11.83 -62.44
N LYS L 305 -15.62 11.55 -61.14
CA LYS L 305 -16.95 11.52 -60.53
C LYS L 305 -17.23 12.83 -59.81
N LEU L 306 -18.52 13.09 -59.59
CA LEU L 306 -18.94 14.28 -58.87
C LEU L 306 -18.79 14.13 -57.36
N ALA L 307 -18.63 12.89 -56.87
CA ALA L 307 -18.48 12.66 -55.44
C ALA L 307 -17.02 12.82 -55.03
N PRO L 308 -16.75 13.56 -53.94
CA PRO L 308 -15.36 13.68 -53.50
C PRO L 308 -14.84 12.46 -52.77
N TRP L 309 -15.70 11.75 -52.05
CA TRP L 309 -15.28 10.60 -51.25
C TRP L 309 -16.47 9.68 -51.04
N VAL L 310 -16.18 8.37 -50.96
CA VAL L 310 -17.18 7.36 -50.76
C VAL L 310 -16.96 6.71 -49.39
N THR L 311 -17.86 5.79 -49.04
CA THR L 311 -17.90 5.19 -47.71
C THR L 311 -17.94 3.68 -47.84
N LEU L 312 -17.16 2.99 -47.02
CA LEU L 312 -17.27 1.55 -46.84
C LEU L 312 -17.11 1.24 -45.36
N SER L 313 -18.20 0.85 -44.71
CA SER L 313 -18.22 0.58 -43.28
C SER L 313 -18.82 -0.80 -43.05
N VAL L 314 -18.06 -1.68 -42.42
CA VAL L 314 -18.48 -3.05 -42.15
C VAL L 314 -18.54 -3.25 -40.64
N GLN L 315 -19.72 -3.60 -40.13
CA GLN L 315 -19.92 -3.87 -38.72
C GLN L 315 -19.98 -5.37 -38.48
N GLY L 316 -19.21 -5.84 -37.50
CA GLY L 316 -19.21 -7.25 -37.15
C GLY L 316 -20.30 -7.62 -36.17
N PHE L 317 -20.26 -8.86 -35.71
CA PHE L 317 -21.22 -9.36 -34.75
C PHE L 317 -20.95 -8.78 -33.36
N ALA L 318 -21.93 -8.94 -32.48
CA ALA L 318 -21.74 -8.75 -31.05
C ALA L 318 -21.52 -10.06 -30.32
N ASP L 319 -21.18 -11.12 -31.06
CA ASP L 319 -21.05 -12.46 -30.48
C ASP L 319 -19.83 -13.18 -31.05
N SER L 320 -18.86 -12.45 -31.57
CA SER L 320 -17.70 -13.11 -32.18
C SER L 320 -16.63 -13.36 -31.13
N PRO L 321 -16.19 -14.63 -30.98
CA PRO L 321 -15.15 -14.95 -30.00
C PRO L 321 -13.79 -14.34 -30.31
N VAL L 322 -13.27 -14.64 -31.50
CA VAL L 322 -11.93 -14.23 -31.91
C VAL L 322 -12.03 -13.53 -33.26
N SER L 323 -11.71 -12.24 -33.28
CA SER L 323 -11.54 -11.47 -34.50
C SER L 323 -10.10 -10.96 -34.55
N TRP L 324 -9.65 -10.57 -35.76
CA TRP L 324 -8.34 -9.95 -35.99
C TRP L 324 -7.18 -10.87 -35.59
N GLU L 325 -7.44 -12.18 -35.69
CA GLU L 325 -6.55 -13.33 -35.54
C GLU L 325 -6.07 -13.61 -34.11
N LYS L 326 -6.19 -12.66 -33.19
CA LYS L 326 -5.75 -12.86 -31.81
C LYS L 326 -6.66 -12.27 -30.76
N ASN L 327 -7.60 -11.40 -31.12
CA ASN L 327 -8.30 -10.57 -30.15
C ASN L 327 -9.54 -11.28 -29.64
N GLU L 328 -9.56 -11.56 -28.34
CA GLU L 328 -10.68 -12.24 -27.69
C GLU L 328 -11.72 -11.18 -27.30
N HIS L 329 -12.75 -11.03 -28.13
CA HIS L 329 -13.77 -10.02 -27.92
C HIS L 329 -14.78 -10.51 -26.87
N GLY L 330 -14.88 -9.81 -25.75
CA GLY L 330 -15.85 -10.11 -24.74
C GLY L 330 -17.10 -9.25 -24.88
N PHE L 331 -17.83 -9.15 -23.76
CA PHE L 331 -19.07 -8.37 -23.75
C PHE L 331 -19.25 -7.81 -22.33
N ARG L 332 -18.81 -6.57 -22.15
CA ARG L 332 -18.96 -5.86 -20.87
C ARG L 332 -19.88 -4.67 -21.10
N LYS L 333 -21.19 -4.92 -20.94
CA LYS L 333 -22.27 -3.91 -21.07
C LYS L 333 -22.28 -3.24 -22.43
N GLY L 334 -21.93 -4.01 -23.49
CA GLY L 334 -21.86 -3.50 -24.84
C GLY L 334 -20.49 -3.76 -25.42
N GLY L 335 -20.13 -2.96 -26.41
CA GLY L 335 -18.83 -3.09 -27.04
C GLY L 335 -18.85 -3.98 -28.27
N GLU L 336 -18.61 -3.40 -29.44
CA GLU L 336 -18.60 -4.14 -30.69
C GLU L 336 -17.36 -3.76 -31.50
N HIS L 337 -16.94 -4.67 -32.36
CA HIS L 337 -15.81 -4.45 -33.25
C HIS L 337 -16.30 -4.02 -34.64
N LEU L 338 -15.57 -3.08 -35.24
CA LEU L 338 -15.98 -2.45 -36.49
C LEU L 338 -14.74 -1.82 -37.13
N TYR L 339 -14.75 -1.76 -38.46
CA TYR L 339 -13.73 -1.05 -39.20
C TYR L 339 -14.42 -0.22 -40.28
N ASN L 340 -13.67 0.71 -40.86
CA ASN L 340 -14.26 1.71 -41.75
C ASN L 340 -13.26 2.07 -42.85
N PHE L 341 -13.79 2.46 -44.01
CA PHE L 341 -12.98 2.92 -45.13
C PHE L 341 -13.58 4.19 -45.69
N VAL L 342 -12.83 5.29 -45.63
CA VAL L 342 -13.22 6.55 -46.25
C VAL L 342 -12.31 6.71 -47.45
N ILE L 343 -12.78 6.23 -48.60
CA ILE L 343 -11.94 6.14 -49.80
C ILE L 343 -12.05 7.46 -50.56
N PHE L 344 -10.90 8.05 -50.89
CA PHE L 344 -10.83 9.30 -51.63
C PHE L 344 -10.55 9.02 -53.11
N ASN L 345 -10.52 10.09 -53.90
CA ASN L 345 -10.33 9.97 -55.33
C ASN L 345 -8.87 9.75 -55.72
N ASN L 346 -7.92 10.09 -54.85
CA ASN L 346 -6.50 9.96 -55.12
C ASN L 346 -5.89 8.70 -54.51
N GLN L 347 -6.67 7.60 -54.47
CA GLN L 347 -6.29 6.30 -53.94
C GLN L 347 -5.86 6.34 -52.47
N ASP L 348 -6.40 7.27 -51.70
CA ASP L 348 -6.13 7.35 -50.27
C ASP L 348 -7.37 6.96 -49.48
N TYR L 349 -7.14 6.32 -48.34
CA TYR L 349 -8.24 5.81 -47.53
C TYR L 349 -7.94 6.02 -46.06
N TRP L 350 -9.01 6.17 -45.27
CA TRP L 350 -8.92 6.26 -43.83
C TRP L 350 -9.38 4.96 -43.21
N LEU L 351 -8.60 4.42 -42.27
CA LEU L 351 -8.90 3.16 -41.61
C LEU L 351 -9.27 3.46 -40.17
N GLN L 352 -10.57 3.47 -39.88
CA GLN L 352 -11.10 3.77 -38.55
C GLN L 352 -11.61 2.47 -37.94
N MET L 353 -10.83 1.88 -37.04
CA MET L 353 -11.14 0.60 -36.40
C MET L 353 -11.76 0.88 -35.04
N ALA L 354 -12.95 0.33 -34.81
CA ALA L 354 -13.66 0.50 -33.55
C ALA L 354 -13.35 -0.67 -32.63
N VAL L 355 -12.96 -0.35 -31.40
CA VAL L 355 -12.59 -1.33 -30.38
C VAL L 355 -13.61 -1.27 -29.25
N GLY L 356 -14.09 -2.43 -28.83
CA GLY L 356 -15.12 -2.51 -27.81
C GLY L 356 -14.64 -2.29 -26.38
N ALA L 357 -15.24 -3.00 -25.43
CA ALA L 357 -14.92 -2.78 -24.02
C ALA L 357 -13.61 -3.46 -23.63
N ASN L 358 -13.56 -4.78 -23.74
CA ASN L 358 -12.37 -5.58 -23.44
C ASN L 358 -11.85 -6.19 -24.75
N ASP L 359 -11.06 -5.42 -25.47
CA ASP L 359 -10.61 -5.80 -26.81
C ASP L 359 -9.34 -5.03 -27.12
N HIS L 360 -8.52 -5.60 -28.00
CA HIS L 360 -7.26 -5.00 -28.43
C HIS L 360 -7.35 -4.69 -29.93
N CYS L 361 -6.27 -4.11 -30.46
CA CYS L 361 -6.29 -3.68 -31.85
C CYS L 361 -4.96 -3.99 -32.54
N PRO L 362 -5.00 -4.58 -33.74
CA PRO L 362 -3.79 -4.81 -34.51
C PRO L 362 -3.52 -3.65 -35.46
N PRO L 363 -2.29 -3.54 -35.99
CA PRO L 363 -2.07 -2.52 -37.03
C PRO L 363 -2.69 -2.90 -38.37
#